data_8TDI
#
_entry.id   8TDI
#
_cell.length_a   106.260
_cell.length_b   185.878
_cell.length_c   145.362
_cell.angle_alpha   90.00
_cell.angle_beta   111.20
_cell.angle_gamma   90.00
#
_symmetry.space_group_name_H-M   'P 1 21 1'
#
loop_
_entity.id
_entity.type
_entity.pdbx_description
1 polymer 'P2B11 Glucuronide-3-dehydrogenase'
2 non-polymer NICOTINAMIDE-ADENINE-DINUCLEOTIDE
3 non-polymer 'SULFATE ION'
4 non-polymer 2-AMINO-2-HYDROXYMETHYL-PROPANE-1,3-DIOL
5 water water
#
_entity_poly.entity_id   1
_entity_poly.type   'polypeptide(L)'
_entity_poly.pdbx_seq_one_letter_code
;MEKVRYGIIGVGNQGGAYAGFLTGTGNVPGMPAAPCPPHCALGALCDIDPQKEEMCKEKYPDVPFYKDWKDMVASGDVDA
VITTVPHYLHTEIAIYCLEHGMNVLVEKPAGVYAKSVREMNECAAAHPEVTFGIMFNQRTNKLYQKIREIVASGELGEIR
RSNWIINNWYRPDSYYRLSDWRATWGGEGGGVLVNQAPHQLDLWQWICGIPTTVYANCINGSHRDIAVENDVTVLTEYEN
GATGSFITCTHDLLGTDRFEIDLDGGKIVVEDSKKAYIYRFKETETAVNARDMDWMQIAMLTSSNGNSDDKMFEVEEFEN
TDGWGYQHTTVMENFAQHIIDGTPLLAPGSDGINGVRLANAIQLSGWTGEKVANPVDEDKYLAELNKRIEAEGKFPVREH
HHHHH
;
_entity_poly.pdbx_strand_id   L,J,A,C,D,E,F,G,H,I,B,K
#
# COMPACT_ATOMS: atom_id res chain seq x y z
N MET A 1 -63.19 -8.73 46.13
CA MET A 1 -62.70 -9.61 47.24
C MET A 1 -61.17 -9.57 47.22
N GLU A 2 -60.53 -9.48 48.39
CA GLU A 2 -59.08 -9.48 48.45
C GLU A 2 -58.54 -10.84 47.97
N LYS A 3 -59.16 -11.94 48.39
CA LYS A 3 -58.60 -13.26 48.10
C LYS A 3 -59.68 -14.21 47.57
N VAL A 4 -59.28 -15.15 46.69
CA VAL A 4 -60.20 -16.17 46.20
C VAL A 4 -59.79 -17.47 46.86
N ARG A 5 -60.70 -18.10 47.62
CA ARG A 5 -60.44 -19.39 48.22
C ARG A 5 -60.56 -20.47 47.16
N TYR A 6 -59.59 -21.39 47.11
CA TYR A 6 -59.53 -22.39 46.08
C TYR A 6 -59.82 -23.74 46.72
N GLY A 7 -60.66 -24.54 46.07
CA GLY A 7 -60.88 -25.89 46.53
C GLY A 7 -60.18 -26.85 45.59
N ILE A 8 -59.37 -27.75 46.14
CA ILE A 8 -58.58 -28.65 45.32
C ILE A 8 -59.33 -29.96 45.25
N ILE A 9 -59.68 -30.41 44.05
CA ILE A 9 -60.31 -31.71 43.89
C ILE A 9 -59.20 -32.63 43.42
N GLY A 10 -58.90 -33.67 44.21
CA GLY A 10 -57.77 -34.53 43.90
C GLY A 10 -56.51 -34.01 44.54
N VAL A 11 -56.28 -34.36 45.80
CA VAL A 11 -55.01 -33.99 46.45
C VAL A 11 -53.99 -35.08 46.11
N GLY A 12 -53.69 -35.19 44.80
CA GLY A 12 -52.69 -36.08 44.25
C GLY A 12 -51.36 -35.36 44.17
N ASN A 13 -50.43 -35.80 43.35
CA ASN A 13 -49.16 -35.08 43.27
C ASN A 13 -49.40 -33.61 42.89
N GLN A 14 -50.21 -33.36 41.85
CA GLN A 14 -50.47 -31.98 41.48
C GLN A 14 -51.26 -31.23 42.56
N GLY A 15 -52.29 -31.89 43.10
CA GLY A 15 -53.14 -31.26 44.11
C GLY A 15 -52.35 -30.91 45.36
N GLY A 16 -51.49 -31.85 45.77
CA GLY A 16 -50.62 -31.64 46.92
C GLY A 16 -49.73 -30.43 46.70
N ALA A 17 -49.17 -30.33 45.50
CA ALA A 17 -48.25 -29.25 45.20
C ALA A 17 -48.97 -27.92 45.35
N TYR A 18 -50.18 -27.88 44.79
CA TYR A 18 -50.96 -26.65 44.80
C TYR A 18 -51.27 -26.28 46.25
N ALA A 19 -51.61 -27.31 47.03
CA ALA A 19 -51.98 -27.08 48.42
C ALA A 19 -50.80 -26.46 49.14
N GLY A 20 -49.61 -27.00 48.89
CA GLY A 20 -48.41 -26.48 49.50
C GLY A 20 -48.19 -25.01 49.11
N PHE A 21 -48.39 -24.71 47.83
CA PHE A 21 -48.09 -23.37 47.35
C PHE A 21 -49.00 -22.36 48.05
N LEU A 22 -50.29 -22.70 48.13
CA LEU A 22 -51.27 -21.80 48.71
C LEU A 22 -51.06 -21.69 50.22
N THR A 23 -50.67 -22.79 50.89
CA THR A 23 -50.37 -22.72 52.31
C THR A 23 -49.03 -22.04 52.55
N GLY A 24 -48.10 -22.12 51.61
CA GLY A 24 -46.74 -21.71 51.86
C GLY A 24 -46.01 -22.83 52.59
N THR A 25 -46.64 -24.02 52.70
CA THR A 25 -45.99 -25.20 53.24
C THR A 25 -45.00 -25.72 52.22
N CYS A 36 -47.83 -17.78 49.23
CA CYS A 36 -49.06 -17.84 48.40
C CYS A 36 -49.07 -16.56 47.55
N PRO A 37 -49.69 -16.63 46.37
CA PRO A 37 -49.97 -15.41 45.58
C PRO A 37 -50.86 -14.49 46.40
N PRO A 38 -50.76 -13.17 46.22
CA PRO A 38 -51.54 -12.21 47.03
C PRO A 38 -53.05 -12.38 47.06
N HIS A 39 -53.65 -12.72 45.91
CA HIS A 39 -55.09 -12.81 45.78
C HIS A 39 -55.60 -14.24 45.93
N CYS A 40 -54.74 -15.17 46.36
CA CYS A 40 -55.07 -16.59 46.37
C CYS A 40 -54.99 -17.17 47.79
N ALA A 41 -55.88 -18.12 48.09
CA ALA A 41 -55.85 -18.87 49.34
C ALA A 41 -56.43 -20.26 49.12
N LEU A 42 -56.11 -21.20 50.03
CA LEU A 42 -56.65 -22.55 49.98
C LEU A 42 -57.92 -22.61 50.83
N GLY A 43 -59.08 -22.71 50.19
CA GLY A 43 -60.36 -22.81 50.88
C GLY A 43 -60.64 -24.22 51.42
N ALA A 44 -60.37 -25.26 50.62
CA ALA A 44 -60.76 -26.61 50.99
C ALA A 44 -60.03 -27.66 50.17
N LEU A 45 -60.04 -28.90 50.67
CA LEU A 45 -59.39 -30.04 50.03
C LEU A 45 -60.41 -31.16 49.83
N CYS A 46 -60.39 -31.82 48.67
CA CYS A 46 -61.32 -32.91 48.38
C CYS A 46 -60.57 -34.10 47.77
N ASP A 47 -60.74 -35.30 48.35
CA ASP A 47 -60.23 -36.51 47.73
C ASP A 47 -61.11 -37.69 48.12
N ILE A 48 -61.26 -38.66 47.21
CA ILE A 48 -62.07 -39.84 47.50
C ILE A 48 -61.23 -40.90 48.22
N ASP A 49 -59.90 -40.77 48.21
CA ASP A 49 -59.03 -41.76 48.84
C ASP A 49 -58.92 -41.45 50.34
N PRO A 50 -59.17 -42.46 51.21
CA PRO A 50 -59.07 -42.26 52.66
C PRO A 50 -57.67 -41.85 53.11
N GLN A 51 -56.65 -42.44 52.48
CA GLN A 51 -55.27 -42.15 52.85
C GLN A 51 -55.00 -40.67 52.64
N LYS A 52 -55.50 -40.13 51.52
CA LYS A 52 -55.32 -38.72 51.21
C LYS A 52 -56.00 -37.86 52.26
N GLU A 53 -57.18 -38.28 52.70
CA GLU A 53 -57.91 -37.58 53.75
C GLU A 53 -57.07 -37.52 55.02
N GLU A 54 -56.45 -38.66 55.37
CA GLU A 54 -55.62 -38.76 56.55
C GLU A 54 -54.44 -37.80 56.42
N MET A 55 -53.80 -37.79 55.24
CA MET A 55 -52.68 -36.89 55.01
C MET A 55 -53.18 -35.46 55.15
N CYS A 56 -54.38 -35.19 54.62
CA CYS A 56 -54.94 -33.85 54.66
C CYS A 56 -55.22 -33.41 56.09
N LYS A 57 -55.70 -34.34 56.94
CA LYS A 57 -55.91 -34.05 58.35
C LYS A 57 -54.58 -33.74 59.03
N GLU A 58 -53.51 -34.42 58.61
CA GLU A 58 -52.22 -34.25 59.26
C GLU A 58 -51.58 -32.93 58.80
N LYS A 59 -51.44 -32.75 57.49
CA LYS A 59 -50.68 -31.62 56.94
C LYS A 59 -51.49 -30.33 56.97
N TYR A 60 -52.82 -30.43 56.86
CA TYR A 60 -53.66 -29.25 56.70
C TYR A 60 -54.84 -29.35 57.66
N PRO A 61 -54.56 -29.34 58.98
CA PRO A 61 -55.57 -29.68 59.99
C PRO A 61 -56.72 -28.68 60.07
N ASP A 62 -56.48 -27.44 59.67
CA ASP A 62 -57.46 -26.37 59.82
C ASP A 62 -58.14 -26.11 58.49
N VAL A 63 -57.94 -27.02 57.52
CA VAL A 63 -58.49 -26.80 56.20
C VAL A 63 -59.65 -27.79 55.98
N PRO A 64 -60.86 -27.26 55.71
CA PRO A 64 -62.03 -28.12 55.51
C PRO A 64 -61.76 -29.19 54.47
N PHE A 65 -62.15 -30.44 54.75
CA PHE A 65 -61.95 -31.56 53.84
C PHE A 65 -63.30 -32.14 53.40
N TYR A 66 -63.42 -32.56 52.13
CA TYR A 66 -64.66 -33.15 51.63
C TYR A 66 -64.37 -34.36 50.76
N LYS A 67 -65.10 -35.46 50.96
CA LYS A 67 -64.97 -36.64 50.11
C LYS A 67 -65.58 -36.35 48.74
N ASP A 68 -66.75 -35.69 48.74
CA ASP A 68 -67.50 -35.41 47.53
C ASP A 68 -67.26 -33.95 47.14
N TRP A 69 -66.74 -33.74 45.92
CA TRP A 69 -66.44 -32.40 45.43
C TRP A 69 -67.72 -31.57 45.26
N LYS A 70 -68.89 -32.21 45.12
CA LYS A 70 -70.14 -31.48 44.99
C LYS A 70 -70.50 -30.83 46.32
N ASP A 71 -70.16 -31.51 47.42
CA ASP A 71 -70.38 -30.99 48.76
C ASP A 71 -69.47 -29.78 48.99
N MET A 72 -68.24 -29.85 48.50
CA MET A 72 -67.30 -28.75 48.68
C MET A 72 -67.82 -27.51 47.94
N VAL A 73 -68.33 -27.72 46.72
CA VAL A 73 -68.83 -26.64 45.89
C VAL A 73 -69.98 -25.92 46.61
N ALA A 74 -70.89 -26.71 47.19
CA ALA A 74 -72.08 -26.19 47.84
C ALA A 74 -71.77 -25.58 49.21
N SER A 75 -70.62 -25.94 49.81
CA SER A 75 -70.29 -25.53 51.17
C SER A 75 -70.14 -24.01 51.29
N GLY A 76 -69.73 -23.34 50.21
CA GLY A 76 -69.39 -21.91 50.29
C GLY A 76 -68.12 -21.67 51.10
N ASP A 77 -67.32 -22.73 51.27
CA ASP A 77 -65.96 -22.59 51.80
C ASP A 77 -64.99 -22.18 50.69
N VAL A 78 -65.41 -22.30 49.43
CA VAL A 78 -64.54 -22.03 48.30
C VAL A 78 -65.24 -21.13 47.31
N ASP A 79 -64.43 -20.34 46.58
CA ASP A 79 -64.88 -19.41 45.56
C ASP A 79 -64.50 -19.91 44.17
N ALA A 80 -63.72 -20.98 44.11
CA ALA A 80 -63.29 -21.59 42.86
C ALA A 80 -62.73 -22.97 43.16
N VAL A 81 -62.67 -23.83 42.14
CA VAL A 81 -62.10 -25.16 42.30
C VAL A 81 -61.09 -25.43 41.18
N ILE A 82 -60.15 -26.33 41.45
CA ILE A 82 -59.13 -26.75 40.51
C ILE A 82 -59.25 -28.26 40.34
N THR A 83 -59.25 -28.75 39.09
CA THR A 83 -59.61 -30.15 38.84
C THR A 83 -58.36 -31.02 38.73
N THR A 84 -57.64 -31.17 39.85
CA THR A 84 -56.46 -32.01 39.89
C THR A 84 -56.85 -33.46 40.10
N VAL A 85 -57.66 -33.98 39.17
CA VAL A 85 -58.13 -35.35 39.16
C VAL A 85 -57.92 -35.94 37.77
N PRO A 86 -58.00 -37.27 37.59
CA PRO A 86 -57.84 -37.88 36.26
C PRO A 86 -58.72 -37.14 35.24
N HIS A 87 -58.28 -37.20 33.98
CA HIS A 87 -58.70 -36.24 32.97
C HIS A 87 -60.18 -36.46 32.64
N TYR A 88 -60.65 -37.70 32.75
CA TYR A 88 -62.02 -38.02 32.38
C TYR A 88 -63.01 -37.21 33.21
N LEU A 89 -62.64 -36.80 34.43
CA LEU A 89 -63.54 -36.06 35.29
C LEU A 89 -63.54 -34.56 34.98
N HIS A 90 -62.61 -34.07 34.17
CA HIS A 90 -62.42 -32.63 34.06
C HIS A 90 -63.70 -31.94 33.59
N THR A 91 -64.25 -32.39 32.46
CA THR A 91 -65.39 -31.70 31.86
C THR A 91 -66.64 -31.89 32.73
N GLU A 92 -66.73 -33.06 33.39
CA GLU A 92 -67.89 -33.38 34.21
C GLU A 92 -68.00 -32.36 35.34
N ILE A 93 -66.86 -32.06 35.99
CA ILE A 93 -66.79 -31.15 37.10
C ILE A 93 -67.04 -29.74 36.60
N ALA A 94 -66.42 -29.42 35.47
CA ALA A 94 -66.50 -28.08 34.94
C ALA A 94 -67.95 -27.72 34.65
N ILE A 95 -68.63 -28.61 33.92
CA ILE A 95 -70.01 -28.37 33.50
C ILE A 95 -70.87 -28.16 34.75
N TYR A 96 -70.69 -29.03 35.74
CA TYR A 96 -71.47 -28.94 36.96
C TYR A 96 -71.24 -27.57 37.61
N CYS A 97 -69.98 -27.13 37.67
CA CYS A 97 -69.63 -25.89 38.36
C CYS A 97 -70.20 -24.68 37.62
N LEU A 98 -70.10 -24.67 36.30
CA LEU A 98 -70.63 -23.58 35.49
C LEU A 98 -72.13 -23.47 35.70
N GLU A 99 -72.81 -24.61 35.81
CA GLU A 99 -74.25 -24.63 35.96
C GLU A 99 -74.63 -24.21 37.39
N HIS A 100 -73.70 -24.28 38.34
CA HIS A 100 -73.95 -23.94 39.73
C HIS A 100 -73.19 -22.67 40.15
N GLY A 101 -72.90 -21.78 39.19
CA GLY A 101 -72.27 -20.49 39.45
C GLY A 101 -70.93 -20.58 40.19
N MET A 102 -70.16 -21.66 39.96
CA MET A 102 -68.89 -21.89 40.64
C MET A 102 -67.72 -21.76 39.66
N ASN A 103 -66.80 -20.84 39.95
CA ASN A 103 -65.63 -20.62 39.11
C ASN A 103 -64.78 -21.90 39.08
N VAL A 104 -64.32 -22.27 37.88
CA VAL A 104 -63.60 -23.52 37.73
C VAL A 104 -62.33 -23.31 36.90
N LEU A 105 -61.21 -23.72 37.48
CA LEU A 105 -59.93 -23.78 36.80
C LEU A 105 -59.62 -25.24 36.45
N VAL A 106 -59.76 -25.56 35.17
CA VAL A 106 -59.63 -26.94 34.69
C VAL A 106 -58.17 -27.26 34.43
N GLU A 107 -57.73 -28.45 34.85
CA GLU A 107 -56.37 -28.88 34.59
C GLU A 107 -56.20 -29.29 33.15
N LYS A 108 -54.92 -29.36 32.74
CA LYS A 108 -54.54 -29.90 31.46
C LYS A 108 -54.56 -31.43 31.58
N PRO A 109 -54.87 -32.16 30.49
CA PRO A 109 -55.50 -31.58 29.30
C PRO A 109 -56.96 -31.27 29.66
N ALA A 110 -57.59 -30.36 28.92
CA ALA A 110 -58.94 -29.94 29.26
C ALA A 110 -59.87 -31.13 29.40
N GLY A 111 -59.70 -32.14 28.57
CA GLY A 111 -60.44 -33.39 28.68
C GLY A 111 -59.81 -34.48 27.82
N VAL A 112 -60.49 -35.62 27.74
CA VAL A 112 -59.96 -36.75 26.98
C VAL A 112 -60.46 -36.68 25.56
N TYR A 113 -61.79 -36.55 25.38
CA TYR A 113 -62.39 -36.54 24.05
C TYR A 113 -63.08 -35.21 23.80
N ALA A 114 -62.94 -34.73 22.57
CA ALA A 114 -63.29 -33.38 22.17
C ALA A 114 -64.77 -33.12 22.38
N LYS A 115 -65.63 -34.13 22.19
CA LYS A 115 -67.06 -33.93 22.36
C LYS A 115 -67.33 -33.31 23.73
N SER A 116 -66.78 -33.94 24.79
CA SER A 116 -67.07 -33.52 26.15
C SER A 116 -66.51 -32.12 26.40
N VAL A 117 -65.39 -31.80 25.76
CA VAL A 117 -64.75 -30.52 25.94
C VAL A 117 -65.57 -29.44 25.25
N ARG A 118 -66.12 -29.78 24.08
CA ARG A 118 -66.96 -28.84 23.34
C ARG A 118 -68.18 -28.51 24.19
N GLU A 119 -68.77 -29.55 24.80
CA GLU A 119 -69.95 -29.35 25.63
C GLU A 119 -69.59 -28.42 26.78
N MET A 120 -68.41 -28.62 27.37
CA MET A 120 -67.97 -27.78 28.47
C MET A 120 -67.87 -26.33 27.99
N ASN A 121 -67.31 -26.12 26.80
CA ASN A 121 -67.13 -24.77 26.28
C ASN A 121 -68.49 -24.11 26.07
N GLU A 122 -69.45 -24.87 25.53
CA GLU A 122 -70.76 -24.33 25.21
C GLU A 122 -71.51 -23.97 26.49
N CYS A 123 -71.35 -24.83 27.50
CA CYS A 123 -71.87 -24.58 28.83
C CYS A 123 -71.31 -23.27 29.37
N ALA A 124 -69.99 -23.08 29.27
CA ALA A 124 -69.35 -21.87 29.79
C ALA A 124 -69.87 -20.65 29.05
N ALA A 125 -70.02 -20.77 27.73
CA ALA A 125 -70.47 -19.68 26.88
C ALA A 125 -71.90 -19.27 27.29
N ALA A 126 -72.63 -20.22 27.87
CA ALA A 126 -74.00 -20.00 28.33
C ALA A 126 -74.05 -19.50 29.78
N HIS A 127 -72.92 -19.52 30.49
CA HIS A 127 -72.84 -18.96 31.83
C HIS A 127 -71.60 -18.08 31.89
N PRO A 128 -71.55 -17.00 31.08
CA PRO A 128 -70.31 -16.22 30.91
C PRO A 128 -69.85 -15.49 32.17
N GLU A 129 -70.78 -15.23 33.10
CA GLU A 129 -70.46 -14.58 34.36
C GLU A 129 -69.54 -15.45 35.22
N VAL A 130 -69.54 -16.77 34.96
CA VAL A 130 -68.68 -17.67 35.71
C VAL A 130 -67.30 -17.71 35.05
N THR A 131 -66.25 -17.53 35.86
CA THR A 131 -64.88 -17.58 35.38
C THR A 131 -64.52 -19.04 35.05
N PHE A 132 -64.00 -19.20 33.84
CA PHE A 132 -63.68 -20.50 33.26
C PHE A 132 -62.28 -20.44 32.66
N GLY A 133 -61.38 -21.24 33.22
CA GLY A 133 -59.97 -21.14 32.85
C GLY A 133 -59.31 -22.50 32.77
N ILE A 134 -58.14 -22.53 32.13
CA ILE A 134 -57.39 -23.77 32.08
C ILE A 134 -55.97 -23.50 32.59
N MET A 135 -55.34 -24.54 33.15
CA MET A 135 -54.02 -24.44 33.74
C MET A 135 -52.97 -24.69 32.67
N PHE A 136 -52.87 -23.76 31.73
CA PHE A 136 -51.81 -23.79 30.73
C PHE A 136 -50.66 -22.96 31.26
N ASN A 137 -49.95 -23.51 32.25
CA ASN A 137 -49.05 -22.75 33.11
C ASN A 137 -47.82 -22.31 32.35
N GLN A 138 -47.52 -23.00 31.25
CA GLN A 138 -46.38 -22.62 30.44
C GLN A 138 -46.60 -21.30 29.73
N ARG A 139 -47.84 -20.80 29.68
CA ARG A 139 -48.06 -19.52 29.05
C ARG A 139 -47.54 -18.38 29.93
N THR A 140 -47.15 -18.69 31.17
CA THR A 140 -46.59 -17.71 32.10
C THR A 140 -45.09 -17.58 31.93
N ASN A 141 -44.52 -18.41 31.06
CA ASN A 141 -43.08 -18.47 30.85
C ASN A 141 -42.63 -17.39 29.89
N LYS A 142 -41.78 -16.48 30.35
CA LYS A 142 -41.42 -15.35 29.52
C LYS A 142 -40.83 -15.80 28.19
N LEU A 143 -40.28 -17.02 28.17
CA LEU A 143 -39.68 -17.56 26.96
C LEU A 143 -40.76 -17.71 25.87
N TYR A 144 -41.86 -18.39 26.19
CA TYR A 144 -42.87 -18.65 25.20
C TYR A 144 -43.64 -17.35 24.90
N GLN A 145 -43.71 -16.45 25.89
CA GLN A 145 -44.34 -15.16 25.64
C GLN A 145 -43.55 -14.38 24.61
N LYS A 146 -42.21 -14.39 24.75
CA LYS A 146 -41.32 -13.70 23.84
C LYS A 146 -41.54 -14.21 22.42
N ILE A 147 -41.56 -15.54 22.26
CA ILE A 147 -41.66 -16.12 20.94
C ILE A 147 -43.04 -15.84 20.34
N ARG A 148 -44.08 -16.00 21.16
CA ARG A 148 -45.42 -15.69 20.70
C ARG A 148 -45.51 -14.24 20.23
N GLU A 149 -45.02 -13.30 21.06
CA GLU A 149 -45.10 -11.88 20.75
C GLU A 149 -44.49 -11.58 19.38
N ILE A 150 -43.31 -12.15 19.11
CA ILE A 150 -42.57 -11.84 17.90
C ILE A 150 -43.34 -12.41 16.71
N VAL A 151 -43.78 -13.66 16.81
CA VAL A 151 -44.54 -14.27 15.73
C VAL A 151 -45.81 -13.46 15.49
N ALA A 152 -46.61 -13.23 16.54
CA ALA A 152 -47.89 -12.55 16.40
C ALA A 152 -47.73 -11.13 15.89
N SER A 153 -46.60 -10.47 16.20
CA SER A 153 -46.45 -9.07 15.81
C SER A 153 -46.43 -8.95 14.28
N GLY A 154 -46.11 -10.04 13.59
CA GLY A 154 -45.89 -10.00 12.16
C GLY A 154 -44.53 -9.41 11.81
N GLU A 155 -43.71 -9.12 12.81
CA GLU A 155 -42.37 -8.59 12.55
C GLU A 155 -41.56 -9.52 11.66
N LEU A 156 -41.70 -10.84 11.83
CA LEU A 156 -40.89 -11.76 11.05
C LEU A 156 -41.73 -12.33 9.91
N GLY A 157 -42.87 -11.70 9.63
CA GLY A 157 -43.76 -12.17 8.59
C GLY A 157 -44.47 -13.45 9.00
N GLU A 158 -44.95 -14.19 8.00
CA GLU A 158 -45.74 -15.37 8.23
C GLU A 158 -44.87 -16.58 8.49
N ILE A 159 -45.43 -17.53 9.26
CA ILE A 159 -44.78 -18.80 9.47
C ILE A 159 -44.83 -19.64 8.21
N ARG A 160 -43.72 -20.33 7.92
CA ARG A 160 -43.68 -21.30 6.83
C ARG A 160 -43.51 -22.72 7.35
N ARG A 161 -42.85 -22.91 8.50
CA ARG A 161 -42.62 -24.24 9.00
C ARG A 161 -42.42 -24.20 10.51
N SER A 162 -42.87 -25.26 11.20
CA SER A 162 -42.49 -25.47 12.59
C SER A 162 -42.06 -26.93 12.74
N ASN A 163 -41.11 -27.15 13.64
CA ASN A 163 -40.65 -28.48 13.93
C ASN A 163 -40.29 -28.52 15.39
N TRP A 164 -40.89 -29.44 16.14
CA TRP A 164 -40.51 -29.59 17.54
C TRP A 164 -40.21 -31.06 17.81
N ILE A 165 -38.94 -31.35 18.14
CA ILE A 165 -38.51 -32.64 18.63
C ILE A 165 -38.37 -32.51 20.14
N ILE A 166 -39.13 -33.30 20.90
CA ILE A 166 -39.06 -33.20 22.34
C ILE A 166 -39.14 -34.60 22.93
N ASN A 167 -37.94 -35.16 23.14
CA ASN A 167 -37.73 -36.55 23.50
C ASN A 167 -37.10 -36.67 24.89
N ASN A 168 -36.95 -35.56 25.63
CA ASN A 168 -36.11 -35.56 26.81
C ASN A 168 -36.89 -35.95 28.08
N TRP A 169 -38.15 -36.37 27.96
CA TRP A 169 -38.81 -36.87 29.15
C TRP A 169 -38.82 -38.39 29.17
N TYR A 170 -37.66 -38.95 29.53
CA TYR A 170 -37.47 -40.38 29.65
C TYR A 170 -38.31 -40.92 30.81
N ARG A 171 -39.10 -41.97 30.54
CA ARG A 171 -39.92 -42.58 31.56
C ARG A 171 -39.88 -44.09 31.38
N PRO A 172 -39.22 -44.83 32.29
CA PRO A 172 -39.14 -46.29 32.20
C PRO A 172 -40.39 -46.99 32.71
N ASP A 173 -40.44 -48.29 32.45
CA ASP A 173 -41.55 -49.15 32.85
C ASP A 173 -41.90 -48.92 34.34
N SER A 174 -40.89 -48.74 35.18
CA SER A 174 -41.08 -48.53 36.59
C SER A 174 -41.97 -47.32 36.88
N TYR A 175 -41.78 -46.21 36.13
CA TYR A 175 -42.62 -45.03 36.26
C TYR A 175 -44.05 -45.36 35.85
N TYR A 176 -44.20 -46.11 34.77
CA TYR A 176 -45.52 -46.42 34.24
C TYR A 176 -46.31 -47.24 35.27
N ARG A 177 -45.63 -48.10 36.04
CA ARG A 177 -46.29 -48.93 37.02
C ARG A 177 -46.79 -48.14 38.23
N LEU A 178 -46.30 -46.90 38.41
CA LEU A 178 -46.64 -46.12 39.60
C LEU A 178 -48.14 -45.78 39.70
N SER A 179 -48.81 -45.42 38.60
CA SER A 179 -50.21 -45.00 38.67
C SER A 179 -51.10 -45.92 37.83
N ASP A 180 -52.19 -46.42 38.44
CA ASP A 180 -53.14 -47.25 37.72
C ASP A 180 -53.86 -46.48 36.61
N TRP A 181 -54.32 -45.26 36.89
CA TRP A 181 -55.08 -44.48 35.92
C TRP A 181 -54.22 -44.03 34.71
N ARG A 182 -52.95 -43.67 34.97
CA ARG A 182 -52.09 -43.18 33.90
C ARG A 182 -51.75 -44.29 32.90
N ALA A 183 -51.60 -43.93 31.61
CA ALA A 183 -51.21 -44.83 30.53
C ALA A 183 -52.21 -45.96 30.30
N THR A 184 -53.49 -45.68 30.57
CA THR A 184 -54.54 -46.67 30.31
C THR A 184 -55.58 -46.00 29.45
N TRP A 185 -56.07 -46.66 28.39
CA TRP A 185 -57.06 -45.99 27.54
C TRP A 185 -58.27 -45.62 28.40
N GLY A 186 -58.72 -46.56 29.23
CA GLY A 186 -59.84 -46.29 30.12
C GLY A 186 -59.52 -45.26 31.22
N GLY A 187 -58.32 -45.34 31.81
CA GLY A 187 -57.88 -44.37 32.82
C GLY A 187 -57.51 -42.98 32.30
N GLU A 188 -56.75 -42.90 31.19
CA GLU A 188 -56.21 -41.63 30.72
C GLU A 188 -56.70 -41.25 29.32
N GLY A 189 -57.10 -42.24 28.51
CA GLY A 189 -57.48 -41.98 27.13
C GLY A 189 -56.27 -41.89 26.20
N GLY A 190 -55.08 -42.17 26.73
CA GLY A 190 -53.85 -42.16 25.93
C GLY A 190 -52.62 -42.28 26.83
N GLY A 191 -51.42 -42.12 26.28
CA GLY A 191 -50.22 -42.09 27.09
C GLY A 191 -49.48 -40.76 27.01
N VAL A 192 -48.51 -40.66 26.08
CA VAL A 192 -47.67 -39.48 26.00
C VAL A 192 -48.51 -38.27 25.63
N LEU A 193 -49.47 -38.45 24.71
CA LEU A 193 -50.28 -37.34 24.20
C LEU A 193 -51.13 -36.70 25.30
N VAL A 194 -51.67 -37.51 26.21
CA VAL A 194 -52.53 -37.02 27.29
C VAL A 194 -51.71 -36.64 28.53
N ASN A 195 -50.41 -36.99 28.60
CA ASN A 195 -49.62 -36.71 29.80
C ASN A 195 -48.55 -35.63 29.58
N GLN A 196 -47.38 -36.03 29.07
CA GLN A 196 -46.28 -35.11 28.79
C GLN A 196 -46.60 -34.09 27.69
N ALA A 197 -47.28 -34.53 26.62
CA ALA A 197 -47.49 -33.73 25.41
C ALA A 197 -48.40 -32.48 25.54
N PRO A 198 -49.50 -32.46 26.34
CA PRO A 198 -50.48 -31.36 26.27
C PRO A 198 -50.01 -29.94 26.46
N HIS A 199 -49.14 -29.66 27.44
CA HIS A 199 -48.65 -28.29 27.56
C HIS A 199 -47.99 -27.86 26.26
N GLN A 200 -47.13 -28.76 25.72
CA GLN A 200 -46.42 -28.51 24.49
C GLN A 200 -47.37 -28.36 23.31
N LEU A 201 -48.39 -29.23 23.25
CA LEU A 201 -49.35 -29.20 22.15
C LEU A 201 -50.08 -27.86 22.12
N ASP A 202 -50.49 -27.38 23.30
CA ASP A 202 -51.10 -26.05 23.40
C ASP A 202 -50.10 -25.00 22.95
N LEU A 203 -48.85 -25.08 23.42
CA LEU A 203 -47.86 -24.05 23.12
C LEU A 203 -47.66 -23.99 21.61
N TRP A 204 -47.55 -25.16 20.98
CA TRP A 204 -47.30 -25.22 19.55
C TRP A 204 -48.43 -24.52 18.81
N GLN A 205 -49.68 -24.84 19.19
CA GLN A 205 -50.84 -24.21 18.59
C GLN A 205 -50.88 -22.73 18.93
N TRP A 206 -50.57 -22.38 20.18
CA TRP A 206 -50.66 -20.99 20.61
C TRP A 206 -49.71 -20.11 19.80
N ILE A 207 -48.44 -20.54 19.67
CA ILE A 207 -47.46 -19.81 18.88
C ILE A 207 -47.71 -19.95 17.37
N CYS A 208 -48.00 -21.17 16.88
CA CYS A 208 -48.04 -21.41 15.44
C CYS A 208 -49.42 -21.59 14.81
N GLY A 209 -50.50 -21.38 15.57
CA GLY A 209 -51.86 -21.59 15.04
C GLY A 209 -52.30 -23.05 15.13
N ILE A 210 -53.52 -23.34 14.67
CA ILE A 210 -54.12 -24.66 14.80
C ILE A 210 -54.09 -25.38 13.45
N PRO A 211 -53.57 -26.63 13.40
CA PRO A 211 -53.40 -27.32 12.12
C PRO A 211 -54.72 -27.61 11.41
N THR A 212 -54.77 -27.36 10.10
CA THR A 212 -55.91 -27.76 9.29
C THR A 212 -55.98 -29.28 9.18
N THR A 213 -54.82 -29.94 9.00
CA THR A 213 -54.79 -31.39 8.78
C THR A 213 -53.72 -32.01 9.67
N VAL A 214 -53.93 -33.24 10.14
CA VAL A 214 -52.97 -33.94 10.98
C VAL A 214 -52.67 -35.33 10.40
N TYR A 215 -51.39 -35.69 10.24
CA TYR A 215 -51.01 -37.06 9.91
C TYR A 215 -50.07 -37.52 11.01
N ALA A 216 -50.31 -38.70 11.61
CA ALA A 216 -49.48 -39.11 12.74
C ALA A 216 -49.08 -40.59 12.66
N ASN A 217 -47.89 -40.92 13.20
CA ASN A 217 -47.47 -42.30 13.35
C ASN A 217 -47.30 -42.56 14.84
N CYS A 218 -48.24 -43.31 15.44
CA CYS A 218 -48.23 -43.49 16.88
C CYS A 218 -47.94 -44.95 17.21
N ILE A 219 -46.88 -45.20 17.99
CA ILE A 219 -46.54 -46.55 18.34
C ILE A 219 -46.98 -46.80 19.78
N ASN A 220 -47.80 -47.83 19.99
CA ASN A 220 -48.21 -48.21 21.33
C ASN A 220 -47.14 -49.12 21.93
N GLY A 221 -46.85 -48.91 23.23
CA GLY A 221 -45.91 -49.75 23.95
C GLY A 221 -44.56 -49.82 23.24
N SER A 222 -44.02 -48.66 22.88
CA SER A 222 -42.71 -48.58 22.27
C SER A 222 -41.66 -48.79 23.35
N HIS A 223 -40.99 -49.94 23.32
CA HIS A 223 -40.00 -50.31 24.31
C HIS A 223 -40.58 -50.24 25.73
N ARG A 224 -41.92 -50.36 25.83
CA ARG A 224 -42.58 -50.26 27.12
C ARG A 224 -43.77 -51.22 27.14
N ASP A 225 -44.11 -51.66 28.35
CA ASP A 225 -45.16 -52.62 28.58
C ASP A 225 -46.44 -51.86 28.93
N ILE A 226 -46.96 -51.11 27.94
CA ILE A 226 -48.20 -50.37 28.07
C ILE A 226 -48.96 -50.51 26.76
N ALA A 227 -50.25 -50.18 26.79
CA ALA A 227 -51.09 -50.36 25.61
C ALA A 227 -51.26 -49.04 24.86
N VAL A 228 -50.72 -47.93 25.40
CA VAL A 228 -50.99 -46.62 24.86
C VAL A 228 -49.76 -46.12 24.10
N GLU A 229 -49.89 -44.98 23.42
CA GLU A 229 -48.83 -44.50 22.56
C GLU A 229 -47.75 -43.83 23.42
N ASN A 230 -46.48 -44.07 23.08
CA ASN A 230 -45.39 -43.34 23.71
C ASN A 230 -44.25 -43.08 22.73
N ASP A 231 -44.51 -43.16 21.42
CA ASP A 231 -43.59 -42.70 20.39
C ASP A 231 -44.45 -42.17 19.24
N VAL A 232 -44.38 -40.86 19.03
CA VAL A 232 -45.33 -40.17 18.16
C VAL A 232 -44.57 -39.28 17.20
N THR A 233 -44.92 -39.37 15.92
CA THR A 233 -44.40 -38.44 14.93
C THR A 233 -45.60 -37.85 14.20
N VAL A 234 -45.67 -36.52 14.11
CA VAL A 234 -46.85 -35.87 13.56
C VAL A 234 -46.44 -34.95 12.43
N LEU A 235 -47.21 -34.92 11.32
CA LEU A 235 -47.12 -33.84 10.33
C LEU A 235 -48.42 -33.07 10.31
N THR A 236 -48.29 -31.74 10.25
CA THR A 236 -49.45 -30.86 10.22
C THR A 236 -49.35 -29.94 9.01
N GLU A 237 -50.52 -29.44 8.58
CA GLU A 237 -50.66 -28.35 7.63
C GLU A 237 -51.51 -27.27 8.28
N TYR A 238 -51.47 -26.06 7.71
CA TYR A 238 -52.04 -24.87 8.32
C TYR A 238 -52.75 -24.07 7.25
N GLU A 239 -53.75 -23.28 7.66
CA GLU A 239 -54.55 -22.50 6.72
C GLU A 239 -53.64 -21.76 5.73
N ASN A 240 -52.51 -21.21 6.23
CA ASN A 240 -51.71 -20.32 5.40
C ASN A 240 -50.67 -21.05 4.56
N GLY A 241 -50.69 -22.38 4.53
CA GLY A 241 -49.82 -23.15 3.65
C GLY A 241 -48.57 -23.68 4.37
N ALA A 242 -48.37 -23.28 5.63
CA ALA A 242 -47.25 -23.75 6.41
C ALA A 242 -47.38 -25.24 6.70
N THR A 243 -46.25 -25.87 7.04
CA THR A 243 -46.22 -27.25 7.49
C THR A 243 -45.67 -27.29 8.91
N GLY A 244 -45.88 -28.43 9.60
CA GLY A 244 -45.33 -28.61 10.93
C GLY A 244 -45.01 -30.06 11.20
N SER A 245 -44.15 -30.29 12.20
CA SER A 245 -43.86 -31.63 12.66
C SER A 245 -43.66 -31.58 14.17
N PHE A 246 -44.00 -32.69 14.81
CA PHE A 246 -43.86 -32.83 16.25
C PHE A 246 -43.48 -34.28 16.52
N ILE A 247 -42.40 -34.47 17.28
CA ILE A 247 -41.88 -35.79 17.56
C ILE A 247 -41.66 -35.89 19.07
N THR A 248 -42.16 -36.95 19.71
CA THR A 248 -41.95 -37.10 21.15
C THR A 248 -42.01 -38.57 21.51
N CYS A 249 -41.30 -38.95 22.58
CA CYS A 249 -41.31 -40.33 23.04
C CYS A 249 -40.75 -40.37 24.46
N THR A 250 -40.95 -41.51 25.14
CA THR A 250 -40.52 -41.63 26.52
C THR A 250 -39.44 -42.68 26.65
N HIS A 251 -38.78 -43.09 25.55
CA HIS A 251 -37.78 -44.13 25.63
C HIS A 251 -36.38 -43.63 25.23
N ASP A 252 -36.20 -42.32 25.13
CA ASP A 252 -34.94 -41.73 24.71
C ASP A 252 -34.16 -41.28 25.94
N LEU A 253 -33.03 -41.94 26.21
CA LEU A 253 -32.19 -41.61 27.34
C LEU A 253 -31.52 -40.23 27.20
N LEU A 254 -31.48 -39.67 25.99
CA LEU A 254 -30.75 -38.44 25.81
C LEU A 254 -31.45 -37.63 24.73
N GLY A 255 -32.69 -37.25 25.04
CA GLY A 255 -33.60 -36.80 24.02
C GLY A 255 -33.34 -35.35 23.63
N THR A 256 -33.39 -35.09 22.34
CA THR A 256 -33.39 -33.73 21.84
C THR A 256 -34.64 -33.01 22.33
N ASP A 257 -34.51 -31.70 22.61
CA ASP A 257 -35.63 -30.78 22.80
C ASP A 257 -35.30 -29.54 21.98
N ARG A 258 -35.76 -29.50 20.73
CA ARG A 258 -35.41 -28.42 19.83
C ARG A 258 -36.68 -28.02 19.08
N PHE A 259 -37.05 -26.74 19.18
CA PHE A 259 -38.24 -26.21 18.56
C PHE A 259 -37.83 -25.13 17.57
N GLU A 260 -38.13 -25.36 16.29
CA GLU A 260 -37.71 -24.47 15.24
C GLU A 260 -38.97 -23.89 14.59
N ILE A 261 -38.92 -22.58 14.33
CA ILE A 261 -39.96 -21.93 13.57
C ILE A 261 -39.25 -21.17 12.47
N ASP A 262 -39.68 -21.43 11.22
CA ASP A 262 -39.13 -20.78 10.05
C ASP A 262 -40.19 -19.85 9.50
N LEU A 263 -39.79 -18.60 9.23
CA LEU A 263 -40.72 -17.56 8.84
C LEU A 263 -40.19 -16.86 7.61
N ASP A 264 -41.07 -16.05 7.04
CA ASP A 264 -40.78 -15.30 5.83
C ASP A 264 -39.57 -14.39 6.12
N GLY A 265 -39.46 -13.89 7.36
CA GLY A 265 -38.54 -12.82 7.66
C GLY A 265 -37.53 -13.18 8.76
N GLY A 266 -37.55 -14.44 9.21
CA GLY A 266 -36.54 -14.84 10.18
C GLY A 266 -36.76 -16.28 10.61
N LYS A 267 -36.04 -16.65 11.67
CA LYS A 267 -36.03 -18.02 12.14
C LYS A 267 -35.87 -18.00 13.65
N ILE A 268 -36.52 -18.95 14.30
CA ILE A 268 -36.40 -19.05 15.74
C ILE A 268 -36.05 -20.47 16.08
N VAL A 269 -35.06 -20.63 16.97
CA VAL A 269 -34.73 -21.97 17.43
C VAL A 269 -34.67 -21.92 18.94
N VAL A 270 -35.40 -22.83 19.58
CA VAL A 270 -35.45 -22.87 21.02
C VAL A 270 -34.86 -24.19 21.49
N GLU A 271 -33.81 -24.10 22.33
CA GLU A 271 -33.10 -25.28 22.78
C GLU A 271 -33.42 -25.55 24.25
N ASP A 272 -33.79 -26.80 24.54
CA ASP A 272 -33.97 -27.30 25.89
C ASP A 272 -35.04 -26.52 26.65
N SER A 273 -35.90 -25.81 25.91
CA SER A 273 -37.01 -25.09 26.50
C SER A 273 -36.55 -24.01 27.47
N LYS A 274 -35.30 -23.56 27.33
CA LYS A 274 -34.76 -22.49 28.16
C LYS A 274 -34.24 -21.35 27.31
N LYS A 275 -33.67 -21.64 26.13
CA LYS A 275 -32.91 -20.63 25.42
C LYS A 275 -33.37 -20.55 23.97
N ALA A 276 -33.53 -19.32 23.48
CA ALA A 276 -34.04 -19.08 22.13
C ALA A 276 -33.02 -18.28 21.33
N TYR A 277 -32.80 -18.70 20.10
CA TYR A 277 -32.00 -17.93 19.16
C TYR A 277 -32.96 -17.36 18.14
N ILE A 278 -32.96 -16.03 18.00
CA ILE A 278 -33.86 -15.36 17.08
C ILE A 278 -33.01 -14.80 15.95
N TYR A 279 -33.31 -15.20 14.71
CA TYR A 279 -32.55 -14.73 13.56
C TYR A 279 -33.48 -13.85 12.75
N ARG A 280 -33.07 -12.60 12.49
CA ARG A 280 -33.88 -11.69 11.71
C ARG A 280 -33.18 -11.46 10.38
N PHE A 281 -33.86 -11.83 9.29
CA PHE A 281 -33.28 -11.68 7.97
C PHE A 281 -33.24 -10.18 7.64
N LYS A 282 -32.17 -9.74 6.99
CA LYS A 282 -32.06 -8.34 6.59
C LYS A 282 -33.21 -8.04 5.63
N GLU A 283 -33.49 -8.99 4.73
CA GLU A 283 -34.57 -8.85 3.77
C GLU A 283 -35.40 -10.14 3.89
N THR A 284 -36.71 -10.01 3.72
CA THR A 284 -37.58 -11.18 3.74
C THR A 284 -37.27 -12.04 2.52
N GLU A 285 -37.52 -13.34 2.61
CA GLU A 285 -37.27 -14.24 1.49
C GLU A 285 -38.07 -13.77 0.28
N THR A 286 -39.31 -13.34 0.52
CA THR A 286 -40.17 -12.87 -0.56
C THR A 286 -39.46 -11.74 -1.30
N ALA A 287 -38.86 -10.83 -0.54
CA ALA A 287 -38.09 -9.72 -1.11
C ALA A 287 -36.87 -10.24 -1.90
N VAL A 288 -36.15 -11.22 -1.34
CA VAL A 288 -34.97 -11.77 -1.99
C VAL A 288 -35.39 -12.40 -3.31
N ASN A 289 -36.51 -13.15 -3.30
CA ASN A 289 -36.98 -13.84 -4.49
C ASN A 289 -37.35 -12.82 -5.56
N ALA A 290 -37.93 -11.71 -5.13
CA ALA A 290 -38.38 -10.63 -6.02
C ALA A 290 -37.19 -9.95 -6.69
N ARG A 291 -36.04 -9.89 -5.98
CA ARG A 291 -34.83 -9.27 -6.53
C ARG A 291 -34.31 -10.11 -7.69
N ASP A 292 -34.58 -11.44 -7.69
CA ASP A 292 -34.16 -12.27 -8.81
C ASP A 292 -32.64 -12.20 -8.94
N MET A 293 -31.98 -12.37 -7.80
CA MET A 293 -30.53 -12.31 -7.72
C MET A 293 -29.89 -13.44 -8.51
N ASP A 294 -28.72 -13.13 -9.10
CA ASP A 294 -28.00 -14.06 -9.96
C ASP A 294 -27.25 -15.04 -9.07
N TRP A 295 -26.74 -16.12 -9.69
CA TRP A 295 -26.09 -17.19 -8.96
C TRP A 295 -24.92 -16.67 -8.11
N MET A 296 -24.15 -15.71 -8.60
CA MET A 296 -23.05 -15.17 -7.82
C MET A 296 -23.60 -14.57 -6.52
N GLN A 297 -24.71 -13.83 -6.62
CA GLN A 297 -25.36 -13.27 -5.45
C GLN A 297 -25.88 -14.40 -4.54
N ILE A 298 -26.45 -15.44 -5.14
CA ILE A 298 -26.94 -16.60 -4.39
C ILE A 298 -25.76 -17.26 -3.68
N ALA A 299 -24.62 -17.35 -4.37
CA ALA A 299 -23.42 -17.99 -3.84
C ALA A 299 -22.92 -17.21 -2.62
N MET A 300 -22.99 -15.88 -2.68
CA MET A 300 -22.61 -15.05 -1.56
C MET A 300 -23.49 -15.37 -0.37
N LEU A 301 -24.78 -15.65 -0.57
CA LEU A 301 -25.69 -15.99 0.51
C LEU A 301 -25.22 -17.22 1.29
N THR A 302 -24.76 -18.27 0.61
CA THR A 302 -24.41 -19.53 1.25
C THR A 302 -22.92 -19.78 1.08
N SER A 303 -22.18 -19.96 2.19
CA SER A 303 -20.72 -19.99 2.15
C SER A 303 -20.21 -21.01 3.19
N ASP A 310 -23.50 -14.71 7.21
CA ASP A 310 -23.78 -14.01 8.50
C ASP A 310 -24.21 -12.56 8.25
N LYS A 311 -23.78 -11.98 7.12
CA LYS A 311 -24.16 -10.63 6.72
C LYS A 311 -25.67 -10.55 6.49
N MET A 312 -26.27 -11.66 6.02
CA MET A 312 -27.69 -11.69 5.68
C MET A 312 -28.63 -11.60 6.90
N PHE A 313 -28.19 -12.07 8.06
CA PHE A 313 -29.06 -12.16 9.22
C PHE A 313 -28.37 -11.59 10.45
N GLU A 314 -29.19 -11.17 11.43
CA GLU A 314 -28.71 -10.74 12.73
C GLU A 314 -29.32 -11.64 13.79
N VAL A 315 -28.61 -11.93 14.87
CA VAL A 315 -29.05 -12.91 15.85
C VAL A 315 -29.29 -12.23 17.21
N GLU A 316 -30.44 -12.52 17.83
CA GLU A 316 -30.79 -12.11 19.19
C GLU A 316 -30.92 -13.38 20.04
N GLU A 317 -30.54 -13.31 21.30
CA GLU A 317 -30.61 -14.46 22.22
C GLU A 317 -31.54 -14.11 23.37
N PHE A 318 -32.36 -15.07 23.81
CA PHE A 318 -33.29 -14.88 24.91
C PHE A 318 -33.24 -16.15 25.76
N GLU A 319 -33.19 -16.03 27.09
CA GLU A 319 -33.13 -17.21 27.95
C GLU A 319 -33.95 -16.94 29.20
N ASN A 320 -34.80 -17.90 29.58
CA ASN A 320 -35.59 -17.82 30.81
C ASN A 320 -35.79 -19.21 31.39
N THR A 321 -35.64 -19.35 32.71
CA THR A 321 -36.01 -20.55 33.43
C THR A 321 -36.92 -20.12 34.57
N ASP A 322 -38.00 -20.86 34.81
CA ASP A 322 -38.97 -20.50 35.82
C ASP A 322 -38.80 -21.40 37.04
N GLY A 323 -38.74 -20.78 38.22
CA GLY A 323 -38.49 -21.49 39.46
C GLY A 323 -39.73 -22.27 39.92
N TRP A 324 -39.51 -23.16 40.88
CA TRP A 324 -40.55 -24.09 41.28
C TRP A 324 -41.77 -23.32 41.78
N GLY A 325 -42.94 -23.67 41.22
CA GLY A 325 -44.20 -23.08 41.64
C GLY A 325 -44.58 -21.82 40.89
N TYR A 326 -43.62 -21.19 40.19
CA TYR A 326 -43.87 -19.88 39.60
C TYR A 326 -45.05 -19.97 38.65
N GLN A 327 -45.00 -20.94 37.73
CA GLN A 327 -45.96 -20.98 36.64
C GLN A 327 -47.37 -21.20 37.17
N HIS A 328 -47.49 -22.20 38.05
CA HIS A 328 -48.80 -22.60 38.56
C HIS A 328 -49.40 -21.48 39.42
N THR A 329 -48.57 -20.88 40.28
CA THR A 329 -49.04 -19.81 41.14
C THR A 329 -49.45 -18.61 40.29
N THR A 330 -48.68 -18.33 39.22
CA THR A 330 -48.96 -17.18 38.41
C THR A 330 -50.34 -17.34 37.75
N VAL A 331 -50.64 -18.56 37.29
CA VAL A 331 -51.95 -18.84 36.72
C VAL A 331 -53.02 -18.65 37.80
N MET A 332 -52.79 -19.26 38.97
CA MET A 332 -53.73 -19.16 40.07
C MET A 332 -54.03 -17.69 40.36
N GLU A 333 -52.98 -16.86 40.36
CA GLU A 333 -53.11 -15.46 40.70
C GLU A 333 -53.87 -14.73 39.60
N ASN A 334 -53.53 -15.05 38.34
CA ASN A 334 -54.17 -14.45 37.18
C ASN A 334 -55.67 -14.75 37.22
N PHE A 335 -55.98 -16.02 37.50
CA PHE A 335 -57.34 -16.49 37.56
C PHE A 335 -58.13 -15.78 38.66
N ALA A 336 -57.52 -15.70 39.84
CA ALA A 336 -58.14 -14.99 40.94
C ALA A 336 -58.42 -13.55 40.52
N GLN A 337 -57.45 -12.94 39.84
CA GLN A 337 -57.57 -11.53 39.48
C GLN A 337 -58.72 -11.34 38.49
N HIS A 338 -58.97 -12.31 37.60
CA HIS A 338 -60.08 -12.18 36.67
C HIS A 338 -61.39 -12.10 37.47
N ILE A 339 -61.54 -13.02 38.42
CA ILE A 339 -62.72 -13.06 39.27
C ILE A 339 -62.90 -11.71 39.97
N ILE A 340 -61.80 -11.15 40.49
CA ILE A 340 -61.86 -10.00 41.39
C ILE A 340 -62.11 -8.71 40.60
N ASP A 341 -61.31 -8.43 39.57
CA ASP A 341 -61.35 -7.11 38.93
C ASP A 341 -61.41 -7.20 37.41
N GLY A 342 -61.66 -8.39 36.86
CA GLY A 342 -61.83 -8.55 35.42
C GLY A 342 -60.51 -8.62 34.64
N THR A 343 -59.35 -8.64 35.32
CA THR A 343 -58.09 -8.84 34.61
C THR A 343 -58.27 -9.97 33.59
N PRO A 344 -57.88 -9.78 32.31
CA PRO A 344 -57.95 -10.85 31.31
C PRO A 344 -57.14 -12.10 31.70
N LEU A 345 -57.66 -13.28 31.29
CA LEU A 345 -57.03 -14.55 31.57
C LEU A 345 -55.93 -14.82 30.54
N LEU A 346 -54.74 -15.24 31.01
CA LEU A 346 -53.74 -15.69 30.07
C LEU A 346 -54.22 -17.00 29.43
N ALA A 347 -54.96 -17.83 30.18
CA ALA A 347 -55.44 -19.10 29.68
C ALA A 347 -56.96 -19.21 29.82
N PRO A 348 -57.73 -18.63 28.88
CA PRO A 348 -59.20 -18.76 28.87
C PRO A 348 -59.52 -20.21 28.59
N GLY A 349 -60.47 -20.80 29.32
CA GLY A 349 -60.70 -22.25 29.34
C GLY A 349 -61.13 -22.77 27.98
N SER A 350 -61.74 -21.89 27.17
CA SER A 350 -62.24 -22.29 25.87
C SER A 350 -61.06 -22.79 25.01
N ASP A 351 -59.86 -22.25 25.24
CA ASP A 351 -58.67 -22.61 24.47
C ASP A 351 -58.27 -24.07 24.71
N GLY A 352 -58.72 -24.67 25.80
CA GLY A 352 -58.30 -26.03 26.14
C GLY A 352 -58.63 -27.03 25.03
N ILE A 353 -59.65 -26.72 24.23
CA ILE A 353 -60.13 -27.64 23.23
C ILE A 353 -59.15 -27.77 22.08
N ASN A 354 -58.34 -26.73 21.83
CA ASN A 354 -57.41 -26.76 20.71
C ASN A 354 -56.49 -27.96 20.90
N GLY A 355 -55.94 -28.09 22.12
CA GLY A 355 -54.99 -29.14 22.44
C GLY A 355 -55.64 -30.51 22.44
N VAL A 356 -56.89 -30.56 22.86
CA VAL A 356 -57.57 -31.84 22.92
C VAL A 356 -57.88 -32.31 21.52
N ARG A 357 -58.40 -31.40 20.68
CA ARG A 357 -58.70 -31.77 19.31
C ARG A 357 -57.46 -32.28 18.62
N LEU A 358 -56.31 -31.62 18.85
CA LEU A 358 -55.10 -31.99 18.15
C LEU A 358 -54.68 -33.38 18.60
N ALA A 359 -54.75 -33.64 19.91
CA ALA A 359 -54.38 -34.93 20.47
C ALA A 359 -55.29 -36.02 19.90
N ASN A 360 -56.60 -35.73 19.82
CA ASN A 360 -57.55 -36.69 19.27
C ASN A 360 -57.22 -36.95 17.80
N ALA A 361 -56.90 -35.89 17.05
CA ALA A 361 -56.65 -36.03 15.62
C ALA A 361 -55.40 -36.87 15.43
N ILE A 362 -54.37 -36.61 16.24
CA ILE A 362 -53.14 -37.37 16.16
C ILE A 362 -53.47 -38.85 16.40
N GLN A 363 -54.22 -39.15 17.46
CA GLN A 363 -54.51 -40.54 17.81
C GLN A 363 -55.28 -41.23 16.69
N LEU A 364 -56.27 -40.54 16.14
CA LEU A 364 -57.18 -41.13 15.17
C LEU A 364 -56.45 -41.37 13.86
N SER A 365 -55.61 -40.41 13.46
CA SER A 365 -54.74 -40.60 12.32
C SER A 365 -53.88 -41.83 12.55
N GLY A 366 -53.31 -41.90 13.76
CA GLY A 366 -52.47 -43.00 14.19
C GLY A 366 -53.19 -44.34 14.09
N TRP A 367 -54.44 -44.37 14.54
CA TRP A 367 -55.20 -45.61 14.56
C TRP A 367 -55.60 -46.05 13.14
N THR A 368 -55.89 -45.09 12.26
CA THR A 368 -56.45 -45.41 10.94
C THR A 368 -55.37 -45.43 9.85
N GLY A 369 -54.16 -44.94 10.15
CA GLY A 369 -53.09 -44.91 9.16
C GLY A 369 -53.38 -43.93 8.02
N GLU A 370 -54.20 -42.91 8.28
CA GLU A 370 -54.60 -41.97 7.25
C GLU A 370 -54.50 -40.54 7.76
N LYS A 371 -54.24 -39.63 6.83
CA LYS A 371 -54.32 -38.20 7.11
C LYS A 371 -55.77 -37.89 7.49
N VAL A 372 -55.95 -36.94 8.42
CA VAL A 372 -57.28 -36.50 8.80
C VAL A 372 -57.31 -34.99 8.82
N ALA A 373 -58.49 -34.43 8.54
CA ALA A 373 -58.71 -33.02 8.79
C ALA A 373 -58.83 -32.81 10.30
N ASN A 374 -58.42 -31.63 10.75
CA ASN A 374 -58.49 -31.26 12.15
C ASN A 374 -59.49 -30.13 12.28
N PRO A 375 -60.53 -30.25 13.13
CA PRO A 375 -60.70 -31.41 14.02
C PRO A 375 -61.41 -32.58 13.33
N VAL A 376 -61.28 -33.76 13.94
CA VAL A 376 -61.87 -34.99 13.44
C VAL A 376 -63.29 -35.09 13.94
N ASP A 377 -64.07 -36.01 13.35
CA ASP A 377 -65.42 -36.31 13.81
C ASP A 377 -65.36 -36.85 15.23
N GLU A 378 -66.12 -36.22 16.13
CA GLU A 378 -66.08 -36.56 17.54
C GLU A 378 -66.54 -38.00 17.78
N ASP A 379 -67.59 -38.41 17.07
CA ASP A 379 -68.17 -39.73 17.29
C ASP A 379 -67.19 -40.79 16.81
N LYS A 380 -66.50 -40.55 15.69
CA LYS A 380 -65.56 -41.51 15.15
C LYS A 380 -64.43 -41.75 16.15
N TYR A 381 -63.91 -40.65 16.71
CA TYR A 381 -62.83 -40.74 17.70
C TYR A 381 -63.32 -41.55 18.90
N LEU A 382 -64.52 -41.19 19.39
CA LEU A 382 -65.02 -41.79 20.61
C LEU A 382 -65.16 -43.30 20.42
N ALA A 383 -65.67 -43.70 19.25
CA ALA A 383 -65.86 -45.11 18.94
C ALA A 383 -64.54 -45.85 19.03
N GLU A 384 -63.50 -45.28 18.39
CA GLU A 384 -62.19 -45.91 18.34
C GLU A 384 -61.58 -45.97 19.74
N LEU A 385 -61.76 -44.89 20.53
CA LEU A 385 -61.29 -44.88 21.89
C LEU A 385 -62.01 -45.97 22.68
N ASN A 386 -63.34 -46.02 22.52
CA ASN A 386 -64.17 -46.94 23.30
C ASN A 386 -63.79 -48.37 22.97
N LYS A 387 -63.50 -48.64 21.69
CA LYS A 387 -63.11 -49.97 21.27
C LYS A 387 -61.87 -50.41 22.06
N ARG A 388 -60.89 -49.50 22.12
CA ARG A 388 -59.66 -49.76 22.85
C ARG A 388 -59.92 -49.93 24.34
N ILE A 389 -60.81 -49.11 24.90
CA ILE A 389 -61.17 -49.20 26.32
C ILE A 389 -61.74 -50.58 26.62
N GLU A 390 -62.65 -51.03 25.75
CA GLU A 390 -63.33 -52.30 25.90
C GLU A 390 -62.30 -53.44 25.91
N ALA A 391 -61.36 -53.41 24.95
CA ALA A 391 -60.35 -54.44 24.86
C ALA A 391 -59.47 -54.43 26.11
N GLU A 392 -59.12 -53.25 26.60
CA GLU A 392 -58.24 -53.12 27.75
C GLU A 392 -58.91 -53.79 28.96
N GLY A 393 -60.20 -53.52 29.15
CA GLY A 393 -61.01 -54.18 30.17
C GLY A 393 -60.70 -53.68 31.59
N LYS A 394 -59.96 -52.58 31.71
CA LYS A 394 -59.62 -52.08 33.03
C LYS A 394 -60.69 -51.11 33.52
N PHE A 395 -61.42 -50.49 32.58
CA PHE A 395 -62.29 -49.38 32.93
C PHE A 395 -63.57 -49.41 32.11
N PRO A 396 -64.67 -48.80 32.60
CA PRO A 396 -65.92 -48.71 31.82
C PRO A 396 -65.80 -47.82 30.58
N VAL A 397 -66.52 -48.21 29.52
CA VAL A 397 -66.56 -47.42 28.30
C VAL A 397 -67.27 -46.10 28.56
N ARG A 398 -66.93 -45.08 27.76
CA ARG A 398 -67.40 -43.72 28.03
C ARG A 398 -68.38 -43.42 26.90
N GLU A 399 -69.61 -42.95 27.19
CA GLU A 399 -70.55 -42.69 26.12
C GLU A 399 -71.08 -41.25 26.21
N HIS A 400 -71.00 -40.47 25.12
CA HIS A 400 -71.63 -39.16 25.08
C HIS A 400 -72.62 -39.16 23.92
N HIS A 401 -73.87 -38.73 24.16
CA HIS A 401 -74.96 -38.76 23.18
C HIS A 401 -75.14 -40.20 22.65
N MET B 1 -2.87 -51.09 -18.96
CA MET B 1 -4.21 -50.81 -18.37
C MET B 1 -4.11 -49.64 -17.39
N GLU B 2 -3.27 -48.68 -17.72
CA GLU B 2 -2.94 -47.60 -16.80
C GLU B 2 -4.18 -46.71 -16.63
N LYS B 3 -4.92 -46.41 -17.70
CA LYS B 3 -5.93 -45.35 -17.62
C LYS B 3 -7.22 -45.77 -18.30
N VAL B 4 -8.38 -45.33 -17.80
CA VAL B 4 -9.67 -45.56 -18.44
C VAL B 4 -10.10 -44.22 -19.05
N ARG B 5 -10.39 -44.23 -20.36
CA ARG B 5 -10.80 -43.03 -21.06
C ARG B 5 -12.30 -42.86 -20.88
N TYR B 6 -12.74 -41.65 -20.51
CA TYR B 6 -14.13 -41.44 -20.17
C TYR B 6 -14.75 -40.54 -21.23
N GLY B 7 -15.95 -40.89 -21.66
CA GLY B 7 -16.66 -40.03 -22.56
C GLY B 7 -17.79 -39.36 -21.80
N ILE B 8 -17.89 -38.04 -21.90
CA ILE B 8 -18.88 -37.31 -21.12
C ILE B 8 -20.05 -37.05 -22.05
N ILE B 9 -21.25 -37.53 -21.68
CA ILE B 9 -22.43 -37.23 -22.46
C ILE B 9 -23.11 -36.09 -21.74
N GLY B 10 -23.24 -34.94 -22.39
CA GLY B 10 -23.77 -33.76 -21.74
C GLY B 10 -22.63 -32.96 -21.13
N VAL B 11 -21.99 -32.09 -21.91
CA VAL B 11 -21.01 -31.19 -21.34
C VAL B 11 -21.73 -29.95 -20.84
N GLY B 12 -22.60 -30.17 -19.84
CA GLY B 12 -23.35 -29.10 -19.19
C GLY B 12 -22.60 -28.72 -17.92
N ASN B 13 -23.31 -28.22 -16.90
CA ASN B 13 -22.60 -27.83 -15.71
C ASN B 13 -21.81 -28.99 -15.12
N GLN B 14 -22.46 -30.14 -14.91
CA GLN B 14 -21.74 -31.26 -14.31
C GLN B 14 -20.69 -31.81 -15.28
N GLY B 15 -21.06 -31.94 -16.56
CA GLY B 15 -20.17 -32.51 -17.55
C GLY B 15 -18.90 -31.67 -17.71
N GLY B 16 -19.10 -30.34 -17.73
CA GLY B 16 -17.99 -29.42 -17.86
C GLY B 16 -17.03 -29.59 -16.69
N ALA B 17 -17.61 -29.73 -15.49
CA ALA B 17 -16.80 -29.85 -14.29
C ALA B 17 -15.95 -31.11 -14.41
N TYR B 18 -16.59 -32.20 -14.84
CA TYR B 18 -15.91 -33.48 -14.94
C TYR B 18 -14.76 -33.36 -15.93
N ALA B 19 -15.04 -32.67 -17.03
CA ALA B 19 -14.05 -32.52 -18.08
C ALA B 19 -12.83 -31.79 -17.52
N GLY B 20 -13.11 -30.74 -16.75
CA GLY B 20 -12.02 -29.99 -16.13
C GLY B 20 -11.21 -30.88 -15.18
N PHE B 21 -11.92 -31.70 -14.40
CA PHE B 21 -11.25 -32.50 -13.40
C PHE B 21 -10.30 -33.48 -14.08
N LEU B 22 -10.79 -34.11 -15.16
CA LEU B 22 -10.00 -35.07 -15.91
C LEU B 22 -8.82 -34.39 -16.61
N THR B 23 -9.04 -33.18 -17.14
CA THR B 23 -8.01 -32.46 -17.87
C THR B 23 -7.05 -31.72 -16.94
N GLY B 24 -7.43 -31.53 -15.66
CA GLY B 24 -6.60 -30.71 -14.80
C GLY B 24 -6.84 -29.24 -15.03
N THR B 25 -7.90 -28.91 -15.78
CA THR B 25 -8.27 -27.54 -16.08
C THR B 25 -9.38 -27.07 -15.12
N GLY B 26 -9.72 -27.89 -14.14
CA GLY B 26 -10.84 -27.62 -13.24
C GLY B 26 -10.70 -26.39 -12.34
N ASN B 27 -9.48 -26.11 -11.86
CA ASN B 27 -9.28 -25.13 -10.80
C ASN B 27 -9.82 -23.75 -11.18
N VAL B 28 -10.48 -23.10 -10.20
CA VAL B 28 -10.91 -21.71 -10.31
C VAL B 28 -10.09 -20.95 -9.29
N PRO B 29 -9.58 -19.74 -9.56
CA PRO B 29 -8.86 -19.00 -8.52
C PRO B 29 -9.88 -18.86 -7.40
N GLY B 30 -9.46 -19.21 -6.18
CA GLY B 30 -10.36 -19.27 -5.04
C GLY B 30 -11.13 -20.60 -4.96
N MET B 31 -10.77 -21.58 -5.81
CA MET B 31 -11.36 -22.91 -5.75
C MET B 31 -10.31 -23.96 -6.11
N PRO B 32 -9.71 -24.65 -5.12
CA PRO B 32 -8.79 -25.76 -5.42
C PRO B 32 -9.60 -26.79 -6.19
N ALA B 33 -8.95 -27.44 -7.18
CA ALA B 33 -9.60 -28.57 -7.84
C ALA B 33 -8.78 -29.82 -7.55
N ALA B 34 -9.47 -30.96 -7.41
CA ALA B 34 -8.80 -32.23 -7.20
C ALA B 34 -8.04 -32.60 -8.47
N PRO B 35 -6.80 -33.12 -8.37
CA PRO B 35 -5.99 -33.41 -9.55
C PRO B 35 -6.58 -34.58 -10.31
N CYS B 36 -6.20 -34.76 -11.59
CA CYS B 36 -6.76 -35.86 -12.36
C CYS B 36 -6.40 -37.18 -11.68
N PRO B 37 -7.38 -38.08 -11.47
CA PRO B 37 -7.10 -39.34 -10.81
C PRO B 37 -6.12 -40.13 -11.67
N PRO B 38 -5.26 -40.96 -11.04
CA PRO B 38 -4.23 -41.70 -11.77
C PRO B 38 -4.71 -42.59 -12.92
N HIS B 39 -5.84 -43.28 -12.70
CA HIS B 39 -6.34 -44.26 -13.65
C HIS B 39 -7.43 -43.67 -14.56
N CYS B 40 -7.60 -42.34 -14.56
CA CYS B 40 -8.70 -41.72 -15.28
C CYS B 40 -8.16 -40.73 -16.32
N ALA B 41 -8.85 -40.66 -17.47
CA ALA B 41 -8.58 -39.65 -18.49
C ALA B 41 -9.87 -39.31 -19.24
N LEU B 42 -9.86 -38.15 -19.93
CA LEU B 42 -10.98 -37.75 -20.76
C LEU B 42 -10.79 -38.24 -22.19
N GLY B 43 -11.57 -39.25 -22.60
CA GLY B 43 -11.51 -39.76 -23.96
C GLY B 43 -12.23 -38.88 -24.98
N ALA B 44 -13.44 -38.40 -24.64
CA ALA B 44 -14.25 -37.67 -25.62
C ALA B 44 -15.36 -36.89 -24.94
N LEU B 45 -15.93 -35.94 -25.70
CA LEU B 45 -17.00 -35.07 -25.22
C LEU B 45 -18.18 -35.17 -26.18
N CYS B 46 -19.40 -35.27 -25.64
CA CYS B 46 -20.60 -35.32 -26.48
C CYS B 46 -21.65 -34.33 -25.98
N ASP B 47 -22.16 -33.47 -26.87
CA ASP B 47 -23.32 -32.64 -26.55
C ASP B 47 -24.11 -32.37 -27.83
N ILE B 48 -25.43 -32.25 -27.71
CA ILE B 48 -26.30 -31.96 -28.84
C ILE B 48 -26.37 -30.45 -29.09
N ASP B 49 -25.95 -29.63 -28.12
CA ASP B 49 -26.04 -28.18 -28.28
C ASP B 49 -24.81 -27.69 -29.02
N PRO B 50 -25.00 -26.89 -30.10
CA PRO B 50 -23.87 -26.34 -30.86
C PRO B 50 -22.98 -25.43 -30.02
N GLN B 51 -23.57 -24.65 -29.12
CA GLN B 51 -22.81 -23.74 -28.28
C GLN B 51 -21.81 -24.54 -27.43
N LYS B 52 -22.29 -25.67 -26.91
CA LYS B 52 -21.45 -26.54 -26.09
C LYS B 52 -20.28 -27.08 -26.92
N GLU B 53 -20.57 -27.44 -28.18
CA GLU B 53 -19.56 -27.92 -29.10
C GLU B 53 -18.50 -26.83 -29.30
N GLU B 54 -18.94 -25.59 -29.48
CA GLU B 54 -18.04 -24.46 -29.67
C GLU B 54 -17.15 -24.31 -28.43
N MET B 55 -17.75 -24.38 -27.24
CA MET B 55 -16.99 -24.28 -26.02
C MET B 55 -15.97 -25.43 -25.98
N CYS B 56 -16.43 -26.62 -26.40
CA CYS B 56 -15.57 -27.80 -26.37
C CYS B 56 -14.40 -27.64 -27.35
N LYS B 57 -14.65 -27.03 -28.52
CA LYS B 57 -13.59 -26.76 -29.48
C LYS B 57 -12.58 -25.77 -28.87
N GLU B 58 -13.07 -24.82 -28.06
CA GLU B 58 -12.21 -23.79 -27.52
C GLU B 58 -11.38 -24.36 -26.37
N LYS B 59 -12.05 -24.96 -25.37
CA LYS B 59 -11.39 -25.39 -24.15
C LYS B 59 -10.65 -26.70 -24.35
N TYR B 60 -11.14 -27.58 -25.23
CA TYR B 60 -10.62 -28.93 -25.32
C TYR B 60 -10.39 -29.26 -26.80
N PRO B 61 -9.47 -28.53 -27.47
CA PRO B 61 -9.39 -28.56 -28.93
C PRO B 61 -8.94 -29.91 -29.50
N ASP B 62 -8.18 -30.68 -28.70
CA ASP B 62 -7.62 -31.92 -29.17
C ASP B 62 -8.41 -33.10 -28.64
N VAL B 63 -9.62 -32.82 -28.13
CA VAL B 63 -10.44 -33.88 -27.56
C VAL B 63 -11.58 -34.17 -28.53
N PRO B 64 -11.70 -35.44 -28.99
CA PRO B 64 -12.73 -35.82 -29.95
C PRO B 64 -14.12 -35.41 -29.43
N PHE B 65 -14.93 -34.81 -30.32
CA PHE B 65 -16.26 -34.34 -29.97
C PHE B 65 -17.31 -35.08 -30.80
N TYR B 66 -18.47 -35.43 -30.20
CA TYR B 66 -19.53 -36.11 -30.92
C TYR B 66 -20.89 -35.50 -30.59
N LYS B 67 -21.72 -35.26 -31.61
CA LYS B 67 -23.10 -34.85 -31.38
C LYS B 67 -23.93 -36.00 -30.80
N ASP B 68 -23.74 -37.20 -31.36
CA ASP B 68 -24.52 -38.37 -31.01
C ASP B 68 -23.69 -39.26 -30.09
N TRP B 69 -24.21 -39.53 -28.89
CA TRP B 69 -23.49 -40.32 -27.91
C TRP B 69 -23.31 -41.77 -28.38
N LYS B 70 -24.16 -42.24 -29.32
CA LYS B 70 -24.03 -43.59 -29.84
C LYS B 70 -22.78 -43.69 -30.71
N ASP B 71 -22.48 -42.61 -31.42
CA ASP B 71 -21.29 -42.52 -32.26
C ASP B 71 -20.04 -42.55 -31.38
N MET B 72 -20.10 -41.84 -30.23
CA MET B 72 -18.95 -41.80 -29.33
C MET B 72 -18.68 -43.21 -28.78
N VAL B 73 -19.75 -43.92 -28.41
CA VAL B 73 -19.63 -45.26 -27.86
C VAL B 73 -18.94 -46.18 -28.85
N ALA B 74 -19.36 -46.10 -30.12
CA ALA B 74 -18.86 -46.97 -31.17
C ALA B 74 -17.45 -46.55 -31.63
N SER B 75 -17.04 -45.31 -31.37
CA SER B 75 -15.78 -44.79 -31.88
C SER B 75 -14.57 -45.54 -31.33
N GLY B 76 -14.67 -46.10 -30.13
CA GLY B 76 -13.52 -46.70 -29.47
C GLY B 76 -12.51 -45.65 -29.04
N ASP B 77 -12.95 -44.39 -28.97
CA ASP B 77 -12.16 -43.33 -28.35
C ASP B 77 -12.32 -43.36 -26.82
N VAL B 78 -13.34 -44.08 -26.33
CA VAL B 78 -13.64 -44.11 -24.91
C VAL B 78 -13.81 -45.56 -24.46
N ASP B 79 -13.51 -45.78 -23.17
CA ASP B 79 -13.64 -47.08 -22.51
C ASP B 79 -14.82 -47.09 -21.54
N ALA B 80 -15.43 -45.92 -21.32
CA ALA B 80 -16.57 -45.77 -20.43
C ALA B 80 -17.23 -44.42 -20.68
N VAL B 81 -18.50 -44.30 -20.30
CA VAL B 81 -19.20 -43.03 -20.44
C VAL B 81 -19.88 -42.66 -19.12
N ILE B 82 -20.11 -41.35 -18.95
CA ILE B 82 -20.78 -40.79 -17.78
C ILE B 82 -22.00 -40.02 -18.28
N THR B 83 -23.17 -40.24 -17.66
CA THR B 83 -24.41 -39.74 -18.24
C THR B 83 -24.81 -38.40 -17.61
N THR B 84 -24.02 -37.36 -17.88
CA THR B 84 -24.30 -36.03 -17.37
C THR B 84 -25.31 -35.32 -18.28
N VAL B 85 -26.48 -35.97 -18.41
CA VAL B 85 -27.59 -35.47 -19.21
C VAL B 85 -28.86 -35.56 -18.36
N PRO B 86 -29.97 -34.91 -18.78
CA PRO B 86 -31.23 -35.01 -18.06
C PRO B 86 -31.56 -36.44 -17.69
N HIS B 87 -32.30 -36.61 -16.59
CA HIS B 87 -32.36 -37.88 -15.88
C HIS B 87 -33.09 -38.91 -16.74
N TYR B 88 -34.03 -38.46 -17.55
CA TYR B 88 -34.85 -39.36 -18.34
C TYR B 88 -33.98 -40.20 -19.29
N LEU B 89 -32.82 -39.67 -19.70
CA LEU B 89 -31.95 -40.38 -20.62
C LEU B 89 -31.05 -41.38 -19.91
N HIS B 90 -30.98 -41.38 -18.57
CA HIS B 90 -29.98 -42.16 -17.87
C HIS B 90 -30.13 -43.64 -18.22
N THR B 91 -31.32 -44.21 -18.01
CA THR B 91 -31.49 -45.65 -18.18
C THR B 91 -31.39 -46.03 -19.65
N GLU B 92 -31.83 -45.11 -20.53
CA GLU B 92 -31.83 -45.36 -21.96
C GLU B 92 -30.39 -45.61 -22.43
N ILE B 93 -29.47 -44.74 -21.97
CA ILE B 93 -28.07 -44.78 -22.35
C ILE B 93 -27.44 -46.01 -21.72
N ALA B 94 -27.78 -46.25 -20.45
CA ALA B 94 -27.17 -47.34 -19.71
C ALA B 94 -27.47 -48.65 -20.40
N ILE B 95 -28.75 -48.88 -20.70
CA ILE B 95 -29.18 -50.14 -21.28
C ILE B 95 -28.46 -50.34 -22.61
N TYR B 96 -28.40 -49.28 -23.42
CA TYR B 96 -27.74 -49.36 -24.72
C TYR B 96 -26.28 -49.76 -24.51
N CYS B 97 -25.60 -49.14 -23.54
CA CYS B 97 -24.18 -49.35 -23.33
C CYS B 97 -23.91 -50.77 -22.84
N LEU B 98 -24.74 -51.25 -21.90
CA LEU B 98 -24.59 -52.60 -21.38
C LEU B 98 -24.73 -53.62 -22.51
N GLU B 99 -25.67 -53.35 -23.43
CA GLU B 99 -25.93 -54.27 -24.53
C GLU B 99 -24.82 -54.20 -25.57
N HIS B 100 -24.04 -53.11 -25.57
CA HIS B 100 -22.96 -52.91 -26.53
C HIS B 100 -21.58 -52.99 -25.86
N GLY B 101 -21.48 -53.72 -24.73
CA GLY B 101 -20.22 -53.95 -24.04
C GLY B 101 -19.48 -52.68 -23.62
N MET B 102 -20.22 -51.60 -23.30
CA MET B 102 -19.62 -50.31 -22.94
C MET B 102 -19.88 -50.00 -21.46
N ASN B 103 -18.80 -49.82 -20.70
CA ASN B 103 -18.89 -49.49 -19.29
C ASN B 103 -19.62 -48.16 -19.11
N VAL B 104 -20.55 -48.11 -18.15
CA VAL B 104 -21.38 -46.92 -17.98
C VAL B 104 -21.45 -46.53 -16.50
N LEU B 105 -21.09 -45.27 -16.24
CA LEU B 105 -21.24 -44.65 -14.94
C LEU B 105 -22.44 -43.70 -15.00
N VAL B 106 -23.54 -44.13 -14.37
CA VAL B 106 -24.80 -43.42 -14.46
C VAL B 106 -24.84 -42.33 -13.39
N GLU B 107 -25.31 -41.15 -13.76
CA GLU B 107 -25.42 -40.05 -12.82
C GLU B 107 -26.61 -40.27 -11.89
N LYS B 108 -26.60 -39.50 -10.79
CA LYS B 108 -27.73 -39.44 -9.90
C LYS B 108 -28.75 -38.50 -10.51
N PRO B 109 -30.07 -38.70 -10.27
CA PRO B 109 -30.57 -39.97 -9.71
C PRO B 109 -30.48 -41.01 -10.82
N ALA B 110 -30.47 -42.29 -10.45
CA ALA B 110 -30.27 -43.36 -11.44
C ALA B 110 -31.25 -43.22 -12.59
N GLY B 111 -32.49 -42.84 -12.27
CA GLY B 111 -33.50 -42.54 -13.27
C GLY B 111 -34.65 -41.79 -12.62
N VAL B 112 -35.72 -41.59 -13.41
CA VAL B 112 -36.88 -40.86 -12.95
C VAL B 112 -37.88 -41.83 -12.34
N TYR B 113 -38.23 -42.89 -13.07
CA TYR B 113 -39.23 -43.84 -12.60
C TYR B 113 -38.60 -45.24 -12.46
N ALA B 114 -39.01 -45.91 -11.39
CA ALA B 114 -38.38 -47.14 -10.92
C ALA B 114 -38.41 -48.23 -11.99
N LYS B 115 -39.48 -48.29 -12.78
CA LYS B 115 -39.60 -49.32 -13.80
C LYS B 115 -38.35 -49.31 -14.68
N SER B 116 -37.99 -48.13 -15.20
CA SER B 116 -36.89 -48.04 -16.16
C SER B 116 -35.58 -48.39 -15.47
N VAL B 117 -35.47 -48.08 -14.18
CA VAL B 117 -34.24 -48.33 -13.44
C VAL B 117 -34.13 -49.83 -13.20
N ARG B 118 -35.27 -50.48 -12.92
CA ARG B 118 -35.26 -51.92 -12.69
C ARG B 118 -34.80 -52.61 -13.97
N GLU B 119 -35.31 -52.14 -15.12
CA GLU B 119 -34.94 -52.73 -16.40
C GLU B 119 -33.44 -52.58 -16.59
N MET B 120 -32.91 -51.41 -16.25
CA MET B 120 -31.48 -51.16 -16.38
C MET B 120 -30.71 -52.15 -15.51
N ASN B 121 -31.18 -52.39 -14.29
CA ASN B 121 -30.48 -53.29 -13.37
C ASN B 121 -30.48 -54.70 -13.95
N GLU B 122 -31.62 -55.13 -14.52
CA GLU B 122 -31.76 -56.49 -15.02
C GLU B 122 -30.87 -56.68 -16.24
N CYS B 123 -30.81 -55.63 -17.07
CA CYS B 123 -29.92 -55.59 -18.22
C CYS B 123 -28.48 -55.77 -17.75
N ALA B 124 -28.06 -55.04 -16.70
CA ALA B 124 -26.69 -55.10 -16.21
C ALA B 124 -26.40 -56.50 -15.69
N ALA B 125 -27.37 -57.06 -14.96
CA ALA B 125 -27.21 -58.40 -14.37
C ALA B 125 -27.01 -59.44 -15.47
N ALA B 126 -27.53 -59.13 -16.67
CA ALA B 126 -27.44 -60.00 -17.83
C ALA B 126 -26.17 -59.74 -18.66
N HIS B 127 -25.43 -58.67 -18.34
CA HIS B 127 -24.15 -58.41 -18.98
C HIS B 127 -23.15 -58.09 -17.87
N PRO B 128 -22.87 -59.03 -16.95
CA PRO B 128 -22.10 -58.74 -15.75
C PRO B 128 -20.65 -58.33 -16.00
N GLU B 129 -20.10 -58.74 -17.15
CA GLU B 129 -18.74 -58.39 -17.54
C GLU B 129 -18.61 -56.88 -17.75
N VAL B 130 -19.72 -56.19 -18.01
CA VAL B 130 -19.70 -54.75 -18.21
C VAL B 130 -19.82 -54.07 -16.86
N THR B 131 -18.91 -53.13 -16.58
CA THR B 131 -18.93 -52.36 -15.34
C THR B 131 -20.09 -51.38 -15.37
N PHE B 132 -20.86 -51.42 -14.27
CA PHE B 132 -22.08 -50.65 -14.10
C PHE B 132 -22.08 -49.96 -12.74
N GLY B 133 -22.08 -48.63 -12.75
CA GLY B 133 -21.90 -47.88 -11.51
C GLY B 133 -22.79 -46.65 -11.46
N ILE B 134 -22.94 -46.10 -10.26
CA ILE B 134 -23.68 -44.86 -10.13
C ILE B 134 -22.80 -43.86 -9.40
N MET B 135 -23.03 -42.57 -9.68
CA MET B 135 -22.28 -41.47 -9.12
C MET B 135 -22.91 -41.05 -7.78
N PHE B 136 -22.81 -41.94 -6.80
CA PHE B 136 -23.20 -41.62 -5.44
C PHE B 136 -21.94 -41.12 -4.72
N ASN B 137 -21.56 -39.89 -5.04
CA ASN B 137 -20.22 -39.38 -4.73
C ASN B 137 -20.11 -39.11 -3.24
N GLN B 138 -21.25 -38.93 -2.57
CA GLN B 138 -21.22 -38.69 -1.14
C GLN B 138 -20.81 -39.94 -0.38
N ARG B 139 -20.81 -41.12 -1.00
CA ARG B 139 -20.35 -42.29 -0.30
C ARG B 139 -18.84 -42.29 -0.14
N THR B 140 -18.16 -41.35 -0.80
CA THR B 140 -16.71 -41.23 -0.68
C THR B 140 -16.34 -40.33 0.50
N ASN B 141 -17.35 -39.77 1.16
CA ASN B 141 -17.16 -38.85 2.26
C ASN B 141 -16.96 -39.63 3.56
N LYS B 142 -15.78 -39.45 4.15
CA LYS B 142 -15.42 -40.21 5.34
C LYS B 142 -16.45 -40.01 6.44
N LEU B 143 -17.17 -38.89 6.40
CA LEU B 143 -18.19 -38.60 7.39
C LEU B 143 -19.28 -39.67 7.36
N TYR B 144 -19.85 -39.90 6.17
CA TYR B 144 -20.97 -40.81 6.05
C TYR B 144 -20.45 -42.24 6.18
N GLN B 145 -19.19 -42.49 5.81
CA GLN B 145 -18.61 -43.81 6.00
C GLN B 145 -18.51 -44.13 7.47
N LYS B 146 -18.07 -43.14 8.26
CA LYS B 146 -17.93 -43.28 9.70
C LYS B 146 -19.27 -43.64 10.32
N ILE B 147 -20.31 -42.90 9.94
CA ILE B 147 -21.63 -43.11 10.54
C ILE B 147 -22.19 -44.46 10.10
N ARG B 148 -22.05 -44.80 8.82
CA ARG B 148 -22.47 -46.10 8.34
C ARG B 148 -21.78 -47.22 9.13
N GLU B 149 -20.45 -47.14 9.26
CA GLU B 149 -19.67 -48.18 9.93
C GLU B 149 -20.21 -48.43 11.33
N ILE B 150 -20.46 -47.36 12.08
CA ILE B 150 -20.86 -47.47 13.47
C ILE B 150 -22.24 -48.10 13.54
N VAL B 151 -23.17 -47.60 12.73
CA VAL B 151 -24.51 -48.15 12.72
C VAL B 151 -24.45 -49.63 12.34
N ALA B 152 -23.82 -49.95 11.21
CA ALA B 152 -23.78 -51.30 10.70
C ALA B 152 -23.06 -52.26 11.65
N SER B 153 -22.09 -51.76 12.44
CA SER B 153 -21.33 -52.65 13.31
C SER B 153 -22.26 -53.27 14.36
N GLY B 154 -23.39 -52.62 14.63
CA GLY B 154 -24.25 -53.02 15.72
C GLY B 154 -23.71 -52.58 17.08
N GLU B 155 -22.62 -51.82 17.09
CA GLU B 155 -22.03 -51.35 18.34
C GLU B 155 -23.04 -50.56 19.17
N LEU B 156 -23.90 -49.78 18.53
CA LEU B 156 -24.84 -48.94 19.25
C LEU B 156 -26.22 -49.59 19.24
N GLY B 157 -26.27 -50.87 18.90
CA GLY B 157 -27.53 -51.60 18.83
C GLY B 157 -28.34 -51.16 17.61
N GLU B 158 -29.65 -51.41 17.69
CA GLU B 158 -30.56 -51.16 16.60
C GLU B 158 -30.99 -49.70 16.55
N ILE B 159 -31.31 -49.23 15.35
CA ILE B 159 -31.87 -47.92 15.18
C ILE B 159 -33.30 -47.89 15.69
N ARG B 160 -33.67 -46.79 16.34
CA ARG B 160 -35.05 -46.56 16.76
C ARG B 160 -35.67 -45.39 16.00
N ARG B 161 -34.87 -44.39 15.61
CA ARG B 161 -35.40 -43.23 14.94
C ARG B 161 -34.32 -42.57 14.11
N SER B 162 -34.71 -41.97 12.97
CA SER B 162 -33.86 -41.05 12.26
C SER B 162 -34.66 -39.82 11.91
N ASN B 163 -33.99 -38.67 11.88
CA ASN B 163 -34.64 -37.43 11.52
C ASN B 163 -33.60 -36.58 10.80
N TRP B 164 -33.91 -36.15 9.59
CA TRP B 164 -33.00 -35.29 8.85
C TRP B 164 -33.77 -34.08 8.34
N ILE B 165 -33.41 -32.89 8.84
CA ILE B 165 -33.88 -31.62 8.33
C ILE B 165 -32.76 -31.05 7.48
N ILE B 166 -33.02 -30.81 6.19
CA ILE B 166 -31.98 -30.29 5.33
C ILE B 166 -32.59 -29.26 4.38
N ASN B 167 -32.51 -28.01 4.83
CA ASN B 167 -33.22 -26.88 4.23
C ASN B 167 -32.25 -25.84 3.69
N ASN B 168 -30.95 -26.14 3.70
CA ASN B 168 -29.94 -25.11 3.47
C ASN B 168 -29.61 -24.90 1.99
N TRP B 169 -30.31 -25.54 1.07
CA TRP B 169 -30.04 -25.26 -0.34
C TRP B 169 -31.10 -24.33 -0.91
N TYR B 170 -30.95 -23.05 -0.58
CA TYR B 170 -31.85 -22.00 -1.04
C TYR B 170 -31.70 -21.81 -2.54
N ARG B 171 -32.82 -21.81 -3.26
CA ARG B 171 -32.82 -21.61 -4.69
C ARG B 171 -34.01 -20.73 -5.08
N PRO B 172 -33.77 -19.47 -5.49
CA PRO B 172 -34.84 -18.57 -5.88
C PRO B 172 -35.37 -18.81 -7.30
N ASP B 173 -36.48 -18.14 -7.59
CA ASP B 173 -37.14 -18.24 -8.88
C ASP B 173 -36.14 -18.03 -10.02
N SER B 174 -35.19 -17.10 -9.84
CA SER B 174 -34.19 -16.82 -10.85
C SER B 174 -33.41 -18.08 -11.26
N TYR B 175 -33.02 -18.90 -10.27
CA TYR B 175 -32.31 -20.14 -10.55
C TYR B 175 -33.20 -21.09 -11.33
N TYR B 176 -34.48 -21.16 -10.93
CA TYR B 176 -35.40 -22.12 -11.54
C TYR B 176 -35.58 -21.76 -13.02
N ARG B 177 -35.55 -20.47 -13.37
CA ARG B 177 -35.77 -20.04 -14.74
C ARG B 177 -34.58 -20.38 -15.64
N LEU B 178 -33.41 -20.69 -15.06
CA LEU B 178 -32.21 -20.90 -15.85
C LEU B 178 -32.30 -22.13 -16.76
N SER B 179 -32.87 -23.24 -16.32
CA SER B 179 -32.86 -24.47 -17.11
C SER B 179 -34.28 -24.90 -17.48
N ASP B 180 -34.52 -25.16 -18.78
CA ASP B 180 -35.79 -25.65 -19.27
C ASP B 180 -36.14 -27.03 -18.70
N TRP B 181 -35.17 -27.96 -18.71
CA TRP B 181 -35.44 -29.33 -18.28
C TRP B 181 -35.67 -29.41 -16.76
N ARG B 182 -34.94 -28.61 -15.97
CA ARG B 182 -35.05 -28.69 -14.51
C ARG B 182 -36.42 -28.21 -14.04
N ALA B 183 -36.96 -28.82 -12.96
CA ALA B 183 -38.21 -28.42 -12.31
C ALA B 183 -39.42 -28.56 -13.23
N THR B 184 -39.37 -29.51 -14.16
CA THR B 184 -40.50 -29.79 -15.04
C THR B 184 -40.82 -31.27 -14.92
N TRP B 185 -42.09 -31.64 -14.79
CA TRP B 185 -42.40 -33.06 -14.64
C TRP B 185 -41.88 -33.80 -15.86
N GLY B 186 -42.13 -33.25 -17.05
CA GLY B 186 -41.63 -33.83 -18.29
C GLY B 186 -40.11 -33.77 -18.42
N GLY B 187 -39.48 -32.65 -18.04
CA GLY B 187 -38.02 -32.51 -18.05
C GLY B 187 -37.27 -33.30 -16.97
N GLU B 188 -37.74 -33.25 -15.71
CA GLU B 188 -37.01 -33.82 -14.58
C GLU B 188 -37.75 -34.94 -13.87
N GLY B 189 -39.08 -34.97 -13.96
CA GLY B 189 -39.88 -35.92 -13.22
C GLY B 189 -40.10 -35.51 -11.77
N GLY B 190 -39.67 -34.31 -11.41
CA GLY B 190 -39.86 -33.78 -10.07
C GLY B 190 -39.05 -32.49 -9.90
N GLY B 191 -38.98 -31.97 -8.67
CA GLY B 191 -38.13 -30.83 -8.39
C GLY B 191 -37.03 -31.15 -7.39
N VAL B 192 -37.29 -30.90 -6.10
CA VAL B 192 -36.29 -31.05 -5.06
C VAL B 192 -35.88 -32.54 -4.95
N LEU B 193 -36.87 -33.44 -5.05
CA LEU B 193 -36.62 -34.86 -4.87
C LEU B 193 -35.68 -35.42 -5.94
N VAL B 194 -35.81 -34.95 -7.19
CA VAL B 194 -34.98 -35.42 -8.29
C VAL B 194 -33.68 -34.62 -8.41
N ASN B 195 -33.54 -33.47 -7.71
CA ASN B 195 -32.36 -32.62 -7.88
C ASN B 195 -31.47 -32.62 -6.62
N GLN B 196 -31.77 -31.76 -5.64
CA GLN B 196 -31.02 -31.66 -4.40
C GLN B 196 -31.09 -32.92 -3.52
N ALA B 197 -32.28 -33.55 -3.42
CA ALA B 197 -32.56 -34.63 -2.47
C ALA B 197 -31.86 -35.96 -2.74
N PRO B 198 -31.60 -36.45 -3.98
CA PRO B 198 -31.18 -37.85 -4.21
C PRO B 198 -29.93 -38.33 -3.51
N HIS B 199 -28.85 -37.54 -3.47
CA HIS B 199 -27.67 -37.99 -2.74
C HIS B 199 -28.05 -38.29 -1.30
N GLN B 200 -28.81 -37.35 -0.70
CA GLN B 200 -29.23 -37.47 0.70
C GLN B 200 -30.16 -38.67 0.87
N LEU B 201 -31.09 -38.86 -0.08
CA LEU B 201 -32.04 -39.96 0.04
C LEU B 201 -31.33 -41.30 0.02
N ASP B 202 -30.33 -41.44 -0.86
CA ASP B 202 -29.51 -42.64 -0.88
C ASP B 202 -28.76 -42.78 0.46
N LEU B 203 -28.18 -41.68 0.95
CA LEU B 203 -27.38 -41.73 2.17
C LEU B 203 -28.25 -42.21 3.33
N TRP B 204 -29.47 -41.65 3.40
CA TRP B 204 -30.36 -41.98 4.50
C TRP B 204 -30.65 -43.48 4.47
N GLN B 205 -30.97 -43.99 3.28
CA GLN B 205 -31.21 -45.42 3.11
C GLN B 205 -29.94 -46.22 3.39
N TRP B 206 -28.80 -45.74 2.90
CA TRP B 206 -27.56 -46.49 3.04
C TRP B 206 -27.20 -46.66 4.52
N ILE B 207 -27.25 -45.58 5.31
CA ILE B 207 -27.00 -45.65 6.74
C ILE B 207 -28.15 -46.31 7.52
N CYS B 208 -29.42 -45.97 7.21
CA CYS B 208 -30.53 -46.40 8.06
C CYS B 208 -31.43 -47.51 7.47
N GLY B 209 -31.06 -48.09 6.32
CA GLY B 209 -31.88 -49.13 5.69
C GLY B 209 -32.97 -48.50 4.82
N ILE B 210 -33.80 -49.34 4.16
CA ILE B 210 -34.81 -48.88 3.22
C ILE B 210 -36.17 -48.91 3.90
N PRO B 211 -36.96 -47.81 3.86
CA PRO B 211 -38.23 -47.76 4.56
C PRO B 211 -39.25 -48.76 4.05
N THR B 212 -39.94 -49.44 4.97
CA THR B 212 -41.04 -50.31 4.57
C THR B 212 -42.22 -49.48 4.05
N THR B 213 -42.52 -48.35 4.70
CA THR B 213 -43.67 -47.53 4.34
C THR B 213 -43.24 -46.06 4.26
N VAL B 214 -43.86 -45.28 3.37
CA VAL B 214 -43.56 -43.86 3.21
C VAL B 214 -44.85 -43.03 3.29
N TYR B 215 -44.89 -41.98 4.13
CA TYR B 215 -45.95 -41.00 4.09
C TYR B 215 -45.31 -39.65 3.84
N ALA B 216 -45.79 -38.87 2.87
CA ALA B 216 -45.13 -37.60 2.55
C ALA B 216 -46.13 -36.47 2.34
N ASN B 217 -45.71 -35.23 2.65
CA ASN B 217 -46.46 -34.03 2.34
C ASN B 217 -45.62 -33.20 1.38
N CYS B 218 -46.00 -33.16 0.10
CA CYS B 218 -45.19 -32.52 -0.91
C CYS B 218 -45.95 -31.30 -1.45
N ILE B 219 -45.35 -30.12 -1.33
CA ILE B 219 -46.00 -28.91 -1.81
C ILE B 219 -45.36 -28.53 -3.13
N ASN B 220 -46.17 -28.39 -4.18
CA ASN B 220 -45.68 -27.93 -5.46
C ASN B 220 -45.65 -26.41 -5.48
N GLY B 221 -44.59 -25.85 -6.05
CA GLY B 221 -44.46 -24.41 -6.20
C GLY B 221 -44.61 -23.68 -4.87
N SER B 222 -43.88 -24.14 -3.86
CA SER B 222 -43.87 -23.50 -2.57
C SER B 222 -43.03 -22.24 -2.66
N HIS B 223 -43.70 -21.08 -2.60
CA HIS B 223 -43.05 -19.78 -2.72
C HIS B 223 -42.26 -19.70 -4.03
N ARG B 224 -42.61 -20.52 -5.01
CA ARG B 224 -41.89 -20.57 -6.26
C ARG B 224 -42.85 -20.82 -7.42
N ASP B 225 -42.46 -20.32 -8.60
CA ASP B 225 -43.28 -20.39 -9.79
C ASP B 225 -42.89 -21.61 -10.61
N ILE B 226 -43.15 -22.80 -10.04
CA ILE B 226 -42.87 -24.07 -10.68
C ILE B 226 -44.01 -25.02 -10.36
N ALA B 227 -44.12 -26.11 -11.11
CA ALA B 227 -45.22 -27.05 -10.95
C ALA B 227 -44.81 -28.24 -10.09
N VAL B 228 -43.53 -28.31 -9.70
CA VAL B 228 -43.02 -29.51 -9.06
C VAL B 228 -42.81 -29.24 -7.57
N GLU B 229 -42.48 -30.29 -6.81
CA GLU B 229 -42.40 -30.16 -5.36
C GLU B 229 -41.08 -29.48 -4.99
N ASN B 230 -41.14 -28.57 -4.00
CA ASN B 230 -39.92 -28.00 -3.44
C ASN B 230 -40.07 -27.72 -1.94
N ASP B 231 -41.04 -28.37 -1.29
CA ASP B 231 -41.14 -28.41 0.17
C ASP B 231 -41.73 -29.77 0.52
N VAL B 232 -40.93 -30.61 1.16
CA VAL B 232 -41.26 -32.01 1.35
C VAL B 232 -41.05 -32.40 2.82
N THR B 233 -42.04 -33.06 3.40
CA THR B 233 -41.91 -33.63 4.73
C THR B 233 -42.29 -35.10 4.63
N VAL B 234 -41.44 -36.00 5.11
CA VAL B 234 -41.64 -37.43 4.92
C VAL B 234 -41.63 -38.14 6.27
N LEU B 235 -42.52 -39.11 6.49
CA LEU B 235 -42.39 -40.07 7.58
C LEU B 235 -42.20 -41.46 7.00
N THR B 236 -41.27 -42.20 7.60
CA THR B 236 -40.98 -43.55 7.18
C THR B 236 -41.09 -44.51 8.36
N GLU B 237 -41.33 -45.78 8.04
CA GLU B 237 -41.21 -46.90 8.96
C GLU B 237 -40.24 -47.91 8.36
N TYR B 238 -39.77 -48.83 9.20
CA TYR B 238 -38.67 -49.72 8.87
C TYR B 238 -39.03 -51.11 9.40
N GLU B 239 -38.46 -52.15 8.78
CA GLU B 239 -38.72 -53.53 9.14
C GLU B 239 -38.68 -53.68 10.67
N ASN B 240 -37.71 -53.07 11.34
CA ASN B 240 -37.48 -53.36 12.75
C ASN B 240 -38.31 -52.47 13.69
N GLY B 241 -39.26 -51.69 13.15
CA GLY B 241 -40.16 -50.91 13.98
C GLY B 241 -39.72 -49.45 14.16
N ALA B 242 -38.54 -49.10 13.66
CA ALA B 242 -38.03 -47.75 13.78
C ALA B 242 -38.86 -46.81 12.90
N THR B 243 -38.78 -45.52 13.20
CA THR B 243 -39.43 -44.49 12.41
C THR B 243 -38.36 -43.56 11.84
N GLY B 244 -38.75 -42.76 10.84
CA GLY B 244 -37.86 -41.76 10.29
C GLY B 244 -38.64 -40.54 9.80
N SER B 245 -37.93 -39.43 9.67
CA SER B 245 -38.50 -38.24 9.06
C SER B 245 -37.42 -37.54 8.26
N PHE B 246 -37.86 -36.85 7.20
CA PHE B 246 -36.99 -36.14 6.28
C PHE B 246 -37.73 -34.88 5.83
N ILE B 247 -37.08 -33.73 5.98
CA ILE B 247 -37.69 -32.46 5.64
C ILE B 247 -36.70 -31.70 4.75
N THR B 248 -37.15 -31.16 3.61
CA THR B 248 -36.26 -30.37 2.78
C THR B 248 -37.07 -29.36 1.96
N CYS B 249 -36.45 -28.24 1.60
CA CYS B 249 -37.12 -27.25 0.78
C CYS B 249 -36.09 -26.29 0.19
N THR B 250 -36.50 -25.47 -0.77
CA THR B 250 -35.57 -24.58 -1.45
C THR B 250 -35.95 -23.11 -1.19
N HIS B 251 -36.78 -22.85 -0.17
CA HIS B 251 -37.21 -21.47 0.08
C HIS B 251 -36.75 -20.96 1.45
N ASP B 252 -35.83 -21.67 2.09
CA ASP B 252 -35.35 -21.32 3.42
C ASP B 252 -34.02 -20.58 3.30
N LEU B 253 -34.02 -19.29 3.65
CA LEU B 253 -32.83 -18.47 3.59
C LEU B 253 -31.79 -18.90 4.62
N LEU B 254 -32.15 -19.67 5.63
CA LEU B 254 -31.21 -19.98 6.70
C LEU B 254 -31.52 -21.38 7.22
N GLY B 255 -31.38 -22.35 6.33
CA GLY B 255 -31.98 -23.64 6.54
C GLY B 255 -31.12 -24.49 7.48
N THR B 256 -31.79 -25.17 8.41
CA THR B 256 -31.16 -26.18 9.22
C THR B 256 -30.66 -27.33 8.33
N ASP B 257 -29.53 -27.93 8.71
CA ASP B 257 -29.06 -29.20 8.19
C ASP B 257 -28.64 -30.05 9.38
N ARG B 258 -29.55 -30.85 9.92
CA ARG B 258 -29.30 -31.61 11.13
C ARG B 258 -29.85 -33.01 10.94
N PHE B 259 -28.99 -34.01 11.09
CA PHE B 259 -29.36 -35.41 10.90
C PHE B 259 -29.13 -36.15 12.20
N GLU B 260 -30.21 -36.70 12.76
CA GLU B 260 -30.16 -37.36 14.05
C GLU B 260 -30.51 -38.82 13.85
N ILE B 261 -29.77 -39.71 14.51
CA ILE B 261 -30.08 -41.12 14.55
C ILE B 261 -30.08 -41.49 16.03
N ASP B 262 -31.19 -42.09 16.47
CA ASP B 262 -31.37 -42.53 17.85
C ASP B 262 -31.36 -44.05 17.84
N LEU B 263 -30.56 -44.63 18.74
CA LEU B 263 -30.33 -46.07 18.74
C LEU B 263 -30.51 -46.59 20.16
N ASP B 264 -30.55 -47.92 20.23
CA ASP B 264 -30.77 -48.62 21.47
C ASP B 264 -29.61 -48.26 22.42
N GLY B 265 -28.41 -48.03 21.85
CA GLY B 265 -27.21 -47.91 22.66
C GLY B 265 -26.47 -46.59 22.49
N GLY B 266 -27.06 -45.65 21.74
CA GLY B 266 -26.44 -44.35 21.63
C GLY B 266 -27.22 -43.43 20.70
N LYS B 267 -26.57 -42.34 20.32
CA LYS B 267 -27.20 -41.32 19.52
C LYS B 267 -26.16 -40.67 18.62
N ILE B 268 -26.57 -40.29 17.42
CA ILE B 268 -25.66 -39.63 16.52
C ILE B 268 -26.34 -38.37 16.02
N VAL B 269 -25.60 -37.26 16.01
CA VAL B 269 -26.14 -36.03 15.48
C VAL B 269 -25.11 -35.46 14.54
N VAL B 270 -25.53 -35.16 13.32
CA VAL B 270 -24.63 -34.64 12.31
C VAL B 270 -25.09 -33.25 11.94
N GLU B 271 -24.20 -32.27 12.10
CA GLU B 271 -24.54 -30.87 11.87
C GLU B 271 -23.85 -30.37 10.61
N ASP B 272 -24.63 -29.76 9.72
CA ASP B 272 -24.14 -29.06 8.54
C ASP B 272 -23.37 -29.98 7.61
N SER B 273 -23.59 -31.30 7.75
CA SER B 273 -23.01 -32.28 6.86
C SER B 273 -21.48 -32.26 6.93
N LYS B 274 -20.93 -31.76 8.04
CA LYS B 274 -19.49 -31.72 8.22
C LYS B 274 -19.11 -32.37 9.54
N LYS B 275 -19.93 -32.26 10.58
CA LYS B 275 -19.49 -32.61 11.92
C LYS B 275 -20.51 -33.54 12.59
N ALA B 276 -20.01 -34.61 13.22
CA ALA B 276 -20.86 -35.61 13.83
C ALA B 276 -20.53 -35.73 15.32
N TYR B 277 -21.56 -35.75 16.15
CA TYR B 277 -21.41 -36.01 17.57
C TYR B 277 -21.95 -37.41 17.81
N ILE B 278 -21.13 -38.29 18.35
CA ILE B 278 -21.51 -39.67 18.60
C ILE B 278 -21.61 -39.85 20.12
N TYR B 279 -22.78 -40.23 20.61
CA TYR B 279 -23.00 -40.44 22.02
C TYR B 279 -23.17 -41.94 22.26
N ARG B 280 -22.35 -42.51 23.14
CA ARG B 280 -22.48 -43.91 23.48
C ARG B 280 -23.01 -44.01 24.90
N PHE B 281 -24.16 -44.67 25.04
CA PHE B 281 -24.74 -44.87 26.36
C PHE B 281 -23.88 -45.90 27.09
N LYS B 282 -23.69 -45.72 28.39
CA LYS B 282 -22.95 -46.70 29.19
C LYS B 282 -23.64 -48.04 29.10
N GLU B 283 -24.98 -48.00 29.17
CA GLU B 283 -25.80 -49.18 29.06
C GLU B 283 -26.90 -48.91 28.05
N THR B 284 -27.38 -49.97 27.39
CA THR B 284 -28.46 -49.82 26.43
C THR B 284 -29.72 -49.41 27.19
N GLU B 285 -30.62 -48.68 26.50
CA GLU B 285 -31.85 -48.25 27.12
C GLU B 285 -32.63 -49.48 27.58
N THR B 286 -32.61 -50.54 26.75
CA THR B 286 -33.32 -51.77 27.08
C THR B 286 -32.85 -52.25 28.44
N ALA B 287 -31.52 -52.24 28.65
CA ALA B 287 -30.94 -52.64 29.92
C ALA B 287 -31.40 -51.72 31.06
N VAL B 288 -31.41 -50.41 30.82
CA VAL B 288 -31.79 -49.44 31.83
C VAL B 288 -33.25 -49.67 32.22
N ASN B 289 -34.10 -49.92 31.21
CA ASN B 289 -35.52 -50.10 31.44
C ASN B 289 -35.73 -51.35 32.28
N ALA B 290 -34.93 -52.39 32.02
CA ALA B 290 -35.03 -53.66 32.71
C ALA B 290 -34.71 -53.52 34.20
N ARG B 291 -33.83 -52.57 34.56
CA ARG B 291 -33.31 -52.50 35.92
C ARG B 291 -34.39 -52.16 36.95
N ASP B 292 -35.31 -51.24 36.62
CA ASP B 292 -36.36 -50.86 37.56
C ASP B 292 -35.70 -50.30 38.83
N ASP B 310 -23.55 -36.01 31.72
CA ASP B 310 -23.70 -37.15 32.67
C ASP B 310 -22.57 -38.15 32.46
N LYS B 311 -22.19 -38.84 33.54
CA LYS B 311 -21.32 -40.02 33.48
C LYS B 311 -22.00 -41.14 32.69
N MET B 312 -23.32 -41.11 32.48
CA MET B 312 -24.07 -42.07 31.72
C MET B 312 -23.73 -42.16 30.24
N PHE B 313 -23.21 -41.06 29.63
CA PHE B 313 -22.87 -41.17 28.20
C PHE B 313 -21.45 -40.64 27.94
N GLU B 314 -20.84 -41.12 26.86
CA GLU B 314 -19.55 -40.62 26.42
C GLU B 314 -19.70 -40.04 25.02
N VAL B 315 -19.03 -38.93 24.72
CA VAL B 315 -19.22 -38.26 23.43
C VAL B 315 -17.94 -38.32 22.62
N GLU B 316 -18.06 -38.75 21.35
CA GLU B 316 -16.97 -38.79 20.37
C GLU B 316 -17.33 -37.84 19.24
N GLU B 317 -16.34 -37.13 18.70
CA GLU B 317 -16.57 -36.16 17.63
C GLU B 317 -15.85 -36.61 16.36
N PHE B 318 -16.49 -36.42 15.21
CA PHE B 318 -15.89 -36.67 13.91
C PHE B 318 -16.20 -35.46 13.04
N GLU B 319 -15.21 -34.96 12.29
CA GLU B 319 -15.44 -33.91 11.31
C GLU B 319 -14.70 -34.27 10.03
N ASN B 320 -15.39 -34.14 8.88
CA ASN B 320 -14.73 -34.21 7.57
C ASN B 320 -15.38 -33.25 6.60
N THR B 321 -14.58 -32.51 5.84
CA THR B 321 -15.08 -31.74 4.72
C THR B 321 -14.30 -32.18 3.49
N ASP B 322 -14.99 -32.39 2.37
CA ASP B 322 -14.34 -32.84 1.15
C ASP B 322 -14.23 -31.66 0.18
N GLY B 323 -13.03 -31.47 -0.37
CA GLY B 323 -12.75 -30.33 -1.23
C GLY B 323 -13.38 -30.52 -2.61
N TRP B 324 -13.42 -29.42 -3.37
CA TRP B 324 -14.08 -29.44 -4.67
C TRP B 324 -13.42 -30.51 -5.55
N GLY B 325 -14.25 -31.36 -6.14
CA GLY B 325 -13.79 -32.36 -7.08
C GLY B 325 -13.48 -33.70 -6.40
N TYR B 326 -13.27 -33.70 -5.08
CA TYR B 326 -12.72 -34.88 -4.44
C TYR B 326 -13.67 -36.06 -4.65
N GLN B 327 -14.95 -35.84 -4.34
CA GLN B 327 -15.90 -36.93 -4.29
C GLN B 327 -16.09 -37.53 -5.69
N HIS B 328 -16.27 -36.66 -6.68
CA HIS B 328 -16.57 -37.09 -8.03
C HIS B 328 -15.36 -37.81 -8.62
N THR B 329 -14.16 -37.25 -8.41
CA THR B 329 -12.94 -37.85 -8.92
C THR B 329 -12.73 -39.20 -8.24
N THR B 330 -13.02 -39.29 -6.94
CA THR B 330 -12.78 -40.52 -6.20
C THR B 330 -13.67 -41.62 -6.79
N VAL B 331 -14.92 -41.29 -7.13
CA VAL B 331 -15.81 -42.26 -7.76
C VAL B 331 -15.23 -42.66 -9.12
N MET B 332 -14.86 -41.65 -9.91
CA MET B 332 -14.31 -41.89 -11.24
C MET B 332 -13.13 -42.86 -11.12
N GLU B 333 -12.27 -42.65 -10.12
CA GLU B 333 -11.07 -43.45 -9.95
C GLU B 333 -11.45 -44.86 -9.51
N ASN B 334 -12.40 -44.94 -8.58
CA ASN B 334 -12.89 -46.22 -8.07
C ASN B 334 -13.45 -47.05 -9.23
N PHE B 335 -14.24 -46.38 -10.06
CA PHE B 335 -14.89 -47.00 -11.21
C PHE B 335 -13.85 -47.50 -12.20
N ALA B 336 -12.88 -46.65 -12.51
CA ALA B 336 -11.79 -47.05 -13.39
C ALA B 336 -11.10 -48.28 -12.84
N GLN B 337 -10.88 -48.27 -11.51
CA GLN B 337 -10.14 -49.36 -10.87
C GLN B 337 -10.91 -50.67 -10.99
N HIS B 338 -12.25 -50.61 -10.93
CA HIS B 338 -13.04 -51.83 -11.07
C HIS B 338 -12.78 -52.44 -12.44
N ILE B 339 -12.86 -51.59 -13.47
CA ILE B 339 -12.62 -52.01 -14.84
C ILE B 339 -11.25 -52.66 -14.96
N ILE B 340 -10.23 -52.05 -14.33
CA ILE B 340 -8.84 -52.42 -14.56
C ILE B 340 -8.48 -53.68 -13.79
N ASP B 341 -8.76 -53.74 -12.48
CA ASP B 341 -8.23 -54.83 -11.66
C ASP B 341 -9.31 -55.44 -10.75
N GLY B 342 -10.59 -55.13 -10.99
CA GLY B 342 -11.68 -55.74 -10.23
C GLY B 342 -11.91 -55.12 -8.86
N THR B 343 -11.19 -54.05 -8.49
CA THR B 343 -11.49 -53.36 -7.24
C THR B 343 -13.00 -53.21 -7.10
N PRO B 344 -13.61 -53.59 -5.94
CA PRO B 344 -15.05 -53.39 -5.73
C PRO B 344 -15.48 -51.94 -5.82
N LEU B 345 -16.71 -51.72 -6.29
CA LEU B 345 -17.31 -50.40 -6.45
C LEU B 345 -17.88 -49.91 -5.11
N LEU B 346 -17.58 -48.67 -4.75
CA LEU B 346 -18.26 -48.03 -3.63
C LEU B 346 -19.75 -47.92 -3.94
N ALA B 347 -20.05 -47.60 -5.21
CA ALA B 347 -21.42 -47.35 -5.64
C ALA B 347 -21.75 -48.26 -6.83
N PRO B 348 -22.13 -49.53 -6.56
CA PRO B 348 -22.58 -50.46 -7.60
C PRO B 348 -23.89 -49.90 -8.15
N GLY B 349 -24.07 -49.90 -9.47
CA GLY B 349 -25.16 -49.16 -10.11
C GLY B 349 -26.54 -49.70 -9.70
N SER B 350 -26.58 -50.98 -9.30
CA SER B 350 -27.83 -51.61 -8.93
C SER B 350 -28.45 -50.86 -7.74
N ASP B 351 -27.60 -50.28 -6.87
CA ASP B 351 -28.04 -49.58 -5.68
C ASP B 351 -28.83 -48.33 -6.03
N GLY B 352 -28.70 -47.80 -7.25
CA GLY B 352 -29.34 -46.56 -7.62
C GLY B 352 -30.86 -46.61 -7.46
N ILE B 353 -31.41 -47.82 -7.51
CA ILE B 353 -32.86 -47.98 -7.50
C ILE B 353 -33.44 -47.68 -6.12
N ASN B 354 -32.64 -47.87 -5.06
CA ASN B 354 -33.14 -47.64 -3.71
C ASN B 354 -33.62 -46.20 -3.60
N GLY B 355 -32.78 -45.27 -4.07
CA GLY B 355 -33.07 -43.85 -3.98
C GLY B 355 -34.23 -43.46 -4.90
N VAL B 356 -34.31 -44.12 -6.05
CA VAL B 356 -35.37 -43.79 -6.99
C VAL B 356 -36.70 -44.27 -6.43
N ARG B 357 -36.74 -45.50 -5.92
CA ARG B 357 -37.97 -46.03 -5.35
C ARG B 357 -38.46 -45.11 -4.23
N LEU B 358 -37.53 -44.64 -3.39
CA LEU B 358 -37.95 -43.83 -2.26
C LEU B 358 -38.53 -42.52 -2.76
N ALA B 359 -37.88 -41.91 -3.75
CA ALA B 359 -38.34 -40.66 -4.32
C ALA B 359 -39.73 -40.85 -4.95
N ASN B 360 -39.91 -41.97 -5.66
CA ASN B 360 -41.20 -42.28 -6.27
C ASN B 360 -42.26 -42.44 -5.18
N ALA B 361 -41.92 -43.15 -4.11
CA ALA B 361 -42.88 -43.43 -3.05
C ALA B 361 -43.28 -42.12 -2.38
N ILE B 362 -42.30 -41.25 -2.13
CA ILE B 362 -42.57 -39.96 -1.53
C ILE B 362 -43.55 -39.21 -2.44
N GLN B 363 -43.27 -39.15 -3.74
CA GLN B 363 -44.10 -38.37 -4.65
C GLN B 363 -45.53 -38.91 -4.68
N LEU B 364 -45.66 -40.24 -4.72
CA LEU B 364 -46.95 -40.88 -4.90
C LEU B 364 -47.79 -40.72 -3.64
N SER B 365 -47.13 -40.85 -2.48
CA SER B 365 -47.79 -40.56 -1.22
C SER B 365 -48.29 -39.11 -1.25
N GLY B 366 -47.39 -38.22 -1.68
CA GLY B 366 -47.67 -36.81 -1.80
C GLY B 366 -48.87 -36.53 -2.69
N TRP B 367 -48.94 -37.23 -3.82
CA TRP B 367 -50.01 -36.99 -4.79
C TRP B 367 -51.34 -37.55 -4.29
N THR B 368 -51.33 -38.67 -3.55
CA THR B 368 -52.56 -39.35 -3.18
C THR B 368 -53.00 -38.98 -1.76
N GLY B 369 -52.14 -38.32 -0.97
CA GLY B 369 -52.49 -37.96 0.41
C GLY B 369 -52.63 -39.18 1.31
N GLU B 370 -51.94 -40.28 0.96
CA GLU B 370 -52.05 -41.52 1.71
C GLU B 370 -50.68 -42.12 1.95
N LYS B 371 -50.56 -42.84 3.06
CA LYS B 371 -49.40 -43.68 3.31
C LYS B 371 -49.32 -44.74 2.21
N VAL B 372 -48.11 -45.11 1.81
CA VAL B 372 -47.89 -46.15 0.83
C VAL B 372 -46.81 -47.10 1.33
N ALA B 373 -46.89 -48.35 0.92
CA ALA B 373 -45.79 -49.28 1.10
C ALA B 373 -44.68 -48.92 0.11
N ASN B 374 -43.45 -49.16 0.54
CA ASN B 374 -42.28 -48.89 -0.28
C ASN B 374 -41.62 -50.22 -0.61
N PRO B 375 -41.39 -50.54 -1.90
CA PRO B 375 -41.67 -49.64 -3.01
C PRO B 375 -43.11 -49.68 -3.48
N VAL B 376 -43.51 -48.63 -4.21
CA VAL B 376 -44.85 -48.51 -4.75
C VAL B 376 -44.91 -49.26 -6.07
N ASP B 377 -46.14 -49.53 -6.52
CA ASP B 377 -46.39 -50.14 -7.81
C ASP B 377 -45.84 -49.22 -8.91
N GLU B 378 -45.01 -49.79 -9.79
CA GLU B 378 -44.33 -49.01 -10.82
C GLU B 378 -45.34 -48.36 -11.76
N ASP B 379 -46.38 -49.12 -12.15
CA ASP B 379 -47.34 -48.65 -13.13
C ASP B 379 -48.17 -47.52 -12.53
N LYS B 380 -48.53 -47.64 -11.25
CA LYS B 380 -49.34 -46.61 -10.60
C LYS B 380 -48.58 -45.28 -10.58
N TYR B 381 -47.28 -45.35 -10.22
CA TYR B 381 -46.45 -44.16 -10.18
C TYR B 381 -46.38 -43.55 -11.58
N LEU B 382 -46.12 -44.40 -12.58
CA LEU B 382 -45.88 -43.92 -13.93
C LEU B 382 -47.12 -43.20 -14.44
N ALA B 383 -48.29 -43.76 -14.14
CA ALA B 383 -49.56 -43.17 -14.56
C ALA B 383 -49.69 -41.76 -14.00
N GLU B 384 -49.43 -41.63 -12.70
CA GLU B 384 -49.58 -40.36 -12.01
C GLU B 384 -48.56 -39.35 -12.53
N LEU B 385 -47.34 -39.82 -12.78
CA LEU B 385 -46.31 -38.96 -13.36
C LEU B 385 -46.76 -38.50 -14.75
N ASN B 386 -47.25 -39.46 -15.55
CA ASN B 386 -47.60 -39.19 -16.94
C ASN B 386 -48.76 -38.20 -16.97
N LYS B 387 -49.71 -38.34 -16.04
CA LYS B 387 -50.84 -37.42 -15.97
C LYS B 387 -50.32 -36.00 -15.80
N ARG B 388 -49.37 -35.83 -14.89
CA ARG B 388 -48.79 -34.52 -14.63
C ARG B 388 -48.02 -34.01 -15.84
N ILE B 389 -47.28 -34.92 -16.52
CA ILE B 389 -46.52 -34.55 -17.70
C ILE B 389 -47.47 -34.02 -18.78
N GLU B 390 -48.59 -34.75 -18.97
CA GLU B 390 -49.59 -34.40 -19.97
C GLU B 390 -50.14 -33.01 -19.70
N ALA B 391 -50.50 -32.74 -18.44
CA ALA B 391 -51.05 -31.45 -18.07
C ALA B 391 -50.03 -30.34 -18.30
N GLU B 392 -48.76 -30.61 -17.99
CA GLU B 392 -47.71 -29.61 -18.13
C GLU B 392 -47.59 -29.21 -19.61
N GLY B 393 -47.59 -30.22 -20.48
CA GLY B 393 -47.61 -30.02 -21.92
C GLY B 393 -46.26 -29.59 -22.47
N LYS B 394 -45.19 -29.68 -21.67
CA LYS B 394 -43.90 -29.20 -22.14
C LYS B 394 -43.15 -30.33 -22.84
N PHE B 395 -43.46 -31.59 -22.49
CA PHE B 395 -42.62 -32.71 -22.90
C PHE B 395 -43.47 -33.95 -23.16
N PRO B 396 -42.96 -34.93 -23.95
CA PRO B 396 -43.68 -36.16 -24.23
C PRO B 396 -43.87 -37.07 -23.02
N VAL B 397 -45.03 -37.74 -22.97
CA VAL B 397 -45.32 -38.69 -21.92
C VAL B 397 -44.42 -39.91 -22.09
N ARG B 398 -44.20 -40.64 -20.99
CA ARG B 398 -43.22 -41.73 -20.98
C ARG B 398 -43.97 -43.06 -21.04
N GLU B 399 -43.50 -43.99 -21.89
CA GLU B 399 -43.93 -45.38 -21.82
C GLU B 399 -42.92 -46.24 -21.02
N MET C 1 52.64 40.73 6.72
CA MET C 1 52.17 39.72 7.70
C MET C 1 51.44 38.62 6.93
N GLU C 2 51.78 37.34 7.22
CA GLU C 2 51.15 36.24 6.53
C GLU C 2 49.66 36.18 6.91
N LYS C 3 49.31 36.36 8.18
CA LYS C 3 47.94 36.08 8.63
C LYS C 3 47.40 37.22 9.49
N VAL C 4 46.08 37.45 9.43
CA VAL C 4 45.40 38.39 10.33
C VAL C 4 44.64 37.55 11.35
N ARG C 5 44.91 37.76 12.63
CA ARG C 5 44.22 37.06 13.70
C ARG C 5 42.88 37.76 13.93
N TYR C 6 41.79 37.01 14.02
CA TYR C 6 40.48 37.61 14.11
C TYR C 6 39.90 37.33 15.48
N GLY C 7 39.28 38.34 16.08
CA GLY C 7 38.58 38.10 17.32
C GLY C 7 37.08 38.13 17.05
N ILE C 8 36.37 37.09 17.48
CA ILE C 8 34.94 37.03 17.23
C ILE C 8 34.21 37.55 18.46
N ILE C 9 33.39 38.57 18.29
CA ILE C 9 32.59 39.05 19.40
C ILE C 9 31.21 38.47 19.18
N GLY C 10 30.74 37.65 20.11
CA GLY C 10 29.49 36.96 19.93
C GLY C 10 29.74 35.62 19.27
N VAL C 11 30.07 34.58 20.06
CA VAL C 11 30.18 33.25 19.48
C VAL C 11 28.79 32.61 19.49
N GLY C 12 27.88 33.22 18.74
CA GLY C 12 26.53 32.73 18.55
C GLY C 12 26.48 31.90 17.27
N ASN C 13 25.32 31.82 16.62
CA ASN C 13 25.27 31.01 15.42
C ASN C 13 26.26 31.49 14.38
N GLN C 14 26.27 32.79 14.07
CA GLN C 14 27.19 33.28 13.05
C GLN C 14 28.62 33.20 13.55
N GLY C 15 28.84 33.59 14.83
CA GLY C 15 30.18 33.61 15.39
C GLY C 15 30.78 32.22 15.42
N GLY C 16 29.97 31.23 15.80
CA GLY C 16 30.40 29.86 15.86
C GLY C 16 30.82 29.38 14.48
N ALA C 17 30.03 29.75 13.47
CA ALA C 17 30.31 29.32 12.12
C ALA C 17 31.68 29.85 11.69
N TYR C 18 31.89 31.15 12.00
CA TYR C 18 33.12 31.80 11.60
C TYR C 18 34.29 31.11 12.29
N ALA C 19 34.08 30.80 13.57
CA ALA C 19 35.12 30.21 14.37
C ALA C 19 35.52 28.89 13.75
N GLY C 20 34.52 28.10 13.35
CA GLY C 20 34.78 26.83 12.71
C GLY C 20 35.56 27.03 11.42
N PHE C 21 35.16 28.02 10.62
CA PHE C 21 35.78 28.20 9.33
C PHE C 21 37.27 28.50 9.52
N LEU C 22 37.56 29.42 10.47
CA LEU C 22 38.93 29.82 10.71
C LEU C 22 39.76 28.67 11.30
N THR C 23 39.16 27.90 12.21
CA THR C 23 39.86 26.79 12.83
C THR C 23 39.95 25.60 11.88
N GLY C 24 38.95 25.44 11.01
CA GLY C 24 38.76 24.20 10.29
C GLY C 24 38.17 23.12 11.19
N THR C 25 37.82 23.45 12.43
CA THR C 25 37.33 22.51 13.42
C THR C 25 36.01 21.91 12.95
N GLY C 26 35.17 22.77 12.37
CA GLY C 26 33.94 22.31 11.73
C GLY C 26 34.17 21.31 10.59
N ASN C 27 35.21 21.55 9.77
CA ASN C 27 35.33 20.81 8.53
C ASN C 27 35.65 19.35 8.82
N VAL C 28 34.90 18.45 8.19
CA VAL C 28 35.07 17.01 8.23
C VAL C 28 34.25 16.56 7.03
N PRO C 29 34.50 15.39 6.43
CA PRO C 29 33.59 14.90 5.39
C PRO C 29 32.24 14.78 6.06
N GLY C 30 31.17 15.10 5.34
CA GLY C 30 29.82 14.98 5.86
C GLY C 30 29.30 16.27 6.48
N MET C 31 30.14 17.31 6.58
CA MET C 31 29.74 18.65 6.99
C MET C 31 30.60 19.61 6.15
N PRO C 32 30.37 19.70 4.81
CA PRO C 32 31.32 20.35 3.91
C PRO C 32 31.34 21.84 4.25
N ALA C 33 32.52 22.44 4.22
CA ALA C 33 32.73 23.81 4.68
C ALA C 33 33.92 24.38 3.92
N ALA C 34 34.00 25.71 3.82
CA ALA C 34 35.13 26.36 3.18
C ALA C 34 36.38 26.15 4.03
N PRO C 35 37.55 25.88 3.42
CA PRO C 35 38.81 25.76 4.17
C PRO C 35 39.23 27.11 4.73
N CYS C 36 40.11 27.12 5.73
CA CYS C 36 40.53 28.40 6.31
C CYS C 36 41.21 29.23 5.23
N PRO C 37 40.84 30.51 5.07
CA PRO C 37 41.48 31.35 4.07
C PRO C 37 42.96 31.49 4.42
N PRO C 38 43.85 31.64 3.41
CA PRO C 38 45.30 31.69 3.64
C PRO C 38 45.80 32.76 4.61
N HIS C 39 45.21 33.95 4.54
CA HIS C 39 45.67 35.10 5.31
C HIS C 39 44.86 35.29 6.59
N CYS C 40 44.02 34.30 6.95
CA CYS C 40 43.10 34.46 8.07
C CYS C 40 43.38 33.41 9.14
N ALA C 41 43.24 33.81 10.42
CA ALA C 41 43.28 32.89 11.55
C ALA C 41 42.38 33.40 12.67
N LEU C 42 42.04 32.50 13.61
CA LEU C 42 41.22 32.87 14.76
C LEU C 42 42.13 33.25 15.92
N GLY C 43 42.19 34.54 16.26
CA GLY C 43 42.98 35.02 17.38
C GLY C 43 42.32 34.78 18.74
N ALA C 44 41.00 35.05 18.84
CA ALA C 44 40.33 34.98 20.14
C ALA C 44 38.81 34.93 19.99
N LEU C 45 38.15 34.55 21.09
CA LEU C 45 36.70 34.44 21.15
C LEU C 45 36.19 35.28 22.31
N CYS C 46 35.08 36.01 22.10
CA CYS C 46 34.47 36.80 23.16
C CYS C 46 32.97 36.55 23.20
N ASP C 47 32.42 36.24 24.38
CA ASP C 47 30.97 36.22 24.57
C ASP C 47 30.67 36.60 26.03
N ILE C 48 29.55 37.33 26.21
CA ILE C 48 29.13 37.72 27.55
C ILE C 48 28.39 36.59 28.24
N ASP C 49 27.90 35.57 27.49
CA ASP C 49 27.18 34.48 28.09
C ASP C 49 28.15 33.43 28.63
N PRO C 50 27.99 33.03 29.91
CA PRO C 50 28.86 32.01 30.52
C PRO C 50 28.80 30.66 29.80
N GLN C 51 27.60 30.28 29.33
CA GLN C 51 27.43 29.01 28.65
C GLN C 51 28.29 28.98 27.39
N LYS C 52 28.32 30.11 26.67
CA LYS C 52 29.12 30.24 25.47
C LYS C 52 30.60 30.10 25.80
N GLU C 53 31.01 30.67 26.94
CA GLU C 53 32.38 30.54 27.42
C GLU C 53 32.74 29.08 27.62
N GLU C 54 31.81 28.35 28.26
CA GLU C 54 32.01 26.94 28.53
C GLU C 54 32.15 26.18 27.21
N MET C 55 31.28 26.48 26.25
CA MET C 55 31.35 25.85 24.94
C MET C 55 32.71 26.18 24.32
N CYS C 56 33.14 27.44 24.47
CA CYS C 56 34.39 27.87 23.88
C CYS C 56 35.58 27.16 24.52
N LYS C 57 35.53 26.93 25.84
CA LYS C 57 36.56 26.15 26.52
C LYS C 57 36.58 24.72 25.99
N GLU C 58 35.42 24.18 25.66
CA GLU C 58 35.32 22.79 25.21
C GLU C 58 35.81 22.67 23.77
N LYS C 59 35.22 23.45 22.86
CA LYS C 59 35.45 23.31 21.43
C LYS C 59 36.79 23.94 21.00
N TYR C 60 37.21 25.01 21.70
CA TYR C 60 38.36 25.78 21.27
C TYR C 60 39.27 26.02 22.47
N PRO C 61 39.84 24.93 23.04
CA PRO C 61 40.48 25.00 24.35
C PRO C 61 41.73 25.85 24.37
N ASP C 62 42.40 25.98 23.20
CA ASP C 62 43.68 26.65 23.14
C ASP C 62 43.49 28.06 22.56
N VAL C 63 42.23 28.51 22.50
CA VAL C 63 41.96 29.81 21.91
C VAL C 63 41.58 30.78 23.03
N PRO C 64 42.33 31.89 23.17
CA PRO C 64 42.07 32.88 24.22
C PRO C 64 40.61 33.31 24.22
N PHE C 65 40.00 33.36 25.41
CA PHE C 65 38.60 33.74 25.55
C PHE C 65 38.48 35.00 26.41
N TYR C 66 37.56 35.92 26.06
CA TYR C 66 37.35 37.13 26.84
C TYR C 66 35.87 37.43 27.01
N LYS C 67 35.45 37.77 28.21
CA LYS C 67 34.06 38.11 28.49
C LYS C 67 33.77 39.50 27.91
N ASP C 68 34.73 40.42 28.12
CA ASP C 68 34.65 41.79 27.67
C ASP C 68 35.44 41.94 26.37
N TRP C 69 34.76 42.38 25.31
CA TRP C 69 35.37 42.55 24.01
C TRP C 69 36.41 43.69 24.03
N LYS C 70 36.32 44.60 25.01
CA LYS C 70 37.31 45.67 25.13
C LYS C 70 38.64 45.11 25.59
N ASP C 71 38.58 44.08 26.45
CA ASP C 71 39.76 43.38 26.92
C ASP C 71 40.42 42.64 25.77
N MET C 72 39.61 42.03 24.90
CA MET C 72 40.16 41.29 23.78
C MET C 72 40.91 42.24 22.85
N VAL C 73 40.31 43.41 22.60
CA VAL C 73 40.90 44.41 21.72
C VAL C 73 42.27 44.81 22.24
N ALA C 74 42.35 45.07 23.55
CA ALA C 74 43.56 45.56 24.18
C ALA C 74 44.61 44.46 24.34
N SER C 75 44.19 43.17 24.30
CA SER C 75 45.09 42.06 24.57
C SER C 75 46.23 41.97 23.56
N GLY C 76 46.01 42.41 22.32
CA GLY C 76 46.98 42.19 21.26
C GLY C 76 47.07 40.71 20.86
N ASP C 77 46.04 39.95 21.21
CA ASP C 77 45.88 38.59 20.68
C ASP C 77 45.23 38.63 19.29
N VAL C 78 44.63 39.77 18.94
CA VAL C 78 43.88 39.89 17.69
C VAL C 78 44.32 41.15 16.96
N ASP C 79 44.20 41.06 15.61
CA ASP C 79 44.54 42.16 14.71
C ASP C 79 43.28 42.79 14.13
N ALA C 80 42.12 42.17 14.38
CA ALA C 80 40.85 42.65 13.89
C ALA C 80 39.73 41.91 14.61
N VAL C 81 38.53 42.50 14.62
CA VAL C 81 37.39 41.87 15.25
C VAL C 81 36.19 41.87 14.30
N ILE C 82 35.26 40.92 14.54
CA ILE C 82 34.05 40.77 13.76
C ILE C 82 32.86 40.87 14.72
N THR C 83 31.84 41.67 14.39
CA THR C 83 30.81 42.01 15.37
C THR C 83 29.59 41.10 15.22
N THR C 84 29.77 39.80 15.50
CA THR C 84 28.68 38.84 15.42
C THR C 84 27.86 38.89 16.71
N VAL C 85 27.30 40.08 16.97
CA VAL C 85 26.44 40.33 18.13
C VAL C 85 25.18 41.05 17.64
N PRO C 86 24.10 41.13 18.45
CA PRO C 86 22.88 41.85 18.05
C PRO C 86 23.22 43.22 17.49
N HIS C 87 22.36 43.73 16.61
CA HIS C 87 22.71 44.80 15.70
C HIS C 87 22.92 46.09 16.47
N TYR C 88 22.19 46.25 17.59
CA TYR C 88 22.27 47.50 18.33
C TYR C 88 23.71 47.75 18.83
N LEU C 89 24.51 46.69 19.01
CA LEU C 89 25.88 46.84 19.50
C LEU C 89 26.87 47.19 18.38
N HIS C 90 26.46 47.07 17.11
CA HIS C 90 27.43 47.10 16.02
C HIS C 90 28.20 48.42 16.05
N THR C 91 27.48 49.55 16.02
CA THR C 91 28.14 50.84 15.88
C THR C 91 28.95 51.17 17.14
N GLU C 92 28.46 50.71 18.30
CA GLU C 92 29.11 50.99 19.56
C GLU C 92 30.53 50.40 19.55
N ILE C 93 30.62 49.15 19.09
CA ILE C 93 31.87 48.42 19.05
C ILE C 93 32.79 49.02 18.00
N ALA C 94 32.18 49.33 16.85
CA ALA C 94 32.95 49.83 15.73
C ALA C 94 33.65 51.13 16.13
N ILE C 95 32.87 52.06 16.69
CA ILE C 95 33.38 53.37 17.04
C ILE C 95 34.55 53.20 18.03
N TYR C 96 34.34 52.34 19.03
CA TYR C 96 35.36 52.12 20.03
C TYR C 96 36.63 51.62 19.36
N CYS C 97 36.49 50.65 18.43
CA CYS C 97 37.65 50.01 17.80
C CYS C 97 38.41 51.01 16.92
N LEU C 98 37.66 51.82 16.16
CA LEU C 98 38.28 52.81 15.30
C LEU C 98 39.08 53.81 16.12
N GLU C 99 38.54 54.18 17.29
CA GLU C 99 39.18 55.16 18.16
C GLU C 99 40.41 54.55 18.84
N HIS C 100 40.47 53.20 18.91
CA HIS C 100 41.57 52.51 19.58
C HIS C 100 42.44 51.75 18.59
N GLY C 101 42.49 52.21 17.33
CA GLY C 101 43.37 51.66 16.31
C GLY C 101 43.16 50.17 16.03
N MET C 102 41.91 49.68 16.19
CA MET C 102 41.61 48.26 15.99
C MET C 102 40.75 48.08 14.74
N ASN C 103 41.26 47.27 13.79
CA ASN C 103 40.52 46.96 12.58
C ASN C 103 39.20 46.27 12.90
N VAL C 104 38.11 46.71 12.27
CA VAL C 104 36.80 46.17 12.62
C VAL C 104 36.01 45.82 11.36
N LEU C 105 35.55 44.57 11.32
CA LEU C 105 34.64 44.08 10.31
C LEU C 105 33.24 43.98 10.91
N VAL C 106 32.37 44.92 10.54
CA VAL C 106 31.05 45.04 11.12
C VAL C 106 30.08 44.13 10.40
N GLU C 107 29.23 43.43 11.15
CA GLU C 107 28.24 42.54 10.55
C GLU C 107 27.09 43.35 9.95
N LYS C 108 26.34 42.67 9.10
CA LYS C 108 25.10 43.22 8.55
C LYS C 108 24.02 43.04 9.60
N PRO C 109 23.02 43.95 9.67
CA PRO C 109 23.09 45.25 9.00
C PRO C 109 24.08 46.10 9.78
N ALA C 110 24.61 47.14 9.15
CA ALA C 110 25.62 47.96 9.80
C ALA C 110 25.14 48.44 11.16
N GLY C 111 23.84 48.78 11.24
CA GLY C 111 23.23 49.15 12.50
C GLY C 111 21.71 49.21 12.37
N VAL C 112 21.03 49.67 13.42
CA VAL C 112 19.59 49.67 13.44
C VAL C 112 19.07 50.99 12.92
N TYR C 113 19.58 52.11 13.47
CA TYR C 113 19.12 53.43 13.09
C TYR C 113 20.29 54.21 12.50
N ALA C 114 19.95 54.97 11.44
CA ALA C 114 20.92 55.61 10.56
C ALA C 114 21.83 56.55 11.33
N LYS C 115 21.29 57.24 12.36
CA LYS C 115 22.09 58.20 13.10
C LYS C 115 23.37 57.53 13.60
N SER C 116 23.22 56.37 14.26
CA SER C 116 24.36 55.71 14.88
C SER C 116 25.35 55.24 13.82
N VAL C 117 24.82 54.86 12.65
CA VAL C 117 25.66 54.36 11.57
C VAL C 117 26.43 55.52 10.96
N ARG C 118 25.77 56.68 10.86
CA ARG C 118 26.42 57.87 10.32
C ARG C 118 27.59 58.22 11.23
N GLU C 119 27.36 58.18 12.55
CA GLU C 119 28.40 58.51 13.52
C GLU C 119 29.58 57.55 13.32
N MET C 120 29.27 56.26 13.13
CA MET C 120 30.30 55.27 12.93
C MET C 120 31.12 55.61 11.68
N ASN C 121 30.44 56.03 10.61
CA ASN C 121 31.13 56.32 9.36
C ASN C 121 32.04 57.53 9.55
N GLU C 122 31.57 58.54 10.29
CA GLU C 122 32.32 59.77 10.48
C GLU C 122 33.56 59.49 11.32
N CYS C 123 33.37 58.63 12.33
CA CYS C 123 34.47 58.14 13.15
C CYS C 123 35.52 57.46 12.26
N ALA C 124 35.09 56.56 11.37
CA ALA C 124 36.02 55.84 10.52
C ALA C 124 36.77 56.81 9.61
N ALA C 125 36.04 57.78 9.07
CA ALA C 125 36.62 58.76 8.15
C ALA C 125 37.70 59.57 8.88
N ALA C 126 37.57 59.67 10.21
CA ALA C 126 38.51 60.39 11.07
C ALA C 126 39.65 59.50 11.54
N HIS C 127 39.59 58.18 11.31
CA HIS C 127 40.69 57.29 11.62
C HIS C 127 40.92 56.41 10.39
N PRO C 128 41.29 57.01 9.24
CA PRO C 128 41.33 56.28 7.97
C PRO C 128 42.38 55.16 7.90
N GLU C 129 43.42 55.26 8.74
CA GLU C 129 44.47 54.26 8.80
C GLU C 129 43.90 52.92 9.32
N VAL C 130 42.76 52.96 10.01
CA VAL C 130 42.15 51.74 10.52
C VAL C 130 41.26 51.15 9.43
N THR C 131 41.42 49.84 9.17
CA THR C 131 40.57 49.15 8.21
C THR C 131 39.15 48.99 8.78
N PHE C 132 38.18 49.41 7.97
CA PHE C 132 36.78 49.48 8.35
C PHE C 132 35.94 48.85 7.24
N GLY C 133 35.28 47.73 7.56
CA GLY C 133 34.60 46.96 6.55
C GLY C 133 33.25 46.45 7.05
N ILE C 134 32.42 46.02 6.10
CA ILE C 134 31.17 45.40 6.47
C ILE C 134 31.08 44.05 5.79
N MET C 135 30.33 43.14 6.42
CA MET C 135 30.16 41.76 5.94
C MET C 135 28.98 41.73 4.98
N PHE C 136 29.16 42.38 3.83
CA PHE C 136 28.23 42.25 2.72
C PHE C 136 28.78 41.13 1.86
N ASN C 137 28.58 39.90 2.33
CA ASN C 137 29.26 38.72 1.82
C ASN C 137 28.73 38.39 0.43
N GLN C 138 27.53 38.86 0.12
CA GLN C 138 26.98 38.62 -1.20
C GLN C 138 27.72 39.39 -2.27
N ARG C 139 28.53 40.37 -1.92
CA ARG C 139 29.27 41.09 -2.95
C ARG C 139 30.44 40.24 -3.44
N THR C 140 30.69 39.09 -2.80
CA THR C 140 31.74 38.18 -3.26
C THR C 140 31.20 37.20 -4.30
N ASN C 141 29.88 37.28 -4.56
CA ASN C 141 29.20 36.38 -5.45
C ASN C 141 29.35 36.90 -6.87
N LYS C 142 29.99 36.07 -7.72
CA LYS C 142 30.32 36.50 -9.06
C LYS C 142 29.04 36.91 -9.80
N LEU C 143 27.90 36.37 -9.37
CA LEU C 143 26.64 36.69 -10.00
C LEU C 143 26.33 38.18 -9.86
N TYR C 144 26.38 38.71 -8.65
CA TYR C 144 26.02 40.08 -8.41
C TYR C 144 27.12 41.00 -8.95
N GLN C 145 28.37 40.50 -8.97
CA GLN C 145 29.44 41.28 -9.55
C GLN C 145 29.20 41.48 -11.06
N LYS C 146 28.79 40.40 -11.72
CA LYS C 146 28.51 40.41 -13.14
C LYS C 146 27.42 41.44 -13.43
N ILE C 147 26.33 41.40 -12.68
CA ILE C 147 25.20 42.26 -12.95
C ILE C 147 25.57 43.71 -12.66
N ARG C 148 26.27 43.95 -11.56
CA ARG C 148 26.72 45.29 -11.26
C ARG C 148 27.60 45.84 -12.39
N GLU C 149 28.59 45.04 -12.83
CA GLU C 149 29.52 45.48 -13.86
C GLU C 149 28.78 45.94 -15.11
N ILE C 150 27.80 45.16 -15.54
CA ILE C 150 27.10 45.41 -16.79
C ILE C 150 26.29 46.68 -16.65
N VAL C 151 25.55 46.80 -15.55
CA VAL C 151 24.74 47.98 -15.33
C VAL C 151 25.64 49.21 -15.27
N ALA C 152 26.67 49.17 -14.41
CA ALA C 152 27.55 50.31 -14.20
C ALA C 152 28.30 50.70 -15.48
N SER C 153 28.58 49.73 -16.36
CA SER C 153 29.37 50.02 -17.55
C SER C 153 28.62 51.02 -18.44
N GLY C 154 27.30 51.08 -18.30
CA GLY C 154 26.47 51.85 -19.20
C GLY C 154 26.28 51.15 -20.55
N GLU C 155 26.75 49.91 -20.65
CA GLU C 155 26.57 49.15 -21.88
C GLU C 155 25.09 49.03 -22.25
N LEU C 156 24.21 48.89 -21.26
CA LEU C 156 22.79 48.69 -21.54
C LEU C 156 22.05 49.99 -21.32
N GLY C 157 22.78 51.09 -21.24
CA GLY C 157 22.18 52.40 -21.04
C GLY C 157 21.68 52.54 -19.60
N GLU C 158 20.72 53.47 -19.43
CA GLU C 158 20.24 53.81 -18.11
C GLU C 158 19.16 52.84 -17.67
N ILE C 159 19.05 52.67 -16.35
CA ILE C 159 17.98 51.88 -15.77
C ILE C 159 16.65 52.63 -15.91
N ARG C 160 15.58 51.90 -16.22
CA ARG C 160 14.24 52.46 -16.20
C ARG C 160 13.39 51.83 -15.10
N ARG C 161 13.66 50.57 -14.73
CA ARG C 161 12.84 49.91 -13.72
C ARG C 161 13.63 48.79 -13.06
N SER C 162 13.38 48.55 -11.78
CA SER C 162 13.84 47.34 -11.12
C SER C 162 12.67 46.77 -10.33
N ASN C 163 12.64 45.43 -10.23
CA ASN C 163 11.61 44.77 -9.47
C ASN C 163 12.24 43.53 -8.87
N TRP C 164 12.15 43.38 -7.55
CA TRP C 164 12.66 42.20 -6.90
C TRP C 164 11.60 41.64 -5.98
N ILE C 165 11.10 40.43 -6.31
CA ILE C 165 10.23 39.66 -5.45
C ILE C 165 11.10 38.59 -4.80
N ILE C 166 11.17 38.58 -3.47
CA ILE C 166 12.02 37.61 -2.80
C ILE C 166 11.31 37.14 -1.53
N ASN C 167 10.58 36.03 -1.71
CA ASN C 167 9.64 35.50 -0.74
C ASN C 167 10.05 34.11 -0.26
N ASN C 168 11.24 33.64 -0.65
CA ASN C 168 11.58 32.24 -0.48
C ASN C 168 12.23 31.94 0.87
N TRP C 169 12.29 32.90 1.79
CA TRP C 169 12.81 32.57 3.11
C TRP C 169 11.66 32.40 4.10
N TYR C 170 11.02 31.23 4.02
CA TYR C 170 9.92 30.88 4.91
C TYR C 170 10.43 30.69 6.33
N ARG C 171 9.78 31.35 7.28
CA ARG C 171 10.15 31.26 8.68
C ARG C 171 8.90 31.21 9.52
N PRO C 172 8.58 30.03 10.12
CA PRO C 172 7.40 29.89 10.97
C PRO C 172 7.59 30.43 12.38
N ASP C 173 6.48 30.51 13.11
CA ASP C 173 6.46 31.00 14.47
C ASP C 173 7.54 30.31 15.32
N SER C 174 7.75 29.01 15.10
CA SER C 174 8.77 28.26 15.81
C SER C 174 10.16 28.88 15.70
N TYR C 175 10.52 29.33 14.49
CA TYR C 175 11.81 29.99 14.28
C TYR C 175 11.86 31.30 15.05
N TYR C 176 10.74 32.04 15.02
CA TYR C 176 10.71 33.35 15.65
C TYR C 176 10.94 33.20 17.16
N ARG C 177 10.43 32.11 17.74
CA ARG C 177 10.53 31.91 19.18
C ARG C 177 11.96 31.55 19.62
N LEU C 178 12.84 31.19 18.66
CA LEU C 178 14.18 30.74 19.00
C LEU C 178 15.03 31.82 19.69
N SER C 179 14.96 33.08 19.26
CA SER C 179 15.82 34.13 19.80
C SER C 179 15.01 35.25 20.45
N ASP C 180 15.38 35.65 21.66
CA ASP C 180 14.73 36.76 22.35
C ASP C 180 14.96 38.10 21.62
N TRP C 181 16.21 38.36 21.22
CA TRP C 181 16.56 39.62 20.58
C TRP C 181 15.93 39.76 19.18
N ARG C 182 15.86 38.68 18.42
CA ARG C 182 15.34 38.75 17.05
C ARG C 182 13.84 39.05 17.03
N ALA C 183 13.36 39.81 16.03
CA ALA C 183 11.95 40.13 15.81
C ALA C 183 11.35 40.94 16.95
N THR C 184 12.17 41.75 17.62
CA THR C 184 11.68 42.63 18.67
C THR C 184 12.14 44.04 18.33
N TRP C 185 11.27 45.05 18.46
CA TRP C 185 11.71 46.39 18.11
C TRP C 185 12.90 46.76 18.98
N GLY C 186 12.78 46.46 20.29
CA GLY C 186 13.88 46.71 21.21
C GLY C 186 15.12 45.84 20.95
N GLY C 187 14.91 44.55 20.67
CA GLY C 187 16.02 43.65 20.33
C GLY C 187 16.66 43.84 18.95
N GLU C 188 15.85 44.01 17.90
CA GLU C 188 16.37 44.03 16.53
C GLU C 188 16.12 45.36 15.80
N GLY C 189 15.10 46.11 16.24
CA GLY C 189 14.72 47.32 15.55
C GLY C 189 13.83 47.06 14.33
N GLY C 190 13.44 45.80 14.13
CA GLY C 190 12.56 45.43 13.04
C GLY C 190 12.48 43.91 12.93
N GLY C 191 11.85 43.39 11.86
CA GLY C 191 11.86 41.96 11.62
C GLY C 191 12.56 41.58 10.31
N VAL C 192 11.80 41.49 9.22
CA VAL C 192 12.34 41.03 7.94
C VAL C 192 13.40 42.01 7.44
N LEU C 193 13.14 43.31 7.60
CA LEU C 193 14.03 44.34 7.07
C LEU C 193 15.41 44.30 7.74
N VAL C 194 15.44 44.06 9.05
CA VAL C 194 16.69 43.98 9.80
C VAL C 194 17.37 42.61 9.69
N ASN C 195 16.64 41.53 9.30
CA ASN C 195 17.28 40.21 9.28
C ASN C 195 17.53 39.67 7.87
N GLN C 196 16.50 39.11 7.23
CA GLN C 196 16.59 38.56 5.88
C GLN C 196 16.92 39.61 4.80
N ALA C 197 16.29 40.80 4.89
CA ALA C 197 16.33 41.83 3.85
C ALA C 197 17.69 42.52 3.62
N PRO C 198 18.56 42.81 4.62
CA PRO C 198 19.72 43.70 4.43
C PRO C 198 20.71 43.38 3.34
N HIS C 199 21.12 42.11 3.19
CA HIS C 199 22.06 41.82 2.10
C HIS C 199 21.41 42.23 0.78
N GLN C 200 20.14 41.87 0.60
CA GLN C 200 19.40 42.17 -0.62
C GLN C 200 19.22 43.68 -0.79
N LEU C 201 18.91 44.38 0.30
CA LEU C 201 18.69 45.82 0.23
C LEU C 201 19.97 46.53 -0.24
N ASP C 202 21.11 46.10 0.30
CA ASP C 202 22.39 46.63 -0.16
C ASP C 202 22.60 46.28 -1.63
N LEU C 203 22.32 45.03 -2.03
CA LEU C 203 22.56 44.59 -3.38
C LEU C 203 21.74 45.44 -4.35
N TRP C 204 20.48 45.66 -3.99
CA TRP C 204 19.58 46.42 -4.85
C TRP C 204 20.15 47.81 -5.08
N GLN C 205 20.57 48.45 -3.97
CA GLN C 205 21.18 49.77 -4.06
C GLN C 205 22.51 49.71 -4.82
N TRP C 206 23.32 48.70 -4.53
CA TRP C 206 24.64 48.59 -5.14
C TRP C 206 24.54 48.50 -6.67
N ILE C 207 23.66 47.62 -7.16
CA ILE C 207 23.43 47.49 -8.60
C ILE C 207 22.61 48.66 -9.17
N CYS C 208 21.53 49.09 -8.49
CA CYS C 208 20.58 50.04 -9.10
C CYS C 208 20.64 51.47 -8.54
N GLY C 209 21.60 51.80 -7.67
CA GLY C 209 21.68 53.12 -7.07
C GLY C 209 20.77 53.23 -5.84
N ILE C 210 20.75 54.42 -5.20
CA ILE C 210 19.98 54.64 -3.99
C ILE C 210 18.68 55.39 -4.30
N PRO C 211 17.52 54.91 -3.83
CA PRO C 211 16.24 55.54 -4.16
C PRO C 211 16.11 56.96 -3.61
N THR C 212 15.62 57.89 -4.44
CA THR C 212 15.31 59.23 -3.97
C THR C 212 14.13 59.21 -3.01
N THR C 213 13.09 58.40 -3.32
CA THR C 213 11.88 58.39 -2.51
C THR C 213 11.48 56.93 -2.24
N VAL C 214 10.87 56.66 -1.08
CA VAL C 214 10.43 55.32 -0.72
C VAL C 214 8.96 55.34 -0.30
N TYR C 215 8.12 54.47 -0.86
CA TYR C 215 6.76 54.27 -0.36
C TYR C 215 6.64 52.79 -0.02
N ALA C 216 6.15 52.44 1.17
CA ALA C 216 6.13 51.04 1.58
C ALA C 216 4.83 50.66 2.28
N ASN C 217 4.41 49.38 2.13
CA ASN C 217 3.32 48.81 2.90
C ASN C 217 3.89 47.69 3.76
N CYS C 218 4.00 47.93 5.06
CA CYS C 218 4.66 46.98 5.95
C CYS C 218 3.63 46.41 6.91
N ILE C 219 3.45 45.09 6.90
CA ILE C 219 2.48 44.47 7.79
C ILE C 219 3.22 43.83 8.96
N ASN C 220 2.86 44.23 10.19
CA ASN C 220 3.43 43.62 11.38
C ASN C 220 2.67 42.33 11.71
N GLY C 221 3.42 41.30 12.09
CA GLY C 221 2.82 40.04 12.50
C GLY C 221 1.90 39.47 11.43
N SER C 222 2.40 39.41 10.19
CA SER C 222 1.65 38.83 9.10
C SER C 222 1.69 37.32 9.23
N HIS C 223 0.55 36.72 9.58
CA HIS C 223 0.45 35.29 9.80
C HIS C 223 1.45 34.82 10.85
N ARG C 224 1.90 35.73 11.71
CA ARG C 224 2.91 35.41 12.70
C ARG C 224 2.64 36.20 13.98
N ASP C 225 3.07 35.61 15.10
CA ASP C 225 2.86 36.16 16.42
C ASP C 225 4.10 36.97 16.81
N ILE C 226 4.32 38.07 16.10
CA ILE C 226 5.41 39.00 16.37
C ILE C 226 4.88 40.41 16.18
N ALA C 227 5.61 41.41 16.67
CA ALA C 227 5.16 42.79 16.61
C ALA C 227 5.81 43.54 15.46
N VAL C 228 6.73 42.89 14.75
CA VAL C 228 7.54 43.58 13.76
C VAL C 228 7.08 43.18 12.36
N GLU C 229 7.62 43.83 11.34
CA GLU C 229 7.14 43.63 9.99
C GLU C 229 7.71 42.34 9.42
N ASN C 230 6.88 41.58 8.70
CA ASN C 230 7.37 40.42 7.97
C ASN C 230 6.62 40.22 6.65
N ASP C 231 5.95 41.27 6.15
CA ASP C 231 5.43 41.30 4.78
C ASP C 231 5.54 42.74 4.31
N VAL C 232 6.41 42.97 3.33
CA VAL C 232 6.80 44.32 2.93
C VAL C 232 6.68 44.46 1.42
N THR C 233 6.04 45.53 0.97
CA THR C 233 5.99 45.88 -0.44
C THR C 233 6.46 47.31 -0.56
N VAL C 234 7.45 47.57 -1.43
CA VAL C 234 8.08 48.88 -1.49
C VAL C 234 8.01 49.40 -2.91
N LEU C 235 7.73 50.71 -3.10
CA LEU C 235 7.99 51.41 -4.36
C LEU C 235 9.04 52.47 -4.15
N THR C 236 9.97 52.53 -5.10
CA THR C 236 11.05 53.51 -5.05
C THR C 236 11.04 54.33 -6.34
N GLU C 237 11.64 55.54 -6.22
CA GLU C 237 12.00 56.37 -7.36
C GLU C 237 13.49 56.69 -7.25
N TYR C 238 14.06 57.17 -8.37
CA TYR C 238 15.50 57.31 -8.51
C TYR C 238 15.77 58.66 -9.19
N GLU C 239 16.96 59.22 -8.97
CA GLU C 239 17.28 60.54 -9.51
C GLU C 239 16.93 60.61 -11.00
N ASN C 240 17.20 59.53 -11.74
CA ASN C 240 17.08 59.58 -13.19
C ASN C 240 15.68 59.25 -13.70
N GLY C 241 14.68 59.13 -12.80
CA GLY C 241 13.29 58.95 -13.22
C GLY C 241 12.85 57.48 -13.22
N ALA C 242 13.78 56.56 -12.94
CA ALA C 242 13.45 55.15 -12.88
C ALA C 242 12.56 54.88 -11.67
N THR C 243 11.85 53.73 -11.71
CA THR C 243 11.06 53.26 -10.60
C THR C 243 11.62 51.92 -10.14
N GLY C 244 11.20 51.51 -8.93
CA GLY C 244 11.61 50.21 -8.41
C GLY C 244 10.53 49.64 -7.50
N SER C 245 10.57 48.31 -7.31
CA SER C 245 9.70 47.66 -6.35
C SER C 245 10.47 46.53 -5.70
N PHE C 246 10.12 46.25 -4.44
CA PHE C 246 10.73 45.20 -3.65
C PHE C 246 9.64 44.58 -2.79
N ILE C 247 9.50 43.26 -2.86
CA ILE C 247 8.49 42.55 -2.11
C ILE C 247 9.16 41.41 -1.37
N THR C 248 8.90 41.25 -0.06
CA THR C 248 9.48 40.14 0.68
C THR C 248 8.57 39.80 1.85
N CYS C 249 8.60 38.53 2.28
CA CYS C 249 7.80 38.10 3.43
C CYS C 249 8.32 36.76 3.91
N THR C 250 7.90 36.34 5.10
CA THR C 250 8.40 35.11 5.69
C THR C 250 7.28 34.09 5.85
N HIS C 251 6.14 34.28 5.16
CA HIS C 251 5.01 33.37 5.31
C HIS C 251 4.67 32.63 4.01
N ASP C 252 5.57 32.69 3.02
CA ASP C 252 5.34 32.07 1.72
C ASP C 252 6.06 30.73 1.67
N LEU C 253 5.30 29.65 1.60
CA LEU C 253 5.86 28.30 1.54
C LEU C 253 6.57 28.05 0.22
N LEU C 254 6.33 28.86 -0.81
CA LEU C 254 6.90 28.55 -2.11
C LEU C 254 7.19 29.87 -2.83
N GLY C 255 8.10 30.63 -2.23
CA GLY C 255 8.22 32.04 -2.56
C GLY C 255 9.03 32.23 -3.83
N THR C 256 8.55 33.13 -4.68
CA THR C 256 9.32 33.61 -5.82
C THR C 256 10.60 34.31 -5.34
N ASP C 257 11.68 34.16 -6.10
CA ASP C 257 12.89 34.99 -5.99
C ASP C 257 13.28 35.40 -7.41
N ARG C 258 12.79 36.56 -7.85
CA ARG C 258 12.99 37.00 -9.22
C ARG C 258 13.32 38.49 -9.20
N PHE C 259 14.49 38.84 -9.77
CA PHE C 259 14.97 40.21 -9.78
C PHE C 259 15.11 40.64 -11.23
N GLU C 260 14.36 41.67 -11.60
CA GLU C 260 14.33 42.14 -12.97
C GLU C 260 14.86 43.57 -12.99
N ILE C 261 15.70 43.87 -13.99
CA ILE C 261 16.14 45.22 -14.24
C ILE C 261 15.86 45.50 -15.71
N ASP C 262 15.14 46.59 -15.98
CA ASP C 262 14.79 47.00 -17.32
C ASP C 262 15.55 48.28 -17.64
N LEU C 263 16.21 48.29 -18.80
CA LEU C 263 17.13 49.36 -19.15
C LEU C 263 16.80 49.85 -20.55
N ASP C 264 17.42 50.98 -20.88
CA ASP C 264 17.22 51.65 -22.16
C ASP C 264 17.67 50.67 -23.26
N GLY C 265 18.68 49.84 -22.97
CA GLY C 265 19.33 49.06 -24.01
C GLY C 265 19.29 47.55 -23.76
N GLY C 266 18.58 47.12 -22.72
CA GLY C 266 18.44 45.70 -22.51
C GLY C 266 17.66 45.40 -21.24
N LYS C 267 17.77 44.14 -20.80
CA LYS C 267 16.98 43.66 -19.69
C LYS C 267 17.77 42.59 -18.97
N ILE C 268 17.61 42.52 -17.65
CA ILE C 268 18.28 41.50 -16.89
C ILE C 268 17.25 40.82 -16.01
N VAL C 269 17.27 39.49 -15.98
CA VAL C 269 16.39 38.78 -15.08
C VAL C 269 17.23 37.76 -14.32
N VAL C 270 17.13 37.80 -12.99
CA VAL C 270 17.90 36.90 -12.17
C VAL C 270 16.93 36.01 -11.41
N GLU C 271 17.07 34.69 -11.59
CA GLU C 271 16.15 33.73 -10.99
C GLU C 271 16.83 32.97 -9.87
N ASP C 272 16.18 32.93 -8.70
CA ASP C 272 16.59 32.10 -7.57
C ASP C 272 17.98 32.49 -7.08
N SER C 273 18.44 33.69 -7.43
CA SER C 273 19.71 34.20 -6.95
C SER C 273 20.87 33.33 -7.41
N LYS C 274 20.68 32.55 -8.48
CA LYS C 274 21.73 31.70 -9.03
C LYS C 274 21.96 31.99 -10.51
N LYS C 275 20.91 32.33 -11.24
CA LYS C 275 21.01 32.33 -12.71
C LYS C 275 20.48 33.64 -13.28
N ALA C 276 21.23 34.23 -14.21
CA ALA C 276 20.90 35.53 -14.77
C ALA C 276 20.74 35.42 -16.28
N TYR C 277 19.68 36.01 -16.81
CA TYR C 277 19.50 36.11 -18.24
C TYR C 277 19.72 37.58 -18.60
N ILE C 278 20.67 37.85 -19.48
CA ILE C 278 20.99 39.21 -19.90
C ILE C 278 20.53 39.37 -21.34
N TYR C 279 19.64 40.33 -21.60
CA TYR C 279 19.13 40.55 -22.93
C TYR C 279 19.69 41.89 -23.40
N ARG C 280 20.34 41.89 -24.56
CA ARG C 280 20.82 43.13 -25.15
C ARG C 280 19.97 43.44 -26.37
N PHE C 281 19.33 44.61 -26.36
CA PHE C 281 18.55 45.06 -27.50
C PHE C 281 19.54 45.40 -28.63
N LYS C 282 19.17 45.09 -29.87
CA LYS C 282 20.02 45.43 -31.00
C LYS C 282 20.21 46.93 -31.05
N GLU C 283 19.12 47.66 -30.79
CA GLU C 283 19.14 49.11 -30.70
C GLU C 283 18.45 49.52 -29.41
N THR C 284 18.83 50.67 -28.86
CA THR C 284 18.18 51.18 -27.66
C THR C 284 16.74 51.54 -28.00
N GLU C 285 15.86 51.46 -27.00
CA GLU C 285 14.47 51.79 -27.20
C GLU C 285 14.36 53.23 -27.66
N THR C 286 15.18 54.11 -27.10
CA THR C 286 15.16 55.52 -27.47
C THR C 286 15.35 55.63 -28.98
N ALA C 287 16.32 54.87 -29.51
CA ALA C 287 16.58 54.84 -30.93
C ALA C 287 15.37 54.32 -31.72
N VAL C 288 14.77 53.22 -31.22
CA VAL C 288 13.64 52.61 -31.89
C VAL C 288 12.47 53.61 -31.94
N ASN C 289 12.25 54.30 -30.82
CA ASN C 289 11.15 55.25 -30.70
C ASN C 289 11.35 56.38 -31.69
N ALA C 290 12.61 56.80 -31.87
CA ALA C 290 12.97 57.90 -32.75
C ALA C 290 12.67 57.56 -34.21
N ARG C 291 12.73 56.27 -34.58
CA ARG C 291 12.57 55.83 -35.96
C ARG C 291 11.33 56.35 -36.70
N ASP C 292 10.20 56.66 -36.09
CA ASP C 292 9.04 57.14 -36.86
C ASP C 292 8.68 56.13 -37.96
N MET C 293 8.53 54.88 -37.53
CA MET C 293 8.32 53.73 -38.39
C MET C 293 7.14 53.93 -39.37
N SER C 308 9.69 38.37 -27.59
CA SER C 308 9.58 37.09 -28.32
C SER C 308 9.94 37.23 -29.81
N ASP C 309 10.21 38.44 -30.31
CA ASP C 309 10.89 38.59 -31.60
C ASP C 309 12.41 38.46 -31.37
N ASP C 310 12.97 37.31 -31.75
CA ASP C 310 14.32 36.95 -31.34
C ASP C 310 15.39 37.76 -32.07
N LYS C 311 15.09 38.24 -33.28
CA LYS C 311 16.08 38.96 -34.08
C LYS C 311 16.45 40.29 -33.42
N MET C 312 15.50 40.88 -32.67
CA MET C 312 15.67 42.17 -32.03
C MET C 312 16.65 42.12 -30.84
N PHE C 313 16.77 40.96 -30.17
CA PHE C 313 17.57 40.90 -28.95
C PHE C 313 18.51 39.69 -28.98
N GLU C 314 19.59 39.78 -28.21
CA GLU C 314 20.51 38.67 -28.03
C GLU C 314 20.55 38.33 -26.55
N VAL C 315 20.65 37.06 -26.19
CA VAL C 315 20.57 36.66 -24.78
C VAL C 315 21.90 36.03 -24.35
N GLU C 316 22.42 36.50 -23.21
CA GLU C 316 23.61 35.94 -22.57
C GLU C 316 23.18 35.37 -21.21
N GLU C 317 23.77 34.24 -20.81
CA GLU C 317 23.45 33.59 -19.56
C GLU C 317 24.65 33.62 -18.61
N PHE C 318 24.36 33.81 -17.33
CA PHE C 318 25.37 33.69 -16.28
C PHE C 318 24.79 32.86 -15.16
N GLU C 319 25.55 31.91 -14.62
CA GLU C 319 25.12 31.17 -13.43
C GLU C 319 26.29 31.08 -12.45
N ASN C 320 26.04 31.38 -11.17
CA ASN C 320 27.00 31.09 -10.11
C ASN C 320 26.24 30.72 -8.84
N THR C 321 26.70 29.65 -8.18
CA THR C 321 26.19 29.34 -6.84
C THR C 321 27.41 29.20 -5.93
N ASP C 322 27.35 29.79 -4.75
CA ASP C 322 28.48 29.81 -3.84
C ASP C 322 28.24 28.81 -2.70
N GLY C 323 29.24 27.97 -2.43
CA GLY C 323 29.12 26.93 -1.43
C GLY C 323 29.17 27.46 -0.01
N TRP C 324 28.83 26.61 0.96
CA TRP C 324 28.82 27.00 2.35
C TRP C 324 30.19 27.53 2.74
N GLY C 325 30.19 28.73 3.35
CA GLY C 325 31.41 29.31 3.89
C GLY C 325 32.10 30.23 2.87
N TYR C 326 31.84 30.05 1.57
CA TYR C 326 32.66 30.71 0.57
C TYR C 326 32.60 32.21 0.75
N GLN C 327 31.39 32.76 0.84
CA GLN C 327 31.20 34.20 0.81
C GLN C 327 31.82 34.83 2.05
N HIS C 328 31.54 34.25 3.22
CA HIS C 328 32.01 34.82 4.48
C HIS C 328 33.54 34.75 4.56
N THR C 329 34.11 33.59 4.18
CA THR C 329 35.54 33.42 4.21
C THR C 329 36.18 34.38 3.22
N THR C 330 35.56 34.57 2.06
CA THR C 330 36.14 35.40 1.01
C THR C 330 36.20 36.83 1.52
N VAL C 331 35.18 37.29 2.24
CA VAL C 331 35.20 38.63 2.83
C VAL C 331 36.32 38.67 3.85
N MET C 332 36.37 37.67 4.74
CA MET C 332 37.41 37.62 5.76
C MET C 332 38.79 37.74 5.10
N GLU C 333 38.98 37.03 4.00
CA GLU C 333 40.27 36.98 3.31
C GLU C 333 40.54 38.31 2.65
N ASN C 334 39.52 38.89 2.02
CA ASN C 334 39.60 40.19 1.36
C ASN C 334 40.01 41.24 2.37
N PHE C 335 39.35 41.21 3.53
CA PHE C 335 39.57 42.15 4.61
C PHE C 335 40.99 42.02 5.14
N ALA C 336 41.42 40.78 5.38
CA ALA C 336 42.78 40.53 5.83
C ALA C 336 43.75 41.11 4.81
N GLN C 337 43.46 40.89 3.53
CA GLN C 337 44.37 41.30 2.47
C GLN C 337 44.47 42.82 2.44
N HIS C 338 43.40 43.55 2.74
CA HIS C 338 43.46 45.01 2.76
C HIS C 338 44.45 45.44 3.83
N ILE C 339 44.32 44.85 5.03
CA ILE C 339 45.21 45.16 6.13
C ILE C 339 46.65 44.89 5.72
N ILE C 340 46.90 43.77 5.04
CA ILE C 340 48.25 43.30 4.78
C ILE C 340 48.91 44.06 3.64
N ASP C 341 48.26 44.18 2.48
CA ASP C 341 48.94 44.69 1.30
C ASP C 341 48.10 45.75 0.57
N GLY C 342 47.04 46.26 1.19
CA GLY C 342 46.24 47.32 0.62
C GLY C 342 45.23 46.88 -0.44
N THR C 343 45.10 45.56 -0.70
CA THR C 343 44.05 45.10 -1.60
C THR C 343 42.75 45.84 -1.30
N PRO C 344 42.06 46.42 -2.31
CA PRO C 344 40.78 47.10 -2.07
C PRO C 344 39.72 46.19 -1.48
N LEU C 345 38.83 46.76 -0.65
CA LEU C 345 37.74 46.05 0.00
C LEU C 345 36.57 45.92 -0.95
N LEU C 346 36.00 44.70 -1.05
CA LEU C 346 34.74 44.53 -1.74
C LEU C 346 33.66 45.32 -1.05
N ALA C 347 33.71 45.32 0.30
CA ALA C 347 32.68 45.92 1.13
C ALA C 347 33.29 46.94 2.09
N PRO C 348 33.57 48.17 1.62
CA PRO C 348 34.02 49.27 2.50
C PRO C 348 32.89 49.59 3.46
N GLY C 349 33.20 49.76 4.75
CA GLY C 349 32.20 49.79 5.81
C GLY C 349 31.22 50.96 5.67
N SER C 350 31.71 52.03 5.03
CA SER C 350 30.92 53.24 4.89
C SER C 350 29.64 52.93 4.10
N ASP C 351 29.70 51.93 3.20
CA ASP C 351 28.56 51.56 2.37
C ASP C 351 27.41 51.00 3.20
N GLY C 352 27.67 50.55 4.43
CA GLY C 352 26.66 49.92 5.25
C GLY C 352 25.42 50.79 5.45
N ILE C 353 25.63 52.11 5.38
CA ILE C 353 24.58 53.06 5.71
C ILE C 353 23.51 53.09 4.62
N ASN C 354 23.88 52.73 3.38
CA ASN C 354 22.90 52.80 2.30
C ASN C 354 21.72 51.89 2.66
N GLY C 355 22.05 50.65 3.09
CA GLY C 355 21.04 49.66 3.39
C GLY C 355 20.26 50.03 4.64
N VAL C 356 20.93 50.67 5.60
CA VAL C 356 20.25 51.03 6.82
C VAL C 356 19.26 52.15 6.55
N ARG C 357 19.70 53.18 5.81
CA ARG C 357 18.82 54.28 5.47
C ARG C 357 17.58 53.77 4.75
N LEU C 358 17.77 52.81 3.83
CA LEU C 358 16.66 52.34 3.03
C LEU C 358 15.67 51.61 3.93
N ALA C 359 16.20 50.78 4.83
CA ALA C 359 15.37 50.03 5.76
C ALA C 359 14.58 50.99 6.65
N ASN C 360 15.26 52.04 7.14
CA ASN C 360 14.62 53.04 7.97
C ASN C 360 13.49 53.72 7.18
N ALA C 361 13.77 54.08 5.92
CA ALA C 361 12.82 54.80 5.11
C ALA C 361 11.59 53.92 4.86
N ILE C 362 11.84 52.66 4.57
CA ILE C 362 10.76 51.71 4.34
C ILE C 362 9.89 51.66 5.60
N GLN C 363 10.51 51.50 6.76
CA GLN C 363 9.76 51.36 8.00
C GLN C 363 8.91 52.59 8.27
N LEU C 364 9.50 53.78 8.06
CA LEU C 364 8.86 55.04 8.42
C LEU C 364 7.70 55.30 7.48
N SER C 365 7.90 55.01 6.19
CA SER C 365 6.82 55.08 5.23
C SER C 365 5.69 54.16 5.68
N GLY C 366 6.09 52.94 6.06
CA GLY C 366 5.18 51.92 6.53
C GLY C 366 4.39 52.39 7.75
N TRP C 367 5.07 53.05 8.69
CA TRP C 367 4.41 53.50 9.92
C TRP C 367 3.46 54.66 9.66
N THR C 368 3.81 55.56 8.72
CA THR C 368 3.05 56.78 8.54
C THR C 368 2.05 56.67 7.38
N GLY C 369 2.14 55.61 6.56
CA GLY C 369 1.23 55.44 5.43
C GLY C 369 1.46 56.49 4.34
N GLU C 370 2.68 57.05 4.26
CA GLU C 370 2.97 58.12 3.32
C GLU C 370 4.29 57.85 2.63
N LYS C 371 4.42 58.35 1.40
CA LYS C 371 5.68 58.41 0.70
C LYS C 371 6.65 59.28 1.51
N VAL C 372 7.94 58.92 1.49
CA VAL C 372 8.96 59.69 2.16
C VAL C 372 10.15 59.86 1.23
N ALA C 373 10.88 60.97 1.38
CA ALA C 373 12.16 61.11 0.74
C ALA C 373 13.17 60.23 1.45
N ASN C 374 14.14 59.73 0.68
CA ASN C 374 15.19 58.87 1.21
C ASN C 374 16.51 59.63 1.08
N PRO C 375 17.28 59.81 2.17
CA PRO C 375 16.95 59.24 3.48
C PRO C 375 15.99 60.10 4.29
N VAL C 376 15.37 59.48 5.29
CA VAL C 376 14.42 60.16 6.16
C VAL C 376 15.20 60.86 7.27
N ASP C 377 14.52 61.79 7.97
CA ASP C 377 15.09 62.47 9.12
C ASP C 377 15.42 61.44 10.20
N GLU C 378 16.67 61.45 10.68
CA GLU C 378 17.14 60.47 11.63
C GLU C 378 16.34 60.54 12.93
N ASP C 379 16.07 61.76 13.41
CA ASP C 379 15.39 61.94 14.68
C ASP C 379 13.96 61.45 14.59
N LYS C 380 13.31 61.71 13.45
CA LYS C 380 11.92 61.31 13.28
C LYS C 380 11.81 59.78 13.34
N TYR C 381 12.72 59.10 12.65
CA TYR C 381 12.76 57.65 12.64
C TYR C 381 12.97 57.14 14.07
N LEU C 382 13.95 57.73 14.76
CA LEU C 382 14.34 57.25 16.07
C LEU C 382 13.15 57.36 17.02
N ALA C 383 12.43 58.47 16.94
CA ALA C 383 11.28 58.70 17.78
C ALA C 383 10.24 57.61 17.58
N GLU C 384 9.94 57.31 16.31
CA GLU C 384 8.93 56.32 15.97
C GLU C 384 9.39 54.93 16.41
N LEU C 385 10.68 54.64 16.23
CA LEU C 385 11.24 53.38 16.70
C LEU C 385 11.10 53.30 18.22
N ASN C 386 11.48 54.40 18.91
CA ASN C 386 11.53 54.42 20.36
C ASN C 386 10.11 54.25 20.90
N LYS C 387 9.13 54.85 20.24
CA LYS C 387 7.74 54.73 20.65
C LYS C 387 7.34 53.25 20.67
N ARG C 388 7.69 52.55 19.59
CA ARG C 388 7.39 51.14 19.46
C ARG C 388 8.15 50.33 20.51
N ILE C 389 9.41 50.69 20.79
CA ILE C 389 10.22 50.00 21.78
C ILE C 389 9.54 50.12 23.15
N GLU C 390 9.11 51.35 23.47
CA GLU C 390 8.47 51.64 24.74
C GLU C 390 7.22 50.79 24.91
N ALA C 391 6.39 50.72 23.88
CA ALA C 391 5.15 49.94 23.93
C ALA C 391 5.46 48.45 24.11
N GLU C 392 6.49 47.96 23.43
CA GLU C 392 6.85 46.57 23.49
C GLU C 392 7.24 46.19 24.91
N GLY C 393 8.05 47.07 25.55
CA GLY C 393 8.38 46.95 26.96
C GLY C 393 9.39 45.84 27.24
N LYS C 394 10.02 45.31 26.19
CA LYS C 394 10.94 44.20 26.38
C LYS C 394 12.34 44.75 26.61
N PHE C 395 12.63 45.96 26.12
CA PHE C 395 14.00 46.45 26.08
C PHE C 395 14.03 47.95 26.36
N PRO C 396 15.19 48.48 26.80
CA PRO C 396 15.36 49.93 26.98
C PRO C 396 15.32 50.72 25.67
N VAL C 397 14.77 51.92 25.74
CA VAL C 397 14.74 52.83 24.59
C VAL C 397 16.15 53.27 24.26
N ARG C 398 16.38 53.66 23.01
CA ARG C 398 17.69 54.08 22.55
C ARG C 398 17.88 55.59 22.76
N GLU C 399 19.12 55.97 23.09
CA GLU C 399 19.46 57.35 23.40
C GLU C 399 20.81 57.64 22.80
N GLU D 2 27.51 -15.16 49.37
CA GLU D 2 27.16 -13.73 49.14
C GLU D 2 25.69 -13.55 49.55
N LYS D 3 25.36 -13.88 50.81
CA LYS D 3 23.92 -13.86 51.17
C LYS D 3 23.61 -12.90 52.31
N VAL D 4 22.65 -12.02 52.14
CA VAL D 4 22.27 -11.10 53.21
C VAL D 4 21.46 -11.90 54.23
N ARG D 5 21.81 -11.81 55.52
CA ARG D 5 21.14 -12.59 56.53
C ARG D 5 20.02 -11.70 57.07
N TYR D 6 18.80 -12.24 57.12
CA TYR D 6 17.66 -11.44 57.49
C TYR D 6 17.17 -11.88 58.86
N GLY D 7 16.85 -10.88 59.69
CA GLY D 7 16.27 -11.19 60.97
C GLY D 7 14.79 -10.84 60.90
N ILE D 8 13.94 -11.79 61.29
CA ILE D 8 12.52 -11.61 61.17
C ILE D 8 12.03 -11.17 62.54
N ILE D 9 11.39 -10.01 62.63
CA ILE D 9 10.81 -9.57 63.88
C ILE D 9 9.34 -9.90 63.77
N GLY D 10 8.84 -10.76 64.64
CA GLY D 10 7.46 -11.22 64.53
C GLY D 10 7.39 -12.46 63.66
N VAL D 11 7.63 -13.64 64.24
CA VAL D 11 7.48 -14.86 63.48
C VAL D 11 6.02 -15.31 63.59
N GLY D 12 5.12 -14.47 63.06
CA GLY D 12 3.69 -14.78 63.06
C GLY D 12 3.34 -15.29 61.67
N ASN D 13 2.13 -15.01 61.19
CA ASN D 13 1.77 -15.53 59.89
C ASN D 13 2.75 -15.06 58.81
N GLN D 14 2.99 -13.76 58.71
CA GLN D 14 3.85 -13.29 57.62
C GLN D 14 5.29 -13.71 57.89
N GLY D 15 5.73 -13.58 59.15
CA GLY D 15 7.10 -13.89 59.52
C GLY D 15 7.43 -15.35 59.26
N GLY D 16 6.49 -16.23 59.61
CA GLY D 16 6.66 -17.65 59.42
C GLY D 16 6.83 -17.96 57.94
N ALA D 17 6.01 -17.30 57.12
CA ALA D 17 6.05 -17.53 55.69
C ALA D 17 7.44 -17.15 55.17
N TYR D 18 7.92 -16.00 55.64
CA TYR D 18 9.19 -15.49 55.17
C TYR D 18 10.28 -16.46 55.57
N ALA D 19 10.17 -16.98 56.79
CA ALA D 19 11.17 -17.89 57.32
C ALA D 19 11.23 -19.11 56.41
N GLY D 20 10.06 -19.63 56.06
CA GLY D 20 9.99 -20.76 55.16
C GLY D 20 10.63 -20.44 53.82
N PHE D 21 10.35 -19.26 53.28
CA PHE D 21 10.84 -18.92 51.96
C PHE D 21 12.37 -18.89 51.97
N LEU D 22 12.92 -18.29 53.02
CA LEU D 22 14.38 -18.18 53.16
C LEU D 22 15.00 -19.57 53.40
N THR D 23 14.34 -20.42 54.18
CA THR D 23 14.88 -21.72 54.51
C THR D 23 14.59 -22.75 53.43
N GLY D 24 13.64 -22.49 52.54
CA GLY D 24 13.18 -23.52 51.61
C GLY D 24 12.20 -24.48 52.29
N THR D 25 11.83 -24.20 53.53
CA THR D 25 10.95 -25.02 54.33
C THR D 25 9.55 -25.06 53.73
N GLY D 26 9.08 -23.92 53.25
CA GLY D 26 7.72 -23.82 52.70
C GLY D 26 7.51 -24.68 51.45
N PRO D 35 12.69 -22.57 46.07
CA PRO D 35 13.99 -22.55 46.74
C PRO D 35 14.32 -21.12 47.18
N CYS D 36 15.25 -21.01 48.13
CA CYS D 36 15.65 -19.75 48.70
C CYS D 36 16.16 -18.83 47.59
N PRO D 37 15.87 -17.53 47.63
CA PRO D 37 16.49 -16.55 46.73
C PRO D 37 17.99 -16.59 46.87
N PRO D 38 18.74 -16.40 45.76
CA PRO D 38 20.20 -16.57 45.77
C PRO D 38 20.97 -15.71 46.78
N HIS D 39 20.55 -14.45 46.93
CA HIS D 39 21.28 -13.50 47.76
C HIS D 39 20.70 -13.39 49.16
N CYS D 40 19.76 -14.28 49.52
CA CYS D 40 19.01 -14.12 50.77
C CYS D 40 19.19 -15.33 51.67
N ALA D 41 19.24 -15.10 52.99
CA ALA D 41 19.26 -16.15 53.99
C ALA D 41 18.55 -15.68 55.26
N LEU D 42 18.18 -16.64 56.11
CA LEU D 42 17.58 -16.34 57.39
C LEU D 42 18.67 -16.29 58.46
N GLY D 43 18.98 -15.10 58.96
CA GLY D 43 19.99 -14.92 60.00
C GLY D 43 19.45 -15.25 61.40
N ALA D 44 18.22 -14.80 61.71
CA ALA D 44 17.70 -14.94 63.05
C ALA D 44 16.19 -14.73 63.10
N LEU D 45 15.59 -15.20 64.21
CA LEU D 45 14.16 -15.10 64.44
C LEU D 45 13.91 -14.38 65.77
N CYS D 46 12.96 -13.44 65.79
CA CYS D 46 12.63 -12.75 67.03
C CYS D 46 11.12 -12.73 67.23
N ASP D 47 10.67 -13.20 68.41
CA ASP D 47 9.26 -13.03 68.80
C ASP D 47 9.18 -12.90 70.31
N ILE D 48 8.21 -12.10 70.78
CA ILE D 48 8.01 -11.90 72.20
C ILE D 48 7.11 -13.00 72.77
N ASP D 49 6.42 -13.76 71.91
CA ASP D 49 5.53 -14.82 72.39
C ASP D 49 6.33 -16.09 72.63
N PRO D 50 6.21 -16.70 73.81
CA PRO D 50 6.92 -17.95 74.12
C PRO D 50 6.56 -19.10 73.21
N GLN D 51 5.29 -19.20 72.83
CA GLN D 51 4.83 -20.28 71.97
C GLN D 51 5.56 -20.21 70.63
N LYS D 52 5.73 -18.98 70.13
CA LYS D 52 6.44 -18.77 68.86
C LYS D 52 7.89 -19.21 69.00
N GLU D 53 8.50 -18.91 70.15
CA GLU D 53 9.86 -19.33 70.43
C GLU D 53 9.96 -20.86 70.37
N GLU D 54 8.99 -21.53 70.97
CA GLU D 54 8.95 -22.98 70.99
C GLU D 54 8.85 -23.52 69.56
N MET D 55 7.96 -22.92 68.77
CA MET D 55 7.81 -23.32 67.38
C MET D 55 9.15 -23.09 66.67
N CYS D 56 9.80 -21.96 66.96
CA CYS D 56 11.06 -21.62 66.33
C CYS D 56 12.14 -22.62 66.71
N LYS D 57 12.16 -23.08 67.96
CA LYS D 57 13.09 -24.11 68.39
C LYS D 57 12.83 -25.41 67.64
N GLU D 58 11.56 -25.71 67.36
CA GLU D 58 11.19 -26.97 66.71
C GLU D 58 11.54 -26.90 65.22
N LYS D 59 11.02 -25.88 64.53
CA LYS D 59 11.13 -25.82 63.07
C LYS D 59 12.50 -25.33 62.64
N TYR D 60 13.14 -24.48 63.43
CA TYR D 60 14.37 -23.82 63.00
C TYR D 60 15.40 -23.92 64.11
N PRO D 61 15.83 -25.15 64.46
CA PRO D 61 16.59 -25.38 65.69
C PRO D 61 17.98 -24.75 65.69
N ASP D 62 18.56 -24.55 64.50
CA ASP D 62 19.92 -24.05 64.39
C ASP D 62 19.90 -22.58 64.02
N VAL D 63 18.74 -21.93 64.17
CA VAL D 63 18.63 -20.53 63.83
C VAL D 63 18.54 -19.71 65.11
N PRO D 64 19.48 -18.76 65.31
CA PRO D 64 19.50 -17.93 66.51
C PRO D 64 18.13 -17.30 66.76
N PHE D 65 17.67 -17.34 68.01
CA PHE D 65 16.37 -16.78 68.39
C PHE D 65 16.57 -15.67 69.42
N TYR D 66 15.78 -14.60 69.34
CA TYR D 66 15.87 -13.50 70.30
C TYR D 66 14.47 -13.02 70.70
N LYS D 67 14.26 -12.82 72.01
CA LYS D 67 13.01 -12.26 72.49
C LYS D 67 12.95 -10.76 72.14
N ASP D 68 14.08 -10.07 72.31
CA ASP D 68 14.17 -8.64 72.10
C ASP D 68 14.81 -8.37 70.74
N TRP D 69 14.08 -7.64 69.87
CA TRP D 69 14.59 -7.36 68.54
C TRP D 69 15.82 -6.45 68.57
N LYS D 70 16.00 -5.69 69.65
CA LYS D 70 17.16 -4.81 69.79
C LYS D 70 18.41 -5.67 70.01
N ASP D 71 18.25 -6.79 70.72
CA ASP D 71 19.33 -7.72 70.96
C ASP D 71 19.74 -8.37 69.64
N MET D 72 18.76 -8.70 68.79
CA MET D 72 19.05 -9.33 67.52
C MET D 72 19.86 -8.37 66.65
N VAL D 73 19.45 -7.09 66.64
CA VAL D 73 20.10 -6.08 65.84
C VAL D 73 21.56 -5.95 66.23
N ALA D 74 21.82 -5.93 67.53
CA ALA D 74 23.17 -5.74 68.07
C ALA D 74 24.02 -7.00 67.94
N SER D 75 23.39 -8.18 67.78
CA SER D 75 24.10 -9.44 67.78
C SER D 75 25.09 -9.56 66.63
N GLY D 76 24.81 -8.90 65.49
CA GLY D 76 25.60 -9.09 64.28
C GLY D 76 25.39 -10.48 63.68
N ASP D 77 24.29 -11.15 64.07
CA ASP D 77 23.86 -12.36 63.40
C ASP D 77 23.05 -12.03 62.15
N VAL D 78 22.63 -10.77 62.00
CA VAL D 78 21.79 -10.35 60.89
C VAL D 78 22.38 -9.10 60.26
N ASP D 79 22.11 -8.96 58.95
CA ASP D 79 22.56 -7.82 58.16
C ASP D 79 21.37 -6.92 57.81
N ALA D 80 20.15 -7.38 58.11
CA ALA D 80 18.95 -6.61 57.85
C ALA D 80 17.78 -7.25 58.61
N VAL D 81 16.73 -6.47 58.85
CA VAL D 81 15.57 -6.99 59.54
C VAL D 81 14.30 -6.66 58.74
N ILE D 82 13.26 -7.48 58.95
CA ILE D 82 11.96 -7.28 58.34
C ILE D 82 10.93 -7.15 59.46
N THR D 83 10.04 -6.15 59.38
CA THR D 83 9.20 -5.80 60.51
C THR D 83 7.83 -6.48 60.41
N THR D 84 7.81 -7.81 60.51
CA THR D 84 6.57 -8.56 60.45
C THR D 84 5.90 -8.57 61.82
N VAL D 85 5.61 -7.37 62.32
CA VAL D 85 4.94 -7.15 63.59
C VAL D 85 3.79 -6.17 63.38
N PRO D 86 2.86 -6.02 64.34
CA PRO D 86 1.77 -5.05 64.21
C PRO D 86 2.30 -3.70 63.77
N HIS D 87 1.43 -2.93 63.09
CA HIS D 87 1.86 -1.82 62.27
C HIS D 87 2.41 -0.71 63.15
N TYR D 88 1.87 -0.57 64.37
CA TYR D 88 2.29 0.54 65.22
C TYR D 88 3.78 0.45 65.53
N LEU D 89 4.38 -0.75 65.48
CA LEU D 89 5.80 -0.90 65.76
C LEU D 89 6.69 -0.60 64.54
N HIS D 90 6.11 -0.45 63.36
CA HIS D 90 6.94 -0.40 62.15
C HIS D 90 7.93 0.76 62.23
N THR D 91 7.43 1.99 62.45
CA THR D 91 8.29 3.16 62.39
C THR D 91 9.26 3.16 63.58
N GLU D 92 8.81 2.62 64.71
CA GLU D 92 9.62 2.58 65.93
C GLU D 92 10.89 1.79 65.66
N ILE D 93 10.74 0.62 65.04
CA ILE D 93 11.83 -0.29 64.75
C ILE D 93 12.70 0.32 63.67
N ALA D 94 12.06 0.90 62.66
CA ALA D 94 12.78 1.43 61.53
C ALA D 94 13.74 2.53 62.00
N ILE D 95 13.19 3.48 62.78
CA ILE D 95 13.97 4.61 63.22
C ILE D 95 15.16 4.11 64.03
N TYR D 96 14.90 3.16 64.94
CA TYR D 96 15.95 2.62 65.77
C TYR D 96 17.05 2.02 64.89
N CYS D 97 16.65 1.25 63.86
CA CYS D 97 17.59 0.53 63.02
C CYS D 97 18.43 1.50 62.19
N LEU D 98 17.78 2.53 61.63
CA LEU D 98 18.48 3.52 60.83
C LEU D 98 19.52 4.24 61.68
N GLU D 99 19.18 4.51 62.95
CA GLU D 99 20.07 5.22 63.85
C GLU D 99 21.21 4.32 64.29
N HIS D 100 21.04 2.99 64.18
CA HIS D 100 22.05 2.03 64.61
C HIS D 100 22.64 1.27 63.43
N GLY D 101 22.65 1.91 62.23
CA GLY D 101 23.31 1.37 61.06
C GLY D 101 22.80 -0.03 60.63
N MET D 102 21.52 -0.31 60.88
CA MET D 102 20.93 -1.61 60.55
C MET D 102 19.91 -1.45 59.41
N ASN D 103 20.16 -2.18 58.31
CA ASN D 103 19.26 -2.15 57.16
C ASN D 103 17.88 -2.66 57.56
N VAL D 104 16.83 -1.97 57.12
CA VAL D 104 15.49 -2.32 57.54
C VAL D 104 14.54 -2.34 56.35
N LEU D 105 13.85 -3.49 56.22
CA LEU D 105 12.78 -3.65 55.28
C LEU D 105 11.44 -3.62 56.03
N VAL D 106 10.73 -2.49 55.89
CA VAL D 106 9.51 -2.25 56.65
C VAL D 106 8.33 -2.88 55.93
N GLU D 107 7.45 -3.52 56.70
CA GLU D 107 6.27 -4.14 56.14
C GLU D 107 5.22 -3.10 55.80
N LYS D 108 4.27 -3.52 54.98
CA LYS D 108 3.09 -2.74 54.70
C LYS D 108 2.12 -2.90 55.87
N PRO D 109 1.31 -1.87 56.19
CA PRO D 109 1.51 -0.52 55.68
C PRO D 109 2.72 0.06 56.39
N ALA D 110 3.35 1.08 55.79
CA ALA D 110 4.58 1.61 56.36
C ALA D 110 4.38 1.97 57.84
N GLY D 111 3.19 2.52 58.16
CA GLY D 111 2.81 2.82 59.52
C GLY D 111 1.31 3.07 59.61
N VAL D 112 0.86 3.49 60.78
CA VAL D 112 -0.56 3.73 61.02
C VAL D 112 -0.88 5.18 60.71
N TYR D 113 -0.10 6.11 61.30
CA TYR D 113 -0.36 7.52 61.12
C TYR D 113 0.86 8.17 60.45
N ALA D 114 0.54 9.10 59.53
CA ALA D 114 1.51 9.66 58.62
C ALA D 114 2.64 10.37 59.38
N LYS D 115 2.35 11.00 60.50
CA LYS D 115 3.37 11.70 61.27
C LYS D 115 4.56 10.78 61.52
N SER D 116 4.30 9.58 62.05
CA SER D 116 5.37 8.67 62.44
C SER D 116 6.12 8.19 61.20
N VAL D 117 5.41 8.07 60.08
CA VAL D 117 6.03 7.60 58.85
C VAL D 117 6.92 8.71 58.30
N ARG D 118 6.48 9.97 58.42
CA ARG D 118 7.27 11.09 57.94
C ARG D 118 8.58 11.11 58.75
N GLU D 119 8.49 10.90 60.07
CA GLU D 119 9.65 10.93 60.93
C GLU D 119 10.61 9.84 60.48
N MET D 120 10.06 8.67 60.16
CA MET D 120 10.88 7.55 59.72
C MET D 120 11.60 7.94 58.42
N ASN D 121 10.89 8.60 57.50
CA ASN D 121 11.49 8.96 56.22
C ASN D 121 12.62 9.95 56.46
N GLU D 122 12.42 10.91 57.36
CA GLU D 122 13.40 11.96 57.61
C GLU D 122 14.65 11.36 58.26
N CYS D 123 14.41 10.41 59.16
CA CYS D 123 15.47 9.65 59.78
C CYS D 123 16.30 8.94 58.70
N ALA D 124 15.63 8.27 57.75
CA ALA D 124 16.32 7.53 56.72
C ALA D 124 17.14 8.48 55.85
N ALA D 125 16.54 9.63 55.52
CA ALA D 125 17.20 10.62 54.68
C ALA D 125 18.47 11.13 55.36
N ALA D 126 18.49 11.07 56.69
CA ALA D 126 19.63 11.49 57.50
C ALA D 126 20.65 10.37 57.73
N HIS D 127 20.31 9.13 57.35
CA HIS D 127 21.26 8.03 57.41
C HIS D 127 21.20 7.30 56.08
N PRO D 128 21.55 7.97 54.96
CA PRO D 128 21.34 7.41 53.63
C PRO D 128 22.15 6.16 53.32
N GLU D 129 23.26 5.97 54.03
CA GLU D 129 24.10 4.78 53.87
C GLU D 129 23.34 3.52 54.28
N VAL D 130 22.31 3.66 55.11
CA VAL D 130 21.52 2.51 55.54
C VAL D 130 20.43 2.25 54.52
N THR D 131 20.32 1.00 54.08
CA THR D 131 19.27 0.60 53.14
C THR D 131 17.91 0.60 53.85
N PHE D 132 16.95 1.28 53.22
CA PHE D 132 15.62 1.53 53.76
C PHE D 132 14.57 1.22 52.69
N GLY D 133 13.74 0.21 52.95
CA GLY D 133 12.82 -0.28 51.95
C GLY D 133 11.45 -0.62 52.52
N ILE D 134 10.48 -0.77 51.63
CA ILE D 134 9.18 -1.22 52.07
C ILE D 134 8.79 -2.43 51.23
N MET D 135 7.96 -3.29 51.83
CA MET D 135 7.47 -4.51 51.22
C MET D 135 6.21 -4.21 50.39
N PHE D 136 6.41 -3.44 49.31
CA PHE D 136 5.36 -3.24 48.34
C PHE D 136 5.53 -4.31 47.27
N ASN D 137 5.14 -5.54 47.64
CA ASN D 137 5.52 -6.72 46.89
C ASN D 137 4.74 -6.78 45.58
N GLN D 138 3.61 -6.08 45.52
CA GLN D 138 2.84 -6.06 44.30
C GLN D 138 3.53 -5.28 43.19
N ARG D 139 4.56 -4.49 43.52
CA ARG D 139 5.25 -3.78 42.47
C ARG D 139 6.18 -4.73 41.72
N THR D 140 6.31 -5.98 42.18
CA THR D 140 7.10 -6.98 41.46
C THR D 140 6.25 -7.71 40.44
N ASN D 141 4.96 -7.39 40.40
CA ASN D 141 4.01 -8.03 39.51
C ASN D 141 4.06 -7.38 38.13
N LYS D 142 4.44 -8.17 37.13
CA LYS D 142 4.61 -7.65 35.79
C LYS D 142 3.33 -6.98 35.30
N LEU D 143 2.19 -7.39 35.85
CA LEU D 143 0.91 -6.82 35.47
C LEU D 143 0.88 -5.32 35.78
N TYR D 144 1.20 -4.97 37.04
CA TYR D 144 1.09 -3.58 37.45
C TYR D 144 2.24 -2.80 36.84
N GLN D 145 3.38 -3.46 36.59
CA GLN D 145 4.49 -2.79 35.92
C GLN D 145 4.09 -2.38 34.52
N LYS D 146 3.41 -3.30 33.81
CA LYS D 146 2.96 -3.07 32.46
C LYS D 146 2.03 -1.85 32.44
N ILE D 147 1.05 -1.83 33.34
CA ILE D 147 0.05 -0.77 33.33
C ILE D 147 0.71 0.57 33.71
N ARG D 148 1.57 0.54 34.73
CA ARG D 148 2.30 1.75 35.08
C ARG D 148 3.10 2.29 33.88
N GLU D 149 3.87 1.41 33.23
CA GLU D 149 4.72 1.83 32.11
C GLU D 149 3.90 2.55 31.04
N ILE D 150 2.75 1.99 30.69
CA ILE D 150 1.95 2.51 29.60
C ILE D 150 1.41 3.87 30.00
N VAL D 151 0.85 3.97 31.21
CA VAL D 151 0.33 5.24 31.69
C VAL D 151 1.44 6.27 31.74
N ALA D 152 2.55 5.95 32.41
CA ALA D 152 3.66 6.89 32.59
C ALA D 152 4.29 7.30 31.28
N SER D 153 4.25 6.44 30.25
CA SER D 153 4.91 6.76 28.98
C SER D 153 4.25 7.98 28.36
N GLY D 154 2.98 8.25 28.72
CA GLY D 154 2.21 9.27 28.05
C GLY D 154 1.66 8.79 26.72
N GLU D 155 1.88 7.52 26.38
CA GLU D 155 1.39 7.00 25.12
C GLU D 155 -0.12 7.12 25.01
N LEU D 156 -0.86 6.96 26.11
CA LEU D 156 -2.31 7.01 26.05
C LEU D 156 -2.81 8.37 26.51
N GLY D 157 -1.89 9.33 26.61
CA GLY D 157 -2.25 10.66 27.06
C GLY D 157 -2.53 10.67 28.56
N GLU D 158 -3.27 11.68 28.99
CA GLU D 158 -3.52 11.91 30.40
C GLU D 158 -4.68 11.06 30.88
N ILE D 159 -4.63 10.73 32.17
CA ILE D 159 -5.75 10.04 32.81
C ILE D 159 -6.92 11.01 32.98
N ARG D 160 -8.13 10.50 32.76
CA ARG D 160 -9.34 11.25 33.04
C ARG D 160 -10.13 10.62 34.18
N ARG D 161 -10.05 9.29 34.36
CA ARG D 161 -10.83 8.64 35.39
C ARG D 161 -10.15 7.35 35.80
N SER D 162 -10.26 6.98 37.07
CA SER D 162 -9.94 5.64 37.52
C SER D 162 -11.08 5.15 38.40
N ASN D 163 -11.33 3.86 38.35
CA ASN D 163 -12.36 3.25 39.19
C ASN D 163 -11.88 1.86 39.55
N TRP D 164 -11.80 1.56 40.83
CA TRP D 164 -11.40 0.22 41.26
C TRP D 164 -12.39 -0.29 42.28
N ILE D 165 -13.14 -1.33 41.91
CA ILE D 165 -14.00 -2.08 42.80
C ILE D 165 -13.25 -3.35 43.18
N ILE D 166 -12.98 -3.55 44.47
CA ILE D 166 -12.25 -4.72 44.89
C ILE D 166 -12.85 -5.24 46.18
N ASN D 167 -13.77 -6.19 46.00
CA ASN D 167 -14.64 -6.70 47.06
C ASN D 167 -14.40 -8.18 47.31
N ASN D 168 -13.38 -8.77 46.68
CA ASN D 168 -13.26 -10.22 46.64
C ASN D 168 -12.49 -10.78 47.83
N TRP D 169 -12.13 -9.97 48.82
CA TRP D 169 -11.50 -10.55 50.00
C TRP D 169 -12.51 -10.67 51.13
N TYR D 170 -13.34 -11.71 51.03
CA TYR D 170 -14.35 -12.00 52.03
C TYR D 170 -13.70 -12.46 53.33
N ARG D 171 -14.10 -11.84 54.44
CA ARG D 171 -13.57 -12.18 55.74
C ARG D 171 -14.69 -12.16 56.75
N PRO D 172 -15.11 -13.35 57.26
CA PRO D 172 -16.18 -13.42 58.24
C PRO D 172 -15.73 -13.10 59.66
N ASP D 173 -16.73 -12.96 60.54
CA ASP D 173 -16.50 -12.66 61.94
C ASP D 173 -15.45 -13.59 62.54
N SER D 174 -15.48 -14.87 62.15
CA SER D 174 -14.54 -15.84 62.66
C SER D 174 -13.08 -15.43 62.42
N TYR D 175 -12.79 -14.89 61.22
CA TYR D 175 -11.45 -14.41 60.91
C TYR D 175 -11.10 -13.23 61.81
N TYR D 176 -12.06 -12.33 62.02
CA TYR D 176 -11.80 -11.12 62.78
C TYR D 176 -11.45 -11.50 64.22
N ARG D 177 -12.06 -12.56 64.74
CA ARG D 177 -11.83 -12.95 66.13
C ARG D 177 -10.44 -13.56 66.33
N LEU D 178 -9.75 -13.95 65.24
CA LEU D 178 -8.48 -14.64 65.36
C LEU D 178 -7.38 -13.80 66.02
N SER D 179 -7.27 -12.49 65.71
CA SER D 179 -6.18 -11.67 66.21
C SER D 179 -6.69 -10.52 67.07
N ASP D 180 -6.10 -10.35 68.26
CA ASP D 180 -6.41 -9.24 69.15
C ASP D 180 -6.07 -7.88 68.54
N TRP D 181 -4.87 -7.76 67.98
CA TRP D 181 -4.40 -6.48 67.43
C TRP D 181 -5.18 -6.08 66.18
N ARG D 182 -5.54 -7.03 65.31
CA ARG D 182 -6.18 -6.69 64.04
C ARG D 182 -7.60 -6.17 64.27
N ALA D 183 -8.06 -5.22 63.44
CA ALA D 183 -9.40 -4.66 63.46
C ALA D 183 -9.69 -3.90 64.76
N THR D 184 -8.66 -3.33 65.38
CA THR D 184 -8.84 -2.53 66.58
C THR D 184 -8.16 -1.20 66.34
N TRP D 185 -8.81 -0.08 66.70
CA TRP D 185 -8.18 1.20 66.44
C TRP D 185 -6.83 1.27 67.15
N GLY D 186 -6.81 0.84 68.40
CA GLY D 186 -5.58 0.78 69.17
C GLY D 186 -4.57 -0.25 68.65
N GLY D 187 -5.04 -1.44 68.28
CA GLY D 187 -4.16 -2.46 67.68
C GLY D 187 -3.69 -2.19 66.24
N GLU D 188 -4.59 -1.77 65.35
CA GLU D 188 -4.27 -1.66 63.93
C GLU D 188 -4.37 -0.22 63.39
N GLY D 189 -5.18 0.62 64.05
CA GLY D 189 -5.43 1.96 63.54
C GLY D 189 -6.49 1.99 62.45
N GLY D 190 -7.13 0.85 62.19
CA GLY D 190 -8.19 0.77 61.19
C GLY D 190 -8.56 -0.69 60.94
N GLY D 191 -9.39 -0.96 59.93
CA GLY D 191 -9.67 -2.34 59.54
C GLY D 191 -9.23 -2.65 58.11
N VAL D 192 -10.13 -2.49 57.14
CA VAL D 192 -9.86 -2.85 55.76
C VAL D 192 -8.74 -1.98 55.20
N LEU D 193 -8.75 -0.68 55.53
CA LEU D 193 -7.80 0.28 55.00
C LEU D 193 -6.36 -0.05 55.42
N VAL D 194 -6.17 -0.50 56.67
CA VAL D 194 -4.86 -0.83 57.19
C VAL D 194 -4.48 -2.29 56.91
N ASN D 195 -5.42 -3.13 56.45
CA ASN D 195 -5.12 -4.55 56.25
C ASN D 195 -5.10 -4.96 54.77
N GLN D 196 -6.27 -5.28 54.20
CA GLN D 196 -6.39 -5.67 52.80
C GLN D 196 -6.04 -4.55 51.80
N ALA D 197 -6.47 -3.31 52.10
CA ALA D 197 -6.41 -2.18 51.18
C ALA D 197 -4.99 -1.64 50.85
N PRO D 198 -3.97 -1.61 51.75
CA PRO D 198 -2.74 -0.88 51.50
C PRO D 198 -1.94 -1.18 50.23
N HIS D 199 -1.75 -2.45 49.88
CA HIS D 199 -1.03 -2.75 48.65
C HIS D 199 -1.76 -2.08 47.48
N GLN D 200 -3.09 -2.23 47.46
CA GLN D 200 -3.91 -1.67 46.38
C GLN D 200 -3.85 -0.15 46.40
N LEU D 201 -3.91 0.45 47.59
CA LEU D 201 -3.88 1.90 47.70
C LEU D 201 -2.58 2.47 47.12
N ASP D 202 -1.45 1.80 47.44
CA ASP D 202 -0.18 2.19 46.85
C ASP D 202 -0.22 2.02 45.34
N LEU D 203 -0.75 0.88 44.88
CA LEU D 203 -0.78 0.59 43.44
C LEU D 203 -1.57 1.65 42.71
N TRP D 204 -2.72 2.02 43.27
CA TRP D 204 -3.60 3.00 42.63
C TRP D 204 -2.85 4.30 42.47
N GLN D 205 -2.17 4.73 43.54
CA GLN D 205 -1.38 5.95 43.50
C GLN D 205 -0.21 5.79 42.54
N TRP D 206 0.46 4.64 42.58
CA TRP D 206 1.65 4.43 41.78
C TRP D 206 1.32 4.53 40.29
N ILE D 207 0.25 3.85 39.85
CA ILE D 207 -0.21 3.94 38.46
C ILE D 207 -0.90 5.27 38.15
N CYS D 208 -1.78 5.77 39.03
CA CYS D 208 -2.64 6.92 38.68
C CYS D 208 -2.27 8.24 39.35
N GLY D 209 -1.15 8.32 40.09
CA GLY D 209 -0.77 9.53 40.77
C GLY D 209 -1.44 9.63 42.14
N ILE D 210 -1.14 10.71 42.90
CA ILE D 210 -1.64 10.86 44.26
C ILE D 210 -2.84 11.82 44.26
N PRO D 211 -3.99 11.46 44.87
CA PRO D 211 -5.16 12.31 44.82
C PRO D 211 -4.96 13.65 45.54
N THR D 212 -5.40 14.75 44.91
CA THR D 212 -5.38 16.05 45.55
C THR D 212 -6.40 16.08 46.69
N THR D 213 -7.59 15.50 46.48
CA THR D 213 -8.66 15.54 47.45
C THR D 213 -9.25 14.16 47.62
N VAL D 214 -9.74 13.82 48.82
CA VAL D 214 -10.39 12.53 49.09
C VAL D 214 -11.76 12.76 49.75
N TYR D 215 -12.82 12.12 49.23
CA TYR D 215 -14.11 12.07 49.91
C TYR D 215 -14.45 10.60 50.11
N ALA D 216 -14.82 10.18 51.32
CA ALA D 216 -15.02 8.76 51.58
C ALA D 216 -16.25 8.49 52.44
N ASN D 217 -16.89 7.33 52.23
CA ASN D 217 -17.98 6.86 53.06
C ASN D 217 -17.52 5.56 53.70
N CYS D 218 -17.20 5.60 55.00
CA CYS D 218 -16.59 4.44 55.65
C CYS D 218 -17.56 3.91 56.69
N ILE D 219 -17.97 2.65 56.57
CA ILE D 219 -18.91 2.08 57.51
C ILE D 219 -18.14 1.18 58.47
N ASN D 220 -18.28 1.46 59.78
CA ASN D 220 -17.66 0.62 60.79
C ASN D 220 -18.56 -0.56 61.08
N GLY D 221 -17.96 -1.75 61.23
CA GLY D 221 -18.68 -2.94 61.60
C GLY D 221 -19.83 -3.23 60.63
N SER D 222 -19.53 -3.19 59.33
CA SER D 222 -20.51 -3.50 58.31
C SER D 222 -20.71 -5.01 58.27
N HIS D 223 -21.88 -5.47 58.73
CA HIS D 223 -22.19 -6.89 58.82
C HIS D 223 -21.14 -7.64 59.63
N ARG D 224 -20.42 -6.92 60.50
CA ARG D 224 -19.34 -7.52 61.27
C ARG D 224 -19.28 -6.88 62.64
N ASP D 225 -18.78 -7.66 63.61
CA ASP D 225 -18.74 -7.27 64.99
C ASP D 225 -17.37 -6.67 65.32
N ILE D 226 -17.07 -5.53 64.70
CA ILE D 226 -15.81 -4.81 64.91
C ILE D 226 -16.11 -3.32 64.94
N ALA D 227 -15.15 -2.53 65.42
CA ALA D 227 -15.38 -1.10 65.59
C ALA D 227 -14.78 -0.30 64.42
N VAL D 228 -14.10 -1.00 63.51
CA VAL D 228 -13.31 -0.32 62.48
C VAL D 228 -14.04 -0.47 61.14
N GLU D 229 -13.53 0.22 60.12
CA GLU D 229 -14.21 0.26 58.84
C GLU D 229 -13.96 -1.03 58.07
N ASN D 230 -15.00 -1.55 57.41
CA ASN D 230 -14.82 -2.67 56.49
C ASN D 230 -15.75 -2.59 55.29
N ASP D 231 -16.29 -1.40 55.01
CA ASP D 231 -16.99 -1.11 53.77
C ASP D 231 -16.72 0.35 53.44
N VAL D 232 -15.96 0.58 52.36
CA VAL D 232 -15.39 1.88 52.07
C VAL D 232 -15.68 2.25 50.62
N THR D 233 -16.17 3.46 50.40
CA THR D 233 -16.33 4.00 49.07
C THR D 233 -15.61 5.34 49.04
N VAL D 234 -14.73 5.56 48.07
CA VAL D 234 -13.90 6.74 48.04
C VAL D 234 -14.07 7.45 46.70
N LEU D 235 -14.14 8.79 46.70
CA LEU D 235 -13.97 9.60 45.50
C LEU D 235 -12.73 10.45 45.65
N THR D 236 -11.95 10.51 44.58
CA THR D 236 -10.72 11.27 44.56
C THR D 236 -10.75 12.26 43.40
N GLU D 237 -9.95 13.32 43.54
CA GLU D 237 -9.61 14.23 42.47
C GLU D 237 -8.09 14.29 42.38
N TYR D 238 -7.59 14.82 41.24
CA TYR D 238 -6.19 14.76 40.89
C TYR D 238 -5.79 16.13 40.33
N GLU D 239 -4.49 16.47 40.43
CA GLU D 239 -3.99 17.73 39.97
C GLU D 239 -4.55 18.08 38.59
N ASN D 240 -4.61 17.11 37.70
CA ASN D 240 -4.91 17.37 36.29
C ASN D 240 -6.41 17.35 36.00
N GLY D 241 -7.28 17.26 37.03
CA GLY D 241 -8.71 17.34 36.82
C GLY D 241 -9.41 15.99 36.74
N ALA D 242 -8.62 14.90 36.76
CA ALA D 242 -9.20 13.57 36.71
C ALA D 242 -9.95 13.28 38.01
N THR D 243 -10.84 12.27 37.95
CA THR D 243 -11.53 11.77 39.11
C THR D 243 -11.16 10.32 39.33
N GLY D 244 -11.44 9.81 40.53
CA GLY D 244 -11.22 8.41 40.85
C GLY D 244 -12.25 7.89 41.84
N SER D 245 -12.42 6.59 41.88
CA SER D 245 -13.25 5.95 42.88
C SER D 245 -12.62 4.63 43.27
N PHE D 246 -12.83 4.24 44.53
CA PHE D 246 -12.29 3.01 45.09
C PHE D 246 -13.35 2.47 46.03
N ILE D 247 -13.71 1.20 45.84
CA ILE D 247 -14.74 0.57 46.66
C ILE D 247 -14.19 -0.76 47.15
N THR D 248 -14.31 -1.05 48.45
CA THR D 248 -13.84 -2.32 48.97
C THR D 248 -14.62 -2.68 50.21
N CYS D 249 -14.74 -3.98 50.50
CA CYS D 249 -15.41 -4.43 51.71
C CYS D 249 -15.08 -5.90 51.95
N THR D 250 -15.40 -6.40 53.14
CA THR D 250 -15.04 -7.76 53.51
C THR D 250 -16.29 -8.60 53.73
N HIS D 251 -17.46 -8.15 53.25
CA HIS D 251 -18.69 -8.91 53.49
C HIS D 251 -19.32 -9.39 52.18
N ASP D 252 -18.57 -9.33 51.06
CA ASP D 252 -19.08 -9.73 49.75
C ASP D 252 -18.60 -11.14 49.44
N LEU D 253 -19.54 -12.09 49.37
CA LEU D 253 -19.22 -13.48 49.07
C LEU D 253 -18.72 -13.66 47.64
N LEU D 254 -18.97 -12.70 46.76
CA LEU D 254 -18.64 -12.90 45.37
C LEU D 254 -18.26 -11.56 44.76
N GLY D 255 -17.16 -11.02 45.29
CA GLY D 255 -16.86 -9.63 45.10
C GLY D 255 -16.22 -9.38 43.74
N THR D 256 -16.65 -8.32 43.08
CA THR D 256 -15.99 -7.82 41.91
C THR D 256 -14.57 -7.39 42.26
N ASP D 257 -13.62 -7.59 41.32
CA ASP D 257 -12.30 -6.99 41.32
C ASP D 257 -12.07 -6.44 39.92
N ARG D 258 -12.40 -5.17 39.69
CA ARG D 258 -12.34 -4.58 38.36
C ARG D 258 -11.74 -3.18 38.49
N PHE D 259 -10.64 -2.93 37.78
CA PHE D 259 -9.91 -1.69 37.85
C PHE D 259 -9.89 -1.07 36.46
N GLU D 260 -10.50 0.10 36.33
CA GLU D 260 -10.63 0.77 35.04
C GLU D 260 -9.85 2.06 35.10
N ILE D 261 -9.14 2.36 34.02
CA ILE D 261 -8.49 3.65 33.84
C ILE D 261 -8.91 4.15 32.48
N ASP D 262 -9.46 5.37 32.44
CA ASP D 262 -9.91 6.01 31.23
C ASP D 262 -8.97 7.17 30.94
N LEU D 263 -8.48 7.24 29.71
CA LEU D 263 -7.45 8.19 29.34
C LEU D 263 -7.87 8.92 28.09
N ASP D 264 -7.11 9.96 27.79
CA ASP D 264 -7.36 10.82 26.65
C ASP D 264 -7.25 9.96 25.40
N GLY D 265 -6.37 8.95 25.42
CA GLY D 265 -6.01 8.22 24.21
C GLY D 265 -6.29 6.72 24.29
N GLY D 266 -6.92 6.27 25.37
CA GLY D 266 -7.28 4.87 25.44
C GLY D 266 -7.93 4.53 26.77
N LYS D 267 -8.00 3.24 27.03
CA LYS D 267 -8.71 2.74 28.19
C LYS D 267 -8.03 1.46 28.65
N ILE D 268 -8.01 1.24 29.97
CA ILE D 268 -7.45 0.03 30.50
C ILE D 268 -8.46 -0.58 31.44
N VAL D 269 -8.66 -1.89 31.34
CA VAL D 269 -9.52 -2.57 32.28
C VAL D 269 -8.79 -3.80 32.77
N VAL D 270 -8.70 -3.93 34.09
CA VAL D 270 -7.99 -5.05 34.68
C VAL D 270 -8.98 -5.87 35.47
N GLU D 271 -9.09 -7.16 35.13
CA GLU D 271 -10.05 -8.04 35.78
C GLU D 271 -9.33 -9.02 36.69
N ASP D 272 -9.80 -9.13 37.93
CA ASP D 272 -9.39 -10.14 38.89
C ASP D 272 -7.90 -10.03 39.20
N SER D 273 -7.30 -8.86 38.90
CA SER D 273 -5.91 -8.63 39.22
C SER D 273 -4.97 -9.60 38.50
N LYS D 274 -5.45 -10.18 37.40
CA LYS D 274 -4.63 -11.09 36.60
C LYS D 274 -4.57 -10.63 35.15
N LYS D 275 -5.66 -10.10 34.62
CA LYS D 275 -5.74 -9.88 33.18
C LYS D 275 -6.15 -8.46 32.85
N ALA D 276 -5.43 -7.86 31.88
CA ALA D 276 -5.63 -6.47 31.53
C ALA D 276 -6.00 -6.36 30.05
N TYR D 277 -7.02 -5.56 29.76
CA TYR D 277 -7.37 -5.24 28.39
C TYR D 277 -6.97 -3.79 28.16
N ILE D 278 -6.11 -3.56 27.17
CA ILE D 278 -5.63 -2.22 26.87
C ILE D 278 -6.23 -1.80 25.54
N TYR D 279 -6.98 -0.70 25.53
CA TYR D 279 -7.61 -0.19 24.33
C TYR D 279 -6.89 1.08 23.92
N ARG D 280 -6.39 1.14 22.69
CA ARG D 280 -5.78 2.33 22.17
C ARG D 280 -6.69 2.96 21.13
N PHE D 281 -7.10 4.21 21.38
CA PHE D 281 -7.94 4.92 20.43
C PHE D 281 -7.07 5.27 19.23
N LYS D 282 -7.65 5.21 18.03
CA LYS D 282 -6.93 5.61 16.82
C LYS D 282 -6.49 7.04 16.95
N GLU D 283 -7.41 7.88 17.46
CA GLU D 283 -7.17 9.29 17.69
C GLU D 283 -7.57 9.59 19.13
N THR D 284 -6.93 10.59 19.73
CA THR D 284 -7.28 10.99 21.08
C THR D 284 -8.68 11.61 21.04
N GLU D 285 -9.42 11.53 22.15
CA GLU D 285 -10.76 12.08 22.21
C GLU D 285 -10.69 13.58 21.93
N THR D 286 -9.65 14.23 22.47
CA THR D 286 -9.49 15.66 22.30
C THR D 286 -9.45 15.96 20.80
N ALA D 287 -8.69 15.15 20.06
CA ALA D 287 -8.60 15.28 18.61
C ALA D 287 -9.96 15.07 17.95
N VAL D 288 -10.68 14.02 18.37
CA VAL D 288 -11.96 13.69 17.78
C VAL D 288 -12.93 14.85 18.02
N ASN D 289 -12.91 15.41 19.24
CA ASN D 289 -13.83 16.48 19.59
C ASN D 289 -13.53 17.70 18.72
N ALA D 290 -12.24 17.94 18.47
CA ALA D 290 -11.79 19.09 17.69
C ALA D 290 -12.26 19.00 16.24
N ARG D 291 -12.40 17.77 15.72
CA ARG D 291 -12.75 17.56 14.31
C ARG D 291 -14.24 17.88 14.22
N ASP D 310 -15.03 -0.63 16.33
CA ASP D 310 -13.88 -1.59 16.42
C ASP D 310 -12.75 -1.18 15.48
N LYS D 311 -13.05 -0.50 14.37
CA LYS D 311 -12.03 0.18 13.56
C LYS D 311 -11.41 1.31 14.37
N MET D 312 -12.18 1.92 15.27
CA MET D 312 -11.75 3.11 16.01
C MET D 312 -10.72 2.79 17.10
N PHE D 313 -10.74 1.56 17.63
CA PHE D 313 -9.82 1.20 18.70
C PHE D 313 -9.14 -0.12 18.40
N GLU D 314 -7.97 -0.33 19.00
CA GLU D 314 -7.25 -1.59 18.92
C GLU D 314 -7.08 -2.12 20.34
N VAL D 315 -7.18 -3.45 20.51
CA VAL D 315 -7.15 -4.01 21.86
C VAL D 315 -5.91 -4.90 22.01
N GLU D 316 -5.15 -4.68 23.10
CA GLU D 316 -4.01 -5.48 23.49
C GLU D 316 -4.32 -6.15 24.82
N GLU D 317 -3.86 -7.39 25.01
CA GLU D 317 -4.10 -8.13 26.23
C GLU D 317 -2.80 -8.39 26.98
N PHE D 318 -2.86 -8.31 28.31
CA PHE D 318 -1.74 -8.72 29.15
C PHE D 318 -2.31 -9.58 30.27
N GLU D 319 -1.65 -10.71 30.58
CA GLU D 319 -2.03 -11.51 31.73
C GLU D 319 -0.77 -11.93 32.49
N ASN D 320 -0.78 -11.76 33.82
CA ASN D 320 0.26 -12.31 34.69
C ASN D 320 -0.36 -12.72 36.01
N THR D 321 0.00 -13.90 36.50
CA THR D 321 -0.34 -14.30 37.86
C THR D 321 0.97 -14.71 38.52
N ASP D 322 1.19 -14.28 39.77
CA ASP D 322 2.43 -14.56 40.46
C ASP D 322 2.17 -15.64 41.50
N GLY D 323 3.03 -16.66 41.52
CA GLY D 323 2.85 -17.81 42.40
C GLY D 323 3.22 -17.46 43.83
N TRP D 324 2.84 -18.36 44.76
CA TRP D 324 3.04 -18.11 46.17
C TRP D 324 4.53 -17.88 46.43
N GLY D 325 4.82 -16.79 47.14
CA GLY D 325 6.17 -16.47 47.56
C GLY D 325 6.92 -15.61 46.54
N TYR D 326 6.46 -15.56 45.28
CA TYR D 326 7.25 -14.91 44.25
C TYR D 326 7.50 -13.45 44.62
N GLN D 327 6.42 -12.73 44.96
CA GLN D 327 6.50 -11.29 45.12
C GLN D 327 7.38 -10.95 46.32
N HIS D 328 7.14 -11.63 47.44
CA HIS D 328 7.84 -11.34 48.68
C HIS D 328 9.33 -11.67 48.54
N THR D 329 9.63 -12.84 47.95
CA THR D 329 11.01 -13.25 47.74
C THR D 329 11.70 -12.27 46.80
N THR D 330 10.98 -11.82 45.77
CA THR D 330 11.59 -10.94 44.78
C THR D 330 12.01 -9.63 45.47
N VAL D 331 11.16 -9.12 46.38
CA VAL D 331 11.50 -7.92 47.12
C VAL D 331 12.73 -8.21 47.99
N MET D 332 12.65 -9.32 48.73
CA MET D 332 13.74 -9.70 49.61
C MET D 332 15.06 -9.75 48.83
N GLU D 333 15.01 -10.31 47.63
CA GLU D 333 16.19 -10.50 46.80
C GLU D 333 16.69 -9.15 46.30
N ASN D 334 15.74 -8.30 45.87
CA ASN D 334 16.05 -6.98 45.37
C ASN D 334 16.75 -6.19 46.47
N PHE D 335 16.18 -6.27 47.67
CA PHE D 335 16.67 -5.54 48.84
C PHE D 335 18.08 -6.00 49.19
N ALA D 336 18.27 -7.33 49.23
CA ALA D 336 19.58 -7.88 49.49
C ALA D 336 20.57 -7.34 48.45
N GLN D 337 20.14 -7.30 47.19
CA GLN D 337 21.02 -6.91 46.11
C GLN D 337 21.45 -5.45 46.27
N HIS D 338 20.55 -4.59 46.79
CA HIS D 338 20.91 -3.20 47.00
C HIS D 338 22.06 -3.13 47.99
N ILE D 339 21.91 -3.85 49.10
CA ILE D 339 22.93 -3.91 50.14
C ILE D 339 24.25 -4.37 49.56
N ILE D 340 24.22 -5.40 48.70
CA ILE D 340 25.43 -6.07 48.24
C ILE D 340 26.15 -5.24 47.17
N ASP D 341 25.43 -4.81 46.12
CA ASP D 341 26.11 -4.23 44.96
C ASP D 341 25.45 -2.94 44.48
N GLY D 342 24.55 -2.36 45.29
CA GLY D 342 23.93 -1.09 44.94
C GLY D 342 22.78 -1.19 43.94
N THR D 343 22.38 -2.39 43.52
CA THR D 343 21.20 -2.52 42.67
C THR D 343 20.08 -1.61 43.21
N PRO D 344 19.45 -0.76 42.38
CA PRO D 344 18.32 0.07 42.82
C PRO D 344 17.14 -0.72 43.38
N LEU D 345 16.44 -0.13 44.36
CA LEU D 345 15.28 -0.73 45.00
C LEU D 345 14.02 -0.52 44.17
N LEU D 346 13.25 -1.59 43.97
CA LEU D 346 11.91 -1.47 43.42
C LEU D 346 11.06 -0.62 44.34
N ALA D 347 11.22 -0.83 45.65
CA ALA D 347 10.36 -0.20 46.64
C ALA D 347 11.22 0.55 47.67
N PRO D 348 11.67 1.79 47.34
CA PRO D 348 12.33 2.67 48.28
C PRO D 348 11.34 3.02 49.40
N GLY D 349 11.81 2.94 50.65
CA GLY D 349 10.92 2.97 51.79
C GLY D 349 10.15 4.29 51.92
N SER D 350 10.74 5.35 51.36
CA SER D 350 10.14 6.66 51.47
C SER D 350 8.75 6.66 50.84
N ASP D 351 8.54 5.81 49.83
CA ASP D 351 7.27 5.73 49.12
C ASP D 351 6.12 5.28 50.02
N GLY D 352 6.45 4.61 51.14
CA GLY D 352 5.43 4.02 51.99
C GLY D 352 4.38 5.01 52.45
N ILE D 353 4.79 6.28 52.52
CA ILE D 353 3.96 7.33 53.10
C ILE D 353 2.77 7.64 52.20
N ASN D 354 2.91 7.43 50.89
CA ASN D 354 1.84 7.76 49.96
C ASN D 354 0.58 7.00 50.34
N GLY D 355 0.76 5.69 50.57
CA GLY D 355 -0.35 4.81 50.90
C GLY D 355 -0.92 5.11 52.29
N VAL D 356 -0.04 5.50 53.20
CA VAL D 356 -0.51 5.79 54.54
C VAL D 356 -1.31 7.09 54.54
N ARG D 357 -0.80 8.12 53.87
CA ARG D 357 -1.53 9.37 53.78
C ARG D 357 -2.90 9.15 53.18
N LEU D 358 -3.00 8.32 52.15
CA LEU D 358 -4.28 8.13 51.48
C LEU D 358 -5.25 7.45 52.44
N ALA D 359 -4.75 6.43 53.16
CA ALA D 359 -5.58 5.71 54.12
C ALA D 359 -6.06 6.66 55.21
N ASN D 360 -5.16 7.52 55.70
CA ASN D 360 -5.49 8.50 56.71
C ASN D 360 -6.58 9.45 56.18
N ALA D 361 -6.40 9.91 54.93
CA ALA D 361 -7.32 10.88 54.37
C ALA D 361 -8.70 10.26 54.21
N ILE D 362 -8.73 9.00 53.75
CA ILE D 362 -9.99 8.30 53.59
C ILE D 362 -10.67 8.22 54.96
N GLN D 363 -9.95 7.81 55.99
CA GLN D 363 -10.53 7.64 57.31
C GLN D 363 -11.10 8.96 57.84
N LEU D 364 -10.33 10.05 57.65
CA LEU D 364 -10.68 11.34 58.23
C LEU D 364 -11.89 11.91 57.52
N SER D 365 -11.92 11.75 56.20
CA SER D 365 -13.11 12.11 55.43
C SER D 365 -14.30 11.35 55.97
N GLY D 366 -14.08 10.04 56.14
CA GLY D 366 -15.08 9.12 56.66
C GLY D 366 -15.60 9.55 58.02
N TRP D 367 -14.69 9.97 58.91
CA TRP D 367 -15.08 10.36 60.25
C TRP D 367 -15.84 11.68 60.28
N THR D 368 -15.47 12.62 59.40
CA THR D 368 -16.00 13.97 59.45
C THR D 368 -17.15 14.18 58.48
N GLY D 369 -17.39 13.23 57.55
CA GLY D 369 -18.46 13.37 56.56
C GLY D 369 -18.20 14.52 55.58
N GLU D 370 -16.92 14.87 55.36
CA GLU D 370 -16.57 16.00 54.53
C GLU D 370 -15.42 15.60 53.60
N LYS D 371 -15.40 16.23 52.43
CA LYS D 371 -14.25 16.15 51.55
C LYS D 371 -13.04 16.77 52.25
N VAL D 372 -11.86 16.20 52.01
CA VAL D 372 -10.62 16.70 52.59
C VAL D 372 -9.56 16.79 51.52
N ALA D 373 -8.64 17.73 51.67
CA ALA D 373 -7.43 17.74 50.87
C ALA D 373 -6.52 16.59 51.30
N ASN D 374 -5.78 16.05 50.34
CA ASN D 374 -4.82 14.98 50.58
C ASN D 374 -3.43 15.52 50.34
N PRO D 375 -2.50 15.44 51.30
CA PRO D 375 -2.73 14.76 52.58
C PRO D 375 -3.42 15.65 53.60
N VAL D 376 -4.01 14.99 54.62
CA VAL D 376 -4.67 15.70 55.70
C VAL D 376 -3.62 16.13 56.71
N ASP D 377 -3.98 17.07 57.57
CA ASP D 377 -3.11 17.50 58.66
C ASP D 377 -2.82 16.31 59.59
N GLU D 378 -1.55 16.02 59.83
CA GLU D 378 -1.15 14.86 60.59
C GLU D 378 -1.71 14.91 62.02
N ASP D 379 -1.64 16.08 62.63
CA ASP D 379 -2.07 16.23 64.03
C ASP D 379 -3.58 16.04 64.14
N LYS D 380 -4.33 16.55 63.15
CA LYS D 380 -5.78 16.42 63.18
C LYS D 380 -6.18 14.95 63.10
N TYR D 381 -5.52 14.20 62.20
CA TYR D 381 -5.79 12.78 62.05
C TYR D 381 -5.47 12.07 63.36
N LEU D 382 -4.31 12.39 63.95
CA LEU D 382 -3.85 11.68 65.13
C LEU D 382 -4.85 11.87 66.26
N ALA D 383 -5.35 13.11 66.39
CA ALA D 383 -6.34 13.42 67.42
C ALA D 383 -7.57 12.54 67.27
N GLU D 384 -8.08 12.46 66.04
CA GLU D 384 -9.30 11.71 65.76
C GLU D 384 -9.06 10.21 65.98
N LEU D 385 -7.88 9.73 65.58
CA LEU D 385 -7.52 8.34 65.82
C LEU D 385 -7.46 8.10 67.32
N ASN D 386 -6.80 9.01 68.05
CA ASN D 386 -6.58 8.85 69.48
C ASN D 386 -7.92 8.84 70.20
N LYS D 387 -8.84 9.70 69.76
CA LYS D 387 -10.16 9.74 70.35
C LYS D 387 -10.81 8.36 70.29
N ARG D 388 -10.75 7.76 69.11
CA ARG D 388 -11.30 6.43 68.89
C ARG D 388 -10.58 5.38 69.72
N ILE D 389 -9.25 5.49 69.83
CA ILE D 389 -8.45 4.56 70.61
C ILE D 389 -8.91 4.61 72.07
N GLU D 390 -9.08 5.84 72.57
CA GLU D 390 -9.47 6.07 73.95
C GLU D 390 -10.82 5.42 74.23
N ALA D 391 -11.78 5.64 73.33
CA ALA D 391 -13.11 5.08 73.49
C ALA D 391 -13.06 3.56 73.46
N GLU D 392 -12.23 2.98 72.59
CA GLU D 392 -12.15 1.55 72.45
C GLU D 392 -11.65 0.94 73.76
N GLY D 393 -10.62 1.57 74.35
CA GLY D 393 -10.13 1.21 75.67
C GLY D 393 -9.35 -0.09 75.68
N LYS D 394 -8.97 -0.60 74.51
CA LYS D 394 -8.23 -1.84 74.46
C LYS D 394 -6.73 -1.55 74.53
N PHE D 395 -6.32 -0.35 74.13
CA PHE D 395 -4.90 -0.08 73.93
C PHE D 395 -4.58 1.36 74.34
N PRO D 396 -3.31 1.64 74.70
CA PRO D 396 -2.89 3.01 75.02
C PRO D 396 -2.91 3.96 73.83
N VAL D 397 -3.23 5.23 74.10
CA VAL D 397 -3.26 6.26 73.07
C VAL D 397 -1.84 6.51 72.55
N ARG D 398 -1.76 7.03 71.33
CA ARG D 398 -0.51 7.31 70.66
C ARG D 398 -0.01 8.71 70.98
N GLU D 399 1.32 8.85 71.02
CA GLU D 399 1.99 10.09 71.34
C GLU D 399 2.21 10.90 70.06
N MET E 1 24.98 13.24 34.16
CA MET E 1 24.35 13.98 33.03
C MET E 1 22.89 13.55 32.94
N GLU E 2 22.00 14.50 32.61
CA GLU E 2 20.58 14.16 32.47
C GLU E 2 20.39 13.26 31.26
N LYS E 3 21.08 13.54 30.14
CA LYS E 3 20.85 12.81 28.91
C LYS E 3 22.15 12.32 28.29
N VAL E 4 22.10 11.15 27.62
CA VAL E 4 23.24 10.59 26.91
C VAL E 4 22.99 10.79 25.42
N ARG E 5 23.92 11.44 24.73
CA ARG E 5 23.74 11.72 23.31
C ARG E 5 24.30 10.53 22.55
N TYR E 6 23.52 10.01 21.60
CA TYR E 6 23.88 8.78 20.93
C TYR E 6 24.23 9.11 19.49
N GLY E 7 25.32 8.51 19.01
CA GLY E 7 25.70 8.64 17.62
C GLY E 7 25.35 7.36 16.89
N ILE E 8 24.59 7.48 15.81
CA ILE E 8 24.12 6.30 15.11
C ILE E 8 25.05 6.08 13.95
N ILE E 9 25.68 4.92 13.89
CA ILE E 9 26.56 4.59 12.78
C ILE E 9 25.72 3.70 11.90
N GLY E 10 25.42 4.12 10.67
CA GLY E 10 24.53 3.37 9.82
C GLY E 10 23.10 3.85 10.02
N VAL E 11 22.70 4.91 9.32
CA VAL E 11 21.31 5.34 9.36
C VAL E 11 20.57 4.56 8.28
N GLY E 12 20.52 3.23 8.44
CA GLY E 12 19.79 2.36 7.53
C GLY E 12 18.44 2.07 8.17
N ASN E 13 17.87 0.87 7.91
CA ASN E 13 16.58 0.60 8.50
C ASN E 13 16.61 0.71 10.01
N GLN E 14 17.56 0.04 10.66
CA GLN E 14 17.57 0.05 12.11
C GLN E 14 17.99 1.45 12.61
N GLY E 15 19.00 2.03 11.97
CA GLY E 15 19.52 3.32 12.41
C GLY E 15 18.47 4.41 12.29
N GLY E 16 17.71 4.38 11.19
CA GLY E 16 16.66 5.34 10.95
C GLY E 16 15.61 5.25 12.05
N ALA E 17 15.28 4.00 12.40
CA ALA E 17 14.27 3.77 13.42
C ALA E 17 14.74 4.39 14.73
N TYR E 18 16.01 4.15 15.05
CA TYR E 18 16.57 4.63 16.30
C TYR E 18 16.55 6.14 16.31
N ALA E 19 16.87 6.73 15.17
CA ALA E 19 16.93 8.17 15.06
C ALA E 19 15.56 8.74 15.35
N GLY E 20 14.53 8.11 14.77
CA GLY E 20 13.16 8.54 15.01
C GLY E 20 12.81 8.42 16.50
N PHE E 21 13.21 7.31 17.11
CA PHE E 21 12.83 7.08 18.49
C PHE E 21 13.43 8.15 19.38
N LEU E 22 14.69 8.48 19.13
CA LEU E 22 15.39 9.49 19.92
C LEU E 22 14.82 10.88 19.66
N THR E 23 14.44 11.17 18.41
CA THR E 23 13.88 12.46 18.04
C THR E 23 12.39 12.57 18.34
N GLY E 24 11.74 11.45 18.65
CA GLY E 24 10.29 11.45 18.85
C GLY E 24 9.56 11.65 17.52
N THR E 25 10.23 11.25 16.44
CA THR E 25 9.77 11.47 15.07
C THR E 25 9.65 10.13 14.37
N GLY E 26 9.09 10.16 13.15
CA GLY E 26 8.95 8.98 12.32
C GLY E 26 7.85 8.09 12.87
N ASN E 27 7.03 8.64 13.80
CA ASN E 27 5.81 7.97 14.22
C ASN E 27 4.92 7.84 13.00
N VAL E 28 4.37 6.65 12.82
CA VAL E 28 3.47 6.34 11.72
C VAL E 28 2.11 6.14 12.37
N PRO E 29 1.03 6.75 11.86
CA PRO E 29 -0.25 6.67 12.55
C PRO E 29 -0.60 5.20 12.69
N GLY E 30 -0.30 4.38 11.67
CA GLY E 30 -0.50 2.94 11.75
C GLY E 30 0.25 2.31 12.92
N MET E 31 1.53 2.71 13.11
CA MET E 31 2.40 2.08 14.10
C MET E 31 2.73 3.07 15.23
N PRO E 32 2.04 3.00 16.39
CA PRO E 32 2.28 3.96 17.46
C PRO E 32 3.72 3.79 17.93
N ALA E 33 4.38 4.88 18.34
CA ALA E 33 5.81 4.85 18.58
C ALA E 33 6.13 5.17 20.04
N ALA E 34 7.18 4.56 20.58
CA ALA E 34 7.59 4.87 21.95
C ALA E 34 8.14 6.29 21.99
N PRO E 35 7.83 7.08 23.04
CA PRO E 35 8.38 8.44 23.15
C PRO E 35 9.87 8.39 23.43
N CYS E 36 10.59 9.50 23.21
CA CYS E 36 12.01 9.51 23.52
C CYS E 36 12.24 9.17 24.97
N PRO E 37 13.15 8.23 25.29
CA PRO E 37 13.41 7.90 26.68
C PRO E 37 13.98 9.13 27.38
N PRO E 38 13.72 9.30 28.69
CA PRO E 38 14.14 10.49 29.44
C PRO E 38 15.63 10.82 29.40
N HIS E 39 16.48 9.78 29.49
CA HIS E 39 17.91 9.97 29.60
C HIS E 39 18.61 9.84 28.24
N CYS E 40 17.86 9.81 27.15
CA CYS E 40 18.44 9.52 25.83
C CYS E 40 18.19 10.67 24.87
N ALA E 41 19.18 10.95 24.01
CA ALA E 41 19.03 11.92 22.93
C ALA E 41 19.89 11.51 21.73
N LEU E 42 19.60 12.10 20.57
CA LEU E 42 20.35 11.83 19.35
C LEU E 42 21.43 12.89 19.19
N GLY E 43 22.69 12.50 19.40
CA GLY E 43 23.82 13.40 19.23
C GLY E 43 24.21 13.63 17.77
N ALA E 44 24.28 12.55 16.98
CA ALA E 44 24.79 12.67 15.61
C ALA E 44 24.41 11.46 14.76
N LEU E 45 24.54 11.61 13.44
CA LEU E 45 24.20 10.58 12.47
C LEU E 45 25.40 10.35 11.56
N CYS E 46 25.73 9.08 11.28
CA CYS E 46 26.83 8.74 10.38
C CYS E 46 26.40 7.71 9.34
N ASP E 47 26.61 8.00 8.04
CA ASP E 47 26.43 7.00 7.00
C ASP E 47 27.37 7.28 5.82
N ILE E 48 27.83 6.22 5.14
CA ILE E 48 28.68 6.40 3.98
C ILE E 48 27.85 6.57 2.72
N ASP E 49 26.57 6.24 2.76
CA ASP E 49 25.73 6.29 1.56
C ASP E 49 25.21 7.71 1.37
N PRO E 50 25.37 8.28 0.15
CA PRO E 50 24.94 9.65 -0.12
C PRO E 50 23.45 9.88 0.10
N GLN E 51 22.64 8.88 -0.31
CA GLN E 51 21.19 8.98 -0.22
C GLN E 51 20.81 9.14 1.25
N LYS E 52 21.47 8.37 2.12
CA LYS E 52 21.19 8.42 3.54
C LYS E 52 21.52 9.81 4.09
N GLU E 53 22.64 10.38 3.62
CA GLU E 53 23.05 11.71 4.04
C GLU E 53 21.96 12.72 3.65
N GLU E 54 21.44 12.59 2.43
CA GLU E 54 20.40 13.46 1.92
C GLU E 54 19.15 13.34 2.80
N MET E 55 18.77 12.10 3.12
CA MET E 55 17.62 11.87 3.97
C MET E 55 17.89 12.51 5.33
N CYS E 56 19.14 12.37 5.81
CA CYS E 56 19.51 12.92 7.12
C CYS E 56 19.42 14.44 7.11
N LYS E 57 19.83 15.08 6.00
CA LYS E 57 19.71 16.52 5.87
C LYS E 57 18.24 16.93 5.89
N GLU E 58 17.37 16.10 5.30
CA GLU E 58 15.96 16.44 5.17
C GLU E 58 15.26 16.25 6.52
N LYS E 59 15.38 15.04 7.10
CA LYS E 59 14.61 14.70 8.28
C LYS E 59 15.24 15.27 9.54
N TYR E 60 16.56 15.44 9.56
CA TYR E 60 17.25 15.79 10.80
C TYR E 60 18.25 16.91 10.51
N PRO E 61 17.75 18.09 10.09
CA PRO E 61 18.61 19.13 9.53
C PRO E 61 19.58 19.74 10.55
N ASP E 62 19.20 19.70 11.83
CA ASP E 62 20.01 20.34 12.86
C ASP E 62 20.82 19.30 13.63
N VAL E 63 20.92 18.10 13.06
CA VAL E 63 21.67 17.03 13.70
C VAL E 63 22.97 16.82 12.95
N PRO E 64 24.12 16.96 13.65
CA PRO E 64 25.43 16.80 13.02
C PRO E 64 25.52 15.49 12.26
N PHE E 65 26.04 15.54 11.03
CA PHE E 65 26.17 14.36 10.17
C PHE E 65 27.64 14.10 9.86
N TYR E 66 28.07 12.83 9.82
CA TYR E 66 29.46 12.49 9.54
C TYR E 66 29.50 11.30 8.57
N LYS E 67 30.36 11.36 7.55
CA LYS E 67 30.62 10.22 6.68
C LYS E 67 31.42 9.17 7.43
N ASP E 68 32.43 9.62 8.19
CA ASP E 68 33.36 8.71 8.87
C ASP E 68 32.98 8.64 10.34
N TRP E 69 32.70 7.42 10.83
CA TRP E 69 32.28 7.22 12.20
C TRP E 69 33.40 7.57 13.20
N LYS E 70 34.66 7.55 12.76
CA LYS E 70 35.77 7.90 13.62
C LYS E 70 35.75 9.40 13.91
N ASP E 71 35.33 10.18 12.90
CA ASP E 71 35.20 11.63 13.05
C ASP E 71 34.09 11.93 14.06
N MET E 72 32.99 11.18 13.99
CA MET E 72 31.87 11.42 14.88
C MET E 72 32.30 11.13 16.34
N VAL E 73 33.06 10.05 16.52
CA VAL E 73 33.52 9.65 17.85
C VAL E 73 34.38 10.75 18.46
N ALA E 74 35.28 11.30 17.65
CA ALA E 74 36.23 12.32 18.10
C ALA E 74 35.57 13.68 18.26
N SER E 75 34.41 13.91 17.62
CA SER E 75 33.77 15.21 17.59
C SER E 75 33.35 15.69 18.98
N GLY E 76 33.04 14.74 19.90
CA GLY E 76 32.49 15.12 21.18
C GLY E 76 31.06 15.66 21.06
N ASP E 77 30.42 15.38 19.92
CA ASP E 77 28.99 15.60 19.77
C ASP E 77 28.19 14.45 20.38
N VAL E 78 28.85 13.32 20.68
CA VAL E 78 28.17 12.14 21.18
C VAL E 78 28.89 11.60 22.40
N ASP E 79 28.13 10.94 23.27
CA ASP E 79 28.61 10.32 24.51
C ASP E 79 28.58 8.80 24.40
N ALA E 80 28.00 8.28 23.31
CA ALA E 80 27.92 6.86 23.04
C ALA E 80 27.55 6.65 21.59
N VAL E 81 27.85 5.45 21.05
CA VAL E 81 27.48 5.13 19.69
C VAL E 81 26.76 3.79 19.65
N ILE E 82 25.94 3.61 18.60
CA ILE E 82 25.21 2.38 18.36
C ILE E 82 25.61 1.87 16.98
N THR E 83 25.95 0.58 16.85
CA THR E 83 26.60 0.10 15.64
C THR E 83 25.58 -0.50 14.67
N THR E 84 24.70 0.34 14.13
CA THR E 84 23.67 -0.13 13.20
C THR E 84 24.26 -0.19 11.78
N VAL E 85 25.32 -0.99 11.65
CA VAL E 85 26.01 -1.23 10.40
C VAL E 85 26.19 -2.73 10.21
N PRO E 86 26.58 -3.21 9.01
CA PRO E 86 26.85 -4.62 8.79
C PRO E 86 27.70 -5.21 9.90
N HIS E 87 27.51 -6.51 10.14
CA HIS E 87 27.94 -7.14 11.38
C HIS E 87 29.46 -7.17 11.44
N TYR E 88 30.11 -7.26 10.26
CA TYR E 88 31.56 -7.39 10.23
C TYR E 88 32.22 -6.18 10.90
N LEU E 89 31.56 -5.01 10.88
CA LEU E 89 32.11 -3.80 11.48
C LEU E 89 31.86 -3.72 12.98
N HIS E 90 31.04 -4.59 13.57
CA HIS E 90 30.62 -4.40 14.95
C HIS E 90 31.84 -4.40 15.87
N THR E 91 32.66 -5.46 15.81
CA THR E 91 33.75 -5.58 16.78
C THR E 91 34.82 -4.53 16.48
N GLU E 92 34.98 -4.17 15.21
CA GLU E 92 35.98 -3.22 14.79
C GLU E 92 35.71 -1.87 15.45
N ILE E 93 34.45 -1.45 15.42
CA ILE E 93 34.01 -0.17 15.97
C ILE E 93 34.10 -0.25 17.48
N ALA E 94 33.65 -1.36 18.03
CA ALA E 94 33.60 -1.51 19.48
C ALA E 94 35.00 -1.37 20.05
N ILE E 95 35.95 -2.11 19.49
CA ILE E 95 37.31 -2.13 20.00
C ILE E 95 37.87 -0.72 19.92
N TYR E 96 37.66 -0.05 18.79
CA TYR E 96 38.15 1.31 18.61
C TYR E 96 37.57 2.21 19.70
N CYS E 97 36.28 2.09 19.98
CA CYS E 97 35.59 2.97 20.91
C CYS E 97 36.07 2.73 22.33
N LEU E 98 36.22 1.46 22.70
CA LEU E 98 36.69 1.11 24.04
C LEU E 98 38.10 1.68 24.26
N GLU E 99 38.93 1.64 23.20
CA GLU E 99 40.29 2.11 23.31
C GLU E 99 40.34 3.64 23.33
N HIS E 100 39.26 4.30 22.88
CA HIS E 100 39.20 5.75 22.84
C HIS E 100 38.17 6.30 23.84
N GLY E 101 37.92 5.56 24.92
CA GLY E 101 37.05 6.00 26.01
C GLY E 101 35.62 6.35 25.58
N MET E 102 35.10 5.69 24.54
CA MET E 102 33.78 5.98 23.99
C MET E 102 32.82 4.82 24.28
N ASN E 103 31.72 5.11 24.98
CA ASN E 103 30.71 4.10 25.29
C ASN E 103 30.11 3.54 24.01
N VAL E 104 29.95 2.21 23.95
CA VAL E 104 29.50 1.57 22.73
C VAL E 104 28.39 0.56 23.03
N LEU E 105 27.27 0.75 22.34
CA LEU E 105 26.17 -0.20 22.33
C LEU E 105 26.19 -0.97 21.01
N VAL E 106 26.63 -2.23 21.07
CA VAL E 106 26.85 -3.04 19.89
C VAL E 106 25.53 -3.71 19.49
N GLU E 107 25.25 -3.70 18.20
CA GLU E 107 24.05 -4.35 17.68
C GLU E 107 24.22 -5.86 17.67
N LYS E 108 23.07 -6.53 17.58
CA LYS E 108 23.04 -7.96 17.36
C LYS E 108 23.29 -8.23 15.88
N PRO E 109 23.93 -9.35 15.50
CA PRO E 109 24.64 -10.20 16.45
C PRO E 109 25.91 -9.46 16.84
N ALA E 110 26.51 -9.82 17.99
CA ALA E 110 27.67 -9.09 18.47
C ALA E 110 28.75 -9.02 17.39
N GLY E 111 28.92 -10.11 16.64
CA GLY E 111 29.82 -10.14 15.49
C GLY E 111 29.57 -11.35 14.60
N VAL E 112 30.44 -11.57 13.62
CA VAL E 112 30.27 -12.66 12.68
C VAL E 112 30.98 -13.90 13.20
N TYR E 113 32.26 -13.74 13.56
CA TYR E 113 33.07 -14.87 14.03
C TYR E 113 33.53 -14.62 15.45
N ALA E 114 33.50 -15.69 16.24
CA ALA E 114 33.67 -15.64 17.68
C ALA E 114 35.03 -15.05 18.06
N LYS E 115 36.06 -15.30 17.26
CA LYS E 115 37.39 -14.79 17.59
C LYS E 115 37.32 -13.28 17.79
N SER E 116 36.71 -12.56 16.84
CA SER E 116 36.69 -11.10 16.88
C SER E 116 35.84 -10.63 18.06
N VAL E 117 34.81 -11.40 18.40
CA VAL E 117 33.93 -11.05 19.49
C VAL E 117 34.67 -11.25 20.82
N ARG E 118 35.47 -12.31 20.90
CA ARG E 118 36.23 -12.59 22.10
C ARG E 118 37.20 -11.43 22.32
N GLU E 119 37.86 -10.98 21.23
CA GLU E 119 38.82 -9.89 21.32
C GLU E 119 38.10 -8.65 21.84
N MET E 120 36.89 -8.41 21.33
CA MET E 120 36.11 -7.25 21.75
C MET E 120 35.84 -7.35 23.26
N ASN E 121 35.48 -8.55 23.74
CA ASN E 121 35.15 -8.71 25.14
C ASN E 121 36.39 -8.44 25.99
N GLU E 122 37.56 -8.93 25.54
CA GLU E 122 38.79 -8.80 26.30
C GLU E 122 39.21 -7.34 26.36
N CYS E 123 39.03 -6.65 25.23
CA CYS E 123 39.26 -5.22 25.13
C CYS E 123 38.38 -4.49 26.15
N ALA E 124 37.09 -4.83 26.22
CA ALA E 124 36.17 -4.17 27.13
C ALA E 124 36.59 -4.42 28.58
N ALA E 125 36.99 -5.66 28.86
CA ALA E 125 37.39 -6.04 30.21
C ALA E 125 38.62 -5.24 30.64
N ALA E 126 39.40 -4.80 29.64
CA ALA E 126 40.61 -4.02 29.87
C ALA E 126 40.34 -2.52 29.90
N HIS E 127 39.12 -2.09 29.56
CA HIS E 127 38.72 -0.70 29.70
C HIS E 127 37.37 -0.68 30.42
N PRO E 128 37.29 -1.17 31.67
CA PRO E 128 36.01 -1.38 32.35
C PRO E 128 35.23 -0.11 32.64
N GLU E 129 35.92 1.04 32.70
CA GLU E 129 35.28 2.33 32.92
C GLU E 129 34.37 2.70 31.74
N VAL E 130 34.61 2.10 30.57
CA VAL E 130 33.79 2.36 29.40
C VAL E 130 32.59 1.42 29.42
N THR E 131 31.38 1.99 29.25
CA THR E 131 30.16 1.19 29.17
C THR E 131 30.12 0.42 27.85
N PHE E 132 29.87 -0.89 28.00
CA PHE E 132 29.85 -1.84 26.90
C PHE E 132 28.60 -2.70 26.97
N GLY E 133 27.75 -2.59 25.95
CA GLY E 133 26.46 -3.25 25.96
C GLY E 133 26.10 -3.85 24.61
N ILE E 134 25.11 -4.72 24.62
CA ILE E 134 24.61 -5.25 23.37
C ILE E 134 23.10 -5.03 23.33
N MET E 135 22.57 -4.91 22.11
CA MET E 135 21.16 -4.66 21.87
C MET E 135 20.38 -5.99 21.84
N PHE E 136 20.30 -6.64 23.00
CA PHE E 136 19.47 -7.82 23.13
C PHE E 136 18.12 -7.33 23.67
N ASN E 137 17.35 -6.71 22.76
CA ASN E 137 16.19 -5.92 23.13
C ASN E 137 15.06 -6.83 23.60
N GLN E 138 15.11 -8.09 23.19
CA GLN E 138 14.08 -9.02 23.61
C GLN E 138 14.20 -9.35 25.09
N ARG E 139 15.30 -9.01 25.75
CA ARG E 139 15.39 -9.28 27.17
C ARG E 139 14.55 -8.27 27.95
N THR E 140 14.02 -7.24 27.27
CA THR E 140 13.15 -6.26 27.91
C THR E 140 11.70 -6.72 27.87
N ASN E 141 11.44 -7.84 27.21
CA ASN E 141 10.11 -8.38 27.03
C ASN E 141 9.69 -9.18 28.26
N LYS E 142 8.62 -8.72 28.91
CA LYS E 142 8.20 -9.33 30.16
C LYS E 142 7.92 -10.81 29.96
N LEU E 143 7.61 -11.22 28.73
CA LEU E 143 7.35 -12.62 28.43
C LEU E 143 8.59 -13.46 28.72
N TYR E 144 9.73 -13.06 28.15
CA TYR E 144 10.93 -13.87 28.28
C TYR E 144 11.49 -13.70 29.68
N GLN E 145 11.21 -12.56 30.33
CA GLN E 145 11.63 -12.38 31.71
C GLN E 145 10.90 -13.37 32.60
N LYS E 146 9.58 -13.50 32.36
CA LYS E 146 8.74 -14.43 33.11
C LYS E 146 9.29 -15.86 32.97
N ILE E 147 9.58 -16.28 31.75
CA ILE E 147 9.99 -17.64 31.48
C ILE E 147 11.37 -17.88 32.11
N ARG E 148 12.29 -16.93 31.92
CA ARG E 148 13.59 -17.05 32.52
C ARG E 148 13.47 -17.18 34.05
N GLU E 149 12.70 -16.28 34.67
CA GLU E 149 12.57 -16.26 36.12
C GLU E 149 12.14 -17.62 36.65
N ILE E 150 11.13 -18.21 36.01
CA ILE E 150 10.54 -19.44 36.50
C ILE E 150 11.57 -20.57 36.37
N VAL E 151 12.20 -20.67 35.20
CA VAL E 151 13.19 -21.69 34.99
C VAL E 151 14.32 -21.52 35.99
N ALA E 152 14.92 -20.32 36.05
CA ALA E 152 16.08 -20.08 36.90
C ALA E 152 15.75 -20.26 38.37
N SER E 153 14.50 -20.02 38.78
CA SER E 153 14.17 -20.09 40.21
C SER E 153 14.36 -21.52 40.71
N GLY E 154 14.33 -22.49 39.80
CA GLY E 154 14.32 -23.90 40.19
C GLY E 154 12.94 -24.34 40.68
N GLU E 155 11.94 -23.46 40.61
CA GLU E 155 10.61 -23.83 41.05
C GLU E 155 10.08 -25.04 40.30
N LEU E 156 10.40 -25.18 39.00
CA LEU E 156 9.87 -26.28 38.22
C LEU E 156 10.93 -27.34 38.06
N GLY E 157 11.98 -27.27 38.88
CA GLY E 157 13.06 -28.25 38.82
C GLY E 157 13.93 -28.00 37.60
N GLU E 158 14.65 -29.05 37.21
CA GLU E 158 15.62 -28.95 36.14
C GLU E 158 14.93 -29.10 34.78
N ILE E 159 15.54 -28.48 33.76
CA ILE E 159 15.11 -28.66 32.40
C ILE E 159 15.48 -30.05 31.93
N ARG E 160 14.57 -30.68 31.17
CA ARG E 160 14.87 -31.94 30.51
C ARG E 160 14.89 -31.78 28.99
N ARG E 161 14.11 -30.84 28.44
CA ARG E 161 14.07 -30.67 27.00
C ARG E 161 13.65 -29.26 26.64
N SER E 162 14.18 -28.74 25.53
CA SER E 162 13.64 -27.53 24.93
C SER E 162 13.48 -27.79 23.44
N ASN E 163 12.46 -27.17 22.85
CA ASN E 163 12.22 -27.28 21.43
C ASN E 163 11.64 -25.97 20.96
N TRP E 164 12.27 -25.34 19.97
CA TRP E 164 11.73 -24.11 19.43
C TRP E 164 11.67 -24.23 17.92
N ILE E 165 10.45 -24.21 17.38
CA ILE E 165 10.20 -24.10 15.95
C ILE E 165 9.81 -22.65 15.69
N ILE E 166 10.57 -21.95 14.84
CA ILE E 166 10.27 -20.56 14.57
C ILE E 166 10.51 -20.28 13.10
N ASN E 167 9.42 -20.42 12.34
CA ASN E 167 9.42 -20.43 10.88
C ASN E 167 8.62 -19.26 10.32
N ASN E 168 8.17 -18.33 11.18
CA ASN E 168 7.17 -17.35 10.78
C ASN E 168 7.77 -16.10 10.16
N TRP E 169 9.09 -16.04 9.94
CA TRP E 169 9.63 -14.88 9.27
C TRP E 169 9.92 -15.21 7.80
N TYR E 170 8.83 -15.21 7.01
CA TYR E 170 8.88 -15.45 5.59
C TYR E 170 9.60 -14.31 4.89
N ARG E 171 10.58 -14.65 4.06
CA ARG E 171 11.34 -13.66 3.32
C ARG E 171 11.59 -14.19 1.91
N PRO E 172 10.93 -13.61 0.89
CA PRO E 172 11.11 -14.06 -0.49
C PRO E 172 12.37 -13.51 -1.15
N ASP E 173 12.68 -14.05 -2.32
CA ASP E 173 13.85 -13.65 -3.09
C ASP E 173 13.89 -12.13 -3.23
N SER E 174 12.72 -11.49 -3.43
CA SER E 174 12.64 -10.04 -3.57
C SER E 174 13.23 -9.33 -2.36
N TYR E 175 12.99 -9.80 -1.14
CA TYR E 175 13.58 -9.21 0.07
C TYR E 175 15.10 -9.39 0.04
N TYR E 176 15.56 -10.56 -0.38
CA TYR E 176 16.98 -10.87 -0.36
C TYR E 176 17.70 -9.93 -1.31
N ARG E 177 17.06 -9.57 -2.43
CA ARG E 177 17.70 -8.70 -3.43
C ARG E 177 17.80 -7.25 -2.95
N LEU E 178 17.08 -6.88 -1.89
CA LEU E 178 17.08 -5.50 -1.40
C LEU E 178 18.46 -5.05 -0.89
N SER E 179 19.21 -5.90 -0.18
CA SER E 179 20.49 -5.51 0.40
C SER E 179 21.64 -6.33 -0.19
N ASP E 180 22.69 -5.65 -0.64
CA ASP E 180 23.90 -6.30 -1.12
C ASP E 180 24.61 -7.09 -0.02
N TRP E 181 24.78 -6.46 1.16
CA TRP E 181 25.53 -7.08 2.25
C TRP E 181 24.80 -8.29 2.84
N ARG E 182 23.46 -8.23 2.94
CA ARG E 182 22.73 -9.31 3.61
C ARG E 182 22.75 -10.58 2.78
N ALA E 183 22.77 -11.76 3.46
CA ALA E 183 22.72 -13.08 2.84
C ALA E 183 23.92 -13.36 1.93
N THR E 184 25.07 -12.77 2.27
CA THR E 184 26.31 -13.03 1.55
C THR E 184 27.34 -13.46 2.57
N TRP E 185 28.11 -14.52 2.31
CA TRP E 185 29.08 -14.94 3.32
C TRP E 185 30.03 -13.79 3.60
N GLY E 186 30.51 -13.14 2.53
CA GLY E 186 31.38 -11.99 2.70
C GLY E 186 30.69 -10.77 3.32
N GLY E 187 29.44 -10.48 2.91
CA GLY E 187 28.66 -9.39 3.51
C GLY E 187 28.14 -9.64 4.93
N GLU E 188 27.58 -10.82 5.22
CA GLU E 188 26.91 -11.09 6.50
C GLU E 188 27.56 -12.20 7.31
N GLY E 189 28.27 -13.12 6.65
CA GLY E 189 28.83 -14.27 7.33
C GLY E 189 27.82 -15.39 7.57
N GLY E 190 26.63 -15.24 6.99
CA GLY E 190 25.59 -16.24 7.08
C GLY E 190 24.28 -15.67 6.55
N GLY E 191 23.18 -16.42 6.71
CA GLY E 191 21.86 -15.88 6.35
C GLY E 191 20.93 -15.80 7.57
N VAL E 192 20.14 -16.85 7.79
CA VAL E 192 19.12 -16.84 8.83
C VAL E 192 19.78 -16.72 10.21
N LEU E 193 20.90 -17.44 10.40
CA LEU E 193 21.56 -17.49 11.70
C LEU E 193 22.10 -16.14 12.13
N VAL E 194 22.62 -15.35 11.17
CA VAL E 194 23.18 -14.03 11.45
C VAL E 194 22.10 -12.94 11.39
N ASN E 195 20.91 -13.22 10.86
CA ASN E 195 19.90 -12.18 10.70
C ASN E 195 18.71 -12.33 11.64
N GLN E 196 17.72 -13.17 11.25
CA GLN E 196 16.53 -13.42 12.05
C GLN E 196 16.83 -14.15 13.38
N ALA E 197 17.74 -15.15 13.33
CA ALA E 197 17.97 -16.08 14.45
C ALA E 197 18.64 -15.50 15.71
N PRO E 198 19.56 -14.50 15.69
CA PRO E 198 20.36 -14.16 16.87
C PRO E 198 19.62 -13.75 18.14
N HIS E 199 18.57 -12.93 18.05
CA HIS E 199 17.85 -12.60 19.28
C HIS E 199 17.34 -13.89 19.93
N GLN E 200 16.76 -14.77 19.10
CA GLN E 200 16.20 -16.03 19.57
C GLN E 200 17.30 -16.93 20.12
N LEU E 201 18.45 -16.98 19.44
CA LEU E 201 19.54 -17.84 19.88
C LEU E 201 20.03 -17.42 21.27
N ASP E 202 20.16 -16.10 21.48
CA ASP E 202 20.50 -15.60 22.80
C ASP E 202 19.42 -15.98 23.81
N LEU E 203 18.14 -15.79 23.44
CA LEU E 203 17.04 -16.04 24.36
C LEU E 203 17.07 -17.50 24.79
N TRP E 204 17.28 -18.40 23.81
CA TRP E 204 17.25 -19.83 24.10
C TRP E 204 18.32 -20.15 25.11
N GLN E 205 19.53 -19.62 24.87
CA GLN E 205 20.64 -19.82 25.78
C GLN E 205 20.35 -19.16 27.13
N TRP E 206 19.81 -17.94 27.10
CA TRP E 206 19.56 -17.20 28.33
C TRP E 206 18.59 -17.95 29.24
N ILE E 207 17.47 -18.43 28.69
CA ILE E 207 16.50 -19.22 29.46
C ILE E 207 17.00 -20.65 29.74
N CYS E 208 17.60 -21.34 28.75
CA CYS E 208 17.88 -22.78 28.89
C CYS E 208 19.36 -23.14 29.08
N GLY E 209 20.25 -22.16 29.22
CA GLY E 209 21.67 -22.45 29.36
C GLY E 209 22.34 -22.59 28.00
N ILE E 210 23.67 -22.84 28.00
CA ILE E 210 24.46 -22.88 26.78
C ILE E 210 24.74 -24.35 26.43
N PRO E 211 24.47 -24.79 25.17
CA PRO E 211 24.62 -26.19 24.82
C PRO E 211 26.06 -26.66 24.90
N THR E 212 26.28 -27.86 25.48
CA THR E 212 27.59 -28.47 25.47
C THR E 212 27.98 -28.88 24.04
N THR E 213 27.02 -29.45 23.30
CA THR E 213 27.30 -29.97 21.96
C THR E 213 26.21 -29.51 21.00
N VAL E 214 26.56 -29.30 19.73
CA VAL E 214 25.62 -28.85 18.71
C VAL E 214 25.69 -29.77 17.48
N TYR E 215 24.53 -30.27 17.00
CA TYR E 215 24.47 -30.96 15.72
C TYR E 215 23.46 -30.22 14.87
N ALA E 216 23.80 -29.86 13.62
CA ALA E 216 22.89 -29.04 12.83
C ALA E 216 22.80 -29.51 11.38
N ASN E 217 21.63 -29.30 10.75
CA ASN E 217 21.45 -29.52 9.32
C ASN E 217 21.10 -28.18 8.69
N CYS E 218 22.05 -27.59 7.95
CA CYS E 218 21.86 -26.26 7.41
C CYS E 218 21.78 -26.33 5.89
N ILE E 219 20.69 -25.88 5.30
CA ILE E 219 20.54 -25.92 3.86
C ILE E 219 20.79 -24.53 3.30
N ASN E 220 21.74 -24.40 2.37
CA ASN E 220 21.99 -23.14 1.72
C ASN E 220 21.04 -22.97 0.55
N GLY E 221 20.52 -21.75 0.37
CA GLY E 221 19.65 -21.42 -0.74
C GLY E 221 18.45 -22.36 -0.82
N SER E 222 17.78 -22.55 0.32
CA SER E 222 16.59 -23.36 0.36
C SER E 222 15.44 -22.58 -0.26
N HIS E 223 15.00 -23.00 -1.44
CA HIS E 223 13.94 -22.33 -2.17
C HIS E 223 14.28 -20.85 -2.41
N ARG E 224 15.57 -20.51 -2.36
CA ARG E 224 16.00 -19.13 -2.51
C ARG E 224 17.33 -19.09 -3.24
N ASP E 225 17.55 -17.97 -3.94
CA ASP E 225 18.72 -17.75 -4.77
C ASP E 225 19.75 -16.99 -3.95
N ILE E 226 20.29 -17.67 -2.92
CA ILE E 226 21.34 -17.14 -2.07
C ILE E 226 22.30 -18.28 -1.77
N ALA E 227 23.48 -17.95 -1.27
CA ALA E 227 24.51 -18.95 -1.03
C ALA E 227 24.53 -19.39 0.44
N VAL E 228 23.72 -18.73 1.27
CA VAL E 228 23.83 -18.88 2.71
C VAL E 228 22.67 -19.73 3.23
N GLU E 229 22.71 -20.09 4.51
CA GLU E 229 21.72 -20.99 5.05
C GLU E 229 20.43 -20.24 5.33
N ASN E 230 19.29 -20.85 5.01
CA ASN E 230 18.00 -20.30 5.38
C ASN E 230 16.99 -21.40 5.70
N ASP E 231 17.48 -22.61 6.02
CA ASP E 231 16.66 -23.67 6.61
C ASP E 231 17.59 -24.46 7.52
N VAL E 232 17.34 -24.37 8.84
CA VAL E 232 18.26 -24.86 9.84
C VAL E 232 17.51 -25.73 10.85
N THR E 233 18.07 -26.89 11.16
CA THR E 233 17.55 -27.75 12.20
C THR E 233 18.71 -28.08 13.11
N VAL E 234 18.55 -27.88 14.42
CA VAL E 234 19.66 -28.03 15.35
C VAL E 234 19.26 -28.98 16.46
N LEU E 235 20.17 -29.88 16.89
CA LEU E 235 20.04 -30.59 18.14
C LEU E 235 21.17 -30.19 19.08
N THR E 236 20.80 -29.99 20.35
CA THR E 236 21.76 -29.60 21.35
C THR E 236 21.69 -30.57 22.53
N GLU E 237 22.80 -30.63 23.28
CA GLU E 237 22.86 -31.26 24.59
C GLU E 237 23.39 -30.23 25.59
N TYR E 238 23.23 -30.52 26.87
CA TYR E 238 23.46 -29.56 27.93
C TYR E 238 24.19 -30.25 29.07
N GLU E 239 24.94 -29.48 29.86
CA GLU E 239 25.68 -29.98 31.00
C GLU E 239 24.81 -30.96 31.80
N ASN E 240 23.54 -30.63 32.03
CA ASN E 240 22.74 -31.41 32.98
C ASN E 240 22.04 -32.60 32.33
N GLY E 241 22.33 -32.90 31.05
CA GLY E 241 21.77 -34.08 30.39
C GLY E 241 20.54 -33.78 29.55
N ALA E 242 20.06 -32.53 29.58
CA ALA E 242 18.89 -32.16 28.80
C ALA E 242 19.26 -32.15 27.32
N THR E 243 18.23 -32.20 26.46
CA THR E 243 18.39 -32.06 25.03
C THR E 243 17.63 -30.81 24.57
N GLY E 244 17.94 -30.36 23.34
CA GLY E 244 17.24 -29.24 22.75
C GLY E 244 17.16 -29.36 21.24
N SER E 245 16.21 -28.63 20.64
CA SER E 245 16.12 -28.55 19.19
C SER E 245 15.67 -27.14 18.84
N PHE E 246 16.11 -26.68 17.66
CA PHE E 246 15.79 -25.37 17.14
C PHE E 246 15.64 -25.50 15.63
N ILE E 247 14.52 -25.03 15.10
CA ILE E 247 14.22 -25.15 13.68
C ILE E 247 13.79 -23.78 13.18
N THR E 248 14.36 -23.29 12.07
CA THR E 248 13.95 -22.00 11.54
C THR E 248 14.21 -21.96 10.04
N CYS E 249 13.43 -21.15 9.31
CA CYS E 249 13.62 -21.01 7.87
C CYS E 249 12.88 -19.77 7.38
N THR E 250 13.16 -19.35 6.15
CA THR E 250 12.56 -18.14 5.61
C THR E 250 11.67 -18.45 4.41
N HIS E 251 11.27 -19.73 4.23
CA HIS E 251 10.47 -20.08 3.06
C HIS E 251 9.10 -20.62 3.45
N ASP E 252 8.70 -20.45 4.71
CA ASP E 252 7.43 -20.97 5.22
C ASP E 252 6.42 -19.83 5.23
N LEU E 253 5.40 -19.94 4.39
CA LEU E 253 4.33 -18.96 4.30
C LEU E 253 3.48 -18.92 5.56
N LEU E 254 3.52 -19.96 6.39
CA LEU E 254 2.62 -20.00 7.52
C LEU E 254 3.32 -20.70 8.67
N GLY E 255 4.41 -20.08 9.12
CA GLY E 255 5.37 -20.78 9.93
C GLY E 255 4.92 -20.86 11.38
N THR E 256 5.09 -22.05 11.97
CA THR E 256 4.94 -22.22 13.40
C THR E 256 5.96 -21.35 14.14
N ASP E 257 5.57 -20.82 15.29
CA ASP E 257 6.46 -20.23 16.30
C ASP E 257 6.04 -20.80 17.64
N ARG E 258 6.65 -21.90 18.07
CA ARG E 258 6.24 -22.62 19.25
C ARG E 258 7.50 -23.03 20.00
N PHE E 259 7.61 -22.58 21.26
CA PHE E 259 8.76 -22.82 22.10
C PHE E 259 8.30 -23.62 23.31
N GLU E 260 8.84 -24.83 23.46
CA GLU E 260 8.44 -25.72 24.53
C GLU E 260 9.64 -25.94 25.43
N ILE E 261 9.41 -25.91 26.74
CA ILE E 261 10.40 -26.32 27.71
C ILE E 261 9.73 -27.34 28.61
N ASP E 262 10.37 -28.51 28.74
CA ASP E 262 9.88 -29.60 29.57
C ASP E 262 10.82 -29.74 30.76
N LEU E 263 10.23 -29.80 31.96
CA LEU E 263 11.01 -29.75 33.18
C LEU E 263 10.56 -30.86 34.10
N ASP E 264 11.36 -31.06 35.15
CA ASP E 264 11.12 -32.11 36.12
C ASP E 264 9.75 -31.83 36.77
N GLY E 265 9.39 -30.56 36.92
CA GLY E 265 8.24 -30.18 37.72
C GLY E 265 7.16 -29.40 36.96
N GLY E 266 7.32 -29.27 35.65
CA GLY E 266 6.28 -28.65 34.87
C GLY E 266 6.67 -28.53 33.41
N LYS E 267 5.93 -27.69 32.69
CA LYS E 267 6.09 -27.56 31.26
C LYS E 267 5.72 -26.13 30.88
N ILE E 268 6.41 -25.60 29.88
CA ILE E 268 6.10 -24.26 29.42
C ILE E 268 5.95 -24.33 27.91
N VAL E 269 4.91 -23.70 27.39
CA VAL E 269 4.74 -23.64 25.95
C VAL E 269 4.44 -22.20 25.58
N VAL E 270 5.21 -21.65 24.65
CA VAL E 270 5.06 -20.26 24.28
C VAL E 270 4.66 -20.21 22.81
N GLU E 271 3.53 -19.59 22.52
CA GLU E 271 2.98 -19.55 21.18
C GLU E 271 3.09 -18.16 20.60
N ASP E 272 3.66 -18.07 19.39
CA ASP E 272 3.72 -16.85 18.61
C ASP E 272 4.48 -15.75 19.32
N SER E 273 5.30 -16.13 20.30
CA SER E 273 6.15 -15.18 21.01
C SER E 273 5.33 -14.11 21.73
N LYS E 274 4.06 -14.41 22.04
CA LYS E 274 3.19 -13.49 22.76
C LYS E 274 2.61 -14.17 24.00
N LYS E 275 2.30 -15.46 23.91
CA LYS E 275 1.45 -16.08 24.91
C LYS E 275 2.09 -17.36 25.43
N ALA E 276 2.09 -17.53 26.75
CA ALA E 276 2.79 -18.63 27.40
C ALA E 276 1.79 -19.42 28.24
N TYR E 277 1.84 -20.74 28.12
CA TYR E 277 1.07 -21.62 28.97
C TYR E 277 2.07 -22.27 29.92
N ILE E 278 1.87 -22.10 31.23
CA ILE E 278 2.77 -22.65 32.23
C ILE E 278 2.01 -23.76 32.95
N TYR E 279 2.55 -24.98 32.92
CA TYR E 279 1.93 -26.11 33.58
C TYR E 279 2.80 -26.49 34.77
N ARG E 280 2.20 -26.51 35.96
CA ARG E 280 2.93 -26.91 37.15
C ARG E 280 2.39 -28.26 37.59
N PHE E 281 3.29 -29.26 37.64
CA PHE E 281 2.89 -30.59 38.08
C PHE E 281 2.64 -30.52 39.58
N LYS E 282 1.62 -31.24 40.08
CA LYS E 282 1.34 -31.31 41.50
C LYS E 282 2.58 -31.85 42.22
N GLU E 283 3.19 -32.87 41.62
CA GLU E 283 4.40 -33.46 42.13
C GLU E 283 5.37 -33.59 40.95
N THR E 284 6.66 -33.57 41.23
CA THR E 284 7.66 -33.75 40.21
C THR E 284 7.55 -35.16 39.63
N GLU E 285 7.95 -35.30 38.36
CA GLU E 285 7.91 -36.58 37.70
C GLU E 285 8.78 -37.57 38.48
N THR E 286 9.93 -37.09 38.99
CA THR E 286 10.83 -37.94 39.76
C THR E 286 10.05 -38.57 40.91
N ALA E 287 9.25 -37.75 41.60
CA ALA E 287 8.42 -38.20 42.70
C ALA E 287 7.38 -39.23 42.22
N VAL E 288 6.74 -38.93 41.09
CA VAL E 288 5.71 -39.82 40.55
C VAL E 288 6.34 -41.18 40.21
N ASN E 289 7.51 -41.13 39.59
CA ASN E 289 8.20 -42.34 39.16
C ASN E 289 8.57 -43.19 40.37
N ALA E 290 8.95 -42.51 41.46
CA ALA E 290 9.36 -43.17 42.70
C ALA E 290 8.20 -43.92 43.35
N ARG E 291 6.96 -43.48 43.13
CA ARG E 291 5.79 -44.01 43.78
C ARG E 291 5.61 -45.54 43.75
N ASP E 292 6.13 -46.31 42.78
CA ASP E 292 5.89 -47.76 42.81
C ASP E 292 4.39 -48.02 42.81
N MET E 293 3.74 -47.40 41.84
CA MET E 293 2.29 -47.38 41.64
C MET E 293 1.75 -48.82 41.53
N ASP E 310 -7.26 -33.25 34.51
CA ASP E 310 -6.19 -32.25 34.75
C ASP E 310 -5.95 -32.07 36.25
N LYS E 311 -6.29 -33.07 37.07
CA LYS E 311 -6.06 -33.01 38.51
C LYS E 311 -4.55 -32.97 38.79
N MET E 312 -3.76 -33.62 37.93
CA MET E 312 -2.32 -33.75 38.13
C MET E 312 -1.54 -32.45 37.92
N PHE E 313 -2.07 -31.54 37.10
CA PHE E 313 -1.34 -30.31 36.79
C PHE E 313 -2.27 -29.10 36.90
N GLU E 314 -1.69 -27.92 37.13
CA GLU E 314 -2.40 -26.66 37.12
C GLU E 314 -1.81 -25.79 36.01
N VAL E 315 -2.64 -24.99 35.33
CA VAL E 315 -2.18 -24.20 34.19
C VAL E 315 -2.30 -22.71 34.51
N GLU E 316 -1.22 -21.97 34.26
CA GLU E 316 -1.14 -20.52 34.40
C GLU E 316 -0.89 -19.94 32.99
N GLU E 317 -1.46 -18.77 32.72
CA GLU E 317 -1.28 -18.11 31.43
C GLU E 317 -0.53 -16.78 31.63
N PHE E 318 0.35 -16.47 30.67
CA PHE E 318 1.00 -15.18 30.61
C PHE E 318 0.90 -14.69 29.17
N GLU E 319 0.58 -13.40 28.98
CA GLU E 319 0.61 -12.80 27.66
C GLU E 319 1.28 -11.43 27.77
N ASN E 320 2.23 -11.15 26.86
CA ASN E 320 2.77 -9.80 26.71
C ASN E 320 3.06 -9.51 25.25
N THR E 321 2.66 -8.33 24.79
CA THR E 321 3.06 -7.83 23.49
C THR E 321 3.71 -6.49 23.71
N ASP E 322 4.87 -6.26 23.07
CA ASP E 322 5.59 -5.02 23.23
C ASP E 322 5.39 -4.19 21.97
N GLY E 323 5.01 -2.92 22.14
CA GLY E 323 4.69 -2.05 21.03
C GLY E 323 5.95 -1.57 20.32
N TRP E 324 5.76 -0.97 19.15
CA TRP E 324 6.89 -0.56 18.34
C TRP E 324 7.76 0.40 19.12
N GLY E 325 9.06 0.12 19.18
CA GLY E 325 10.04 0.98 19.79
C GLY E 325 10.29 0.64 21.24
N TYR E 326 9.37 -0.07 21.90
CA TYR E 326 9.47 -0.25 23.33
C TYR E 326 10.80 -0.90 23.69
N GLN E 327 11.11 -2.03 23.03
CA GLN E 327 12.24 -2.85 23.46
C GLN E 327 13.54 -2.08 23.24
N HIS E 328 13.68 -1.48 22.04
CA HIS E 328 14.90 -0.81 21.69
C HIS E 328 15.12 0.43 22.57
N THR E 329 14.07 1.20 22.79
CA THR E 329 14.15 2.39 23.64
C THR E 329 14.50 1.98 25.05
N THR E 330 13.91 0.88 25.53
CA THR E 330 14.13 0.45 26.90
C THR E 330 15.61 0.13 27.08
N VAL E 331 16.22 -0.53 26.08
CA VAL E 331 17.64 -0.84 26.14
C VAL E 331 18.42 0.48 26.14
N MET E 332 18.09 1.35 25.20
CA MET E 332 18.78 2.64 25.08
C MET E 332 18.75 3.36 26.42
N GLU E 333 17.59 3.33 27.08
CA GLU E 333 17.41 4.05 28.34
C GLU E 333 18.22 3.37 29.43
N ASN E 334 18.18 2.03 29.46
CA ASN E 334 18.91 1.24 30.43
C ASN E 334 20.41 1.54 30.30
N PHE E 335 20.88 1.57 29.05
CA PHE E 335 22.27 1.80 28.73
C PHE E 335 22.70 3.20 29.19
N ALA E 336 21.87 4.19 28.85
CA ALA E 336 22.15 5.56 29.27
C ALA E 336 22.25 5.59 30.79
N GLN E 337 21.33 4.89 31.46
CA GLN E 337 21.27 4.93 32.91
C GLN E 337 22.54 4.33 33.52
N HIS E 338 23.11 3.30 32.88
CA HIS E 338 24.34 2.72 33.39
C HIS E 338 25.44 3.77 33.39
N ILE E 339 25.57 4.48 32.25
CA ILE E 339 26.55 5.53 32.10
C ILE E 339 26.37 6.57 33.20
N ILE E 340 25.10 6.95 33.47
CA ILE E 340 24.81 8.10 34.31
C ILE E 340 24.96 7.75 35.79
N ASP E 341 24.33 6.66 36.27
CA ASP E 341 24.26 6.42 37.70
C ASP E 341 24.61 4.98 38.06
N GLY E 342 25.18 4.21 37.12
CA GLY E 342 25.62 2.85 37.40
C GLY E 342 24.50 1.81 37.40
N THR E 343 23.26 2.17 37.06
CA THR E 343 22.20 1.18 36.93
C THR E 343 22.76 -0.04 36.16
N PRO E 344 22.59 -1.28 36.66
CA PRO E 344 23.03 -2.47 35.93
C PRO E 344 22.39 -2.64 34.55
N LEU E 345 23.16 -3.20 33.60
CA LEU E 345 22.71 -3.43 32.24
C LEU E 345 21.88 -4.72 32.15
N LEU E 346 20.72 -4.64 31.47
CA LEU E 346 19.98 -5.84 31.11
C LEU E 346 20.84 -6.72 30.21
N ALA E 347 21.56 -6.07 29.29
CA ALA E 347 22.34 -6.76 28.27
C ALA E 347 23.80 -6.30 28.31
N PRO E 348 24.61 -6.85 29.25
CA PRO E 348 26.05 -6.58 29.30
C PRO E 348 26.67 -7.15 28.03
N GLY E 349 27.57 -6.37 27.38
CA GLY E 349 28.01 -6.69 26.03
C GLY E 349 28.73 -8.02 25.92
N SER E 350 29.34 -8.43 27.04
CA SER E 350 30.13 -9.65 27.06
C SER E 350 29.23 -10.85 26.69
N ASP E 351 27.93 -10.76 27.02
CA ASP E 351 26.99 -11.84 26.75
C ASP E 351 26.83 -12.11 25.25
N GLY E 352 27.17 -11.13 24.41
CA GLY E 352 26.92 -11.25 22.99
C GLY E 352 27.58 -12.48 22.37
N ILE E 353 28.66 -12.94 22.99
CA ILE E 353 29.46 -14.01 22.44
C ILE E 353 28.73 -15.35 22.52
N ASN E 354 27.82 -15.51 23.49
CA ASN E 354 27.12 -16.78 23.64
C ASN E 354 26.38 -17.10 22.34
N GLY E 355 25.67 -16.10 21.83
CA GLY E 355 24.87 -16.26 20.62
C GLY E 355 25.74 -16.43 19.39
N VAL E 356 26.90 -15.77 19.38
CA VAL E 356 27.77 -15.87 18.23
C VAL E 356 28.40 -17.27 18.21
N ARG E 357 28.88 -17.73 19.35
CA ARG E 357 29.46 -19.05 19.43
C ARG E 357 28.46 -20.11 18.96
N LEU E 358 27.20 -19.96 19.37
CA LEU E 358 26.20 -20.97 19.04
C LEU E 358 25.98 -20.96 17.53
N ALA E 359 25.87 -19.76 16.96
CA ALA E 359 25.66 -19.61 15.52
C ALA E 359 26.84 -20.22 14.76
N ASN E 360 28.06 -19.96 15.23
CA ASN E 360 29.25 -20.50 14.60
C ASN E 360 29.22 -22.04 14.70
N ALA E 361 28.85 -22.56 15.86
CA ALA E 361 28.85 -24.01 16.07
C ALA E 361 27.81 -24.65 15.14
N ILE E 362 26.65 -24.03 15.04
CA ILE E 362 25.61 -24.53 14.16
C ILE E 362 26.15 -24.59 12.73
N GLN E 363 26.76 -23.49 12.28
CA GLN E 363 27.22 -23.41 10.90
C GLN E 363 28.28 -24.49 10.63
N LEU E 364 29.20 -24.67 11.57
CA LEU E 364 30.35 -25.54 11.38
C LEU E 364 29.89 -27.00 11.38
N SER E 365 28.95 -27.32 12.28
CA SER E 365 28.33 -28.62 12.28
C SER E 365 27.68 -28.86 10.92
N GLY E 366 26.95 -27.83 10.48
CA GLY E 366 26.26 -27.84 9.20
C GLY E 366 27.21 -28.09 8.04
N TRP E 367 28.36 -27.43 8.07
CA TRP E 367 29.31 -27.54 6.97
C TRP E 367 30.01 -28.90 6.96
N THR E 368 30.27 -29.48 8.15
CA THR E 368 31.07 -30.67 8.25
C THR E 368 30.20 -31.93 8.35
N GLY E 369 28.90 -31.79 8.59
CA GLY E 369 28.01 -32.94 8.73
C GLY E 369 28.30 -33.75 9.99
N GLU E 370 28.86 -33.11 11.01
CA GLU E 370 29.26 -33.80 12.23
C GLU E 370 28.81 -33.01 13.45
N LYS E 371 28.52 -33.75 14.53
CA LYS E 371 28.32 -33.16 15.83
C LYS E 371 29.61 -32.45 16.25
N VAL E 372 29.48 -31.31 16.95
CA VAL E 372 30.62 -30.57 17.43
C VAL E 372 30.38 -30.19 18.89
N ALA E 373 31.46 -30.08 19.65
CA ALA E 373 31.39 -29.47 20.96
C ALA E 373 31.22 -27.96 20.77
N ASN E 374 30.50 -27.36 21.74
CA ASN E 374 30.27 -25.93 21.72
C ASN E 374 30.99 -25.33 22.92
N PRO E 375 31.87 -24.32 22.74
CA PRO E 375 32.10 -23.69 21.44
C PRO E 375 33.11 -24.44 20.59
N VAL E 376 33.09 -24.16 19.28
CA VAL E 376 34.00 -24.76 18.32
C VAL E 376 35.29 -23.94 18.28
N ASP E 377 36.33 -24.55 17.70
CA ASP E 377 37.61 -23.89 17.52
C ASP E 377 37.43 -22.68 16.60
N GLU E 378 37.90 -21.52 17.07
CA GLU E 378 37.73 -20.27 16.34
C GLU E 378 38.41 -20.33 14.97
N ASP E 379 39.62 -20.89 14.91
CA ASP E 379 40.40 -20.90 13.68
C ASP E 379 39.72 -21.81 12.65
N LYS E 380 39.18 -22.96 13.12
CA LYS E 380 38.53 -23.89 12.22
C LYS E 380 37.33 -23.22 11.55
N TYR E 381 36.52 -22.51 12.36
CA TYR E 381 35.35 -21.82 11.86
C TYR E 381 35.78 -20.78 10.83
N LEU E 382 36.80 -20.00 11.19
CA LEU E 382 37.21 -18.88 10.37
C LEU E 382 37.65 -19.39 9.00
N ALA E 383 38.39 -20.50 9.01
CA ALA E 383 38.90 -21.09 7.77
C ALA E 383 37.73 -21.46 6.86
N GLU E 384 36.73 -22.13 7.43
CA GLU E 384 35.59 -22.60 6.67
C GLU E 384 34.78 -21.42 6.16
N LEU E 385 34.62 -20.38 6.99
CA LEU E 385 33.94 -19.17 6.56
C LEU E 385 34.71 -18.54 5.40
N ASN E 386 36.04 -18.42 5.57
CA ASN E 386 36.88 -17.74 4.60
C ASN E 386 36.82 -18.50 3.26
N LYS E 387 36.82 -19.83 3.33
CA LYS E 387 36.74 -20.64 2.13
C LYS E 387 35.49 -20.26 1.34
N ARG E 388 34.36 -20.17 2.05
CA ARG E 388 33.10 -19.82 1.43
C ARG E 388 33.13 -18.39 0.89
N ILE E 389 33.76 -17.47 1.63
CA ILE E 389 33.87 -16.07 1.19
C ILE E 389 34.62 -16.02 -0.14
N GLU E 390 35.74 -16.76 -0.18
CA GLU E 390 36.62 -16.81 -1.35
C GLU E 390 35.81 -17.29 -2.57
N ALA E 391 35.06 -18.37 -2.39
CA ALA E 391 34.28 -18.95 -3.48
C ALA E 391 33.22 -17.96 -3.95
N GLU E 392 32.58 -17.26 -3.00
CA GLU E 392 31.52 -16.34 -3.33
C GLU E 392 32.06 -15.23 -4.22
N GLY E 393 33.24 -14.69 -3.84
CA GLY E 393 33.95 -13.74 -4.67
C GLY E 393 33.30 -12.34 -4.68
N LYS E 394 32.38 -12.11 -3.76
CA LYS E 394 31.73 -10.80 -3.69
C LYS E 394 32.52 -9.88 -2.76
N PHE E 395 33.27 -10.47 -1.82
CA PHE E 395 33.88 -9.69 -0.77
C PHE E 395 35.27 -10.24 -0.44
N PRO E 396 36.18 -9.38 0.09
CA PRO E 396 37.48 -9.85 0.57
C PRO E 396 37.39 -10.75 1.80
N VAL E 397 38.32 -11.69 1.87
CA VAL E 397 38.43 -12.61 3.00
C VAL E 397 38.86 -11.82 4.24
N ARG E 398 38.72 -12.42 5.40
CA ARG E 398 39.15 -11.82 6.65
C ARG E 398 40.63 -12.12 6.97
N GLU F 2 -33.34 27.29 -4.79
CA GLU F 2 -31.90 27.48 -4.56
C GLU F 2 -31.15 26.16 -4.80
N LYS F 3 -31.70 25.04 -4.33
CA LYS F 3 -31.01 23.76 -4.45
C LYS F 3 -31.90 22.68 -5.04
N VAL F 4 -31.31 21.75 -5.79
CA VAL F 4 -32.00 20.58 -6.31
C VAL F 4 -31.56 19.39 -5.48
N ARG F 5 -32.53 18.68 -4.90
CA ARG F 5 -32.21 17.57 -4.01
C ARG F 5 -32.17 16.33 -4.90
N TYR F 6 -31.09 15.54 -4.79
CA TYR F 6 -30.87 14.46 -5.71
C TYR F 6 -31.06 13.15 -4.98
N GLY F 7 -31.75 12.22 -5.63
CA GLY F 7 -31.89 10.90 -5.05
C GLY F 7 -31.01 9.94 -5.84
N ILE F 8 -30.16 9.21 -5.16
CA ILE F 8 -29.20 8.35 -5.83
C ILE F 8 -29.79 6.95 -5.86
N ILE F 9 -29.97 6.38 -7.04
CA ILE F 9 -30.45 5.02 -7.15
C ILE F 9 -29.22 4.18 -7.41
N GLY F 10 -28.90 3.27 -6.49
CA GLY F 10 -27.67 2.52 -6.58
C GLY F 10 -26.55 3.26 -5.85
N VAL F 11 -26.45 3.06 -4.53
CA VAL F 11 -25.32 3.64 -3.81
C VAL F 11 -24.17 2.63 -3.88
N GLY F 12 -23.68 2.42 -5.10
CA GLY F 12 -22.53 1.55 -5.34
C GLY F 12 -21.29 2.43 -5.46
N ASN F 13 -20.31 2.00 -6.26
CA ASN F 13 -19.11 2.80 -6.35
C ASN F 13 -19.43 4.20 -6.84
N GLN F 14 -20.18 4.32 -7.95
CA GLN F 14 -20.45 5.65 -8.48
C GLN F 14 -21.40 6.40 -7.54
N GLY F 15 -22.43 5.70 -7.06
CA GLY F 15 -23.44 6.33 -6.22
C GLY F 15 -22.83 6.87 -4.94
N GLY F 16 -21.94 6.07 -4.34
CA GLY F 16 -21.28 6.46 -3.12
C GLY F 16 -20.45 7.72 -3.34
N ALA F 17 -19.77 7.78 -4.48
CA ALA F 17 -18.94 8.91 -4.79
C ALA F 17 -19.81 10.16 -4.87
N TYR F 18 -20.95 10.02 -5.55
CA TYR F 18 -21.86 11.14 -5.75
C TYR F 18 -22.36 11.61 -4.40
N ALA F 19 -22.68 10.64 -3.55
CA ALA F 19 -23.23 10.95 -2.25
C ALA F 19 -22.21 11.76 -1.47
N GLY F 20 -20.94 11.34 -1.53
CA GLY F 20 -19.89 12.07 -0.87
C GLY F 20 -19.77 13.48 -1.42
N PHE F 21 -19.84 13.62 -2.74
CA PHE F 21 -19.65 14.92 -3.36
C PHE F 21 -20.71 15.89 -2.89
N LEU F 22 -21.97 15.39 -2.87
CA LEU F 22 -23.10 16.21 -2.47
C LEU F 22 -23.03 16.55 -0.97
N THR F 23 -22.59 15.61 -0.15
CA THR F 23 -22.46 15.82 1.28
C THR F 23 -21.17 16.55 1.64
N GLY F 24 -20.23 16.66 0.70
CA GLY F 24 -18.91 17.22 0.98
C GLY F 24 -18.11 16.29 1.90
N THR F 25 -18.44 15.00 1.80
CA THR F 25 -17.85 13.96 2.65
C THR F 25 -17.19 12.93 1.74
N GLY F 26 -16.40 12.03 2.34
CA GLY F 26 -15.67 11.03 1.58
C GLY F 26 -14.49 11.66 0.84
N ASN F 27 -14.25 12.96 1.04
CA ASN F 27 -13.03 13.60 0.62
C ASN F 27 -11.90 12.95 1.41
N VAL F 28 -10.81 12.63 0.72
CA VAL F 28 -9.63 12.08 1.40
C VAL F 28 -8.55 13.14 1.34
N PRO F 29 -7.95 13.55 2.47
CA PRO F 29 -6.83 14.49 2.39
C PRO F 29 -5.79 13.73 1.56
N GLY F 30 -5.21 14.42 0.58
CA GLY F 30 -4.35 13.79 -0.40
C GLY F 30 -5.13 13.20 -1.56
N ALA F 34 -13.84 18.05 -4.99
CA ALA F 34 -14.68 19.21 -5.34
C ALA F 34 -15.69 19.45 -4.22
N PRO F 35 -15.95 20.71 -3.83
CA PRO F 35 -16.95 21.01 -2.80
C PRO F 35 -18.35 20.72 -3.35
N CYS F 36 -19.35 20.62 -2.47
CA CYS F 36 -20.73 20.46 -2.94
C CYS F 36 -21.09 21.63 -3.85
N PRO F 37 -21.66 21.37 -5.05
CA PRO F 37 -22.04 22.45 -5.95
C PRO F 37 -23.11 23.30 -5.27
N PRO F 38 -23.16 24.62 -5.55
CA PRO F 38 -24.09 25.53 -4.88
C PRO F 38 -25.57 25.15 -4.96
N HIS F 39 -26.01 24.68 -6.14
CA HIS F 39 -27.41 24.41 -6.39
C HIS F 39 -27.77 22.94 -6.20
N CYS F 40 -26.86 22.15 -5.61
CA CYS F 40 -27.04 20.72 -5.51
C CYS F 40 -27.05 20.27 -4.05
N ALA F 41 -27.89 19.28 -3.73
CA ALA F 41 -27.89 18.63 -2.43
C ALA F 41 -28.31 17.16 -2.56
N LEU F 42 -28.02 16.35 -1.52
CA LEU F 42 -28.41 14.94 -1.52
C LEU F 42 -29.75 14.81 -0.80
N GLY F 43 -30.81 14.52 -1.56
CA GLY F 43 -32.14 14.34 -0.98
C GLY F 43 -32.34 12.96 -0.34
N ALA F 44 -31.88 11.90 -1.02
CA ALA F 44 -32.17 10.54 -0.55
C ALA F 44 -31.26 9.52 -1.22
N LEU F 45 -31.20 8.31 -0.62
CA LEU F 45 -30.39 7.21 -1.10
C LEU F 45 -31.28 5.98 -1.29
N CYS F 46 -31.09 5.26 -2.40
CA CYS F 46 -31.84 4.04 -2.66
C CYS F 46 -30.89 2.92 -3.08
N ASP F 47 -30.99 1.75 -2.42
CA ASP F 47 -30.32 0.55 -2.90
C ASP F 47 -31.13 -0.68 -2.50
N ILE F 48 -31.13 -1.69 -3.35
CA ILE F 48 -31.85 -2.93 -3.09
C ILE F 48 -30.97 -3.88 -2.26
N ASP F 49 -29.67 -3.62 -2.14
CA ASP F 49 -28.81 -4.48 -1.35
C ASP F 49 -28.86 -4.05 0.11
N PRO F 50 -29.14 -4.98 1.05
CA PRO F 50 -29.18 -4.67 2.47
C PRO F 50 -27.85 -4.13 3.03
N GLN F 51 -26.73 -4.66 2.52
CA GLN F 51 -25.43 -4.23 3.01
C GLN F 51 -25.25 -2.74 2.72
N LYS F 52 -25.69 -2.32 1.53
CA LYS F 52 -25.61 -0.93 1.13
C LYS F 52 -26.47 -0.06 2.04
N GLU F 53 -27.66 -0.57 2.40
CA GLU F 53 -28.55 0.12 3.32
C GLU F 53 -27.85 0.34 4.66
N GLU F 54 -27.16 -0.71 5.14
CA GLU F 54 -26.45 -0.63 6.40
C GLU F 54 -25.36 0.43 6.31
N MET F 55 -24.61 0.43 5.20
CA MET F 55 -23.58 1.43 5.00
C MET F 55 -24.23 2.80 4.99
N CYS F 56 -25.38 2.92 4.33
CA CYS F 56 -26.08 4.19 4.22
C CYS F 56 -26.56 4.68 5.59
N LYS F 57 -27.01 3.75 6.45
CA LYS F 57 -27.39 4.11 7.82
C LYS F 57 -26.17 4.61 8.58
N GLU F 58 -25.00 4.03 8.31
CA GLU F 58 -23.78 4.39 9.04
C GLU F 58 -23.26 5.74 8.55
N LYS F 59 -23.02 5.86 7.25
CA LYS F 59 -22.35 7.02 6.69
C LYS F 59 -23.29 8.22 6.55
N TYR F 60 -24.59 7.96 6.32
CA TYR F 60 -25.52 9.02 6.01
C TYR F 60 -26.78 8.86 6.85
N PRO F 61 -26.65 8.97 8.19
CA PRO F 61 -27.72 8.56 9.10
C PRO F 61 -28.97 9.42 9.01
N ASP F 62 -28.81 10.69 8.58
CA ASP F 62 -29.93 11.61 8.55
C ASP F 62 -30.46 11.76 7.13
N VAL F 63 -30.06 10.85 6.25
CA VAL F 63 -30.48 10.93 4.87
C VAL F 63 -31.50 9.83 4.61
N PRO F 64 -32.73 10.21 4.16
CA PRO F 64 -33.79 9.24 3.90
C PRO F 64 -33.29 8.12 2.98
N PHE F 65 -33.61 6.87 3.34
CA PHE F 65 -33.19 5.71 2.57
C PHE F 65 -34.41 4.95 2.05
N TYR F 66 -34.36 4.43 0.82
CA TYR F 66 -35.47 3.67 0.25
C TYR F 66 -34.96 2.44 -0.48
N LYS F 67 -35.60 1.28 -0.24
CA LYS F 67 -35.25 0.07 -0.97
C LYS F 67 -35.75 0.17 -2.42
N ASP F 68 -36.97 0.70 -2.58
CA ASP F 68 -37.60 0.82 -3.88
C ASP F 68 -37.46 2.25 -4.39
N TRP F 69 -36.84 2.42 -5.56
CA TRP F 69 -36.61 3.74 -6.13
C TRP F 69 -37.93 4.41 -6.52
N LYS F 70 -39.00 3.64 -6.71
CA LYS F 70 -40.30 4.22 -7.04
C LYS F 70 -40.87 4.94 -5.81
N ASP F 71 -40.60 4.39 -4.63
CA ASP F 71 -41.01 4.98 -3.37
C ASP F 71 -40.26 6.29 -3.16
N MET F 72 -38.97 6.32 -3.51
CA MET F 72 -38.18 7.53 -3.33
C MET F 72 -38.73 8.64 -4.23
N VAL F 73 -39.06 8.28 -5.47
CA VAL F 73 -39.57 9.24 -6.44
C VAL F 73 -40.86 9.88 -5.91
N ALA F 74 -41.75 9.04 -5.36
CA ALA F 74 -43.05 9.50 -4.89
C ALA F 74 -42.95 10.24 -3.55
N SER F 75 -41.86 10.04 -2.81
CA SER F 75 -41.72 10.59 -1.47
C SER F 75 -41.73 12.13 -1.46
N GLY F 76 -41.27 12.76 -2.54
CA GLY F 76 -41.09 14.20 -2.55
C GLY F 76 -39.95 14.64 -1.64
N ASP F 77 -39.07 13.70 -1.28
CA ASP F 77 -37.81 14.03 -0.63
C ASP F 77 -36.76 14.45 -1.67
N VAL F 78 -37.03 14.17 -2.96
CA VAL F 78 -36.07 14.44 -4.01
C VAL F 78 -36.77 15.18 -5.15
N ASP F 79 -35.98 15.99 -5.87
CA ASP F 79 -36.42 16.77 -7.02
C ASP F 79 -35.85 16.19 -8.31
N ALA F 80 -34.95 15.21 -8.19
CA ALA F 80 -34.33 14.57 -9.33
C ALA F 80 -33.62 13.29 -8.87
N VAL F 81 -33.39 12.36 -9.80
CA VAL F 81 -32.70 11.13 -9.47
C VAL F 81 -31.56 10.89 -10.45
N ILE F 82 -30.55 10.13 -10.00
CA ILE F 82 -29.41 9.75 -10.81
C ILE F 82 -29.36 8.21 -10.86
N THR F 83 -29.18 7.62 -12.04
CA THR F 83 -29.36 6.19 -12.20
C THR F 83 -28.03 5.45 -12.10
N THR F 84 -27.41 5.48 -10.91
CA THR F 84 -26.16 4.78 -10.68
C THR F 84 -26.43 3.30 -10.37
N VAL F 85 -27.08 2.63 -11.33
CA VAL F 85 -27.41 1.22 -11.25
C VAL F 85 -26.99 0.54 -12.55
N PRO F 86 -26.96 -0.81 -12.62
CA PRO F 86 -26.62 -1.51 -13.86
C PRO F 86 -27.36 -0.93 -15.04
N HIS F 87 -26.77 -1.03 -16.22
CA HIS F 87 -27.16 -0.23 -17.37
C HIS F 87 -28.55 -0.64 -17.84
N TYR F 88 -28.90 -1.93 -17.66
CA TYR F 88 -30.16 -2.43 -18.18
C TYR F 88 -31.33 -1.68 -17.53
N LEU F 89 -31.15 -1.15 -16.30
CA LEU F 89 -32.21 -0.43 -15.60
C LEU F 89 -32.33 1.02 -16.03
N HIS F 90 -31.36 1.56 -16.79
CA HIS F 90 -31.32 3.00 -17.00
C HIS F 90 -32.60 3.48 -17.67
N THR F 91 -32.97 2.89 -18.81
CA THR F 91 -34.10 3.39 -19.58
C THR F 91 -35.40 3.12 -18.83
N GLU F 92 -35.45 2.02 -18.08
CA GLU F 92 -36.64 1.62 -17.35
C GLU F 92 -36.99 2.71 -16.33
N ILE F 93 -35.98 3.18 -15.60
CA ILE F 93 -36.14 4.18 -14.56
C ILE F 93 -36.46 5.51 -15.21
N ALA F 94 -35.75 5.81 -16.30
CA ALA F 94 -35.91 7.09 -16.95
C ALA F 94 -37.35 7.25 -17.41
N ILE F 95 -37.85 6.24 -18.13
CA ILE F 95 -39.18 6.29 -18.70
C ILE F 95 -40.19 6.50 -17.58
N TYR F 96 -40.04 5.74 -16.49
CA TYR F 96 -40.95 5.85 -15.37
C TYR F 96 -40.94 7.28 -14.83
N CYS F 97 -39.74 7.86 -14.69
CA CYS F 97 -39.59 9.17 -14.07
C CYS F 97 -40.19 10.25 -14.96
N LEU F 98 -39.95 10.16 -16.27
CA LEU F 98 -40.48 11.13 -17.22
C LEU F 98 -42.01 11.11 -17.19
N GLU F 99 -42.57 9.90 -17.05
CA GLU F 99 -44.02 9.74 -17.05
C GLU F 99 -44.61 10.23 -15.73
N HIS F 100 -43.78 10.32 -14.67
CA HIS F 100 -44.24 10.73 -13.34
C HIS F 100 -43.66 12.08 -12.95
N GLY F 101 -43.35 12.94 -13.94
CA GLY F 101 -42.91 14.31 -13.71
C GLY F 101 -41.65 14.42 -12.83
N MET F 102 -40.76 13.42 -12.90
CA MET F 102 -39.55 13.41 -12.08
C MET F 102 -38.30 13.59 -12.95
N ASN F 103 -37.53 14.65 -12.64
CA ASN F 103 -36.30 14.93 -13.38
C ASN F 103 -35.32 13.78 -13.22
N VAL F 104 -34.69 13.37 -14.33
CA VAL F 104 -33.83 12.20 -14.30
C VAL F 104 -32.52 12.48 -15.02
N LEU F 105 -31.43 12.25 -14.29
CA LEU F 105 -30.07 12.28 -14.84
C LEU F 105 -29.59 10.85 -15.02
N VAL F 106 -29.55 10.40 -16.28
CA VAL F 106 -29.23 9.03 -16.61
C VAL F 106 -27.72 8.85 -16.70
N GLU F 107 -27.22 7.75 -16.13
CA GLU F 107 -25.81 7.46 -16.19
C GLU F 107 -25.41 6.96 -17.57
N LYS F 108 -24.10 7.01 -17.81
CA LYS F 108 -23.51 6.41 -18.99
C LYS F 108 -23.39 4.92 -18.73
N PRO F 109 -23.48 4.06 -19.77
CA PRO F 109 -24.02 4.46 -21.08
C PRO F 109 -25.52 4.64 -20.91
N ALA F 110 -26.16 5.39 -21.81
CA ALA F 110 -27.58 5.69 -21.66
C ALA F 110 -28.38 4.40 -21.50
N GLY F 111 -27.99 3.35 -22.20
CA GLY F 111 -28.59 2.02 -22.05
C GLY F 111 -27.74 0.96 -22.74
N VAL F 112 -28.26 -0.26 -22.79
CA VAL F 112 -27.54 -1.38 -23.38
C VAL F 112 -27.87 -1.49 -24.86
N TYR F 113 -29.17 -1.53 -25.18
CA TYR F 113 -29.60 -1.71 -26.57
C TYR F 113 -30.40 -0.49 -27.01
N ALA F 114 -30.16 -0.10 -28.27
CA ALA F 114 -30.61 1.17 -28.83
C ALA F 114 -32.13 1.29 -28.76
N LYS F 115 -32.85 0.17 -28.95
CA LYS F 115 -34.30 0.22 -28.97
C LYS F 115 -34.80 0.90 -27.69
N SER F 116 -34.32 0.43 -26.53
CA SER F 116 -34.81 0.93 -25.26
C SER F 116 -34.44 2.39 -25.08
N VAL F 117 -33.29 2.78 -25.62
CA VAL F 117 -32.81 4.15 -25.47
C VAL F 117 -33.66 5.06 -26.35
N ARG F 118 -34.03 4.56 -27.54
CA ARG F 118 -34.85 5.34 -28.45
C ARG F 118 -36.20 5.60 -27.77
N GLU F 119 -36.75 4.56 -27.14
CA GLU F 119 -38.04 4.67 -26.46
C GLU F 119 -37.93 5.74 -25.37
N MET F 120 -36.81 5.72 -24.64
CA MET F 120 -36.59 6.67 -23.57
C MET F 120 -36.59 8.08 -24.16
N ASN F 121 -35.93 8.27 -25.30
CA ASN F 121 -35.82 9.59 -25.90
C ASN F 121 -37.20 10.08 -26.31
N GLU F 122 -38.01 9.17 -26.88
CA GLU F 122 -39.32 9.54 -27.40
C GLU F 122 -40.25 9.91 -26.23
N CYS F 123 -40.12 9.15 -25.14
CA CYS F 123 -40.82 9.43 -23.91
C CYS F 123 -40.47 10.83 -23.42
N ALA F 124 -39.17 11.17 -23.39
CA ALA F 124 -38.73 12.48 -22.90
C ALA F 124 -39.28 13.59 -23.78
N ALA F 125 -39.25 13.35 -25.11
CA ALA F 125 -39.72 14.34 -26.07
C ALA F 125 -41.22 14.60 -25.85
N ALA F 126 -41.93 13.61 -25.29
CA ALA F 126 -43.34 13.70 -25.00
C ALA F 126 -43.63 14.28 -23.62
N HIS F 127 -42.60 14.46 -22.78
CA HIS F 127 -42.75 15.12 -21.50
C HIS F 127 -41.64 16.16 -21.37
N PRO F 128 -41.62 17.18 -22.27
CA PRO F 128 -40.48 18.09 -22.37
C PRO F 128 -40.26 18.96 -21.13
N GLU F 129 -41.32 19.17 -20.33
CA GLU F 129 -41.23 19.95 -19.11
C GLU F 129 -40.31 19.26 -18.09
N VAL F 130 -40.12 17.93 -18.24
CA VAL F 130 -39.25 17.20 -17.33
C VAL F 130 -37.82 17.29 -17.84
N THR F 131 -36.89 17.67 -16.94
CA THR F 131 -35.47 17.73 -17.29
C THR F 131 -34.92 16.32 -17.45
N PHE F 132 -34.25 16.11 -18.60
CA PHE F 132 -33.73 14.83 -19.02
C PHE F 132 -32.28 15.00 -19.48
N GLY F 133 -31.36 14.36 -18.75
CA GLY F 133 -29.94 14.57 -19.00
C GLY F 133 -29.15 13.27 -18.90
N ILE F 134 -27.93 13.32 -19.41
CA ILE F 134 -27.05 12.18 -19.29
C ILE F 134 -25.74 12.67 -18.66
N MET F 135 -25.07 11.75 -17.95
CA MET F 135 -23.82 12.05 -17.27
C MET F 135 -22.65 11.83 -18.22
N PHE F 136 -22.56 12.69 -19.23
CA PHE F 136 -21.38 12.72 -20.09
C PHE F 136 -20.44 13.77 -19.50
N ASN F 137 -19.79 13.37 -18.41
CA ASN F 137 -19.08 14.29 -17.55
C ASN F 137 -17.81 14.80 -18.24
N GLN F 138 -17.33 14.06 -19.23
CA GLN F 138 -16.16 14.49 -19.95
C GLN F 138 -16.44 15.71 -20.82
N ARG F 139 -17.71 16.04 -21.05
CA ARG F 139 -17.97 17.23 -21.85
C ARG F 139 -17.73 18.50 -21.03
N THR F 140 -17.46 18.33 -19.72
CA THR F 140 -17.15 19.46 -18.86
C THR F 140 -15.66 19.77 -18.88
N ASN F 141 -14.89 18.94 -19.59
CA ASN F 141 -13.45 19.05 -19.65
C ASN F 141 -13.05 20.08 -20.72
N LYS F 142 -12.39 21.14 -20.29
CA LYS F 142 -12.06 22.23 -21.19
C LYS F 142 -11.25 21.73 -22.38
N LEU F 143 -10.56 20.60 -22.20
CA LEU F 143 -9.79 20.02 -23.27
C LEU F 143 -10.68 19.63 -24.45
N TYR F 144 -11.73 18.85 -24.18
CA TYR F 144 -12.58 18.37 -25.24
C TYR F 144 -13.45 19.51 -25.76
N GLN F 145 -13.75 20.49 -24.90
CA GLN F 145 -14.48 21.67 -25.35
C GLN F 145 -13.67 22.43 -26.38
N LYS F 146 -12.37 22.61 -26.08
CA LYS F 146 -11.45 23.30 -26.97
C LYS F 146 -11.42 22.63 -28.34
N ILE F 147 -11.26 21.30 -28.33
CA ILE F 147 -11.12 20.57 -29.58
C ILE F 147 -12.42 20.60 -30.35
N ARG F 148 -13.55 20.40 -29.66
CA ARG F 148 -14.83 20.50 -30.32
C ARG F 148 -15.01 21.87 -30.97
N GLU F 149 -14.75 22.94 -30.22
CA GLU F 149 -14.96 24.30 -30.71
C GLU F 149 -14.21 24.51 -32.03
N ILE F 150 -12.96 24.08 -32.07
CA ILE F 150 -12.10 24.35 -33.22
C ILE F 150 -12.62 23.56 -34.42
N VAL F 151 -12.91 22.28 -34.21
CA VAL F 151 -13.42 21.44 -35.28
C VAL F 151 -14.74 22.03 -35.79
N ALA F 152 -15.69 22.25 -34.88
CA ALA F 152 -17.03 22.70 -35.25
C ALA F 152 -16.99 24.08 -35.91
N SER F 153 -16.00 24.92 -35.57
CA SER F 153 -15.98 26.27 -36.13
C SER F 153 -15.80 26.22 -37.64
N GLY F 154 -15.24 25.11 -38.14
CA GLY F 154 -14.87 25.02 -39.55
C GLY F 154 -13.56 25.76 -39.82
N GLU F 155 -12.91 26.28 -38.79
CA GLU F 155 -11.66 26.98 -38.98
C GLU F 155 -10.61 26.10 -39.66
N LEU F 156 -10.59 24.80 -39.35
CA LEU F 156 -9.58 23.92 -39.91
C LEU F 156 -10.17 23.13 -41.07
N GLY F 157 -11.34 23.56 -41.56
CA GLY F 157 -12.00 22.88 -42.66
C GLY F 157 -12.60 21.57 -42.19
N GLU F 158 -12.82 20.68 -43.17
CA GLU F 158 -13.50 19.43 -42.91
C GLU F 158 -12.53 18.38 -42.38
N ILE F 159 -13.07 17.46 -41.59
CA ILE F 159 -12.31 16.31 -41.12
C ILE F 159 -12.07 15.35 -42.28
N ARG F 160 -10.85 14.79 -42.33
CA ARG F 160 -10.54 13.72 -43.27
C ARG F 160 -10.29 12.40 -42.55
N ARG F 161 -9.78 12.44 -41.31
CA ARG F 161 -9.45 11.21 -40.61
C ARG F 161 -9.49 11.44 -39.11
N SER F 162 -9.89 10.42 -38.35
CA SER F 162 -9.70 10.42 -36.91
C SER F 162 -9.15 9.06 -36.53
N ASN F 163 -8.32 9.05 -35.48
CA ASN F 163 -7.74 7.81 -34.99
C ASN F 163 -7.59 7.98 -33.50
N TRP F 164 -8.16 7.06 -32.72
CA TRP F 164 -7.99 7.11 -31.28
C TRP F 164 -7.57 5.73 -30.79
N ILE F 165 -6.34 5.64 -30.27
CA ILE F 165 -5.84 4.46 -29.57
C ILE F 165 -5.92 4.76 -28.08
N ILE F 166 -6.68 3.96 -27.34
CA ILE F 166 -6.84 4.22 -25.92
C ILE F 166 -6.84 2.88 -25.17
N ASN F 167 -5.64 2.51 -24.73
CA ASN F 167 -5.34 1.19 -24.18
C ASN F 167 -4.91 1.27 -22.74
N ASN F 168 -4.98 2.45 -22.11
CA ASN F 168 -4.33 2.68 -20.83
C ASN F 168 -5.21 2.31 -19.64
N TRP F 169 -6.38 1.71 -19.84
CA TRP F 169 -7.15 1.26 -18.69
C TRP F 169 -7.01 -0.25 -18.51
N TYR F 170 -5.87 -0.62 -17.93
CA TYR F 170 -5.55 -2.01 -17.63
C TYR F 170 -6.47 -2.54 -16.54
N ARG F 171 -7.08 -3.69 -16.78
CA ARG F 171 -7.95 -4.33 -15.81
C ARG F 171 -7.72 -5.83 -15.81
N PRO F 172 -7.12 -6.38 -14.75
CA PRO F 172 -6.85 -7.82 -14.66
C PRO F 172 -8.06 -8.65 -14.25
N ASP F 173 -7.91 -9.96 -14.38
CA ASP F 173 -8.97 -10.92 -14.06
C ASP F 173 -9.55 -10.63 -12.67
N SER F 174 -8.69 -10.25 -11.72
CA SER F 174 -9.13 -9.96 -10.37
C SER F 174 -10.18 -8.87 -10.33
N TYR F 175 -10.02 -7.81 -11.15
CA TYR F 175 -11.02 -6.75 -11.23
C TYR F 175 -12.33 -7.29 -11.80
N TYR F 176 -12.21 -8.14 -12.82
CA TYR F 176 -13.39 -8.66 -13.50
C TYR F 176 -14.22 -9.49 -12.53
N ARG F 177 -13.57 -10.20 -11.60
CA ARG F 177 -14.27 -11.07 -10.67
C ARG F 177 -15.03 -10.26 -9.60
N LEU F 178 -14.74 -8.97 -9.45
CA LEU F 178 -15.33 -8.16 -8.40
C LEU F 178 -16.85 -8.01 -8.52
N SER F 179 -17.40 -7.81 -9.73
CA SER F 179 -18.82 -7.53 -9.88
C SER F 179 -19.53 -8.60 -10.68
N ASP F 180 -20.66 -9.11 -10.16
CA ASP F 180 -21.50 -10.07 -10.85
C ASP F 180 -22.07 -9.52 -12.16
N TRP F 181 -22.63 -8.32 -12.13
CA TRP F 181 -23.27 -7.73 -13.30
C TRP F 181 -22.26 -7.34 -14.37
N ARG F 182 -21.08 -6.81 -13.99
CA ARG F 182 -20.14 -6.28 -14.99
C ARG F 182 -19.52 -7.43 -15.80
N ALA F 183 -19.22 -7.18 -17.09
CA ALA F 183 -18.57 -8.10 -18.01
C ALA F 183 -19.40 -9.37 -18.25
N THR F 184 -20.72 -9.24 -18.17
CA THR F 184 -21.61 -10.35 -18.47
C THR F 184 -22.60 -9.86 -19.52
N TRP F 185 -22.88 -10.65 -20.56
CA TRP F 185 -23.80 -10.17 -21.57
C TRP F 185 -25.14 -9.87 -20.93
N GLY F 186 -25.60 -10.77 -20.07
CA GLY F 186 -26.84 -10.56 -19.35
C GLY F 186 -26.79 -9.41 -18.33
N GLY F 187 -25.68 -9.30 -17.59
CA GLY F 187 -25.49 -8.20 -16.65
C GLY F 187 -25.19 -6.83 -17.26
N GLU F 188 -24.29 -6.75 -18.27
CA GLU F 188 -23.84 -5.48 -18.81
C GLU F 188 -24.18 -5.27 -20.28
N GLY F 189 -24.36 -6.37 -21.02
CA GLY F 189 -24.59 -6.28 -22.45
C GLY F 189 -23.28 -6.12 -23.24
N GLY F 190 -22.15 -6.21 -22.55
CA GLY F 190 -20.84 -6.11 -23.19
C GLY F 190 -19.74 -6.01 -22.14
N GLY F 191 -18.50 -5.75 -22.55
CA GLY F 191 -17.43 -5.50 -21.60
C GLY F 191 -16.85 -4.08 -21.74
N VAL F 192 -15.79 -3.93 -22.54
CA VAL F 192 -15.08 -2.66 -22.66
C VAL F 192 -16.00 -1.60 -23.27
N LEU F 193 -16.80 -1.98 -24.26
CA LEU F 193 -17.66 -1.05 -24.99
C LEU F 193 -18.72 -0.42 -24.07
N VAL F 194 -19.28 -1.22 -23.15
CA VAL F 194 -20.30 -0.74 -22.23
C VAL F 194 -19.69 -0.16 -20.95
N ASN F 195 -18.39 -0.33 -20.70
CA ASN F 195 -17.80 0.13 -19.44
C ASN F 195 -16.83 1.31 -19.64
N GLN F 196 -15.57 1.02 -19.99
CA GLN F 196 -14.55 2.04 -20.21
C GLN F 196 -14.83 2.92 -21.43
N ALA F 197 -15.30 2.32 -22.53
CA ALA F 197 -15.42 2.98 -23.84
C ALA F 197 -16.48 4.11 -23.95
N PRO F 198 -17.68 4.06 -23.31
CA PRO F 198 -18.76 5.00 -23.62
C PRO F 198 -18.48 6.50 -23.56
N HIS F 199 -17.79 6.99 -22.53
CA HIS F 199 -17.49 8.42 -22.51
C HIS F 199 -16.71 8.78 -23.78
N GLN F 200 -15.70 7.96 -24.10
CA GLN F 200 -14.85 8.17 -25.26
C GLN F 200 -15.66 8.07 -26.56
N LEU F 201 -16.55 7.07 -26.63
CA LEU F 201 -17.36 6.87 -27.83
C LEU F 201 -18.22 8.11 -28.11
N ASP F 202 -18.83 8.66 -27.05
CA ASP F 202 -19.59 9.89 -27.19
C ASP F 202 -18.68 11.02 -27.63
N LEU F 203 -17.49 11.13 -27.01
CA LEU F 203 -16.59 12.23 -27.31
C LEU F 203 -16.21 12.19 -28.79
N TRP F 204 -15.89 10.97 -29.27
CA TRP F 204 -15.46 10.80 -30.64
C TRP F 204 -16.54 11.30 -31.58
N GLN F 205 -17.78 10.87 -31.31
CA GLN F 205 -18.92 11.29 -32.10
C GLN F 205 -19.16 12.79 -31.94
N TRP F 206 -19.06 13.29 -30.71
CA TRP F 206 -19.35 14.70 -30.43
C TRP F 206 -18.41 15.61 -31.22
N ILE F 207 -17.10 15.32 -31.18
CA ILE F 207 -16.10 16.08 -31.92
C ILE F 207 -16.14 15.74 -33.43
N CYS F 208 -16.23 14.46 -33.81
CA CYS F 208 -16.04 14.07 -35.21
C CYS F 208 -17.31 13.66 -35.98
N GLY F 209 -18.50 13.80 -35.38
CA GLY F 209 -19.74 13.40 -36.02
C GLY F 209 -20.01 11.90 -35.82
N ILE F 210 -21.13 11.40 -36.38
CA ILE F 210 -21.56 10.03 -36.17
C ILE F 210 -21.22 9.18 -37.40
N PRO F 211 -20.55 8.03 -37.24
CA PRO F 211 -20.13 7.23 -38.41
C PRO F 211 -21.30 6.69 -39.24
N THR F 212 -21.21 6.80 -40.56
CA THR F 212 -22.20 6.19 -41.44
C THR F 212 -22.09 4.66 -41.38
N THR F 213 -20.86 4.12 -41.35
CA THR F 213 -20.64 2.69 -41.40
C THR F 213 -19.63 2.30 -40.33
N VAL F 214 -19.76 1.09 -39.74
CA VAL F 214 -18.84 0.60 -38.73
C VAL F 214 -18.33 -0.80 -39.12
N TYR F 215 -17.00 -1.00 -39.11
CA TYR F 215 -16.44 -2.34 -39.23
C TYR F 215 -15.59 -2.58 -37.97
N ALA F 216 -15.74 -3.70 -37.28
CA ALA F 216 -15.04 -3.89 -36.01
C ALA F 216 -14.49 -5.31 -35.87
N ASN F 217 -13.36 -5.44 -35.17
CA ASN F 217 -12.81 -6.74 -34.78
C ASN F 217 -12.84 -6.79 -33.26
N CYS F 218 -13.75 -7.59 -32.69
CA CYS F 218 -13.95 -7.62 -31.26
C CYS F 218 -13.54 -9.00 -30.75
N ILE F 219 -12.57 -9.04 -29.82
CA ILE F 219 -12.13 -10.31 -29.28
C ILE F 219 -12.75 -10.45 -27.90
N ASN F 220 -13.47 -11.56 -27.68
CA ASN F 220 -14.01 -11.85 -26.36
C ASN F 220 -12.96 -12.56 -25.53
N GLY F 221 -12.87 -12.19 -24.26
CA GLY F 221 -11.96 -12.84 -23.32
C GLY F 221 -10.53 -12.80 -23.83
N SER F 222 -10.07 -11.63 -24.25
CA SER F 222 -8.70 -11.44 -24.67
C SER F 222 -7.80 -11.42 -23.45
N HIS F 223 -7.01 -12.48 -23.27
CA HIS F 223 -6.13 -12.61 -22.12
C HIS F 223 -6.91 -12.52 -20.82
N ARG F 224 -8.22 -12.79 -20.87
CA ARG F 224 -9.08 -12.65 -19.71
C ARG F 224 -10.14 -13.74 -19.74
N ASP F 225 -10.61 -14.11 -18.54
CA ASP F 225 -11.55 -15.17 -18.35
C ASP F 225 -12.96 -14.59 -18.28
N ILE F 226 -13.41 -14.01 -19.40
CA ILE F 226 -14.72 -13.40 -19.51
C ILE F 226 -15.27 -13.74 -20.89
N ALA F 227 -16.59 -13.56 -21.07
CA ALA F 227 -17.22 -13.93 -22.32
C ALA F 227 -17.42 -12.71 -23.22
N VAL F 228 -17.07 -11.51 -22.71
CA VAL F 228 -17.42 -10.29 -23.43
C VAL F 228 -16.15 -9.70 -24.06
N GLU F 229 -16.32 -8.66 -24.88
CA GLU F 229 -15.20 -8.13 -25.64
C GLU F 229 -14.34 -7.26 -24.73
N ASN F 230 -13.02 -7.38 -24.88
CA ASN F 230 -12.11 -6.47 -24.19
C ASN F 230 -10.88 -6.16 -25.04
N ASP F 231 -10.95 -6.40 -26.35
CA ASP F 231 -9.95 -5.92 -27.30
C ASP F 231 -10.70 -5.62 -28.60
N VAL F 232 -10.75 -4.33 -28.94
CA VAL F 232 -11.64 -3.87 -30.00
C VAL F 232 -10.85 -2.98 -30.96
N THR F 233 -10.99 -3.24 -32.26
CA THR F 233 -10.45 -2.36 -33.28
C THR F 233 -11.60 -2.02 -34.21
N VAL F 234 -11.81 -0.71 -34.48
CA VAL F 234 -12.95 -0.28 -35.24
C VAL F 234 -12.50 0.56 -36.42
N LEU F 235 -13.11 0.38 -37.60
CA LEU F 235 -13.02 1.36 -38.69
C LEU F 235 -14.38 1.95 -38.94
N THR F 236 -14.40 3.28 -39.13
CA THR F 236 -15.62 4.01 -39.41
C THR F 236 -15.46 4.78 -40.71
N GLU F 237 -16.61 5.09 -41.33
CA GLU F 237 -16.75 6.05 -42.40
C GLU F 237 -17.79 7.08 -42.01
N TYR F 238 -17.80 8.21 -42.72
CA TYR F 238 -18.57 9.38 -42.34
C TYR F 238 -19.20 9.95 -43.60
N GLU F 239 -20.33 10.67 -43.44
CA GLU F 239 -21.07 11.20 -44.57
C GLU F 239 -20.13 11.90 -45.54
N ASN F 240 -19.15 12.65 -45.02
CA ASN F 240 -18.34 13.52 -45.87
C ASN F 240 -17.12 12.81 -46.45
N GLY F 241 -17.01 11.48 -46.30
CA GLY F 241 -15.93 10.73 -46.93
C GLY F 241 -14.74 10.46 -46.01
N ALA F 242 -14.77 11.03 -44.80
CA ALA F 242 -13.71 10.80 -43.84
C ALA F 242 -13.71 9.35 -43.36
N THR F 243 -12.58 8.91 -42.81
CA THR F 243 -12.46 7.61 -42.16
C THR F 243 -12.12 7.82 -40.70
N GLY F 244 -12.29 6.76 -39.91
CA GLY F 244 -11.91 6.80 -38.50
C GLY F 244 -11.47 5.42 -38.01
N SER F 245 -10.73 5.41 -36.90
CA SER F 245 -10.36 4.17 -36.25
C SER F 245 -10.37 4.40 -34.76
N PHE F 246 -10.68 3.33 -34.01
CA PHE F 246 -10.74 3.35 -32.57
C PHE F 246 -10.24 2.00 -32.08
N ILE F 247 -9.27 2.03 -31.17
CA ILE F 247 -8.66 0.82 -30.66
C ILE F 247 -8.65 0.91 -29.14
N THR F 248 -9.11 -0.13 -28.45
CA THR F 248 -9.08 -0.11 -26.98
C THR F 248 -9.00 -1.55 -26.46
N CYS F 249 -8.42 -1.72 -25.27
CA CYS F 249 -8.35 -3.04 -24.66
C CYS F 249 -8.01 -2.88 -23.17
N THR F 250 -8.17 -3.96 -22.41
CA THR F 250 -7.94 -3.90 -20.98
C THR F 250 -6.78 -4.80 -20.58
N HIS F 251 -5.93 -5.21 -21.53
CA HIS F 251 -4.83 -6.11 -21.20
C HIS F 251 -3.47 -5.47 -21.47
N ASP F 252 -3.43 -4.15 -21.69
CA ASP F 252 -2.19 -3.45 -22.00
C ASP F 252 -1.67 -2.78 -20.74
N LEU F 253 -0.52 -3.26 -20.26
CA LEU F 253 0.11 -2.70 -19.06
C LEU F 253 0.61 -1.28 -19.27
N LEU F 254 0.76 -0.83 -20.51
CA LEU F 254 1.38 0.47 -20.74
C LEU F 254 0.76 1.07 -22.00
N GLY F 255 -0.54 1.31 -21.91
CA GLY F 255 -1.32 1.52 -23.12
C GLY F 255 -1.18 2.95 -23.63
N THR F 256 -1.05 3.08 -24.93
CA THR F 256 -1.15 4.36 -25.60
C THR F 256 -2.54 4.97 -25.36
N ASP F 257 -2.59 6.30 -25.25
CA ASP F 257 -3.81 7.09 -25.32
C ASP F 257 -3.52 8.27 -26.24
N ARG F 258 -3.79 8.13 -27.53
CA ARG F 258 -3.43 9.14 -28.52
C ARG F 258 -4.61 9.30 -29.48
N PHE F 259 -5.12 10.52 -29.60
CA PHE F 259 -6.28 10.82 -30.41
C PHE F 259 -5.86 11.85 -31.47
N GLU F 260 -5.96 11.46 -32.74
CA GLU F 260 -5.53 12.30 -33.84
C GLU F 260 -6.74 12.64 -34.68
N ILE F 261 -6.81 13.90 -35.10
CA ILE F 261 -7.81 14.33 -36.08
C ILE F 261 -7.04 15.05 -37.18
N ASP F 262 -7.24 14.62 -38.41
CA ASP F 262 -6.60 15.20 -39.59
C ASP F 262 -7.67 15.91 -40.40
N LEU F 263 -7.39 17.16 -40.77
CA LEU F 263 -8.37 18.02 -41.39
C LEU F 263 -7.78 18.65 -42.64
N ASP F 264 -8.67 19.27 -43.40
CA ASP F 264 -8.32 19.91 -44.65
C ASP F 264 -7.30 21.02 -44.35
N GLY F 265 -7.43 21.65 -43.18
CA GLY F 265 -6.69 22.86 -42.87
C GLY F 265 -5.80 22.76 -41.64
N GLY F 266 -5.71 21.57 -41.05
CA GLY F 266 -4.80 21.40 -39.92
C GLY F 266 -4.88 20.00 -39.33
N LYS F 267 -4.35 19.86 -38.13
CA LYS F 267 -4.23 18.57 -37.49
C LYS F 267 -4.31 18.78 -35.99
N ILE F 268 -4.92 17.81 -35.29
CA ILE F 268 -4.98 17.88 -33.85
C ILE F 268 -4.48 16.56 -33.30
N VAL F 269 -3.64 16.61 -32.28
CA VAL F 269 -3.20 15.40 -31.62
C VAL F 269 -3.36 15.60 -30.13
N VAL F 270 -4.05 14.67 -29.48
CA VAL F 270 -4.29 14.77 -28.06
C VAL F 270 -3.62 13.59 -27.38
N GLU F 271 -2.72 13.89 -26.44
CA GLU F 271 -1.95 12.86 -25.76
C GLU F 271 -2.40 12.71 -24.33
N ASP F 272 -2.67 11.47 -23.92
CA ASP F 272 -2.93 11.09 -22.54
C ASP F 272 -4.16 11.80 -21.99
N SER F 273 -5.01 12.30 -22.88
CA SER F 273 -6.26 12.94 -22.49
C SER F 273 -6.02 14.17 -21.62
N LYS F 274 -4.82 14.76 -21.72
CA LYS F 274 -4.48 15.95 -20.96
C LYS F 274 -4.00 17.07 -21.90
N LYS F 275 -3.31 16.72 -22.97
CA LYS F 275 -2.56 17.73 -23.71
C LYS F 275 -2.86 17.62 -25.20
N ALA F 276 -3.11 18.77 -25.84
CA ALA F 276 -3.49 18.81 -27.24
C ALA F 276 -2.51 19.66 -28.03
N TYR F 277 -2.07 19.16 -29.16
CA TYR F 277 -1.25 19.92 -30.09
C TYR F 277 -2.13 20.26 -31.29
N ILE F 278 -2.29 21.54 -31.58
CA ILE F 278 -3.14 21.99 -32.66
C ILE F 278 -2.23 22.57 -33.74
N TYR F 279 -2.29 22.00 -34.95
CA TYR F 279 -1.47 22.46 -36.06
C TYR F 279 -2.39 23.12 -37.08
N ARG F 280 -2.11 24.38 -37.42
CA ARG F 280 -2.85 25.06 -38.46
C ARG F 280 -1.99 25.21 -39.69
N PHE F 281 -2.44 24.65 -40.81
CA PHE F 281 -1.75 24.79 -42.08
C PHE F 281 -1.90 26.24 -42.53
N LYS F 282 -0.84 26.83 -43.10
CA LYS F 282 -0.94 28.18 -43.65
C LYS F 282 -2.03 28.19 -44.72
N GLU F 283 -2.03 27.14 -45.54
CA GLU F 283 -3.00 27.00 -46.60
C GLU F 283 -3.60 25.61 -46.50
N THR F 284 -4.86 25.48 -46.91
CA THR F 284 -5.52 24.19 -46.90
C THR F 284 -4.84 23.30 -47.94
N GLU F 285 -4.89 21.99 -47.69
CA GLU F 285 -4.31 21.01 -48.61
C GLU F 285 -4.95 21.18 -49.97
N THR F 286 -6.27 21.39 -49.98
CA THR F 286 -7.00 21.55 -51.23
C THR F 286 -6.36 22.66 -52.05
N ALA F 287 -6.06 23.78 -51.38
CA ALA F 287 -5.41 24.91 -52.02
C ALA F 287 -4.02 24.53 -52.56
N VAL F 288 -3.25 23.83 -51.72
CA VAL F 288 -1.89 23.46 -52.10
C VAL F 288 -1.95 22.54 -53.32
N ASN F 289 -2.89 21.59 -53.31
CA ASN F 289 -3.00 20.62 -54.38
C ASN F 289 -3.37 21.33 -55.69
N ALA F 290 -4.21 22.36 -55.57
CA ALA F 290 -4.68 23.12 -56.72
C ALA F 290 -3.54 23.88 -57.39
N ARG F 291 -2.51 24.25 -56.63
CA ARG F 291 -1.42 25.08 -57.12
C ARG F 291 -0.72 24.60 -58.40
N ASP F 292 -0.67 23.32 -58.76
CA ASP F 292 0.06 22.90 -59.96
C ASP F 292 1.51 23.41 -59.86
N MET F 293 2.12 23.06 -58.74
CA MET F 293 3.45 23.49 -58.35
C MET F 293 4.50 23.15 -59.42
N ASP F 310 8.05 23.83 -39.09
CA ASP F 310 8.23 24.30 -40.49
C ASP F 310 7.43 25.59 -40.71
N LYS F 311 7.82 26.31 -41.78
CA LYS F 311 7.20 27.57 -42.16
C LYS F 311 5.72 27.36 -42.51
N MET F 312 5.38 26.18 -43.02
CA MET F 312 4.06 25.86 -43.53
C MET F 312 2.98 25.76 -42.45
N PHE F 313 3.36 25.42 -41.19
CA PHE F 313 2.33 25.24 -40.17
C PHE F 313 2.68 26.01 -38.90
N GLU F 314 1.65 26.33 -38.12
CA GLU F 314 1.82 26.94 -36.81
C GLU F 314 1.24 26.01 -35.75
N VAL F 315 1.89 25.89 -34.60
CA VAL F 315 1.46 24.92 -33.60
C VAL F 315 1.03 25.66 -32.33
N GLU F 316 -0.18 25.30 -31.84
CA GLU F 316 -0.73 25.83 -30.60
C GLU F 316 -0.89 24.66 -29.64
N GLU F 317 -0.68 24.91 -28.34
CA GLU F 317 -0.77 23.87 -27.32
C GLU F 317 -1.90 24.20 -26.36
N PHE F 318 -2.63 23.17 -25.91
CA PHE F 318 -3.64 23.29 -24.88
C PHE F 318 -3.42 22.15 -23.89
N GLU F 319 -3.47 22.43 -22.59
CA GLU F 319 -3.44 21.37 -21.58
C GLU F 319 -4.50 21.65 -20.51
N ASN F 320 -5.27 20.63 -20.15
CA ASN F 320 -6.18 20.72 -19.00
C ASN F 320 -6.24 19.36 -18.29
N THR F 321 -6.17 19.38 -16.95
CA THR F 321 -6.44 18.18 -16.18
C THR F 321 -7.54 18.54 -15.18
N ASP F 322 -8.55 17.67 -15.03
CA ASP F 322 -9.65 17.94 -14.14
C ASP F 322 -9.50 17.10 -12.88
N GLY F 323 -9.65 17.75 -11.72
CA GLY F 323 -9.47 17.08 -10.45
C GLY F 323 -10.65 16.17 -10.11
N TRP F 324 -10.44 15.33 -9.09
CA TRP F 324 -11.45 14.37 -8.68
C TRP F 324 -12.73 15.11 -8.33
N GLY F 325 -13.84 14.64 -8.91
CA GLY F 325 -15.16 15.16 -8.61
C GLY F 325 -15.57 16.33 -9.50
N TYR F 326 -14.60 16.99 -10.16
CA TYR F 326 -14.92 18.22 -10.87
C TYR F 326 -15.99 17.95 -11.93
N GLN F 327 -15.75 16.94 -12.76
CA GLN F 327 -16.57 16.71 -13.93
C GLN F 327 -18.00 16.34 -13.50
N HIS F 328 -18.09 15.40 -12.55
CA HIS F 328 -19.39 14.91 -12.12
C HIS F 328 -20.20 16.01 -11.44
N THR F 329 -19.53 16.77 -10.55
CA THR F 329 -20.20 17.85 -9.85
C THR F 329 -20.64 18.91 -10.85
N THR F 330 -19.80 19.18 -11.85
CA THR F 330 -20.12 20.23 -12.80
C THR F 330 -21.40 19.86 -13.56
N VAL F 331 -21.54 18.58 -13.92
CA VAL F 331 -22.74 18.11 -14.59
C VAL F 331 -23.92 18.28 -13.63
N MET F 332 -23.74 17.78 -12.39
CA MET F 332 -24.81 17.86 -11.40
C MET F 332 -25.28 19.30 -11.27
N GLU F 333 -24.34 20.25 -11.25
CA GLU F 333 -24.66 21.66 -11.05
C GLU F 333 -25.36 22.19 -12.28
N ASN F 334 -24.87 21.83 -13.46
CA ASN F 334 -25.44 22.24 -14.73
C ASN F 334 -26.90 21.78 -14.81
N PHE F 335 -27.10 20.52 -14.44
CA PHE F 335 -28.41 19.88 -14.47
C PHE F 335 -29.36 20.59 -13.51
N ALA F 336 -28.89 20.84 -12.29
CA ALA F 336 -29.69 21.55 -11.31
C ALA F 336 -30.08 22.91 -11.89
N GLN F 337 -29.12 23.57 -12.54
CA GLN F 337 -29.35 24.92 -13.05
C GLN F 337 -30.42 24.90 -14.14
N HIS F 338 -30.46 23.84 -14.95
CA HIS F 338 -31.49 23.75 -15.99
C HIS F 338 -32.86 23.73 -15.33
N ILE F 339 -33.01 22.89 -14.31
CA ILE F 339 -34.25 22.77 -13.57
C ILE F 339 -34.65 24.14 -13.02
N ILE F 340 -33.69 24.87 -12.45
CA ILE F 340 -33.99 26.07 -11.68
C ILE F 340 -34.29 27.26 -12.60
N ASP F 341 -33.41 27.54 -13.58
CA ASP F 341 -33.55 28.78 -14.35
C ASP F 341 -33.43 28.56 -15.85
N GLY F 342 -33.51 27.31 -16.31
CA GLY F 342 -33.50 27.02 -17.74
C GLY F 342 -32.10 27.04 -18.38
N THR F 343 -31.03 27.22 -17.60
CA THR F 343 -29.68 27.11 -18.17
C THR F 343 -29.62 25.88 -19.07
N PRO F 344 -29.13 26.00 -20.34
CA PRO F 344 -28.99 24.84 -21.22
C PRO F 344 -28.07 23.76 -20.66
N LEU F 345 -28.38 22.50 -21.00
CA LEU F 345 -27.63 21.33 -20.57
C LEU F 345 -26.41 21.12 -21.44
N LEU F 346 -25.25 20.88 -20.82
CA LEU F 346 -24.08 20.41 -21.54
C LEU F 346 -24.38 19.08 -22.21
N ALA F 347 -25.10 18.21 -21.47
CA ALA F 347 -25.36 16.85 -21.90
C ALA F 347 -26.87 16.57 -21.88
N PRO F 348 -27.60 17.00 -22.94
CA PRO F 348 -29.02 16.69 -23.10
C PRO F 348 -29.15 15.18 -23.28
N GLY F 349 -30.10 14.55 -22.59
CA GLY F 349 -30.16 13.10 -22.47
C GLY F 349 -30.34 12.39 -23.81
N SER F 350 -30.97 13.11 -24.75
CA SER F 350 -31.26 12.54 -26.06
C SER F 350 -29.95 12.13 -26.74
N ASP F 351 -28.85 12.83 -26.44
CA ASP F 351 -27.55 12.57 -27.06
C ASP F 351 -27.01 11.18 -26.68
N GLY F 352 -27.51 10.60 -25.58
CA GLY F 352 -26.97 9.35 -25.08
C GLY F 352 -27.02 8.23 -26.12
N ILE F 353 -27.97 8.34 -27.05
CA ILE F 353 -28.22 7.29 -28.01
C ILE F 353 -27.09 7.17 -29.02
N ASN F 354 -26.38 8.28 -29.29
CA ASN F 354 -25.31 8.25 -30.28
C ASN F 354 -24.29 7.19 -29.88
N GLY F 355 -23.89 7.25 -28.60
CA GLY F 355 -22.88 6.34 -28.08
C GLY F 355 -23.37 4.91 -28.00
N VAL F 356 -24.67 4.74 -27.71
CA VAL F 356 -25.21 3.41 -27.60
C VAL F 356 -25.28 2.77 -28.99
N ARG F 357 -25.77 3.53 -29.97
CA ARG F 357 -25.86 3.01 -31.33
C ARG F 357 -24.48 2.58 -31.81
N LEU F 358 -23.45 3.39 -31.52
CA LEU F 358 -22.14 3.10 -32.02
C LEU F 358 -21.63 1.80 -31.39
N ALA F 359 -21.85 1.67 -30.08
CA ALA F 359 -21.42 0.47 -29.35
C ALA F 359 -22.13 -0.76 -29.91
N ASN F 360 -23.43 -0.63 -30.18
CA ASN F 360 -24.21 -1.72 -30.75
C ASN F 360 -23.64 -2.09 -32.12
N ALA F 361 -23.35 -1.07 -32.94
CA ALA F 361 -22.89 -1.32 -34.29
C ALA F 361 -21.54 -2.04 -34.27
N ILE F 362 -20.66 -1.58 -33.36
CA ILE F 362 -19.36 -2.19 -33.21
C ILE F 362 -19.56 -3.67 -32.86
N GLN F 363 -20.41 -3.95 -31.87
CA GLN F 363 -20.58 -5.31 -31.40
C GLN F 363 -21.12 -6.21 -32.52
N LEU F 364 -22.08 -5.69 -33.28
CA LEU F 364 -22.78 -6.48 -34.28
C LEU F 364 -21.86 -6.77 -35.46
N SER F 365 -21.07 -5.75 -35.84
CA SER F 365 -20.03 -5.96 -36.83
C SER F 365 -19.09 -7.06 -36.36
N GLY F 366 -18.69 -6.93 -35.09
CA GLY F 366 -17.81 -7.87 -34.44
C GLY F 366 -18.36 -9.29 -34.47
N TRP F 367 -19.66 -9.42 -34.20
CA TRP F 367 -20.28 -10.74 -34.15
C TRP F 367 -20.43 -11.36 -35.52
N THR F 368 -20.71 -10.53 -36.55
CA THR F 368 -21.04 -11.05 -37.86
C THR F 368 -19.81 -11.06 -38.80
N GLY F 369 -18.71 -10.40 -38.42
CA GLY F 369 -17.52 -10.35 -39.25
C GLY F 369 -17.73 -9.53 -40.52
N GLU F 370 -18.69 -8.58 -40.50
CA GLU F 370 -19.04 -7.82 -41.67
C GLU F 370 -19.18 -6.35 -41.31
N LYS F 371 -18.91 -5.48 -42.29
CA LYS F 371 -19.23 -4.08 -42.19
C LYS F 371 -20.75 -3.94 -42.01
N VAL F 372 -21.17 -2.94 -41.23
CA VAL F 372 -22.57 -2.62 -41.05
C VAL F 372 -22.78 -1.12 -41.20
N ALA F 373 -23.97 -0.74 -41.66
CA ALA F 373 -24.39 0.64 -41.59
C ALA F 373 -24.70 0.99 -40.15
N ASN F 374 -24.45 2.25 -39.80
CA ASN F 374 -24.70 2.76 -38.47
C ASN F 374 -25.81 3.80 -38.57
N PRO F 375 -26.93 3.67 -37.82
CA PRO F 375 -27.10 2.61 -36.83
C PRO F 375 -27.61 1.30 -37.43
N VAL F 376 -27.41 0.22 -36.67
CA VAL F 376 -27.83 -1.11 -37.10
C VAL F 376 -29.30 -1.30 -36.74
N ASP F 377 -29.92 -2.31 -37.35
CA ASP F 377 -31.27 -2.70 -37.05
C ASP F 377 -31.38 -3.11 -35.58
N GLU F 378 -32.31 -2.49 -34.86
CA GLU F 378 -32.44 -2.71 -33.42
C GLU F 378 -32.75 -4.18 -33.11
N ASP F 379 -33.63 -4.78 -33.90
CA ASP F 379 -34.10 -6.14 -33.63
C ASP F 379 -32.94 -7.11 -33.87
N LYS F 380 -32.15 -6.87 -34.92
CA LYS F 380 -31.05 -7.76 -35.25
C LYS F 380 -30.03 -7.78 -34.12
N TYR F 381 -29.71 -6.58 -33.59
CA TYR F 381 -28.77 -6.47 -32.49
C TYR F 381 -29.32 -7.22 -31.29
N LEU F 382 -30.60 -6.98 -30.98
CA LEU F 382 -31.18 -7.52 -29.77
C LEU F 382 -31.13 -9.05 -29.83
N ALA F 383 -31.44 -9.60 -31.01
CA ALA F 383 -31.44 -11.04 -31.20
C ALA F 383 -30.07 -11.62 -30.90
N GLU F 384 -29.03 -10.99 -31.45
CA GLU F 384 -27.66 -11.46 -31.29
C GLU F 384 -27.22 -11.32 -29.85
N LEU F 385 -27.62 -10.23 -29.19
CA LEU F 385 -27.33 -10.05 -27.77
C LEU F 385 -28.03 -11.15 -26.98
N ASN F 386 -29.31 -11.38 -27.29
CA ASN F 386 -30.13 -12.32 -26.55
C ASN F 386 -29.55 -13.72 -26.70
N LYS F 387 -29.08 -14.05 -27.90
CA LYS F 387 -28.48 -15.35 -28.15
C LYS F 387 -27.31 -15.58 -27.19
N ARG F 388 -26.47 -14.55 -27.08
CA ARG F 388 -25.32 -14.61 -26.20
C ARG F 388 -25.74 -14.70 -24.74
N ILE F 389 -26.79 -13.95 -24.36
CA ILE F 389 -27.31 -13.97 -23.00
C ILE F 389 -27.76 -15.39 -22.66
N GLU F 390 -28.49 -16.00 -23.59
CA GLU F 390 -29.04 -17.35 -23.41
C GLU F 390 -27.91 -18.33 -23.16
N ALA F 391 -26.86 -18.26 -24.00
CA ALA F 391 -25.73 -19.17 -23.87
C ALA F 391 -25.02 -18.97 -22.53
N GLU F 392 -24.89 -17.71 -22.10
CA GLU F 392 -24.18 -17.39 -20.88
C GLU F 392 -24.91 -18.05 -19.71
N GLY F 393 -26.25 -17.92 -19.70
CA GLY F 393 -27.08 -18.58 -18.72
C GLY F 393 -27.01 -17.92 -17.33
N LYS F 394 -26.44 -16.72 -17.25
CA LYS F 394 -26.34 -16.06 -15.96
C LYS F 394 -27.58 -15.22 -15.71
N PHE F 395 -28.25 -14.78 -16.78
CA PHE F 395 -29.29 -13.77 -16.65
C PHE F 395 -30.46 -14.06 -17.61
N PRO F 396 -31.66 -13.55 -17.32
CA PRO F 396 -32.79 -13.66 -18.26
C PRO F 396 -32.58 -12.86 -19.54
N VAL F 397 -33.11 -13.38 -20.65
CA VAL F 397 -33.06 -12.71 -21.93
C VAL F 397 -33.92 -11.45 -21.87
N ARG F 398 -33.58 -10.48 -22.74
CA ARG F 398 -34.29 -9.21 -22.79
C ARG F 398 -35.31 -9.25 -23.91
N GLU F 399 -36.53 -8.74 -23.66
CA GLU F 399 -37.54 -8.70 -24.72
C GLU F 399 -38.02 -7.26 -25.01
N MET G 1 48.00 59.68 -8.16
CA MET G 1 47.53 60.08 -9.53
C MET G 1 46.13 59.50 -9.73
N GLU G 2 45.14 60.32 -10.11
CA GLU G 2 43.79 59.81 -10.32
C GLU G 2 43.78 58.88 -11.53
N LYS G 3 44.49 59.24 -12.61
CA LYS G 3 44.46 58.45 -13.83
C LYS G 3 45.89 58.17 -14.33
N VAL G 4 46.09 56.99 -14.95
CA VAL G 4 47.39 56.61 -15.47
C VAL G 4 47.33 56.75 -16.98
N ARG G 5 48.24 57.52 -17.57
CA ARG G 5 48.26 57.73 -19.00
C ARG G 5 49.07 56.60 -19.61
N TYR G 6 48.52 55.93 -20.63
CA TYR G 6 49.13 54.74 -21.16
C TYR G 6 49.64 55.02 -22.56
N GLY G 7 50.85 54.56 -22.86
CA GLY G 7 51.37 54.72 -24.19
C GLY G 7 51.36 53.38 -24.89
N ILE G 8 50.79 53.33 -26.08
CA ILE G 8 50.66 52.06 -26.79
C ILE G 8 51.81 51.97 -27.78
N ILE G 9 52.63 50.93 -27.68
CA ILE G 9 53.67 50.72 -28.66
C ILE G 9 53.14 49.66 -29.60
N GLY G 10 52.99 50.02 -30.87
CA GLY G 10 52.37 49.13 -31.83
C GLY G 10 50.87 49.38 -31.87
N VAL G 11 50.40 50.36 -32.64
CA VAL G 11 48.98 50.53 -32.82
C VAL G 11 48.53 49.64 -33.97
N GLY G 12 48.69 48.32 -33.76
CA GLY G 12 48.27 47.28 -34.66
C GLY G 12 46.87 46.81 -34.25
N ASN G 13 46.51 45.57 -34.54
CA ASN G 13 45.17 45.13 -34.20
C ASN G 13 44.94 45.27 -32.69
N GLN G 14 45.86 44.74 -31.87
CA GLN G 14 45.66 44.82 -30.43
C GLN G 14 45.81 46.26 -29.95
N GLY G 15 46.81 46.98 -30.47
CA GLY G 15 47.07 48.33 -30.03
C GLY G 15 45.91 49.26 -30.35
N GLY G 16 45.34 49.08 -31.55
CA GLY G 16 44.21 49.88 -31.98
C GLY G 16 43.04 49.65 -31.06
N ALA G 17 42.83 48.36 -30.69
CA ALA G 17 41.72 48.02 -29.83
C ALA G 17 41.88 48.72 -28.50
N TYR G 18 43.11 48.68 -27.97
CA TYR G 18 43.38 49.27 -26.66
C TYR G 18 43.11 50.76 -26.72
N ALA G 19 43.54 51.36 -27.82
CA ALA G 19 43.39 52.79 -27.98
C ALA G 19 41.90 53.14 -27.95
N GLY G 20 41.11 52.33 -28.66
CA GLY G 20 39.67 52.53 -28.66
C GLY G 20 39.10 52.40 -27.27
N PHE G 21 39.55 51.38 -26.53
CA PHE G 21 38.97 51.11 -25.22
C PHE G 21 39.23 52.29 -24.30
N LEU G 22 40.46 52.81 -24.34
CA LEU G 22 40.83 53.94 -23.50
C LEU G 22 40.09 55.21 -23.91
N THR G 23 39.93 55.41 -25.22
CA THR G 23 39.21 56.58 -25.73
C THR G 23 37.69 56.38 -25.61
N GLY G 24 37.23 55.15 -25.63
CA GLY G 24 35.80 54.88 -25.77
C GLY G 24 35.40 54.86 -27.24
N THR G 25 36.37 55.00 -28.15
CA THR G 25 36.13 55.09 -29.58
C THR G 25 35.58 53.81 -30.17
N GLY G 26 36.09 52.66 -29.70
CA GLY G 26 35.76 51.37 -30.28
C GLY G 26 34.29 50.98 -30.08
N ASN G 27 33.64 51.56 -29.06
CA ASN G 27 32.31 51.15 -28.67
C ASN G 27 31.30 51.29 -29.81
N VAL G 28 31.43 52.29 -30.68
CA VAL G 28 30.42 52.46 -31.71
C VAL G 28 30.27 51.12 -32.43
N PRO G 29 29.03 50.64 -32.66
CA PRO G 29 28.80 49.32 -33.24
C PRO G 29 29.97 48.72 -33.98
N ALA G 33 31.79 48.09 -26.90
CA ALA G 33 33.06 47.78 -26.20
C ALA G 33 33.03 48.39 -24.81
N ALA G 34 33.93 47.94 -23.92
CA ALA G 34 33.92 48.38 -22.54
C ALA G 34 34.28 49.86 -22.46
N PRO G 35 33.60 50.65 -21.59
CA PRO G 35 33.90 52.07 -21.42
C PRO G 35 35.26 52.23 -20.75
N CYS G 36 35.84 53.44 -20.87
CA CYS G 36 37.19 53.63 -20.37
C CYS G 36 37.23 53.38 -18.87
N PRO G 37 38.18 52.59 -18.37
CA PRO G 37 38.29 52.33 -16.94
C PRO G 37 38.54 53.63 -16.22
N PRO G 38 38.06 53.78 -14.96
CA PRO G 38 38.18 55.03 -14.21
C PRO G 38 39.59 55.60 -14.04
N HIS G 39 40.56 54.73 -13.79
CA HIS G 39 41.92 55.14 -13.49
C HIS G 39 42.83 55.11 -14.72
N CYS G 40 42.25 54.93 -15.91
CA CYS G 40 43.04 54.70 -17.11
C CYS G 40 42.76 55.80 -18.15
N ALA G 41 43.79 56.18 -18.92
CA ALA G 41 43.66 57.09 -20.05
C ALA G 41 44.71 56.76 -21.10
N LEU G 42 44.48 57.23 -22.33
CA LEU G 42 45.46 57.06 -23.40
C LEU G 42 46.37 58.28 -23.46
N GLY G 43 47.63 58.11 -23.05
CA GLY G 43 48.60 59.20 -23.06
C GLY G 43 49.19 59.44 -24.46
N ALA G 44 49.54 58.36 -25.18
CA ALA G 44 50.24 58.52 -26.44
C ALA G 44 50.18 57.24 -27.26
N LEU G 45 50.49 57.39 -28.56
CA LEU G 45 50.47 56.29 -29.51
C LEU G 45 51.82 56.23 -30.22
N CYS G 46 52.38 55.03 -30.40
CA CYS G 46 53.64 54.87 -31.11
C CYS G 46 53.54 53.75 -32.14
N ASP G 47 53.91 54.05 -33.39
CA ASP G 47 54.08 53.01 -34.40
C ASP G 47 55.14 53.44 -35.41
N ILE G 48 55.89 52.48 -35.95
CA ILE G 48 56.92 52.74 -36.94
C ILE G 48 56.31 52.78 -38.34
N ASP G 49 55.09 52.28 -38.52
CA ASP G 49 54.47 52.21 -39.83
C ASP G 49 53.76 53.53 -40.12
N PRO G 50 54.04 54.16 -41.28
CA PRO G 50 53.44 55.45 -41.63
C PRO G 50 51.92 55.40 -41.72
N GLN G 51 51.38 54.29 -42.24
CA GLN G 51 49.94 54.17 -42.41
C GLN G 51 49.27 54.26 -41.04
N LYS G 52 49.87 53.61 -40.05
CA LYS G 52 49.34 53.59 -38.69
C LYS G 52 49.37 55.01 -38.13
N GLU G 53 50.45 55.76 -38.41
CA GLU G 53 50.56 57.14 -37.98
C GLU G 53 49.42 57.97 -38.54
N GLU G 54 49.14 57.76 -39.84
CA GLU G 54 48.09 58.48 -40.53
C GLU G 54 46.75 58.16 -39.85
N MET G 55 46.51 56.87 -39.58
CA MET G 55 45.27 56.47 -38.94
C MET G 55 45.21 57.13 -37.57
N CYS G 56 46.35 57.18 -36.87
CA CYS G 56 46.39 57.75 -35.53
C CYS G 56 46.09 59.25 -35.58
N LYS G 57 46.60 59.95 -36.60
CA LYS G 57 46.29 61.37 -36.77
C LYS G 57 44.80 61.56 -37.04
N GLU G 58 44.18 60.62 -37.76
CA GLU G 58 42.79 60.74 -38.14
C GLU G 58 41.89 60.44 -36.95
N LYS G 59 42.07 59.27 -36.33
CA LYS G 59 41.16 58.81 -35.29
C LYS G 59 41.45 59.48 -33.95
N TYR G 60 42.71 59.85 -33.70
CA TYR G 60 43.10 60.32 -32.38
C TYR G 60 43.94 61.59 -32.55
N PRO G 61 43.32 62.67 -33.07
CA PRO G 61 44.06 63.85 -33.52
C PRO G 61 44.74 64.61 -32.39
N ASP G 62 44.19 64.50 -31.16
CA ASP G 62 44.70 65.26 -30.04
C ASP G 62 45.58 64.38 -29.16
N VAL G 63 45.95 63.22 -29.67
CA VAL G 63 46.76 62.30 -28.89
C VAL G 63 48.18 62.29 -29.45
N PRO G 64 49.18 62.62 -28.61
CA PRO G 64 50.59 62.66 -29.05
C PRO G 64 50.97 61.35 -29.73
N PHE G 65 51.67 61.46 -30.86
CA PHE G 65 52.13 60.30 -31.63
C PHE G 65 53.66 60.29 -31.69
N TYR G 66 54.30 59.11 -31.62
CA TYR G 66 55.75 59.00 -31.70
C TYR G 66 56.14 57.82 -32.58
N LYS G 67 57.12 58.02 -33.47
CA LYS G 67 57.66 56.91 -34.25
C LYS G 67 58.50 56.00 -33.35
N ASP G 68 59.30 56.61 -32.47
CA ASP G 68 60.24 55.88 -31.62
C ASP G 68 59.65 55.77 -30.23
N TRP G 69 59.49 54.52 -29.74
CA TRP G 69 58.90 54.30 -28.43
C TRP G 69 59.79 54.83 -27.31
N LYS G 70 61.09 54.99 -27.56
CA LYS G 70 62.00 55.53 -26.55
C LYS G 70 61.71 57.02 -26.35
N ASP G 71 61.33 57.70 -27.43
CA ASP G 71 60.96 59.10 -27.37
C ASP G 71 59.67 59.27 -26.56
N MET G 72 58.72 58.34 -26.75
CA MET G 72 57.46 58.42 -26.04
C MET G 72 57.71 58.25 -24.54
N VAL G 73 58.58 57.29 -24.18
CA VAL G 73 58.88 57.01 -22.79
C VAL G 73 59.45 58.25 -22.12
N ALA G 74 60.38 58.93 -22.81
CA ALA G 74 61.09 60.08 -22.26
C ALA G 74 60.20 61.33 -22.26
N SER G 75 59.14 61.36 -23.08
CA SER G 75 58.32 62.55 -23.26
C SER G 75 57.63 62.97 -21.97
N GLY G 76 57.32 62.02 -21.08
CA GLY G 76 56.53 62.34 -19.90
C GLY G 76 55.08 62.64 -20.28
N ASP G 77 54.67 62.24 -21.48
CA ASP G 77 53.26 62.21 -21.85
C ASP G 77 52.58 60.95 -21.34
N VAL G 78 53.37 59.95 -20.91
CA VAL G 78 52.82 58.68 -20.47
C VAL G 78 53.44 58.29 -19.13
N ASP G 79 52.65 57.53 -18.35
CA ASP G 79 53.04 57.01 -17.05
C ASP G 79 53.29 55.51 -17.13
N ALA G 80 52.95 54.88 -18.27
CA ALA G 80 53.14 53.46 -18.46
C ALA G 80 53.00 53.14 -19.96
N VAL G 81 53.55 51.99 -20.38
CA VAL G 81 53.46 51.60 -21.77
C VAL G 81 52.99 50.15 -21.87
N ILE G 82 52.39 49.81 -23.01
CA ILE G 82 51.90 48.46 -23.30
C ILE G 82 52.57 47.97 -24.57
N THR G 83 53.10 46.75 -24.58
CA THR G 83 53.97 46.32 -25.66
C THR G 83 53.21 45.53 -26.72
N THR G 84 52.30 46.22 -27.43
CA THR G 84 51.52 45.58 -28.48
C THR G 84 52.31 45.57 -29.77
N VAL G 85 53.47 44.91 -29.71
CA VAL G 85 54.38 44.74 -30.84
C VAL G 85 54.79 43.26 -30.92
N PRO G 86 55.42 42.80 -32.03
CA PRO G 86 55.86 41.42 -32.13
C PRO G 86 56.63 40.98 -30.89
N HIS G 87 56.59 39.68 -30.60
CA HIS G 87 56.92 39.17 -29.29
C HIS G 87 58.41 39.36 -29.00
N TYR G 88 59.24 39.32 -30.05
CA TYR G 88 60.68 39.39 -29.86
C TYR G 88 61.05 40.71 -29.19
N LEU G 89 60.25 41.77 -29.38
CA LEU G 89 60.54 43.08 -28.80
C LEU G 89 60.09 43.19 -27.35
N HIS G 90 59.31 42.24 -26.83
CA HIS G 90 58.67 42.43 -25.54
C HIS G 90 59.72 42.67 -24.45
N THR G 91 60.68 41.75 -24.32
CA THR G 91 61.62 41.83 -23.20
C THR G 91 62.57 43.01 -23.41
N GLU G 92 62.86 43.35 -24.67
CA GLU G 92 63.78 44.42 -25.00
C GLU G 92 63.21 45.74 -24.46
N ILE G 93 61.92 45.97 -24.69
CA ILE G 93 61.25 47.19 -24.30
C ILE G 93 61.09 47.20 -22.79
N ALA G 94 60.74 46.04 -22.23
CA ALA G 94 60.50 45.93 -20.81
C ALA G 94 61.76 46.32 -20.05
N ILE G 95 62.88 45.71 -20.43
CA ILE G 95 64.14 45.91 -19.74
C ILE G 95 64.50 47.40 -19.80
N TYR G 96 64.35 47.99 -20.99
CA TYR G 96 64.67 49.40 -21.16
C TYR G 96 63.82 50.23 -20.21
N CYS G 97 62.52 49.92 -20.12
CA CYS G 97 61.58 50.73 -19.35
C CYS G 97 61.87 50.60 -17.86
N LEU G 98 62.16 49.37 -17.40
CA LEU G 98 62.46 49.13 -15.99
C LEU G 98 63.71 49.92 -15.59
N GLU G 99 64.69 49.98 -16.51
CA GLU G 99 65.94 50.65 -16.23
C GLU G 99 65.75 52.17 -16.27
N HIS G 100 64.67 52.65 -16.91
CA HIS G 100 64.40 54.08 -17.04
C HIS G 100 63.17 54.48 -16.24
N GLY G 101 62.85 53.75 -15.17
CA GLY G 101 61.78 54.10 -14.24
C GLY G 101 60.39 54.21 -14.90
N MET G 102 60.15 53.43 -15.97
CA MET G 102 58.89 53.49 -16.71
C MET G 102 58.09 52.21 -16.50
N ASN G 103 56.86 52.34 -15.98
CA ASN G 103 55.98 51.21 -15.75
C ASN G 103 55.66 50.54 -17.08
N VAL G 104 55.71 49.20 -17.10
CA VAL G 104 55.54 48.47 -18.35
C VAL G 104 54.58 47.31 -18.16
N LEU G 105 53.55 47.29 -19.01
CA LEU G 105 52.62 46.19 -19.12
C LEU G 105 52.94 45.39 -20.38
N VAL G 106 53.55 44.21 -20.20
CA VAL G 106 54.04 43.41 -21.28
C VAL G 106 52.92 42.53 -21.83
N GLU G 107 52.82 42.43 -23.15
CA GLU G 107 51.82 41.59 -23.78
C GLU G 107 52.20 40.13 -23.68
N LYS G 108 51.20 39.28 -23.92
CA LYS G 108 51.40 37.86 -24.05
C LYS G 108 51.91 37.59 -25.46
N PRO G 109 52.74 36.55 -25.66
CA PRO G 109 53.43 35.86 -24.57
C PRO G 109 54.52 36.78 -24.05
N ALA G 110 54.97 36.57 -22.82
CA ALA G 110 55.93 37.49 -22.22
C ALA G 110 57.14 37.68 -23.13
N GLY G 111 57.56 36.59 -23.78
CA GLY G 111 58.63 36.64 -24.76
C GLY G 111 58.67 35.35 -25.57
N VAL G 112 59.70 35.22 -26.40
CA VAL G 112 59.82 34.07 -27.29
C VAL G 112 60.61 32.97 -26.60
N TYR G 113 61.80 33.34 -26.08
CA TYR G 113 62.68 32.38 -25.45
C TYR G 113 62.90 32.78 -23.99
N ALA G 114 62.94 31.73 -23.15
CA ALA G 114 62.90 31.87 -21.70
C ALA G 114 64.06 32.70 -21.18
N LYS G 115 65.23 32.59 -21.83
CA LYS G 115 66.41 33.32 -21.35
C LYS G 115 66.07 34.81 -21.25
N SER G 116 65.52 35.38 -22.33
CA SER G 116 65.27 36.82 -22.38
C SER G 116 64.21 37.20 -21.35
N VAL G 117 63.27 36.29 -21.09
CA VAL G 117 62.19 36.57 -20.15
C VAL G 117 62.77 36.53 -18.74
N ARG G 118 63.69 35.60 -18.49
CA ARG G 118 64.32 35.50 -17.18
C ARG G 118 65.07 36.80 -16.91
N GLU G 119 65.80 37.31 -17.92
CA GLU G 119 66.56 38.53 -17.77
C GLU G 119 65.60 39.67 -17.44
N MET G 120 64.46 39.70 -18.10
CA MET G 120 63.47 40.74 -17.86
C MET G 120 63.00 40.65 -16.40
N ASN G 121 62.77 39.43 -15.90
CA ASN G 121 62.27 39.26 -14.55
C ASN G 121 63.33 39.76 -13.56
N GLU G 122 64.61 39.45 -13.83
CA GLU G 122 65.69 39.80 -12.92
C GLU G 122 65.87 41.32 -12.89
N CYS G 123 65.74 41.93 -14.07
CA CYS G 123 65.75 43.36 -14.22
C CYS G 123 64.66 43.99 -13.36
N ALA G 124 63.43 43.44 -13.44
CA ALA G 124 62.31 44.00 -12.70
C ALA G 124 62.57 43.86 -11.20
N ALA G 125 63.10 42.70 -10.80
CA ALA G 125 63.37 42.44 -9.39
C ALA G 125 64.40 43.43 -8.85
N ALA G 126 65.23 43.97 -9.75
CA ALA G 126 66.26 44.93 -9.42
C ALA G 126 65.75 46.37 -9.49
N HIS G 127 64.54 46.59 -10.01
CA HIS G 127 63.92 47.91 -9.99
C HIS G 127 62.50 47.73 -9.49
N PRO G 128 62.31 47.27 -8.23
CA PRO G 128 61.00 46.87 -7.73
C PRO G 128 59.97 47.99 -7.65
N GLU G 129 60.45 49.24 -7.54
CA GLU G 129 59.58 50.41 -7.48
C GLU G 129 58.81 50.58 -8.80
N VAL G 130 59.33 50.00 -9.89
CA VAL G 130 58.66 50.10 -11.17
C VAL G 130 57.64 48.98 -11.28
N THR G 131 56.40 49.34 -11.65
CA THR G 131 55.33 48.36 -11.86
C THR G 131 55.60 47.57 -13.13
N PHE G 132 55.53 46.24 -12.97
CA PHE G 132 55.83 45.26 -14.00
C PHE G 132 54.72 44.22 -14.08
N GLY G 133 54.03 44.16 -15.21
CA GLY G 133 52.85 43.33 -15.33
C GLY G 133 52.77 42.65 -16.69
N ILE G 134 51.92 41.62 -16.76
CA ILE G 134 51.68 40.98 -18.04
C ILE G 134 50.18 40.99 -18.30
N MET G 135 49.82 40.98 -19.60
CA MET G 135 48.43 41.02 -20.04
C MET G 135 47.90 39.60 -20.14
N PHE G 136 47.74 38.96 -18.98
CA PHE G 136 47.07 37.67 -18.92
C PHE G 136 45.60 37.96 -18.61
N ASN G 137 44.89 38.44 -19.64
CA ASN G 137 43.59 39.07 -19.48
C ASN G 137 42.54 38.00 -19.13
N GLN G 138 42.83 36.75 -19.45
CA GLN G 138 41.90 35.69 -19.13
C GLN G 138 41.82 35.44 -17.63
N ARG G 139 42.76 35.97 -16.84
CA ARG G 139 42.66 35.79 -15.41
C ARG G 139 41.55 36.67 -14.83
N THR G 140 41.00 37.58 -15.64
CA THR G 140 39.92 38.46 -15.21
C THR G 140 38.57 37.80 -15.44
N ASN G 141 38.58 36.61 -16.07
CA ASN G 141 37.37 35.90 -16.43
C ASN G 141 36.85 35.12 -15.23
N LYS G 142 35.64 35.46 -14.79
CA LYS G 142 35.11 34.86 -13.58
C LYS G 142 35.10 33.33 -13.69
N LEU G 143 35.06 32.82 -14.92
CA LEU G 143 35.05 31.39 -15.13
C LEU G 143 36.34 30.76 -14.59
N TYR G 144 37.49 31.29 -15.03
CA TYR G 144 38.75 30.69 -14.65
C TYR G 144 39.05 31.05 -13.19
N GLN G 145 38.52 32.17 -12.71
CA GLN G 145 38.68 32.50 -11.30
C GLN G 145 37.97 31.48 -10.43
N LYS G 146 36.74 31.10 -10.84
CA LYS G 146 35.94 30.12 -10.14
C LYS G 146 36.70 28.81 -10.04
N ILE G 147 37.24 28.35 -11.18
CA ILE G 147 37.89 27.06 -11.21
C ILE G 147 39.17 27.09 -10.42
N ARG G 148 39.95 28.17 -10.56
CA ARG G 148 41.16 28.31 -9.79
C ARG G 148 40.85 28.28 -8.30
N GLU G 149 39.87 29.07 -7.86
CA GLU G 149 39.53 29.17 -6.45
C GLU G 149 39.26 27.80 -5.85
N ILE G 150 38.45 27.01 -6.56
CA ILE G 150 38.01 25.73 -6.04
C ILE G 150 39.19 24.78 -5.95
N VAL G 151 39.98 24.71 -7.02
CA VAL G 151 41.14 23.84 -7.03
C VAL G 151 42.10 24.26 -5.91
N ALA G 152 42.48 25.54 -5.89
CA ALA G 152 43.46 26.05 -4.94
C ALA G 152 42.99 25.91 -3.50
N SER G 153 41.66 25.95 -3.26
CA SER G 153 41.17 25.91 -1.89
C SER G 153 41.54 24.57 -1.25
N GLY G 154 41.77 23.55 -2.07
CA GLY G 154 41.96 22.20 -1.58
C GLY G 154 40.63 21.54 -1.22
N GLU G 155 39.51 22.22 -1.48
CA GLU G 155 38.21 21.64 -1.23
C GLU G 155 38.03 20.32 -1.97
N LEU G 156 38.57 20.19 -3.18
CA LEU G 156 38.35 18.98 -3.96
C LEU G 156 39.60 18.11 -3.88
N GLY G 157 40.50 18.43 -2.95
CA GLY G 157 41.72 17.66 -2.77
C GLY G 157 42.70 17.88 -3.92
N GLU G 158 43.60 16.91 -4.12
CA GLU G 158 44.68 17.06 -5.05
C GLU G 158 44.23 16.72 -6.47
N ILE G 159 44.87 17.36 -7.45
CA ILE G 159 44.66 17.02 -8.84
C ILE G 159 45.28 15.67 -9.15
N ARG G 160 44.58 14.87 -9.97
CA ARG G 160 45.12 13.62 -10.47
C ARG G 160 45.32 13.69 -12.00
N ARG G 161 44.52 14.47 -12.71
CA ARG G 161 44.63 14.51 -14.16
C ARG G 161 44.07 15.84 -14.69
N SER G 162 44.66 16.35 -15.76
CA SER G 162 44.05 17.42 -16.52
C SER G 162 44.13 17.06 -18.00
N ASN G 163 43.12 17.47 -18.76
CA ASN G 163 43.10 17.22 -20.18
C ASN G 163 42.40 18.41 -20.82
N TRP G 164 43.08 19.07 -21.77
CA TRP G 164 42.46 20.18 -22.47
C TRP G 164 42.63 19.97 -23.96
N ILE G 165 41.51 19.77 -24.66
CA ILE G 165 41.45 19.75 -26.12
C ILE G 165 40.90 21.10 -26.54
N ILE G 166 41.65 21.87 -27.32
CA ILE G 166 41.18 23.18 -27.73
C ILE G 166 41.58 23.42 -29.17
N ASN G 167 40.64 23.07 -30.06
CA ASN G 167 40.82 22.98 -31.50
C ASN G 167 39.95 24.00 -32.23
N ASN G 168 39.25 24.87 -31.50
CA ASN G 168 38.19 25.66 -32.11
C ASN G 168 38.69 26.97 -32.71
N TRP G 169 39.99 27.22 -32.75
CA TRP G 169 40.45 28.41 -33.43
C TRP G 169 40.99 28.06 -34.82
N TYR G 170 40.04 27.86 -35.73
CA TYR G 170 40.32 27.55 -37.12
C TYR G 170 40.96 28.75 -37.80
N ARG G 171 42.09 28.53 -38.46
CA ARG G 171 42.79 29.60 -39.16
C ARG G 171 43.31 29.04 -40.48
N PRO G 172 42.73 29.46 -41.62
CA PRO G 172 43.17 28.99 -42.94
C PRO G 172 44.42 29.72 -43.43
N ASP G 173 44.98 29.19 -44.52
CA ASP G 173 46.18 29.73 -45.14
C ASP G 173 46.03 31.24 -45.38
N SER G 174 44.83 31.68 -45.76
CA SER G 174 44.56 33.09 -46.00
C SER G 174 44.88 33.95 -44.78
N TYR G 175 44.52 33.49 -43.58
CA TYR G 175 44.83 34.21 -42.34
C TYR G 175 46.35 34.27 -42.15
N TYR G 176 47.02 33.14 -42.43
CA TYR G 176 48.45 33.05 -42.18
C TYR G 176 49.18 34.05 -43.08
N ARG G 177 48.66 34.29 -44.29
CA ARG G 177 49.33 35.19 -45.23
C ARG G 177 49.17 36.66 -44.82
N LEU G 178 48.27 36.98 -43.89
CA LEU G 178 47.99 38.35 -43.52
C LEU G 178 49.19 39.06 -42.88
N SER G 179 49.95 38.40 -41.99
CA SER G 179 51.03 39.06 -41.28
C SER G 179 52.38 38.38 -41.59
N ASP G 180 53.38 39.18 -41.94
CA ASP G 180 54.73 38.69 -42.19
C ASP G 180 55.36 38.08 -40.94
N TRP G 181 55.27 38.77 -39.79
CA TRP G 181 55.91 38.32 -38.56
C TRP G 181 55.26 37.05 -37.99
N ARG G 182 53.93 36.94 -38.08
CA ARG G 182 53.25 35.79 -37.48
C ARG G 182 53.57 34.50 -38.25
N ALA G 183 53.67 33.35 -37.54
CA ALA G 183 53.89 32.04 -38.11
C ALA G 183 55.27 31.91 -38.78
N THR G 184 56.25 32.70 -38.33
CA THR G 184 57.61 32.60 -38.83
C THR G 184 58.53 32.40 -37.63
N TRP G 185 59.49 31.48 -37.71
CA TRP G 185 60.34 31.25 -36.56
C TRP G 185 61.07 32.54 -36.21
N GLY G 186 61.59 33.22 -37.23
CA GLY G 186 62.24 34.50 -37.02
C GLY G 186 61.30 35.61 -36.57
N GLY G 187 60.10 35.69 -37.16
CA GLY G 187 59.09 36.67 -36.74
C GLY G 187 58.41 36.40 -35.38
N GLU G 188 58.00 35.14 -35.12
CA GLU G 188 57.20 34.83 -33.94
C GLU G 188 57.88 33.86 -32.98
N GLY G 189 58.81 33.03 -33.48
CA GLY G 189 59.42 32.00 -32.67
C GLY G 189 58.56 30.74 -32.56
N GLY G 190 57.45 30.71 -33.31
CA GLY G 190 56.57 29.55 -33.32
C GLY G 190 55.28 29.89 -34.05
N GLY G 191 54.29 28.98 -34.01
CA GLY G 191 52.99 29.29 -34.59
C GLY G 191 51.88 29.27 -33.54
N VAL G 192 51.23 28.11 -33.37
CA VAL G 192 50.08 28.01 -32.47
C VAL G 192 50.52 28.30 -31.02
N LEU G 193 51.69 27.77 -30.64
CA LEU G 193 52.15 27.89 -29.26
C LEU G 193 52.41 29.34 -28.86
N VAL G 194 52.94 30.15 -29.78
CA VAL G 194 53.25 31.55 -29.49
C VAL G 194 52.05 32.48 -29.78
N ASN G 195 50.99 31.97 -30.44
CA ASN G 195 49.88 32.84 -30.81
C ASN G 195 48.60 32.53 -30.03
N GLN G 196 47.83 31.53 -30.49
CA GLN G 196 46.59 31.12 -29.84
C GLN G 196 46.82 30.51 -28.45
N ALA G 197 47.85 29.67 -28.30
CA ALA G 197 48.08 28.84 -27.11
C ALA G 197 48.45 29.58 -25.82
N PRO G 198 49.21 30.71 -25.78
CA PRO G 198 49.75 31.25 -24.54
C PRO G 198 48.79 31.59 -23.42
N HIS G 199 47.66 32.23 -23.71
CA HIS G 199 46.71 32.51 -22.63
C HIS G 199 46.31 31.19 -21.97
N GLN G 200 46.00 30.19 -22.79
CA GLN G 200 45.59 28.88 -22.32
C GLN G 200 46.71 28.21 -21.55
N LEU G 201 47.94 28.30 -22.06
CA LEU G 201 49.07 27.65 -21.40
C LEU G 201 49.29 28.23 -20.00
N ASP G 202 49.17 29.56 -19.87
CA ASP G 202 49.23 30.18 -18.56
C ASP G 202 48.08 29.69 -17.69
N LEU G 203 46.86 29.63 -18.25
CA LEU G 203 45.69 29.25 -17.47
C LEU G 203 45.87 27.84 -16.94
N TRP G 204 46.36 26.94 -17.81
CA TRP G 204 46.54 25.55 -17.44
C TRP G 204 47.48 25.47 -16.26
N GLN G 205 48.60 26.18 -16.36
CA GLN G 205 49.57 26.21 -15.28
C GLN G 205 48.99 26.89 -14.04
N TRP G 206 48.28 27.99 -14.25
CA TRP G 206 47.77 28.76 -13.12
C TRP G 206 46.80 27.91 -12.29
N ILE G 207 45.84 27.23 -12.94
CA ILE G 207 44.91 26.35 -12.25
C ILE G 207 45.58 25.03 -11.81
N CYS G 208 46.40 24.40 -12.66
CA CYS G 208 46.88 23.04 -12.39
C CYS G 208 48.35 22.92 -11.97
N GLY G 209 49.06 24.04 -11.78
CA GLY G 209 50.48 23.99 -11.44
C GLY G 209 51.34 23.85 -12.69
N ILE G 210 52.69 23.81 -12.51
CA ILE G 210 53.63 23.80 -13.61
C ILE G 210 54.15 22.38 -13.83
N PRO G 211 54.11 21.84 -15.07
CA PRO G 211 54.53 20.45 -15.30
C PRO G 211 56.00 20.21 -15.00
N THR G 212 56.31 19.11 -14.31
CA THR G 212 57.70 18.72 -14.11
C THR G 212 58.34 18.27 -15.42
N THR G 213 57.59 17.53 -16.25
CA THR G 213 58.12 16.97 -17.49
C THR G 213 57.14 17.23 -18.62
N VAL G 214 57.63 17.43 -19.85
CA VAL G 214 56.79 17.67 -21.02
C VAL G 214 57.18 16.72 -22.15
N TYR G 215 56.22 16.00 -22.74
CA TYR G 215 56.44 15.25 -23.96
C TYR G 215 55.45 15.77 -25.00
N ALA G 216 55.92 16.10 -26.21
CA ALA G 216 55.02 16.73 -27.18
C ALA G 216 55.21 16.17 -28.59
N ASN G 217 54.13 16.15 -29.38
CA ASN G 217 54.19 15.82 -30.80
C ASN G 217 53.75 17.06 -31.56
N CYS G 218 54.68 17.78 -32.18
CA CYS G 218 54.37 19.03 -32.83
C CYS G 218 54.55 18.89 -34.34
N ILE G 219 53.49 19.14 -35.11
CA ILE G 219 53.57 19.01 -36.55
C ILE G 219 53.67 20.41 -37.14
N ASN G 220 54.72 20.64 -37.94
CA ASN G 220 54.85 21.91 -38.64
C ASN G 220 54.04 21.85 -39.93
N GLY G 221 53.37 22.96 -40.25
CA GLY G 221 52.63 23.09 -41.51
C GLY G 221 51.63 21.95 -41.69
N SER G 222 50.83 21.71 -40.64
CA SER G 222 49.78 20.72 -40.70
C SER G 222 48.63 21.27 -41.52
N HIS G 223 48.44 20.72 -42.73
CA HIS G 223 47.41 21.18 -43.64
C HIS G 223 47.55 22.68 -43.93
N ARG G 224 48.75 23.22 -43.73
CA ARG G 224 48.99 24.65 -43.91
C ARG G 224 50.39 24.85 -44.48
N ASP G 225 50.53 25.96 -45.21
CA ASP G 225 51.76 26.31 -45.89
C ASP G 225 52.57 27.25 -44.99
N ILE G 226 53.02 26.71 -43.85
CA ILE G 226 53.85 27.46 -42.91
C ILE G 226 54.91 26.51 -42.38
N ALA G 227 55.96 27.07 -41.76
CA ALA G 227 57.08 26.27 -41.30
C ALA G 227 56.97 25.97 -39.81
N VAL G 228 55.95 26.53 -39.15
CA VAL G 228 55.87 26.46 -37.69
C VAL G 228 54.79 25.46 -37.30
N GLU G 229 54.69 25.17 -36.00
CA GLU G 229 53.79 24.13 -35.54
C GLU G 229 52.37 24.67 -35.49
N ASN G 230 51.40 23.86 -35.92
CA ASN G 230 49.99 24.22 -35.77
C ASN G 230 49.13 22.99 -35.49
N ASP G 231 49.74 21.88 -35.05
CA ASP G 231 49.02 20.72 -34.53
C ASP G 231 49.91 20.13 -33.43
N VAL G 232 49.46 20.22 -32.18
CA VAL G 232 50.28 19.93 -31.03
C VAL G 232 49.53 19.00 -30.08
N THR G 233 50.20 17.93 -29.64
CA THR G 233 49.68 17.08 -28.60
C THR G 233 50.74 16.99 -27.51
N VAL G 234 50.37 17.24 -26.26
CA VAL G 234 51.33 17.32 -25.17
C VAL G 234 50.94 16.35 -24.06
N LEU G 235 51.90 15.64 -23.45
CA LEU G 235 51.71 14.99 -22.17
C LEU G 235 52.61 15.62 -21.12
N THR G 236 52.04 15.85 -19.94
CA THR G 236 52.76 16.45 -18.84
C THR G 236 52.67 15.53 -17.63
N GLU G 237 53.66 15.69 -16.73
CA GLU G 237 53.64 15.15 -15.38
C GLU G 237 53.86 16.30 -14.41
N TYR G 238 53.56 16.05 -13.13
CA TYR G 238 53.50 17.08 -12.10
C TYR G 238 54.16 16.51 -10.84
N GLU G 239 54.68 17.40 -9.99
CA GLU G 239 55.40 16.97 -8.80
C GLU G 239 54.58 15.93 -8.04
N ASN G 240 53.25 16.12 -7.96
CA ASN G 240 52.44 15.28 -7.10
C ASN G 240 51.96 13.99 -7.76
N GLY G 241 52.46 13.67 -8.96
CA GLY G 241 52.15 12.39 -9.60
C GLY G 241 51.02 12.48 -10.62
N ALA G 242 50.37 13.65 -10.72
CA ALA G 242 49.31 13.84 -11.68
C ALA G 242 49.87 13.84 -13.10
N THR G 243 48.96 13.61 -14.07
CA THR G 243 49.30 13.68 -15.47
C THR G 243 48.46 14.77 -16.12
N GLY G 244 48.87 15.19 -17.33
CA GLY G 244 48.10 16.17 -18.07
C GLY G 244 48.25 15.93 -19.58
N SER G 245 47.30 16.47 -20.34
CA SER G 245 47.39 16.45 -21.80
C SER G 245 46.81 17.74 -22.32
N PHE G 246 47.35 18.19 -23.47
CA PHE G 246 46.91 19.42 -24.11
C PHE G 246 47.00 19.19 -25.61
N ILE G 247 45.91 19.46 -26.32
CA ILE G 247 45.83 19.21 -27.75
C ILE G 247 45.29 20.49 -28.40
N THR G 248 45.93 20.99 -29.45
CA THR G 248 45.42 22.18 -30.13
C THR G 248 45.87 22.17 -31.59
N CYS G 249 45.10 22.81 -32.46
CA CYS G 249 45.45 22.90 -33.87
C CYS G 249 44.62 23.98 -34.53
N THR G 250 45.01 24.39 -35.74
CA THR G 250 44.32 25.47 -36.43
C THR G 250 43.66 24.96 -37.71
N HIS G 251 43.49 23.64 -37.85
CA HIS G 251 42.91 23.10 -39.08
C HIS G 251 41.59 22.38 -38.83
N ASP G 252 41.01 22.55 -37.64
CA ASP G 252 39.76 21.87 -37.29
C ASP G 252 38.59 22.83 -37.49
N LEU G 253 37.73 22.52 -38.47
CA LEU G 253 36.56 23.34 -38.76
C LEU G 253 35.52 23.31 -37.64
N LEU G 254 35.60 22.34 -36.73
CA LEU G 254 34.56 22.23 -35.72
C LEU G 254 35.19 21.69 -34.45
N GLY G 255 36.10 22.48 -33.90
CA GLY G 255 37.03 21.97 -32.93
C GLY G 255 36.42 21.87 -31.55
N THR G 256 36.69 20.76 -30.88
CA THR G 256 36.38 20.62 -29.47
C THR G 256 37.15 21.68 -28.67
N ASP G 257 36.52 22.20 -27.61
CA ASP G 257 37.16 22.98 -26.56
C ASP G 257 36.64 22.43 -25.24
N ARG G 258 37.35 21.46 -24.66
CA ARG G 258 36.89 20.77 -23.48
C ARG G 258 38.08 20.62 -22.54
N PHE G 259 37.94 21.16 -21.32
CA PHE G 259 39.00 21.14 -20.32
C PHE G 259 38.49 20.38 -19.11
N GLU G 260 39.16 19.27 -18.80
CA GLU G 260 38.76 18.41 -17.72
C GLU G 260 39.85 18.42 -16.66
N ILE G 261 39.44 18.50 -15.40
CA ILE G 261 40.35 18.32 -14.28
C ILE G 261 39.71 17.28 -13.38
N ASP G 262 40.48 16.24 -13.07
CA ASP G 262 40.06 15.14 -12.21
C ASP G 262 40.83 15.24 -10.92
N LEU G 263 40.11 15.16 -9.79
CA LEU G 263 40.70 15.42 -8.49
C LEU G 263 40.28 14.30 -7.54
N ASP G 264 40.94 14.29 -6.39
CA ASP G 264 40.73 13.29 -5.37
C ASP G 264 39.27 13.41 -4.91
N GLY G 265 38.71 14.62 -4.92
CA GLY G 265 37.42 14.88 -4.29
C GLY G 265 36.39 15.45 -5.26
N GLY G 266 36.70 15.52 -6.55
CA GLY G 266 35.71 15.95 -7.50
C GLY G 266 36.26 16.02 -8.91
N LYS G 267 35.50 16.65 -9.79
CA LYS G 267 35.82 16.71 -11.19
C LYS G 267 35.32 18.02 -11.75
N ILE G 268 36.04 18.59 -12.69
CA ILE G 268 35.62 19.83 -13.31
C ILE G 268 35.68 19.63 -14.81
N VAL G 269 34.64 20.06 -15.53
CA VAL G 269 34.66 20.00 -16.97
C VAL G 269 34.20 21.35 -17.47
N VAL G 270 35.00 21.94 -18.36
CA VAL G 270 34.71 23.26 -18.88
C VAL G 270 34.52 23.14 -20.37
N GLU G 271 33.34 23.55 -20.86
CA GLU G 271 32.99 23.41 -22.25
C GLU G 271 32.98 24.77 -22.94
N ASP G 272 33.69 24.87 -24.06
CA ASP G 272 33.68 26.01 -24.94
C ASP G 272 34.16 27.27 -24.24
N SER G 273 34.86 27.11 -23.12
CA SER G 273 35.46 28.22 -22.40
C SER G 273 34.38 29.19 -21.90
N LYS G 274 33.13 28.72 -21.77
CA LYS G 274 32.05 29.54 -21.25
C LYS G 274 31.39 28.86 -20.06
N LYS G 275 31.29 27.54 -20.08
CA LYS G 275 30.42 26.83 -19.14
C LYS G 275 31.20 25.74 -18.41
N ALA G 276 30.98 25.64 -17.10
CA ALA G 276 31.76 24.74 -16.25
C ALA G 276 30.80 23.84 -15.48
N TYR G 277 31.09 22.55 -15.46
CA TYR G 277 30.35 21.61 -14.63
C TYR G 277 31.30 21.19 -13.51
N ILE G 278 30.89 21.43 -12.26
CA ILE G 278 31.72 21.10 -11.11
C ILE G 278 31.05 19.95 -10.38
N TYR G 279 31.77 18.84 -10.24
CA TYR G 279 31.23 17.66 -9.57
C TYR G 279 31.99 17.53 -8.25
N ARG G 280 31.27 17.51 -7.13
CA ARG G 280 31.88 17.33 -5.84
C ARG G 280 31.50 15.96 -5.30
N PHE G 281 32.49 15.11 -5.06
CA PHE G 281 32.25 13.78 -4.57
C PHE G 281 31.81 13.92 -3.12
N LYS G 282 30.82 13.10 -2.70
CA LYS G 282 30.38 13.17 -1.32
C LYS G 282 31.54 12.75 -0.43
N GLU G 283 32.32 11.75 -0.88
CA GLU G 283 33.52 11.33 -0.19
C GLU G 283 34.67 11.30 -1.18
N THR G 284 35.88 11.51 -0.69
CA THR G 284 37.05 11.45 -1.56
C THR G 284 37.25 10.02 -2.01
N GLU G 285 37.83 9.84 -3.20
CA GLU G 285 38.07 8.51 -3.72
C GLU G 285 38.96 7.74 -2.75
N THR G 286 39.95 8.43 -2.18
CA THR G 286 40.85 7.80 -1.23
C THR G 286 40.03 7.16 -0.11
N ALA G 287 39.05 7.91 0.40
CA ALA G 287 38.17 7.43 1.44
C ALA G 287 37.36 6.23 0.98
N VAL G 288 36.82 6.31 -0.25
CA VAL G 288 35.98 5.24 -0.77
C VAL G 288 36.82 3.98 -0.91
N ASN G 289 38.06 4.13 -1.41
CA ASN G 289 38.93 2.99 -1.65
C ASN G 289 39.25 2.33 -0.33
N ALA G 290 39.44 3.15 0.72
CA ALA G 290 39.82 2.67 2.05
C ALA G 290 38.71 1.82 2.66
N ARG G 291 37.45 2.13 2.32
CA ARG G 291 36.31 1.44 2.93
C ARG G 291 36.24 0.02 2.37
N ASP G 292 36.64 -0.14 1.10
CA ASP G 292 36.80 -1.46 0.54
C ASP G 292 35.53 -2.32 0.69
N MET G 293 34.39 -1.73 0.34
CA MET G 293 33.09 -2.42 0.36
C MET G 293 33.09 -3.85 -0.25
N ASN G 307 18.15 9.06 -9.21
CA ASN G 307 17.97 10.28 -8.37
C ASN G 307 19.34 10.94 -8.13
N SER G 308 19.34 12.28 -8.15
CA SER G 308 20.55 13.06 -7.92
C SER G 308 21.08 12.83 -6.50
N ASP G 309 20.19 12.75 -5.51
CA ASP G 309 20.59 12.47 -4.14
C ASP G 309 21.27 11.10 -4.00
N ASP G 310 20.78 10.09 -4.73
CA ASP G 310 21.32 8.74 -4.68
C ASP G 310 22.71 8.67 -5.28
N LYS G 311 23.05 9.60 -6.20
CA LYS G 311 24.36 9.65 -6.83
C LYS G 311 25.43 9.98 -5.77
N MET G 312 26.66 9.51 -6.00
CA MET G 312 27.79 9.73 -5.10
C MET G 312 28.36 11.15 -5.19
N PHE G 313 27.96 11.94 -6.17
CA PHE G 313 28.41 13.29 -6.45
C PHE G 313 27.23 14.26 -6.54
N GLU G 314 27.55 15.56 -6.36
CA GLU G 314 26.63 16.65 -6.57
C GLU G 314 27.22 17.54 -7.67
N VAL G 315 26.38 18.10 -8.55
CA VAL G 315 26.86 18.88 -9.67
C VAL G 315 26.45 20.34 -9.52
N GLU G 316 27.42 21.25 -9.69
CA GLU G 316 27.21 22.68 -9.69
C GLU G 316 27.60 23.19 -11.07
N GLU G 317 26.87 24.20 -11.56
CA GLU G 317 27.09 24.74 -12.90
C GLU G 317 27.50 26.21 -12.78
N PHE G 318 28.45 26.63 -13.61
CA PHE G 318 28.90 28.01 -13.67
C PHE G 318 28.97 28.38 -15.16
N GLU G 319 28.50 29.57 -15.52
CA GLU G 319 28.66 30.07 -16.88
C GLU G 319 29.06 31.54 -16.80
N ASN G 320 30.08 31.94 -17.58
CA ASN G 320 30.41 33.34 -17.78
C ASN G 320 30.88 33.57 -19.21
N THR G 321 30.41 34.66 -19.82
CA THR G 321 30.97 35.13 -21.08
C THR G 321 31.39 36.59 -20.87
N ASP G 322 32.59 36.95 -21.31
CA ASP G 322 33.07 38.31 -21.12
C ASP G 322 32.96 39.05 -22.44
N GLY G 323 32.37 40.26 -22.39
CA GLY G 323 32.17 41.05 -23.58
C GLY G 323 33.48 41.69 -24.05
N TRP G 324 33.48 42.17 -25.31
CA TRP G 324 34.72 42.61 -25.92
C TRP G 324 35.28 43.76 -25.09
N GLY G 325 36.57 43.63 -24.76
CA GLY G 325 37.27 44.67 -24.04
C GLY G 325 37.21 44.58 -22.53
N TYR G 326 36.31 43.75 -22.00
CA TYR G 326 36.20 43.64 -20.56
C TYR G 326 37.54 43.21 -19.95
N GLN G 327 38.09 42.14 -20.49
CA GLN G 327 39.24 41.51 -19.88
C GLN G 327 40.45 42.47 -19.91
N HIS G 328 40.68 43.05 -21.08
CA HIS G 328 41.84 43.90 -21.30
C HIS G 328 41.73 45.16 -20.45
N THR G 329 40.55 45.78 -20.43
CA THR G 329 40.33 46.98 -19.64
C THR G 329 40.51 46.66 -18.15
N THR G 330 40.02 45.48 -17.74
CA THR G 330 40.09 45.14 -16.32
C THR G 330 41.56 45.04 -15.90
N VAL G 331 42.40 44.45 -16.78
CA VAL G 331 43.83 44.37 -16.50
C VAL G 331 44.41 45.78 -16.43
N MET G 332 44.08 46.59 -17.45
CA MET G 332 44.57 47.96 -17.53
C MET G 332 44.24 48.69 -16.23
N GLU G 333 43.02 48.50 -15.73
CA GLU G 333 42.55 49.21 -14.55
C GLU G 333 43.29 48.68 -13.32
N ASN G 334 43.46 47.35 -13.25
CA ASN G 334 44.16 46.72 -12.15
C ASN G 334 45.59 47.26 -12.07
N PHE G 335 46.23 47.31 -13.25
CA PHE G 335 47.60 47.76 -13.39
C PHE G 335 47.74 49.21 -12.95
N ALA G 336 46.82 50.06 -13.44
CA ALA G 336 46.81 51.45 -13.04
C ALA G 336 46.71 51.54 -11.53
N GLN G 337 45.83 50.72 -10.95
CA GLN G 337 45.57 50.79 -9.52
C GLN G 337 46.82 50.41 -8.73
N HIS G 338 47.64 49.48 -9.25
CA HIS G 338 48.87 49.10 -8.57
C HIS G 338 49.78 50.32 -8.48
N ILE G 339 49.94 51.00 -9.61
CA ILE G 339 50.76 52.21 -9.69
C ILE G 339 50.27 53.23 -8.68
N ILE G 340 48.95 53.42 -8.58
CA ILE G 340 48.37 54.52 -7.83
C ILE G 340 48.39 54.24 -6.33
N ASP G 341 47.89 53.08 -5.89
CA ASP G 341 47.66 52.86 -4.46
C ASP G 341 48.19 51.50 -4.00
N GLY G 342 48.98 50.82 -4.82
CA GLY G 342 49.60 49.56 -4.42
C GLY G 342 48.67 48.34 -4.52
N THR G 343 47.44 48.50 -5.02
CA THR G 343 46.58 47.34 -5.25
C THR G 343 47.41 46.22 -5.89
N PRO G 344 47.38 44.97 -5.36
CA PRO G 344 48.08 43.85 -5.98
C PRO G 344 47.63 43.57 -7.41
N LEU G 345 48.58 43.09 -8.24
CA LEU G 345 48.35 42.75 -9.63
C LEU G 345 47.73 41.36 -9.76
N LEU G 346 46.68 41.23 -10.58
CA LEU G 346 46.16 39.94 -11.01
C LEU G 346 47.26 39.16 -11.72
N ALA G 347 48.01 39.88 -12.56
CA ALA G 347 49.01 39.27 -13.42
C ALA G 347 50.35 39.97 -13.21
N PRO G 348 51.11 39.57 -12.15
CA PRO G 348 52.46 40.09 -11.92
C PRO G 348 53.33 39.58 -13.07
N GLY G 349 54.19 40.45 -13.63
CA GLY G 349 54.86 40.16 -14.88
C GLY G 349 55.80 38.95 -14.79
N SER G 350 56.28 38.68 -13.57
CA SER G 350 57.20 37.60 -13.35
C SER G 350 56.57 36.27 -13.77
N ASP G 351 55.23 36.16 -13.64
CA ASP G 351 54.49 34.95 -13.97
C ASP G 351 54.59 34.62 -15.46
N GLY G 352 54.91 35.61 -16.30
CA GLY G 352 54.88 35.39 -17.74
C GLY G 352 55.80 34.26 -18.18
N ILE G 353 56.84 33.99 -17.37
CA ILE G 353 57.85 33.03 -17.75
C ILE G 353 57.31 31.60 -17.69
N ASN G 354 56.31 31.35 -16.84
CA ASN G 354 55.78 29.99 -16.70
C ASN G 354 55.29 29.52 -18.06
N GLY G 355 54.50 30.39 -18.73
CA GLY G 355 53.92 30.05 -20.02
C GLY G 355 54.98 29.95 -21.11
N VAL G 356 56.01 30.78 -21.01
CA VAL G 356 57.03 30.75 -22.04
C VAL G 356 57.86 29.48 -21.88
N ARG G 357 58.24 29.13 -20.66
CA ARG G 357 59.00 27.92 -20.42
C ARG G 357 58.23 26.71 -20.95
N LEU G 358 56.91 26.69 -20.72
CA LEU G 358 56.13 25.51 -21.12
C LEU G 358 56.12 25.43 -22.64
N ALA G 359 55.93 26.57 -23.30
CA ALA G 359 55.91 26.62 -24.75
C ALA G 359 57.26 26.17 -25.31
N ASN G 360 58.36 26.63 -24.69
CA ASN G 360 59.69 26.25 -25.10
C ASN G 360 59.87 24.74 -24.93
N ALA G 361 59.41 24.20 -23.80
CA ALA G 361 59.60 22.79 -23.49
C ALA G 361 58.82 21.95 -24.51
N ILE G 362 57.60 22.39 -24.81
CA ILE G 362 56.79 21.68 -25.79
C ILE G 362 57.53 21.66 -27.11
N GLN G 363 58.03 22.82 -27.56
CA GLN G 363 58.68 22.91 -28.87
C GLN G 363 59.91 21.99 -28.92
N LEU G 364 60.70 22.00 -27.85
CA LEU G 364 61.97 21.30 -27.82
C LEU G 364 61.74 19.80 -27.79
N SER G 365 60.74 19.38 -27.00
CA SER G 365 60.34 17.99 -27.01
C SER G 365 59.92 17.60 -28.43
N GLY G 366 59.11 18.48 -29.03
CA GLY G 366 58.63 18.30 -30.38
C GLY G 366 59.77 18.16 -31.39
N TRP G 367 60.80 19.00 -31.25
CA TRP G 367 61.90 18.98 -32.19
C TRP G 367 62.77 17.73 -32.01
N THR G 368 62.94 17.27 -30.76
CA THR G 368 63.90 16.21 -30.48
C THR G 368 63.22 14.83 -30.41
N GLY G 369 61.87 14.77 -30.36
CA GLY G 369 61.16 13.52 -30.26
C GLY G 369 61.39 12.80 -28.92
N GLU G 370 61.70 13.58 -27.88
CA GLU G 370 62.01 13.02 -26.58
C GLU G 370 61.28 13.78 -25.48
N LYS G 371 60.96 13.07 -24.40
CA LYS G 371 60.49 13.70 -23.18
C LYS G 371 61.59 14.63 -22.65
N VAL G 372 61.20 15.74 -22.06
CA VAL G 372 62.14 16.68 -21.47
C VAL G 372 61.63 17.10 -20.09
N ALA G 373 62.56 17.41 -19.20
CA ALA G 373 62.20 18.06 -17.95
C ALA G 373 61.83 19.51 -18.25
N ASN G 374 60.91 20.04 -17.44
CA ASN G 374 60.47 21.42 -17.58
C ASN G 374 60.91 22.17 -16.33
N PRO G 375 61.65 23.28 -16.46
CA PRO G 375 61.98 23.88 -17.75
C PRO G 375 63.21 23.26 -18.39
N VAL G 376 63.34 23.48 -19.70
CA VAL G 376 64.46 22.97 -20.48
C VAL G 376 65.61 23.95 -20.37
N ASP G 377 66.81 23.50 -20.78
CA ASP G 377 67.97 24.36 -20.82
C ASP G 377 67.75 25.50 -21.81
N GLU G 378 67.93 26.74 -21.35
CA GLU G 378 67.70 27.91 -22.17
C GLU G 378 68.57 27.91 -23.42
N ASP G 379 69.85 27.54 -23.26
CA ASP G 379 70.79 27.61 -24.37
C ASP G 379 70.42 26.58 -25.43
N LYS G 380 70.01 25.39 -24.98
CA LYS G 380 69.65 24.31 -25.91
C LYS G 380 68.47 24.75 -26.78
N TYR G 381 67.46 25.35 -26.14
CA TYR G 381 66.28 25.82 -26.84
C TYR G 381 66.70 26.89 -27.85
N LEU G 382 67.51 27.84 -27.40
CA LEU G 382 67.87 28.98 -28.23
C LEU G 382 68.58 28.50 -29.49
N ALA G 383 69.48 27.53 -29.30
CA ALA G 383 70.24 26.97 -30.41
C ALA G 383 69.29 26.38 -31.46
N GLU G 384 68.33 25.58 -30.99
CA GLU G 384 67.39 24.90 -31.87
C GLU G 384 66.49 25.92 -32.56
N LEU G 385 66.06 26.94 -31.83
CA LEU G 385 65.27 28.02 -32.41
C LEU G 385 66.10 28.72 -33.49
N ASN G 386 67.36 29.05 -33.15
CA ASN G 386 68.21 29.82 -34.04
C ASN G 386 68.48 29.01 -35.31
N LYS G 387 68.65 27.70 -35.16
CA LYS G 387 68.88 26.84 -36.32
C LYS G 387 67.72 26.99 -37.29
N ARG G 388 66.50 26.93 -36.75
CA ARG G 388 65.30 27.05 -37.56
C ARG G 388 65.21 28.44 -38.19
N ILE G 389 65.57 29.48 -37.42
CA ILE G 389 65.53 30.85 -37.92
C ILE G 389 66.47 30.97 -39.12
N GLU G 390 67.67 30.42 -38.98
CA GLU G 390 68.69 30.45 -40.01
C GLU G 390 68.17 29.81 -41.29
N ALA G 391 67.58 28.63 -41.15
CA ALA G 391 67.07 27.90 -42.31
C ALA G 391 65.94 28.69 -42.98
N GLU G 392 65.08 29.32 -42.18
CA GLU G 392 63.96 30.07 -42.71
C GLU G 392 64.47 31.22 -43.58
N GLY G 393 65.49 31.93 -43.05
CA GLY G 393 66.17 32.97 -43.80
C GLY G 393 65.36 34.25 -43.91
N LYS G 394 64.26 34.36 -43.16
CA LYS G 394 63.43 35.55 -43.29
C LYS G 394 63.91 36.63 -42.32
N PHE G 395 64.57 36.23 -41.23
CA PHE G 395 64.85 37.16 -40.15
C PHE G 395 66.23 36.89 -39.54
N PRO G 396 66.82 37.90 -38.85
CA PRO G 396 68.08 37.70 -38.14
C PRO G 396 67.98 36.74 -36.96
N VAL G 397 69.06 35.97 -36.75
CA VAL G 397 69.16 35.05 -35.62
C VAL G 397 69.22 35.86 -34.32
N ARG G 398 68.82 35.22 -33.22
CA ARG G 398 68.82 35.82 -31.90
C ARG G 398 70.16 35.64 -31.20
N GLU G 399 70.52 36.68 -30.42
CA GLU G 399 71.83 36.78 -29.78
C GLU G 399 71.64 36.98 -28.25
N MET H 1 -35.53 33.86 -31.11
CA MET H 1 -34.95 34.29 -32.41
C MET H 1 -33.76 33.38 -32.68
N GLU H 2 -33.59 32.89 -33.93
CA GLU H 2 -32.37 32.19 -34.28
C GLU H 2 -31.18 33.14 -34.21
N LYS H 3 -31.30 34.38 -34.68
CA LYS H 3 -30.13 35.24 -34.84
C LYS H 3 -30.39 36.64 -34.29
N VAL H 4 -29.36 37.28 -33.71
CA VAL H 4 -29.46 38.64 -33.18
C VAL H 4 -28.67 39.54 -34.12
N ARG H 5 -29.31 40.58 -34.63
CA ARG H 5 -28.68 41.45 -35.61
C ARG H 5 -28.01 42.58 -34.83
N TYR H 6 -26.75 42.85 -35.12
CA TYR H 6 -25.97 43.77 -34.32
C TYR H 6 -25.70 45.03 -35.13
N GLY H 7 -25.84 46.18 -34.48
CA GLY H 7 -25.49 47.42 -35.12
C GLY H 7 -24.19 47.93 -34.52
N ILE H 8 -23.19 48.23 -35.36
CA ILE H 8 -21.91 48.67 -34.87
C ILE H 8 -21.89 50.19 -34.90
N ILE H 9 -21.62 50.80 -33.77
CA ILE H 9 -21.46 52.24 -33.73
C ILE H 9 -19.97 52.49 -33.69
N GLY H 10 -19.44 53.17 -34.70
CA GLY H 10 -18.00 53.36 -34.82
C GLY H 10 -17.39 52.21 -35.62
N VAL H 11 -17.40 52.30 -36.95
CA VAL H 11 -16.75 51.29 -37.76
C VAL H 11 -15.29 51.70 -37.93
N GLY H 12 -14.57 51.75 -36.82
CA GLY H 12 -13.14 52.05 -36.83
C GLY H 12 -12.36 50.76 -36.74
N ASN H 13 -11.20 50.76 -36.09
CA ASN H 13 -10.44 49.54 -36.03
C ASN H 13 -11.24 48.41 -35.40
N GLN H 14 -11.81 48.66 -34.21
CA GLN H 14 -12.51 47.58 -33.55
C GLN H 14 -13.82 47.28 -34.28
N GLY H 15 -14.53 48.33 -34.71
CA GLY H 15 -15.81 48.15 -35.37
C GLY H 15 -15.66 47.39 -36.67
N GLY H 16 -14.61 47.71 -37.42
CA GLY H 16 -14.34 47.04 -38.68
C GLY H 16 -14.08 45.57 -38.43
N ALA H 17 -13.33 45.27 -37.37
CA ALA H 17 -13.00 43.90 -37.06
C ALA H 17 -14.28 43.13 -36.78
N TYR H 18 -15.16 43.75 -35.99
CA TYR H 18 -16.41 43.10 -35.60
C TYR H 18 -17.24 42.86 -36.85
N ALA H 19 -17.26 43.85 -37.73
CA ALA H 19 -18.06 43.76 -38.93
C ALA H 19 -17.56 42.58 -39.76
N GLY H 20 -16.24 42.46 -39.86
CA GLY H 20 -15.65 41.36 -40.59
C GLY H 20 -16.04 40.02 -39.96
N PHE H 21 -15.99 39.95 -38.63
CA PHE H 21 -16.25 38.70 -37.95
C PHE H 21 -17.68 38.26 -38.23
N LEU H 22 -18.61 39.20 -38.15
CA LEU H 22 -20.02 38.92 -38.38
C LEU H 22 -20.28 38.55 -39.84
N THR H 23 -19.61 39.24 -40.77
CA THR H 23 -19.74 38.95 -42.19
C THR H 23 -18.94 37.71 -42.59
N GLY H 24 -17.91 37.37 -41.85
CA GLY H 24 -17.01 36.30 -42.24
C GLY H 24 -15.98 36.82 -43.23
N THR H 25 -15.91 38.15 -43.40
CA THR H 25 -14.98 38.76 -44.33
C THR H 25 -13.66 39.14 -43.67
N GLY H 26 -13.51 38.88 -42.37
CA GLY H 26 -12.33 39.32 -41.64
C GLY H 26 -11.02 38.67 -42.14
N ASN H 27 -11.14 37.37 -42.43
CA ASN H 27 -10.04 36.60 -43.00
C ASN H 27 -9.77 37.13 -44.41
N ALA H 33 -9.50 34.08 -39.07
CA ALA H 33 -10.40 34.68 -38.06
C ALA H 33 -11.61 33.78 -37.83
N ALA H 34 -12.25 33.94 -36.66
CA ALA H 34 -13.34 33.08 -36.27
C ALA H 34 -14.54 33.29 -37.20
N PRO H 35 -15.24 32.20 -37.62
CA PRO H 35 -16.40 32.32 -38.49
C PRO H 35 -17.56 32.94 -37.72
N CYS H 36 -18.58 33.41 -38.45
CA CYS H 36 -19.66 34.13 -37.78
C CYS H 36 -20.34 33.21 -36.77
N PRO H 37 -20.56 33.68 -35.52
CA PRO H 37 -21.21 32.88 -34.52
C PRO H 37 -22.62 32.53 -34.99
N PRO H 38 -23.16 31.36 -34.60
CA PRO H 38 -24.47 30.89 -35.07
C PRO H 38 -25.64 31.83 -34.84
N HIS H 39 -25.68 32.46 -33.66
CA HIS H 39 -26.82 33.28 -33.27
C HIS H 39 -26.57 34.77 -33.54
N CYS H 40 -25.52 35.10 -34.30
CA CYS H 40 -25.11 36.49 -34.48
C CYS H 40 -25.15 36.86 -35.96
N ALA H 41 -25.51 38.11 -36.26
CA ALA H 41 -25.46 38.68 -37.59
C ALA H 41 -25.19 40.17 -37.51
N LEU H 42 -24.73 40.76 -38.63
CA LEU H 42 -24.52 42.20 -38.72
C LEU H 42 -25.77 42.86 -39.27
N GLY H 43 -26.51 43.58 -38.43
CA GLY H 43 -27.70 44.30 -38.86
C GLY H 43 -27.38 45.62 -39.58
N ALA H 44 -26.44 46.41 -39.05
CA ALA H 44 -26.20 47.75 -39.59
C ALA H 44 -24.87 48.32 -39.11
N LEU H 45 -24.41 49.36 -39.81
CA LEU H 45 -23.15 50.03 -39.54
C LEU H 45 -23.40 51.53 -39.35
N CYS H 46 -22.77 52.14 -38.34
CA CYS H 46 -22.90 53.57 -38.09
C CYS H 46 -21.54 54.21 -37.89
N ASP H 47 -21.25 55.30 -38.61
CA ASP H 47 -20.07 56.11 -38.33
C ASP H 47 -20.34 57.56 -38.76
N ILE H 48 -19.78 58.51 -38.02
CA ILE H 48 -19.95 59.92 -38.32
C ILE H 48 -18.91 60.38 -39.32
N ASP H 49 -17.86 59.59 -39.57
CA ASP H 49 -16.83 59.97 -40.53
C ASP H 49 -17.27 59.56 -41.94
N PRO H 50 -17.26 60.51 -42.91
CA PRO H 50 -17.63 60.20 -44.28
C PRO H 50 -16.77 59.13 -44.94
N GLN H 51 -15.46 59.14 -44.65
CA GLN H 51 -14.56 58.17 -45.24
C GLN H 51 -14.97 56.76 -44.83
N LYS H 52 -15.35 56.62 -43.55
CA LYS H 52 -15.78 55.33 -43.04
C LYS H 52 -17.06 54.89 -43.76
N GLU H 53 -17.97 55.83 -44.02
CA GLU H 53 -19.19 55.55 -44.76
C GLU H 53 -18.86 55.01 -46.15
N GLU H 54 -17.88 55.66 -46.80
CA GLU H 54 -17.44 55.26 -48.12
C GLU H 54 -16.89 53.83 -48.08
N MET H 55 -16.06 53.56 -47.08
CA MET H 55 -15.50 52.23 -46.91
C MET H 55 -16.65 51.25 -46.69
N CYS H 56 -17.65 51.65 -45.90
CA CYS H 56 -18.78 50.80 -45.60
C CYS H 56 -19.60 50.51 -46.85
N LYS H 57 -19.76 51.52 -47.74
CA LYS H 57 -20.44 51.30 -49.00
C LYS H 57 -19.65 50.31 -49.87
N GLU H 58 -18.32 50.35 -49.79
CA GLU H 58 -17.46 49.52 -50.62
C GLU H 58 -17.47 48.08 -50.09
N LYS H 59 -17.12 47.91 -48.81
CA LYS H 59 -16.91 46.59 -48.24
C LYS H 59 -18.23 45.90 -47.88
N TYR H 60 -19.25 46.69 -47.53
CA TYR H 60 -20.49 46.11 -47.00
C TYR H 60 -21.67 46.77 -47.70
N PRO H 61 -21.80 46.57 -49.03
CA PRO H 61 -22.71 47.37 -49.85
C PRO H 61 -24.17 47.14 -49.53
N ASP H 62 -24.50 45.94 -49.01
CA ASP H 62 -25.89 45.57 -48.79
C ASP H 62 -26.23 45.71 -47.32
N VAL H 63 -25.37 46.39 -46.56
CA VAL H 63 -25.58 46.53 -45.14
C VAL H 63 -26.02 47.97 -44.85
N PRO H 64 -27.21 48.15 -44.24
CA PRO H 64 -27.73 49.49 -43.94
C PRO H 64 -26.70 50.32 -43.17
N PHE H 65 -26.51 51.57 -43.58
CA PHE H 65 -25.54 52.47 -42.97
C PHE H 65 -26.26 53.69 -42.39
N TYR H 66 -25.81 54.18 -41.21
CA TYR H 66 -26.42 55.35 -40.59
C TYR H 66 -25.35 56.28 -40.04
N LYS H 67 -25.48 57.59 -40.28
CA LYS H 67 -24.57 58.56 -39.69
C LYS H 67 -24.86 58.71 -38.19
N ASP H 68 -26.14 58.75 -37.85
CA ASP H 68 -26.60 58.95 -36.47
C ASP H 68 -27.00 57.60 -35.88
N TRP H 69 -26.35 57.23 -34.78
CA TRP H 69 -26.61 55.96 -34.12
C TRP H 69 -28.02 55.90 -33.53
N LYS H 70 -28.65 57.06 -33.29
CA LYS H 70 -30.01 57.09 -32.77
C LYS H 70 -30.98 56.63 -33.86
N ASP H 71 -30.66 56.99 -35.11
CA ASP H 71 -31.45 56.58 -36.27
C ASP H 71 -31.35 55.07 -36.45
N MET H 72 -30.15 54.52 -36.24
CA MET H 72 -29.96 53.08 -36.41
C MET H 72 -30.79 52.33 -35.36
N VAL H 73 -30.78 52.84 -34.12
CA VAL H 73 -31.50 52.21 -33.02
C VAL H 73 -32.99 52.15 -33.35
N ALA H 74 -33.52 53.26 -33.86
CA ALA H 74 -34.95 53.38 -34.14
C ALA H 74 -35.34 52.62 -35.41
N SER H 75 -34.38 52.33 -36.30
CA SER H 75 -34.67 51.74 -37.60
C SER H 75 -35.31 50.36 -37.48
N GLY H 76 -35.01 49.62 -36.41
CA GLY H 76 -35.46 48.23 -36.31
C GLY H 76 -34.73 47.33 -37.31
N ASP H 77 -33.59 47.81 -37.82
CA ASP H 77 -32.66 46.96 -38.56
C ASP H 77 -31.78 46.13 -37.63
N VAL H 78 -31.73 46.54 -36.35
CA VAL H 78 -30.83 45.92 -35.39
C VAL H 78 -31.62 45.55 -34.12
N ASP H 79 -31.15 44.50 -33.45
CA ASP H 79 -31.70 44.00 -32.19
C ASP H 79 -30.77 44.32 -31.02
N ALA H 80 -29.57 44.83 -31.32
CA ALA H 80 -28.59 45.19 -30.31
C ALA H 80 -27.50 46.04 -30.97
N VAL H 81 -26.77 46.81 -30.14
CA VAL H 81 -25.70 47.64 -30.66
C VAL H 81 -24.44 47.42 -29.82
N ILE H 82 -23.28 47.70 -30.45
CA ILE H 82 -21.97 47.58 -29.82
C ILE H 82 -21.29 48.94 -29.91
N THR H 83 -20.72 49.44 -28.81
CA THR H 83 -20.28 50.83 -28.74
C THR H 83 -18.78 50.95 -29.07
N THR H 84 -18.41 50.65 -30.31
CA THR H 84 -17.03 50.74 -30.74
C THR H 84 -16.70 52.18 -31.12
N VAL H 85 -16.87 53.07 -30.15
CA VAL H 85 -16.57 54.50 -30.29
C VAL H 85 -15.74 54.94 -29.10
N PRO H 86 -15.11 56.14 -29.14
CA PRO H 86 -14.31 56.61 -28.00
C PRO H 86 -15.10 56.49 -26.70
N HIS H 87 -14.37 56.35 -25.60
CA HIS H 87 -14.92 55.82 -24.36
C HIS H 87 -15.92 56.80 -23.77
N TYR H 88 -15.70 58.11 -24.02
CA TYR H 88 -16.56 59.12 -23.42
C TYR H 88 -18.01 58.92 -23.87
N LEU H 89 -18.24 58.32 -25.05
CA LEU H 89 -19.60 58.13 -25.56
C LEU H 89 -20.28 56.87 -24.98
N HIS H 90 -19.52 56.00 -24.30
CA HIS H 90 -20.05 54.69 -23.99
C HIS H 90 -21.33 54.81 -23.15
N THR H 91 -21.26 55.52 -22.02
CA THR H 91 -22.38 55.54 -21.10
C THR H 91 -23.56 56.31 -21.70
N GLU H 92 -23.24 57.32 -22.54
CA GLU H 92 -24.27 58.15 -23.15
C GLU H 92 -25.17 57.28 -24.03
N ILE H 93 -24.54 56.42 -24.84
CA ILE H 93 -25.23 55.56 -25.76
C ILE H 93 -25.98 54.49 -24.99
N ALA H 94 -25.32 53.95 -23.97
CA ALA H 94 -25.90 52.86 -23.21
C ALA H 94 -27.20 53.32 -22.56
N ILE H 95 -27.13 54.47 -21.88
CA ILE H 95 -28.29 54.98 -21.16
C ILE H 95 -29.44 55.19 -22.14
N TYR H 96 -29.13 55.79 -23.29
CA TYR H 96 -30.15 56.04 -24.29
C TYR H 96 -30.80 54.72 -24.71
N CYS H 97 -29.98 53.68 -24.95
CA CYS H 97 -30.47 52.42 -25.47
C CYS H 97 -31.33 51.71 -24.42
N LEU H 98 -30.89 51.73 -23.16
CA LEU H 98 -31.64 51.09 -22.10
C LEU H 98 -33.00 51.74 -21.96
N GLU H 99 -33.05 53.08 -22.13
CA GLU H 99 -34.29 53.82 -21.98
C GLU H 99 -35.20 53.59 -23.18
N HIS H 100 -34.63 53.13 -24.30
CA HIS H 100 -35.40 52.91 -25.53
C HIS H 100 -35.49 51.42 -25.87
N GLY H 101 -35.41 50.55 -24.84
CA GLY H 101 -35.61 49.11 -24.99
C GLY H 101 -34.65 48.46 -25.99
N MET H 102 -33.42 48.99 -26.13
CA MET H 102 -32.45 48.49 -27.09
C MET H 102 -31.28 47.82 -26.34
N ASN H 103 -31.06 46.54 -26.65
CA ASN H 103 -29.97 45.78 -26.05
C ASN H 103 -28.63 46.42 -26.41
N VAL H 104 -27.75 46.57 -25.42
CA VAL H 104 -26.50 47.27 -25.65
C VAL H 104 -25.33 46.48 -25.06
N LEU H 105 -24.35 46.22 -25.93
CA LEU H 105 -23.08 45.65 -25.54
C LEU H 105 -22.03 46.76 -25.54
N VAL H 106 -21.64 47.19 -24.34
CA VAL H 106 -20.74 48.31 -24.17
C VAL H 106 -19.29 47.84 -24.26
N GLU H 107 -18.46 48.60 -24.97
CA GLU H 107 -17.06 48.27 -25.08
C GLU H 107 -16.32 48.60 -23.80
N LYS H 108 -15.13 48.00 -23.68
CA LYS H 108 -14.19 48.34 -22.63
C LYS H 108 -13.49 49.63 -23.01
N PRO H 109 -13.09 50.47 -22.05
CA PRO H 109 -13.56 50.37 -20.67
C PRO H 109 -15.02 50.84 -20.64
N ALA H 110 -15.77 50.44 -19.62
CA ALA H 110 -17.19 50.78 -19.59
C ALA H 110 -17.40 52.27 -19.77
N GLY H 111 -16.50 53.08 -19.18
CA GLY H 111 -16.52 54.52 -19.37
C GLY H 111 -15.23 55.15 -18.86
N VAL H 112 -15.18 56.49 -18.84
CA VAL H 112 -13.97 57.19 -18.44
C VAL H 112 -14.03 57.47 -16.94
N TYR H 113 -15.13 58.06 -16.46
CA TYR H 113 -15.26 58.42 -15.06
C TYR H 113 -16.44 57.66 -14.44
N ALA H 114 -16.22 57.23 -13.19
CA ALA H 114 -17.07 56.29 -12.50
C ALA H 114 -18.49 56.80 -12.37
N LYS H 115 -18.66 58.12 -12.18
CA LYS H 115 -19.99 58.67 -11.99
C LYS H 115 -20.88 58.25 -13.15
N SER H 116 -20.40 58.46 -14.39
CA SER H 116 -21.23 58.20 -15.56
C SER H 116 -21.53 56.70 -15.67
N VAL H 117 -20.58 55.87 -15.24
CA VAL H 117 -20.73 54.43 -15.34
C VAL H 117 -21.75 53.98 -14.30
N ARG H 118 -21.72 54.61 -13.12
CA ARG H 118 -22.67 54.26 -12.07
C ARG H 118 -24.07 54.58 -12.57
N GLU H 119 -24.22 55.75 -13.21
CA GLU H 119 -25.53 56.17 -13.71
C GLU H 119 -26.01 55.14 -14.73
N MET H 120 -25.09 54.68 -15.59
CA MET H 120 -25.44 53.69 -16.59
C MET H 120 -25.94 52.42 -15.91
N ASN H 121 -25.26 52.00 -14.84
CA ASN H 121 -25.64 50.77 -14.16
C ASN H 121 -27.01 50.92 -13.55
N GLU H 122 -27.29 52.09 -12.96
CA GLU H 122 -28.56 52.32 -12.27
C GLU H 122 -29.70 52.34 -13.27
N CYS H 123 -29.43 52.95 -14.43
CA CYS H 123 -30.35 52.95 -15.55
C CYS H 123 -30.67 51.52 -15.96
N ALA H 124 -29.64 50.66 -16.11
CA ALA H 124 -29.84 49.29 -16.54
C ALA H 124 -30.65 48.53 -15.50
N ALA H 125 -30.35 48.77 -14.23
CA ALA H 125 -31.04 48.09 -13.13
C ALA H 125 -32.52 48.46 -13.15
N ALA H 126 -32.84 49.64 -13.71
CA ALA H 126 -34.20 50.14 -13.82
C ALA H 126 -34.89 49.68 -15.12
N HIS H 127 -34.13 49.07 -16.05
CA HIS H 127 -34.73 48.49 -17.24
C HIS H 127 -34.16 47.09 -17.40
N PRO H 128 -34.42 46.18 -16.42
CA PRO H 128 -33.74 44.88 -16.38
C PRO H 128 -34.07 43.95 -17.55
N GLU H 129 -35.23 44.16 -18.19
CA GLU H 129 -35.64 43.38 -19.34
C GLU H 129 -34.70 43.60 -20.52
N VAL H 130 -33.97 44.73 -20.53
CA VAL H 130 -33.03 45.00 -21.60
C VAL H 130 -31.70 44.36 -21.27
N THR H 131 -31.14 43.61 -22.23
CA THR H 131 -29.83 42.98 -22.06
C THR H 131 -28.74 44.05 -22.07
N PHE H 132 -27.89 43.99 -21.05
CA PHE H 132 -26.85 44.97 -20.78
C PHE H 132 -25.56 44.22 -20.48
N GLY H 133 -24.56 44.40 -21.35
CA GLY H 133 -23.34 43.63 -21.26
C GLY H 133 -22.11 44.48 -21.55
N ILE H 134 -20.96 43.93 -21.18
CA ILE H 134 -19.71 44.60 -21.51
C ILE H 134 -18.83 43.60 -22.24
N MET H 135 -17.94 44.14 -23.08
CA MET H 135 -17.02 43.35 -23.90
C MET H 135 -15.75 43.09 -23.10
N PHE H 136 -15.89 42.29 -22.05
CA PHE H 136 -14.75 41.79 -21.31
C PHE H 136 -14.40 40.44 -21.92
N ASN H 137 -13.79 40.50 -23.10
CA ASN H 137 -13.66 39.34 -23.98
C ASN H 137 -12.66 38.35 -23.39
N GLN H 138 -11.80 38.83 -22.51
CA GLN H 138 -10.83 37.94 -21.89
C GLN H 138 -11.50 36.98 -20.92
N ARG H 139 -12.74 37.22 -20.52
CA ARG H 139 -13.40 36.28 -19.63
C ARG H 139 -13.83 35.04 -20.39
N THR H 140 -13.70 35.04 -21.73
CA THR H 140 -14.02 33.88 -22.53
C THR H 140 -12.81 32.95 -22.67
N ASN H 141 -11.67 33.37 -22.10
CA ASN H 141 -10.43 32.66 -22.20
C ASN H 141 -10.38 31.58 -21.11
N LYS H 142 -10.30 30.32 -21.56
CA LYS H 142 -10.38 29.22 -20.63
C LYS H 142 -9.29 29.33 -19.56
N LEU H 143 -8.21 30.05 -19.88
CA LEU H 143 -7.13 30.24 -18.93
C LEU H 143 -7.63 30.98 -17.70
N TYR H 144 -8.27 32.14 -17.90
CA TYR H 144 -8.68 32.95 -16.77
C TYR H 144 -9.88 32.30 -16.10
N GLN H 145 -10.67 31.53 -16.86
CA GLN H 145 -11.77 30.80 -16.25
C GLN H 145 -11.26 29.74 -15.28
N LYS H 146 -10.21 29.04 -15.71
CA LYS H 146 -9.57 28.02 -14.89
C LYS H 146 -9.07 28.64 -13.57
N ILE H 147 -8.36 29.77 -13.68
CA ILE H 147 -7.77 30.38 -12.50
C ILE H 147 -8.86 30.92 -11.58
N ARG H 148 -9.87 31.57 -12.17
CA ARG H 148 -10.98 32.04 -11.36
C ARG H 148 -11.66 30.90 -10.62
N GLU H 149 -11.97 29.80 -11.33
CA GLU H 149 -12.65 28.67 -10.72
C GLU H 149 -11.91 28.18 -9.47
N ILE H 150 -10.59 28.03 -9.60
CA ILE H 150 -9.79 27.46 -8.54
C ILE H 150 -9.77 28.41 -7.35
N VAL H 151 -9.53 29.69 -7.62
CA VAL H 151 -9.50 30.68 -6.55
C VAL H 151 -10.87 30.71 -5.86
N ALA H 152 -11.93 30.90 -6.65
CA ALA H 152 -13.28 31.04 -6.10
C ALA H 152 -13.73 29.79 -5.35
N SER H 153 -13.23 28.61 -5.74
CA SER H 153 -13.70 27.38 -5.10
C SER H 153 -13.32 27.38 -3.62
N GLY H 154 -12.31 28.17 -3.26
CA GLY H 154 -11.76 28.13 -1.91
C GLY H 154 -10.85 26.91 -1.71
N GLU H 155 -10.59 26.15 -2.77
CA GLU H 155 -9.71 25.01 -2.66
C GLU H 155 -8.33 25.40 -2.14
N LEU H 156 -7.83 26.56 -2.53
CA LEU H 156 -6.48 26.97 -2.15
C LEU H 156 -6.56 27.97 -1.00
N GLY H 157 -7.74 28.08 -0.39
CA GLY H 157 -7.90 28.99 0.73
C GLY H 157 -7.90 30.45 0.29
N GLU H 158 -7.58 31.34 1.22
CA GLU H 158 -7.67 32.76 0.95
C GLU H 158 -6.44 33.29 0.24
N ILE H 159 -6.62 34.34 -0.55
CA ILE H 159 -5.52 35.03 -1.19
C ILE H 159 -4.73 35.80 -0.14
N ARG H 160 -3.41 35.80 -0.26
CA ARG H 160 -2.55 36.64 0.56
C ARG H 160 -1.85 37.70 -0.29
N ARG H 161 -1.59 37.44 -1.57
CA ARG H 161 -0.87 38.40 -2.38
C ARG H 161 -1.18 38.18 -3.86
N SER H 162 -1.21 39.26 -4.63
CA SER H 162 -1.21 39.16 -6.09
C SER H 162 -0.19 40.14 -6.63
N ASN H 163 0.44 39.77 -7.75
CA ASN H 163 1.41 40.62 -8.38
C ASN H 163 1.30 40.37 -9.87
N TRP H 164 1.07 41.44 -10.65
CA TRP H 164 1.02 41.30 -12.09
C TRP H 164 1.92 42.35 -12.71
N ILE H 165 3.00 41.90 -13.37
CA ILE H 165 3.85 42.73 -14.21
C ILE H 165 3.45 42.47 -15.65
N ILE H 166 3.01 43.50 -16.37
CA ILE H 166 2.59 43.30 -17.73
C ILE H 166 3.05 44.49 -18.57
N ASN H 167 4.22 44.31 -19.16
CA ASN H 167 4.98 45.35 -19.84
C ASN H 167 5.14 45.05 -21.33
N ASN H 168 4.48 44.00 -21.83
CA ASN H 168 4.82 43.48 -23.15
C ASN H 168 4.02 44.16 -24.27
N TRP H 169 3.26 45.21 -23.98
CA TRP H 169 2.61 45.92 -25.07
C TRP H 169 3.36 47.20 -25.40
N TYR H 170 4.47 47.02 -26.12
CA TYR H 170 5.30 48.12 -26.56
C TYR H 170 4.57 48.97 -27.59
N ARG H 171 4.53 50.29 -27.37
CA ARG H 171 3.87 51.20 -28.29
C ARG H 171 4.72 52.46 -28.42
N PRO H 172 5.35 52.67 -29.60
CA PRO H 172 6.19 53.86 -29.81
C PRO H 172 5.39 55.10 -30.16
N ASP H 173 6.09 56.24 -30.17
CA ASP H 173 5.49 57.53 -30.47
C ASP H 173 4.67 57.47 -31.75
N SER H 174 5.16 56.73 -32.76
CA SER H 174 4.46 56.58 -34.02
C SER H 174 3.05 56.05 -33.84
N TYR H 175 2.86 55.05 -32.96
CA TYR H 175 1.53 54.51 -32.68
C TYR H 175 0.66 55.58 -32.04
N TYR H 176 1.25 56.34 -31.11
CA TYR H 176 0.48 57.33 -30.37
C TYR H 176 -0.03 58.41 -31.33
N ARG H 177 0.74 58.73 -32.38
CA ARG H 177 0.34 59.77 -33.32
C ARG H 177 -0.81 59.32 -34.23
N LEU H 178 -1.10 58.02 -34.29
CA LEU H 178 -2.12 57.51 -35.20
C LEU H 178 -3.53 58.04 -34.90
N SER H 179 -3.93 58.13 -33.62
CA SER H 179 -5.30 58.52 -33.28
C SER H 179 -5.30 59.82 -32.47
N ASP H 180 -6.12 60.80 -32.88
CA ASP H 180 -6.30 62.04 -32.13
C ASP H 180 -6.92 61.81 -30.76
N TRP H 181 -7.98 61.00 -30.69
CA TRP H 181 -8.69 60.77 -29.43
C TRP H 181 -7.83 59.99 -28.41
N ARG H 182 -7.05 59.00 -28.87
CA ARG H 182 -6.28 58.17 -27.94
C ARG H 182 -5.15 58.96 -27.28
N ALA H 183 -4.84 58.66 -26.02
CA ALA H 183 -3.75 59.25 -25.26
C ALA H 183 -3.95 60.75 -25.02
N THR H 184 -5.20 61.19 -24.94
CA THR H 184 -5.50 62.56 -24.63
C THR H 184 -6.45 62.58 -23.44
N TRP H 185 -6.24 63.45 -22.45
CA TRP H 185 -7.14 63.45 -21.31
C TRP H 185 -8.55 63.73 -21.79
N GLY H 186 -8.68 64.74 -22.68
CA GLY H 186 -9.98 65.06 -23.25
C GLY H 186 -10.53 63.99 -24.17
N GLY H 187 -9.66 63.39 -25.03
CA GLY H 187 -10.06 62.30 -25.90
C GLY H 187 -10.34 60.94 -25.20
N GLU H 188 -9.45 60.51 -24.30
CA GLU H 188 -9.52 59.17 -23.71
C GLU H 188 -9.74 59.17 -22.20
N GLY H 189 -9.35 60.26 -21.52
CA GLY H 189 -9.40 60.30 -20.07
C GLY H 189 -8.20 59.63 -19.41
N GLY H 190 -7.23 59.21 -20.21
CA GLY H 190 -6.01 58.59 -19.70
C GLY H 190 -5.20 58.00 -20.87
N GLY H 191 -4.14 57.25 -20.56
CA GLY H 191 -3.40 56.55 -21.59
C GLY H 191 -3.43 55.04 -21.41
N VAL H 192 -2.44 54.49 -20.72
CA VAL H 192 -2.30 53.03 -20.58
C VAL H 192 -3.49 52.48 -19.80
N LEU H 193 -3.92 53.19 -18.74
CA LEU H 193 -5.00 52.73 -17.89
C LEU H 193 -6.33 52.59 -18.63
N VAL H 194 -6.62 53.52 -19.54
CA VAL H 194 -7.88 53.50 -20.30
C VAL H 194 -7.75 52.68 -21.60
N ASN H 195 -6.53 52.28 -22.01
CA ASN H 195 -6.37 51.58 -23.27
C ASN H 195 -5.98 50.10 -23.09
N GLN H 196 -4.68 49.83 -22.91
CA GLN H 196 -4.17 48.47 -22.69
C GLN H 196 -4.63 47.83 -21.38
N ALA H 197 -4.66 48.62 -20.29
CA ALA H 197 -4.88 48.13 -18.92
C ALA H 197 -6.27 47.56 -18.60
N PRO H 198 -7.43 48.08 -19.13
CA PRO H 198 -8.75 47.70 -18.64
C PRO H 198 -9.13 46.23 -18.61
N HIS H 199 -8.85 45.47 -19.67
CA HIS H 199 -9.18 44.05 -19.63
C HIS H 199 -8.47 43.41 -18.44
N GLN H 200 -7.18 43.74 -18.28
CA GLN H 200 -6.37 43.19 -17.21
C GLN H 200 -6.87 43.65 -15.85
N LEU H 201 -7.24 44.93 -15.74
CA LEU H 201 -7.71 45.46 -14.47
C LEU H 201 -8.98 44.73 -14.03
N ASP H 202 -9.89 44.49 -14.96
CA ASP H 202 -11.07 43.70 -14.67
C ASP H 202 -10.68 42.28 -14.25
N LEU H 203 -9.74 41.66 -15.00
CA LEU H 203 -9.36 40.29 -14.73
C LEU H 203 -8.80 40.18 -13.31
N TRP H 204 -7.95 41.14 -12.96
CA TRP H 204 -7.31 41.13 -11.66
C TRP H 204 -8.37 41.17 -10.57
N GLN H 205 -9.33 42.08 -10.73
CA GLN H 205 -10.44 42.20 -9.79
C GLN H 205 -11.31 40.94 -9.81
N TRP H 206 -11.59 40.44 -11.01
CA TRP H 206 -12.48 39.30 -11.16
C TRP H 206 -11.92 38.08 -10.42
N ILE H 207 -10.63 37.77 -10.63
CA ILE H 207 -9.97 36.67 -9.94
C ILE H 207 -9.66 37.01 -8.47
N CYS H 208 -9.16 38.21 -8.17
CA CYS H 208 -8.61 38.50 -6.84
C CYS H 208 -9.47 39.43 -5.97
N GLY H 209 -10.68 39.81 -6.41
CA GLY H 209 -11.52 40.72 -5.65
C GLY H 209 -11.17 42.18 -5.93
N ILE H 210 -11.90 43.12 -5.28
CA ILE H 210 -11.74 44.55 -5.53
C ILE H 210 -10.93 45.21 -4.42
N PRO H 211 -9.87 45.97 -4.74
CA PRO H 211 -9.01 46.54 -3.70
C PRO H 211 -9.72 47.54 -2.79
N THR H 212 -9.50 47.44 -1.48
CA THR H 212 -10.01 48.43 -0.55
C THR H 212 -9.28 49.75 -0.73
N THR H 213 -7.96 49.71 -0.94
CA THR H 213 -7.16 50.93 -1.02
C THR H 213 -6.21 50.81 -2.22
N VAL H 214 -5.89 51.94 -2.87
CA VAL H 214 -4.99 51.97 -4.02
C VAL H 214 -3.90 53.02 -3.81
N TYR H 215 -2.61 52.65 -4.00
CA TYR H 215 -1.52 53.61 -4.04
C TYR H 215 -0.84 53.43 -5.39
N ALA H 216 -0.59 54.51 -6.14
CA ALA H 216 -0.03 54.36 -7.47
C ALA H 216 1.06 55.39 -7.76
N ASN H 217 2.02 55.01 -8.61
CA ASN H 217 3.00 55.93 -9.16
C ASN H 217 2.77 55.96 -10.68
N CYS H 218 2.22 57.07 -11.18
CA CYS H 218 1.88 57.16 -12.59
C CYS H 218 2.77 58.21 -13.25
N ILE H 219 3.52 57.82 -14.27
CA ILE H 219 4.38 58.76 -14.96
C ILE H 219 3.71 59.13 -16.28
N ASN H 220 3.51 60.44 -16.49
CA ASN H 220 2.96 60.90 -17.76
C ASN H 220 4.10 61.06 -18.76
N GLY H 221 3.85 60.67 -20.01
CA GLY H 221 4.82 60.84 -21.09
C GLY H 221 6.15 60.20 -20.75
N SER H 222 6.12 58.95 -20.29
CA SER H 222 7.33 58.22 -19.99
C SER H 222 7.96 57.77 -21.30
N HIS H 223 9.09 58.38 -21.64
CA HIS H 223 9.79 58.10 -22.89
C HIS H 223 8.87 58.31 -24.09
N ARG H 224 7.81 59.11 -23.92
CA ARG H 224 6.84 59.31 -24.98
C ARG H 224 6.34 60.75 -24.92
N ASP H 225 5.94 61.25 -26.10
CA ASP H 225 5.48 62.61 -26.27
C ASP H 225 3.97 62.64 -26.15
N ILE H 226 3.46 62.36 -24.95
CA ILE H 226 2.04 62.39 -24.64
C ILE H 226 1.89 62.98 -23.25
N ALA H 227 0.67 63.39 -22.90
CA ALA H 227 0.44 64.05 -21.62
C ALA H 227 -0.13 63.06 -20.59
N VAL H 228 -0.39 61.82 -21.01
CA VAL H 228 -1.12 60.88 -20.18
C VAL H 228 -0.16 59.84 -19.63
N GLU H 229 -0.64 58.99 -18.73
CA GLU H 229 0.24 58.05 -18.05
C GLU H 229 0.53 56.86 -18.98
N ASN H 230 1.77 56.40 -19.00
CA ASN H 230 2.12 55.18 -19.70
C ASN H 230 3.21 54.39 -18.98
N ASP H 231 3.41 54.66 -17.68
CA ASP H 231 4.23 53.83 -16.81
C ASP H 231 3.59 53.90 -15.42
N VAL H 232 3.04 52.78 -14.97
CA VAL H 232 2.18 52.75 -13.80
C VAL H 232 2.63 51.63 -12.87
N THR H 233 2.78 51.95 -11.58
CA THR H 233 3.06 50.96 -10.57
C THR H 233 2.01 51.14 -9.49
N VAL H 234 1.31 50.07 -9.10
CA VAL H 234 0.18 50.18 -8.19
C VAL H 234 0.39 49.24 -7.01
N LEU H 235 0.06 49.69 -5.78
CA LEU H 235 -0.10 48.80 -4.64
C LEU H 235 -1.55 48.85 -4.18
N THR H 236 -2.09 47.67 -3.90
CA THR H 236 -3.46 47.54 -3.44
C THR H 236 -3.49 46.79 -2.11
N GLU H 237 -4.57 47.02 -1.35
CA GLU H 237 -4.95 46.22 -0.19
C GLU H 237 -6.38 45.73 -0.40
N TYR H 238 -6.77 44.73 0.39
CA TYR H 238 -8.02 44.00 0.18
C TYR H 238 -8.67 43.79 1.55
N GLU H 239 -10.00 43.63 1.58
CA GLU H 239 -10.74 43.50 2.82
C GLU H 239 -10.05 42.48 3.73
N ASN H 240 -9.58 41.36 3.17
CA ASN H 240 -9.10 40.25 3.97
C ASN H 240 -7.64 40.38 4.36
N GLY H 241 -7.00 41.52 4.10
CA GLY H 241 -5.63 41.76 4.55
C GLY H 241 -4.58 41.48 3.47
N ALA H 242 -4.99 40.94 2.33
CA ALA H 242 -4.07 40.66 1.25
C ALA H 242 -3.53 41.96 0.66
N THR H 243 -2.40 41.86 -0.05
CA THR H 243 -1.82 42.96 -0.79
C THR H 243 -1.79 42.60 -2.26
N GLY H 244 -1.59 43.62 -3.11
CA GLY H 244 -1.45 43.40 -4.54
C GLY H 244 -0.53 44.44 -5.16
N SER H 245 0.00 44.12 -6.34
CA SER H 245 0.78 45.06 -7.11
C SER H 245 0.48 44.82 -8.58
N PHE H 246 0.56 45.91 -9.37
CA PHE H 246 0.33 45.89 -10.79
C PHE H 246 1.30 46.88 -11.42
N ILE H 247 2.04 46.43 -12.42
CA ILE H 247 3.02 47.25 -13.11
C ILE H 247 2.78 47.14 -14.60
N THR H 248 2.71 48.27 -15.33
CA THR H 248 2.54 48.20 -16.77
C THR H 248 3.12 49.45 -17.40
N CYS H 249 3.57 49.33 -18.67
CA CYS H 249 4.11 50.48 -19.38
C CYS H 249 4.16 50.15 -20.87
N THR H 250 4.38 51.17 -21.71
CA THR H 250 4.37 50.98 -23.14
C THR H 250 5.75 51.28 -23.72
N HIS H 251 6.80 51.32 -22.90
CA HIS H 251 8.13 51.64 -23.42
C HIS H 251 9.12 50.49 -23.24
N ASP H 252 8.63 49.29 -22.93
CA ASP H 252 9.48 48.14 -22.69
C ASP H 252 9.53 47.28 -23.94
N LEU H 253 10.70 47.21 -24.58
CA LEU H 253 10.89 46.41 -25.77
C LEU H 253 10.78 44.91 -25.50
N LEU H 254 10.89 44.49 -24.24
CA LEU H 254 10.93 43.06 -23.97
C LEU H 254 10.26 42.80 -22.63
N GLY H 255 8.98 43.13 -22.57
CA GLY H 255 8.31 43.30 -21.31
C GLY H 255 7.90 41.97 -20.71
N THR H 256 8.11 41.84 -19.41
CA THR H 256 7.58 40.72 -18.64
C THR H 256 6.05 40.76 -18.68
N ASP H 257 5.43 39.58 -18.70
CA ASP H 257 4.01 39.39 -18.43
C ASP H 257 3.90 38.22 -17.47
N ARG H 258 3.88 38.49 -16.16
CA ARG H 258 3.87 37.45 -15.15
C ARG H 258 2.88 37.83 -14.07
N PHE H 259 1.91 36.94 -13.83
CA PHE H 259 0.85 37.19 -12.86
C PHE H 259 0.92 36.10 -11.79
N GLU H 260 1.15 36.51 -10.55
CA GLU H 260 1.34 35.58 -9.45
C GLU H 260 0.22 35.82 -8.45
N ILE H 261 -0.34 34.74 -7.93
CA ILE H 261 -1.29 34.79 -6.84
C ILE H 261 -0.78 33.83 -5.78
N ASP H 262 -0.62 34.33 -4.56
CA ASP H 262 -0.15 33.55 -3.43
C ASP H 262 -1.29 33.37 -2.45
N LEU H 263 -1.53 32.14 -2.04
CA LEU H 263 -2.70 31.80 -1.25
C LEU H 263 -2.28 30.99 -0.04
N ASP H 264 -3.23 30.83 0.87
CA ASP H 264 -3.03 30.12 2.12
C ASP H 264 -2.64 28.69 1.78
N GLY H 265 -3.19 28.15 0.68
CA GLY H 265 -3.10 26.73 0.38
C GLY H 265 -2.43 26.42 -0.97
N GLY H 266 -1.90 27.44 -1.64
CA GLY H 266 -1.18 27.18 -2.86
C GLY H 266 -0.71 28.46 -3.53
N LYS H 267 -0.31 28.33 -4.79
CA LYS H 267 0.26 29.44 -5.53
C LYS H 267 -0.08 29.28 -6.99
N ILE H 268 -0.30 30.39 -7.67
CA ILE H 268 -0.59 30.34 -9.09
C ILE H 268 0.36 31.29 -9.78
N VAL H 269 0.97 30.85 -10.89
CA VAL H 269 1.78 31.75 -11.68
C VAL H 269 1.35 31.61 -13.12
N VAL H 270 1.06 32.73 -13.75
CA VAL H 270 0.64 32.73 -15.14
C VAL H 270 1.66 33.48 -15.96
N GLU H 271 2.23 32.81 -16.96
CA GLU H 271 3.27 33.38 -17.79
C GLU H 271 2.75 33.70 -19.18
N ASP H 272 2.98 34.93 -19.63
CA ASP H 272 2.72 35.37 -20.99
C ASP H 272 1.25 35.26 -21.35
N SER H 273 0.39 35.17 -20.34
CA SER H 273 -1.04 35.13 -20.55
C SER H 273 -1.47 33.92 -21.36
N LYS H 274 -0.64 32.87 -21.35
CA LYS H 274 -0.93 31.63 -22.06
C LYS H 274 -0.88 30.45 -21.10
N LYS H 275 0.06 30.45 -20.15
CA LYS H 275 0.38 29.24 -19.42
C LYS H 275 0.36 29.48 -17.92
N ALA H 276 -0.29 28.57 -17.18
CA ALA H 276 -0.49 28.73 -15.75
C ALA H 276 0.10 27.54 -15.01
N TYR H 277 0.85 27.82 -13.95
CA TYR H 277 1.37 26.80 -13.08
C TYR H 277 0.60 26.91 -11.78
N ILE H 278 -0.07 25.82 -11.37
CA ILE H 278 -0.88 25.81 -10.17
C ILE H 278 -0.17 24.91 -9.17
N TYR H 279 0.17 25.47 -8.00
CA TYR H 279 0.85 24.71 -6.97
C TYR H 279 -0.10 24.53 -5.81
N ARG H 280 -0.35 23.28 -5.42
CA ARG H 280 -1.23 23.01 -4.30
C ARG H 280 -0.39 22.49 -3.15
N PHE H 281 -0.42 23.21 -2.02
CA PHE H 281 0.34 22.80 -0.85
C PHE H 281 -0.35 21.56 -0.28
N LYS H 282 0.43 20.61 0.23
CA LYS H 282 -0.11 19.44 0.89
C LYS H 282 -0.97 19.88 2.07
N GLU H 283 -0.47 20.88 2.80
CA GLU H 283 -1.15 21.44 3.95
C GLU H 283 -1.09 22.95 3.79
N THR H 284 -2.08 23.65 4.34
CA THR H 284 -2.09 25.09 4.32
C THR H 284 -0.92 25.62 5.15
N GLU H 285 -0.43 26.80 4.82
CA GLU H 285 0.67 27.40 5.55
C GLU H 285 0.27 27.57 7.00
N THR H 286 -1.00 27.95 7.25
CA THR H 286 -1.48 28.12 8.62
C THR H 286 -1.24 26.82 9.40
N ALA H 287 -1.59 25.70 8.76
CA ALA H 287 -1.37 24.38 9.34
C ALA H 287 0.11 24.11 9.57
N VAL H 288 0.94 24.42 8.58
CA VAL H 288 2.38 24.18 8.67
C VAL H 288 2.95 24.98 9.82
N ASN H 289 2.51 26.25 9.96
CA ASN H 289 3.04 27.13 10.99
C ASN H 289 2.68 26.55 12.36
N ALA H 290 1.46 25.97 12.47
CA ALA H 290 0.99 25.39 13.71
C ALA H 290 1.84 24.18 14.15
N ARG H 291 2.37 23.44 13.19
CA ARG H 291 3.06 22.18 13.45
C ARG H 291 4.40 22.49 14.10
N ASP H 292 4.96 23.68 13.86
CA ASP H 292 6.21 24.08 14.49
C ASP H 292 7.37 23.24 13.96
N MET H 293 7.31 22.81 12.69
CA MET H 293 8.43 22.10 12.08
C MET H 293 9.60 23.07 11.85
N ASP H 294 10.83 22.54 11.82
CA ASP H 294 12.03 23.32 11.50
C ASP H 294 12.00 23.83 10.06
N TRP H 295 12.39 25.10 9.88
CA TRP H 295 12.31 25.75 8.57
C TRP H 295 13.20 25.04 7.55
N MET H 296 14.39 24.59 7.98
CA MET H 296 15.28 23.90 7.07
C MET H 296 14.60 22.64 6.56
N GLN H 297 13.89 21.94 7.46
CA GLN H 297 13.11 20.77 7.08
C GLN H 297 12.03 21.16 6.05
N ILE H 298 11.35 22.28 6.33
CA ILE H 298 10.30 22.77 5.43
C ILE H 298 10.93 23.10 4.08
N ALA H 299 12.15 23.69 4.10
CA ALA H 299 12.84 24.08 2.88
C ALA H 299 13.08 22.87 1.97
N MET H 300 13.48 21.73 2.56
CA MET H 300 13.60 20.50 1.77
C MET H 300 12.39 19.60 2.02
N ASP H 310 9.73 19.30 -2.96
CA ASP H 310 8.75 18.84 -3.99
C ASP H 310 7.68 17.94 -3.36
N LYS H 311 8.00 17.25 -2.26
CA LYS H 311 7.05 16.44 -1.52
C LYS H 311 5.94 17.33 -0.94
N MET H 312 6.28 18.57 -0.60
CA MET H 312 5.36 19.48 0.10
C MET H 312 4.25 20.02 -0.81
N PHE H 313 4.49 20.08 -2.13
CA PHE H 313 3.52 20.68 -3.04
C PHE H 313 3.40 19.80 -4.28
N GLU H 314 2.25 19.91 -4.98
CA GLU H 314 2.01 19.24 -6.25
C GLU H 314 1.76 20.34 -7.29
N VAL H 315 2.18 20.13 -8.54
CA VAL H 315 2.06 21.15 -9.56
C VAL H 315 1.13 20.66 -10.68
N GLU H 316 0.16 21.50 -11.06
CA GLU H 316 -0.73 21.29 -12.20
C GLU H 316 -0.45 22.38 -13.23
N GLU H 317 -0.52 22.03 -14.52
CA GLU H 317 -0.26 22.97 -15.60
C GLU H 317 -1.52 23.17 -16.43
N PHE H 318 -1.77 24.40 -16.87
CA PHE H 318 -2.84 24.72 -17.79
C PHE H 318 -2.28 25.64 -18.86
N GLU H 319 -2.60 25.42 -20.14
CA GLU H 319 -2.24 26.33 -21.19
C GLU H 319 -3.43 26.51 -22.13
N ASN H 320 -3.75 27.76 -22.48
CA ASN H 320 -4.72 28.07 -23.52
C ASN H 320 -4.29 29.33 -24.29
N THR H 321 -4.39 29.28 -25.61
CA THR H 321 -4.22 30.47 -26.42
C THR H 321 -5.47 30.60 -27.30
N ASP H 322 -6.03 31.80 -27.38
CA ASP H 322 -7.25 32.02 -28.14
C ASP H 322 -6.90 32.72 -29.45
N GLY H 323 -7.43 32.20 -30.56
CA GLY H 323 -7.13 32.72 -31.87
C GLY H 323 -7.85 34.04 -32.14
N TRP H 324 -7.42 34.71 -33.21
CA TRP H 324 -7.99 36.01 -33.54
C TRP H 324 -9.50 35.88 -33.74
N GLY H 325 -10.25 36.73 -33.05
CA GLY H 325 -11.70 36.79 -33.21
C GLY H 325 -12.43 35.89 -32.22
N TYR H 326 -11.75 34.91 -31.63
CA TYR H 326 -12.44 33.94 -30.80
C TYR H 326 -13.17 34.65 -29.65
N GLN H 327 -12.43 35.48 -28.92
CA GLN H 327 -12.93 36.03 -27.68
C GLN H 327 -14.10 36.96 -27.97
N HIS H 328 -13.93 37.84 -28.97
CA HIS H 328 -14.94 38.84 -29.28
C HIS H 328 -16.21 38.17 -29.79
N THR H 329 -16.05 37.19 -30.69
CA THR H 329 -17.19 36.47 -31.25
C THR H 329 -17.90 35.70 -30.13
N THR H 330 -17.12 35.12 -29.21
CA THR H 330 -17.70 34.31 -28.16
C THR H 330 -18.57 35.19 -27.28
N VAL H 331 -18.12 36.42 -26.99
CA VAL H 331 -18.94 37.37 -26.23
C VAL H 331 -20.20 37.68 -27.01
N MET H 332 -20.01 38.03 -28.30
CA MET H 332 -21.15 38.37 -29.15
C MET H 332 -22.17 37.23 -29.10
N GLU H 333 -21.70 35.98 -29.16
CA GLU H 333 -22.57 34.82 -29.22
C GLU H 333 -23.26 34.64 -27.86
N ASN H 334 -22.49 34.80 -26.78
CA ASN H 334 -22.99 34.67 -25.42
C ASN H 334 -24.10 35.69 -25.21
N PHE H 335 -23.84 36.93 -25.66
CA PHE H 335 -24.76 38.04 -25.50
C PHE H 335 -26.04 37.77 -26.28
N ALA H 336 -25.90 37.33 -27.53
CA ALA H 336 -27.04 36.98 -28.34
C ALA H 336 -27.86 35.91 -27.61
N GLN H 337 -27.17 34.92 -27.05
CA GLN H 337 -27.84 33.80 -26.41
C GLN H 337 -28.64 34.28 -25.20
N HIS H 338 -28.14 35.29 -24.48
CA HIS H 338 -28.88 35.81 -23.33
C HIS H 338 -30.21 36.37 -23.81
N ILE H 339 -30.15 37.19 -24.87
CA ILE H 339 -31.33 37.79 -25.45
C ILE H 339 -32.32 36.70 -25.85
N ILE H 340 -31.82 35.61 -26.46
CA ILE H 340 -32.68 34.62 -27.10
C ILE H 340 -33.30 33.68 -26.06
N ASP H 341 -32.48 33.08 -25.17
CA ASP H 341 -32.99 32.01 -24.32
C ASP H 341 -32.59 32.19 -22.86
N GLY H 342 -32.08 33.37 -22.48
CA GLY H 342 -31.75 33.67 -21.10
C GLY H 342 -30.41 33.09 -20.63
N THR H 343 -29.62 32.47 -21.52
CA THR H 343 -28.28 32.04 -21.14
C THR H 343 -27.60 33.15 -20.34
N PRO H 344 -27.02 32.86 -19.14
CA PRO H 344 -26.29 33.88 -18.37
C PRO H 344 -25.13 34.51 -19.13
N LEU H 345 -24.87 35.80 -18.85
CA LEU H 345 -23.80 36.55 -19.47
C LEU H 345 -22.48 36.27 -18.75
N LEU H 346 -21.42 36.01 -19.52
CA LEU H 346 -20.08 35.94 -18.99
C LEU H 346 -19.71 37.30 -18.39
N ALA H 347 -20.11 38.36 -19.10
CA ALA H 347 -19.75 39.73 -18.75
C ALA H 347 -20.99 40.59 -18.62
N PRO H 348 -21.68 40.53 -17.44
CA PRO H 348 -22.82 41.40 -17.15
C PRO H 348 -22.28 42.82 -17.07
N GLY H 349 -22.99 43.79 -17.68
CA GLY H 349 -22.46 45.12 -17.91
C GLY H 349 -22.16 45.88 -16.62
N SER H 350 -22.88 45.50 -15.56
CA SER H 350 -22.75 46.16 -14.28
C SER H 350 -21.31 46.03 -13.77
N ASP H 351 -20.64 44.93 -14.14
CA ASP H 351 -19.29 44.64 -13.68
C ASP H 351 -18.28 45.65 -14.23
N GLY H 352 -18.64 46.36 -15.29
CA GLY H 352 -17.72 47.28 -15.95
C GLY H 352 -17.18 48.35 -15.00
N ILE H 353 -17.95 48.65 -13.96
CA ILE H 353 -17.61 49.72 -13.06
C ILE H 353 -16.41 49.38 -12.18
N ASN H 354 -16.20 48.07 -11.91
CA ASN H 354 -15.10 47.68 -11.05
C ASN H 354 -13.80 48.20 -11.64
N GLY H 355 -13.63 47.95 -12.95
CA GLY H 355 -12.41 48.32 -13.64
C GLY H 355 -12.26 49.83 -13.77
N VAL H 356 -13.39 50.52 -13.94
CA VAL H 356 -13.33 51.95 -14.09
C VAL H 356 -12.95 52.60 -12.77
N ARG H 357 -13.60 52.16 -11.68
CA ARG H 357 -13.28 52.69 -10.37
C ARG H 357 -11.79 52.50 -10.08
N LEU H 358 -11.25 51.33 -10.41
CA LEU H 358 -9.87 51.03 -10.07
C LEU H 358 -8.96 51.96 -10.85
N ALA H 359 -9.26 52.14 -12.15
CA ALA H 359 -8.48 53.02 -13.01
C ALA H 359 -8.52 54.45 -12.48
N ASN H 360 -9.71 54.90 -12.07
CA ASN H 360 -9.86 56.23 -11.51
C ASN H 360 -9.03 56.36 -10.24
N ALA H 361 -9.09 55.34 -9.38
CA ALA H 361 -8.40 55.40 -8.10
C ALA H 361 -6.89 55.44 -8.34
N ILE H 362 -6.41 54.64 -9.28
CA ILE H 362 -5.01 54.63 -9.63
C ILE H 362 -4.61 56.03 -10.07
N GLN H 363 -5.38 56.63 -10.98
CA GLN H 363 -5.02 57.93 -11.53
C GLN H 363 -4.97 58.98 -10.43
N LEU H 364 -5.96 58.96 -9.53
CA LEU H 364 -6.12 59.99 -8.52
C LEU H 364 -5.01 59.87 -7.49
N SER H 365 -4.69 58.64 -7.12
CA SER H 365 -3.53 58.39 -6.26
C SER H 365 -2.29 58.96 -6.93
N GLY H 366 -2.15 58.64 -8.21
CA GLY H 366 -1.05 59.10 -9.04
C GLY H 366 -0.94 60.62 -9.06
N TRP H 367 -2.09 61.29 -9.20
CA TRP H 367 -2.09 62.75 -9.28
C TRP H 367 -1.79 63.40 -7.93
N THR H 368 -2.25 62.80 -6.82
CA THR H 368 -2.14 63.43 -5.52
C THR H 368 -0.92 62.94 -4.74
N GLY H 369 -0.26 61.87 -5.19
CA GLY H 369 0.89 61.31 -4.49
C GLY H 369 0.52 60.70 -3.14
N GLU H 370 -0.74 60.26 -3.00
CA GLU H 370 -1.23 59.74 -1.73
C GLU H 370 -2.00 58.45 -1.96
N LYS H 371 -1.97 57.57 -0.96
CA LYS H 371 -2.86 56.43 -0.92
C LYS H 371 -4.31 56.92 -0.88
N VAL H 372 -5.21 56.19 -1.51
CA VAL H 372 -6.63 56.52 -1.51
C VAL H 372 -7.44 55.27 -1.25
N ALA H 373 -8.59 55.42 -0.61
CA ALA H 373 -9.56 54.36 -0.53
C ALA H 373 -10.21 54.17 -1.91
N ASN H 374 -10.58 52.93 -2.19
CA ASN H 374 -11.21 52.57 -3.44
C ASN H 374 -12.63 52.11 -3.13
N PRO H 375 -13.67 52.70 -3.75
CA PRO H 375 -13.50 53.72 -4.79
C PRO H 375 -13.31 55.12 -4.23
N VAL H 376 -12.79 56.01 -5.07
CA VAL H 376 -12.55 57.40 -4.71
C VAL H 376 -13.83 58.18 -4.93
N ASP H 377 -13.89 59.40 -4.36
CA ASP H 377 -15.01 60.30 -4.58
C ASP H 377 -15.10 60.66 -6.06
N GLU H 378 -16.28 60.44 -6.65
CA GLU H 378 -16.48 60.64 -8.08
C GLU H 378 -16.21 62.09 -8.48
N ASP H 379 -16.70 63.04 -7.67
CA ASP H 379 -16.58 64.46 -8.00
C ASP H 379 -15.12 64.88 -7.93
N LYS H 380 -14.38 64.37 -6.95
CA LYS H 380 -12.97 64.73 -6.79
C LYS H 380 -12.18 64.29 -8.02
N TYR H 381 -12.44 63.06 -8.49
CA TYR H 381 -11.77 62.52 -9.66
C TYR H 381 -12.11 63.40 -10.86
N LEU H 382 -13.40 63.71 -11.01
CA LEU H 382 -13.86 64.42 -12.20
C LEU H 382 -13.18 65.79 -12.26
N ALA H 383 -13.08 66.44 -11.11
CA ALA H 383 -12.45 67.76 -11.04
C ALA H 383 -11.01 67.68 -11.54
N GLU H 384 -10.27 66.70 -11.03
CA GLU H 384 -8.86 66.53 -11.37
C GLU H 384 -8.71 66.18 -12.85
N LEU H 385 -9.61 65.34 -13.37
CA LEU H 385 -9.61 65.01 -14.78
C LEU H 385 -9.89 66.29 -15.59
N ASN H 386 -10.91 67.04 -15.17
CA ASN H 386 -11.35 68.22 -15.90
C ASN H 386 -10.22 69.25 -15.93
N LYS H 387 -9.50 69.38 -14.81
CA LYS H 387 -8.39 70.31 -14.74
C LYS H 387 -7.38 69.98 -15.83
N ARG H 388 -7.05 68.70 -15.94
CA ARG H 388 -6.10 68.23 -16.95
C ARG H 388 -6.65 68.44 -18.36
N ILE H 389 -7.95 68.21 -18.56
CA ILE H 389 -8.59 68.41 -19.85
C ILE H 389 -8.45 69.88 -20.26
N GLU H 390 -8.74 70.77 -19.32
CA GLU H 390 -8.67 72.20 -19.53
C GLU H 390 -7.26 72.61 -19.98
N ALA H 391 -6.25 72.12 -19.27
CA ALA H 391 -4.86 72.44 -19.58
C ALA H 391 -4.49 71.91 -20.98
N GLU H 392 -4.97 70.72 -21.32
CA GLU H 392 -4.66 70.11 -22.60
C GLU H 392 -5.20 70.99 -23.73
N GLY H 393 -6.44 71.44 -23.55
CA GLY H 393 -7.05 72.42 -24.45
C GLY H 393 -7.49 71.82 -25.77
N LYS H 394 -7.50 70.51 -25.88
CA LYS H 394 -7.84 69.86 -27.15
C LYS H 394 -9.33 69.58 -27.15
N PHE H 395 -9.98 69.48 -26.00
CA PHE H 395 -11.33 68.94 -25.93
C PHE H 395 -12.17 69.67 -24.87
N PRO H 396 -13.51 69.63 -24.98
CA PRO H 396 -14.38 70.20 -23.95
C PRO H 396 -14.33 69.43 -22.63
N VAL H 397 -14.45 70.16 -21.52
CA VAL H 397 -14.48 69.58 -20.19
C VAL H 397 -15.78 68.77 -20.03
N ARG H 398 -15.78 67.82 -19.11
CA ARG H 398 -16.90 66.97 -18.82
C ARG H 398 -17.84 67.58 -17.78
N GLU H 399 -19.13 67.35 -17.95
CA GLU H 399 -20.22 68.11 -17.35
C GLU H 399 -21.33 67.11 -17.02
N HIS H 400 -22.20 67.45 -16.06
CA HIS H 400 -23.35 66.64 -15.68
C HIS H 400 -23.34 65.27 -16.39
N MET I 1 35.57 -13.06 -56.04
CA MET I 1 35.66 -11.88 -56.93
C MET I 1 35.82 -10.64 -56.05
N GLU I 2 36.70 -9.69 -56.40
CA GLU I 2 36.77 -8.44 -55.66
C GLU I 2 35.48 -7.65 -55.90
N LYS I 3 35.00 -7.61 -57.14
CA LYS I 3 33.89 -6.73 -57.49
C LYS I 3 32.83 -7.45 -58.32
N VAL I 4 31.54 -7.11 -58.15
CA VAL I 4 30.46 -7.62 -58.97
C VAL I 4 30.00 -6.48 -59.86
N ARG I 5 30.04 -6.68 -61.18
CA ARG I 5 29.55 -5.67 -62.12
C ARG I 5 28.03 -5.73 -62.19
N TYR I 6 27.39 -4.57 -62.16
CA TYR I 6 25.93 -4.52 -62.11
C TYR I 6 25.43 -3.93 -63.40
N GLY I 7 24.39 -4.51 -63.96
CA GLY I 7 23.76 -3.93 -65.13
C GLY I 7 22.41 -3.36 -64.71
N ILE I 8 22.17 -2.10 -65.05
CA ILE I 8 20.95 -1.45 -64.61
C ILE I 8 19.94 -1.51 -65.74
N ILE I 9 18.78 -2.11 -65.51
CA ILE I 9 17.73 -2.11 -66.51
C ILE I 9 16.77 -1.02 -66.12
N GLY I 10 16.61 0.00 -66.97
CA GLY I 10 15.80 1.16 -66.61
C GLY I 10 16.67 2.20 -65.93
N VAL I 11 17.34 3.06 -66.70
CA VAL I 11 18.08 4.16 -66.11
C VAL I 11 17.12 5.33 -65.94
N GLY I 12 16.11 5.11 -65.10
CA GLY I 12 15.12 6.12 -64.73
C GLY I 12 15.54 6.77 -63.43
N ASN I 13 14.61 7.27 -62.64
CA ASN I 13 15.02 7.94 -61.41
C ASN I 13 15.83 6.99 -60.53
N GLN I 14 15.31 5.78 -60.27
CA GLN I 14 16.05 4.87 -59.40
C GLN I 14 17.31 4.38 -60.08
N GLY I 15 17.22 4.04 -61.37
CA GLY I 15 18.34 3.51 -62.10
C GLY I 15 19.49 4.51 -62.18
N GLY I 16 19.13 5.78 -62.42
CA GLY I 16 20.10 6.85 -62.51
C GLY I 16 20.83 6.98 -61.18
N ALA I 17 20.06 6.90 -60.09
CA ALA I 17 20.63 7.06 -58.77
C ALA I 17 21.65 5.95 -58.54
N TYR I 18 21.27 4.73 -58.92
CA TYR I 18 22.13 3.58 -58.70
C TYR I 18 23.42 3.77 -59.48
N ALA I 19 23.25 4.26 -60.72
CA ALA I 19 24.40 4.43 -61.59
C ALA I 19 25.37 5.41 -60.94
N GLY I 20 24.83 6.50 -60.40
CA GLY I 20 25.64 7.49 -59.74
C GLY I 20 26.37 6.88 -58.55
N PHE I 21 25.66 6.07 -57.76
CA PHE I 21 26.24 5.54 -56.55
C PHE I 21 27.43 4.64 -56.90
N LEU I 22 27.25 3.80 -57.93
CA LEU I 22 28.29 2.91 -58.37
C LEU I 22 29.49 3.66 -58.97
N THR I 23 29.20 4.74 -59.71
CA THR I 23 30.24 5.52 -60.34
C THR I 23 30.85 6.56 -59.41
N GLY I 24 30.23 6.80 -58.24
CA GLY I 24 30.70 7.84 -57.35
C GLY I 24 30.44 9.24 -57.93
N THR I 25 29.38 9.30 -58.72
CA THR I 25 28.97 10.54 -59.40
C THR I 25 27.58 10.92 -58.89
N GLY I 26 27.15 12.15 -59.17
CA GLY I 26 25.92 12.69 -58.61
C GLY I 26 26.11 13.09 -57.16
N ASN I 27 27.38 13.21 -56.73
CA ASN I 27 27.72 13.71 -55.42
C ASN I 27 27.13 12.80 -54.35
N PRO I 32 25.28 14.93 -50.38
CA PRO I 32 26.25 13.89 -50.08
C PRO I 32 25.63 12.51 -50.30
N ALA I 33 26.38 11.62 -50.97
CA ALA I 33 25.93 10.27 -51.24
C ALA I 33 26.98 9.27 -50.76
N ALA I 34 26.55 8.02 -50.54
CA ALA I 34 27.44 6.95 -50.12
C ALA I 34 28.43 6.66 -51.23
N PRO I 35 29.72 6.43 -50.89
CA PRO I 35 30.73 6.10 -51.90
C PRO I 35 30.47 4.70 -52.46
N CYS I 36 31.08 4.39 -53.61
CA CYS I 36 30.84 3.10 -54.23
C CYS I 36 31.23 1.98 -53.27
N PRO I 37 30.36 0.98 -53.07
CA PRO I 37 30.67 -0.13 -52.18
C PRO I 37 31.90 -0.87 -52.69
N PRO I 38 32.71 -1.46 -51.80
CA PRO I 38 33.95 -2.12 -52.20
C PRO I 38 33.83 -3.22 -53.25
N HIS I 39 32.78 -4.05 -53.13
CA HIS I 39 32.62 -5.21 -53.98
C HIS I 39 31.67 -4.93 -55.15
N CYS I 40 31.34 -3.66 -55.39
CA CYS I 40 30.33 -3.32 -56.39
C CYS I 40 30.92 -2.43 -57.48
N ALA I 41 30.47 -2.61 -58.73
CA ALA I 41 30.79 -1.72 -59.83
C ALA I 41 29.65 -1.68 -60.83
N LEU I 42 29.63 -0.65 -61.69
CA LEU I 42 28.63 -0.53 -62.74
C LEU I 42 29.16 -1.18 -64.01
N GLY I 43 28.61 -2.34 -64.39
CA GLY I 43 29.01 -3.03 -65.62
C GLY I 43 28.39 -2.40 -66.88
N ALA I 44 27.09 -2.08 -66.84
CA ALA I 44 26.39 -1.65 -68.04
C ALA I 44 25.07 -0.97 -67.71
N LEU I 45 24.53 -0.24 -68.70
CA LEU I 45 23.28 0.48 -68.57
C LEU I 45 22.33 0.06 -69.70
N CYS I 46 21.05 -0.15 -69.39
CA CYS I 46 20.06 -0.51 -70.39
C CYS I 46 18.81 0.34 -70.24
N ASP I 47 18.36 0.98 -71.33
CA ASP I 47 17.06 1.65 -71.35
C ASP I 47 16.48 1.61 -72.76
N ILE I 48 15.15 1.51 -72.83
CA ILE I 48 14.45 1.49 -74.12
C ILE I 48 14.24 2.91 -74.63
N ASP I 49 14.32 3.94 -73.76
CA ASP I 49 14.07 5.31 -74.16
C ASP I 49 15.34 5.91 -74.77
N PRO I 50 15.23 6.50 -75.98
CA PRO I 50 16.39 7.11 -76.65
C PRO I 50 17.02 8.24 -75.84
N GLN I 51 16.18 9.06 -75.18
CA GLN I 51 16.67 10.19 -74.41
C GLN I 51 17.59 9.68 -73.30
N LYS I 52 17.19 8.58 -72.66
CA LYS I 52 17.97 7.99 -71.59
C LYS I 52 19.32 7.51 -72.13
N GLU I 53 19.30 6.92 -73.34
CA GLU I 53 20.53 6.49 -73.99
C GLU I 53 21.47 7.66 -74.19
N GLU I 54 20.90 8.79 -74.66
CA GLU I 54 21.67 9.99 -74.89
C GLU I 54 22.29 10.48 -73.58
N MET I 55 21.49 10.49 -72.51
CA MET I 55 21.98 10.89 -71.21
C MET I 55 23.10 9.94 -70.80
N CYS I 56 22.90 8.64 -71.06
CA CYS I 56 23.88 7.64 -70.69
C CYS I 56 25.19 7.84 -71.45
N LYS I 57 25.10 8.21 -72.74
CA LYS I 57 26.28 8.52 -73.53
C LYS I 57 27.01 9.74 -72.95
N GLU I 58 26.24 10.70 -72.43
CA GLU I 58 26.84 11.93 -71.93
C GLU I 58 27.48 11.70 -70.57
N LYS I 59 26.70 11.16 -69.62
CA LYS I 59 27.16 11.04 -68.24
C LYS I 59 28.08 9.85 -68.04
N TYR I 60 27.91 8.79 -68.84
CA TYR I 60 28.63 7.55 -68.58
C TYR I 60 29.20 7.04 -69.92
N PRO I 61 30.12 7.81 -70.52
CA PRO I 61 30.53 7.57 -71.91
C PRO I 61 31.27 6.25 -72.11
N ASP I 62 31.93 5.76 -71.05
CA ASP I 62 32.77 4.58 -71.16
C ASP I 62 32.03 3.37 -70.60
N VAL I 63 30.72 3.51 -70.40
CA VAL I 63 29.94 2.43 -69.84
C VAL I 63 29.07 1.83 -70.94
N PRO I 64 29.23 0.52 -71.21
CA PRO I 64 28.46 -0.16 -72.27
C PRO I 64 26.96 0.10 -72.08
N PHE I 65 26.27 0.43 -73.17
CA PHE I 65 24.84 0.71 -73.16
C PHE I 65 24.10 -0.30 -74.04
N TYR I 66 22.90 -0.76 -73.63
CA TYR I 66 22.12 -1.70 -74.41
C TYR I 66 20.64 -1.30 -74.40
N LYS I 67 19.99 -1.32 -75.56
CA LYS I 67 18.55 -1.08 -75.64
C LYS I 67 17.78 -2.26 -75.07
N ASP I 68 18.24 -3.47 -75.40
CA ASP I 68 17.58 -4.71 -75.01
C ASP I 68 18.34 -5.31 -73.82
N TRP I 69 17.63 -5.50 -72.70
CA TRP I 69 18.23 -6.03 -71.50
C TRP I 69 18.69 -7.48 -71.69
N LYS I 70 18.13 -8.20 -72.67
CA LYS I 70 18.55 -9.57 -72.93
C LYS I 70 19.94 -9.58 -73.55
N ASP I 71 20.23 -8.56 -74.36
CA ASP I 71 21.54 -8.40 -74.97
C ASP I 71 22.57 -8.10 -73.88
N MET I 72 22.20 -7.28 -72.90
CA MET I 72 23.12 -6.93 -71.84
C MET I 72 23.47 -8.18 -71.03
N VAL I 73 22.45 -9.01 -70.75
CA VAL I 73 22.64 -10.21 -69.96
C VAL I 73 23.64 -11.15 -70.65
N ALA I 74 23.46 -11.30 -71.97
CA ALA I 74 24.28 -12.21 -72.77
C ALA I 74 25.68 -11.65 -73.02
N SER I 75 25.86 -10.32 -72.90
CA SER I 75 27.11 -9.68 -73.26
C SER I 75 28.29 -10.15 -72.40
N GLY I 76 28.02 -10.56 -71.15
CA GLY I 76 29.10 -10.87 -70.21
C GLY I 76 29.86 -9.61 -69.79
N ASP I 77 29.24 -8.44 -69.99
CA ASP I 77 29.73 -7.19 -69.41
C ASP I 77 29.26 -7.05 -67.96
N VAL I 78 28.28 -7.86 -67.55
CA VAL I 78 27.71 -7.75 -66.22
C VAL I 78 27.65 -9.13 -65.57
N ASP I 79 27.70 -9.13 -64.24
CA ASP I 79 27.62 -10.31 -63.40
C ASP I 79 26.28 -10.40 -62.68
N ALA I 80 25.49 -9.32 -62.76
CA ALA I 80 24.18 -9.25 -62.12
C ALA I 80 23.42 -8.07 -62.69
N VAL I 81 22.10 -8.10 -62.56
CA VAL I 81 21.27 -7.00 -63.05
C VAL I 81 20.30 -6.56 -61.96
N ILE I 82 19.86 -5.30 -62.04
CA ILE I 82 18.90 -4.71 -61.11
C ILE I 82 17.70 -4.22 -61.93
N THR I 83 16.47 -4.53 -61.49
CA THR I 83 15.31 -4.34 -62.36
C THR I 83 14.61 -3.01 -62.04
N THR I 84 15.31 -1.89 -62.33
CA THR I 84 14.76 -0.57 -62.08
C THR I 84 13.86 -0.16 -63.26
N VAL I 85 12.82 -0.98 -63.47
CA VAL I 85 11.81 -0.75 -64.50
C VAL I 85 10.43 -0.91 -63.88
N PRO I 86 9.34 -0.47 -64.54
CA PRO I 86 7.99 -0.61 -63.99
C PRO I 86 7.77 -2.05 -63.52
N HIS I 87 6.87 -2.20 -62.54
CA HIS I 87 6.83 -3.38 -61.69
C HIS I 87 6.40 -4.60 -62.50
N TYR I 88 5.56 -4.38 -63.52
CA TYR I 88 5.02 -5.48 -64.29
C TYR I 88 6.14 -6.29 -64.95
N LEU I 89 7.30 -5.66 -65.23
CA LEU I 89 8.41 -6.35 -65.88
C LEU I 89 9.27 -7.16 -64.90
N HIS I 90 9.09 -6.96 -63.59
CA HIS I 90 10.06 -7.48 -62.64
C HIS I 90 10.22 -9.00 -62.78
N THR I 91 9.10 -9.73 -62.68
CA THR I 91 9.16 -11.18 -62.63
C THR I 91 9.60 -11.73 -64.00
N GLU I 92 9.23 -11.04 -65.07
CA GLU I 92 9.54 -11.48 -66.43
C GLU I 92 11.07 -11.53 -66.59
N ILE I 93 11.73 -10.47 -66.13
CA ILE I 93 13.17 -10.33 -66.25
C ILE I 93 13.85 -11.34 -65.33
N ALA I 94 13.30 -11.46 -64.11
CA ALA I 94 13.90 -12.31 -63.11
C ALA I 94 13.93 -13.76 -63.62
N ILE I 95 12.76 -14.23 -64.10
CA ILE I 95 12.64 -15.60 -64.54
C ILE I 95 13.64 -15.86 -65.67
N TYR I 96 13.71 -14.92 -66.62
CA TYR I 96 14.62 -15.07 -67.73
C TYR I 96 16.06 -15.20 -67.22
N CYS I 97 16.44 -14.35 -66.25
CA CYS I 97 17.81 -14.30 -65.76
C CYS I 97 18.16 -15.59 -65.01
N LEU I 98 17.23 -16.07 -64.18
CA LEU I 98 17.45 -17.29 -63.43
C LEU I 98 17.67 -18.47 -64.37
N GLU I 99 16.90 -18.48 -65.47
CA GLU I 99 16.98 -19.56 -66.44
C GLU I 99 18.26 -19.46 -67.25
N HIS I 100 18.88 -18.27 -67.30
CA HIS I 100 20.08 -18.04 -68.08
C HIS I 100 21.29 -17.79 -67.17
N GLY I 101 21.28 -18.34 -65.95
CA GLY I 101 22.41 -18.29 -65.04
C GLY I 101 22.88 -16.87 -64.70
N MET I 102 21.96 -15.89 -64.68
CA MET I 102 22.30 -14.49 -64.42
C MET I 102 21.73 -14.06 -63.06
N ASN I 103 22.63 -13.62 -62.16
CA ASN I 103 22.21 -13.12 -60.85
C ASN I 103 21.28 -11.91 -61.02
N VAL I 104 20.18 -11.90 -60.25
CA VAL I 104 19.20 -10.85 -60.43
C VAL I 104 18.78 -10.28 -59.07
N LEU I 105 18.90 -8.95 -58.97
CA LEU I 105 18.41 -8.21 -57.84
C LEU I 105 17.13 -7.48 -58.25
N VAL I 106 15.99 -7.99 -57.78
CA VAL I 106 14.68 -7.50 -58.20
C VAL I 106 14.28 -6.30 -57.34
N GLU I 107 13.74 -5.27 -57.98
CA GLU I 107 13.30 -4.09 -57.24
C GLU I 107 11.99 -4.37 -56.52
N LYS I 108 11.71 -3.49 -55.57
CA LYS I 108 10.43 -3.49 -54.89
C LYS I 108 9.42 -2.79 -55.79
N PRO I 109 8.13 -3.16 -55.75
CA PRO I 109 7.69 -4.41 -55.12
C PRO I 109 8.13 -5.56 -56.02
N ALA I 110 8.24 -6.76 -55.47
CA ALA I 110 8.74 -7.89 -56.25
C ALA I 110 7.97 -8.04 -57.56
N GLY I 111 6.66 -7.81 -57.50
CA GLY I 111 5.82 -7.80 -58.69
C GLY I 111 4.47 -7.18 -58.37
N VAL I 112 3.55 -7.26 -59.34
CA VAL I 112 2.24 -6.65 -59.17
C VAL I 112 1.28 -7.66 -58.59
N TYR I 113 1.21 -8.86 -59.21
CA TYR I 113 0.28 -9.89 -58.78
C TYR I 113 1.06 -11.13 -58.35
N ALA I 114 0.55 -11.74 -57.27
CA ALA I 114 1.24 -12.78 -56.53
C ALA I 114 1.56 -13.98 -57.42
N LYS I 115 0.69 -14.31 -58.37
CA LYS I 115 0.89 -15.47 -59.22
C LYS I 115 2.28 -15.37 -59.87
N SER I 116 2.57 -14.22 -60.49
CA SER I 116 3.81 -14.06 -61.24
C SER I 116 5.02 -14.13 -60.30
N VAL I 117 4.83 -13.64 -59.07
CA VAL I 117 5.91 -13.62 -58.10
C VAL I 117 6.18 -15.03 -57.62
N ARG I 118 5.10 -15.82 -57.45
CA ARG I 118 5.24 -17.20 -57.02
C ARG I 118 6.04 -17.96 -58.08
N GLU I 119 5.70 -17.72 -59.35
CA GLU I 119 6.39 -18.40 -60.44
C GLU I 119 7.87 -18.06 -60.39
N MET I 120 8.17 -16.77 -60.13
CA MET I 120 9.54 -16.33 -60.05
C MET I 120 10.26 -17.07 -58.92
N ASN I 121 9.59 -17.22 -57.78
CA ASN I 121 10.22 -17.87 -56.63
C ASN I 121 10.51 -19.33 -56.96
N GLU I 122 9.57 -19.99 -57.64
CA GLU I 122 9.70 -21.41 -57.95
C GLU I 122 10.85 -21.63 -58.94
N CYS I 123 10.93 -20.70 -59.91
CA CYS I 123 12.02 -20.67 -60.85
C CYS I 123 13.35 -20.56 -60.11
N ALA I 124 13.45 -19.63 -59.16
CA ALA I 124 14.69 -19.41 -58.42
C ALA I 124 15.06 -20.66 -57.63
N ALA I 125 14.04 -21.28 -57.01
CA ALA I 125 14.26 -22.47 -56.19
C ALA I 125 14.80 -23.60 -57.06
N ALA I 126 14.49 -23.55 -58.36
CA ALA I 126 14.93 -24.54 -59.33
C ALA I 126 16.30 -24.19 -59.94
N HIS I 127 16.81 -22.99 -59.69
CA HIS I 127 18.15 -22.62 -60.11
C HIS I 127 18.87 -22.00 -58.92
N PRO I 128 19.07 -22.78 -57.82
CA PRO I 128 19.55 -22.21 -56.56
C PRO I 128 20.97 -21.64 -56.60
N GLU I 129 21.77 -22.11 -57.56
CA GLU I 129 23.13 -21.61 -57.74
C GLU I 129 23.11 -20.13 -58.16
N VAL I 130 22.00 -19.66 -58.73
CA VAL I 130 21.90 -18.27 -59.13
C VAL I 130 21.44 -17.44 -57.93
N THR I 131 22.16 -16.34 -57.66
CA THR I 131 21.78 -15.44 -56.58
C THR I 131 20.52 -14.66 -56.97
N PHE I 132 19.55 -14.69 -56.04
CA PHE I 132 18.24 -14.12 -56.23
C PHE I 132 17.87 -13.28 -55.02
N GLY I 133 17.71 -11.97 -55.24
CA GLY I 133 17.53 -11.05 -54.12
C GLY I 133 16.50 -9.99 -54.45
N ILE I 134 16.05 -9.30 -53.40
CA ILE I 134 15.14 -8.20 -53.60
C ILE I 134 15.72 -6.98 -52.90
N MET I 135 15.38 -5.79 -53.42
CA MET I 135 15.87 -4.53 -52.91
C MET I 135 14.94 -4.03 -51.80
N PHE I 136 14.95 -4.77 -50.69
CA PHE I 136 14.28 -4.33 -49.48
C PHE I 136 15.31 -3.59 -48.65
N ASN I 137 15.60 -2.36 -49.08
CA ASN I 137 16.78 -1.63 -48.63
C ASN I 137 16.60 -1.18 -47.19
N GLN I 138 15.35 -1.10 -46.73
CA GLN I 138 15.11 -0.73 -45.36
C GLN I 138 15.56 -1.80 -44.39
N ARG I 139 15.83 -3.01 -44.85
CA ARG I 139 16.30 -4.04 -43.93
C ARG I 139 17.76 -3.79 -43.57
N THR I 140 18.41 -2.82 -44.23
CA THR I 140 19.79 -2.45 -43.90
C THR I 140 19.83 -1.40 -42.80
N ASN I 141 18.64 -0.95 -42.38
CA ASN I 141 18.51 0.11 -41.41
C ASN I 141 18.62 -0.48 -40.01
N LYS I 142 19.64 -0.05 -39.26
CA LYS I 142 19.90 -0.65 -37.97
C LYS I 142 18.69 -0.51 -37.08
N LEU I 143 17.84 0.47 -37.35
CA LEU I 143 16.63 0.66 -36.56
C LEU I 143 15.72 -0.55 -36.67
N TYR I 144 15.40 -0.98 -37.88
CA TYR I 144 14.46 -2.07 -38.06
C TYR I 144 15.14 -3.38 -37.69
N GLN I 145 16.48 -3.44 -37.83
CA GLN I 145 17.20 -4.64 -37.40
C GLN I 145 17.08 -4.80 -35.90
N LYS I 146 17.24 -3.69 -35.17
CA LYS I 146 17.14 -3.67 -33.73
C LYS I 146 15.77 -4.18 -33.29
N ILE I 147 14.71 -3.65 -33.90
CA ILE I 147 13.36 -3.99 -33.48
C ILE I 147 13.07 -5.44 -33.84
N ARG I 148 13.47 -5.87 -35.04
CA ARG I 148 13.29 -7.26 -35.40
C ARG I 148 14.00 -8.18 -34.42
N GLU I 149 15.27 -7.90 -34.12
CA GLU I 149 16.05 -8.75 -33.23
C GLU I 149 15.33 -8.97 -31.90
N ILE I 150 14.82 -7.88 -31.33
CA ILE I 150 14.23 -7.93 -30.00
C ILE I 150 12.94 -8.75 -30.07
N VAL I 151 12.10 -8.47 -31.06
CA VAL I 151 10.87 -9.21 -31.21
C VAL I 151 11.17 -10.68 -31.42
N ALA I 152 12.02 -11.00 -32.41
CA ALA I 152 12.31 -12.38 -32.76
C ALA I 152 12.99 -13.13 -31.60
N SER I 153 13.73 -12.43 -30.74
CA SER I 153 14.45 -13.12 -29.67
C SER I 153 13.46 -13.79 -28.72
N GLY I 154 12.22 -13.30 -28.70
CA GLY I 154 11.24 -13.75 -27.72
C GLY I 154 11.47 -13.10 -26.36
N GLU I 155 12.42 -12.18 -26.27
CA GLU I 155 12.69 -11.52 -25.01
C GLU I 155 11.45 -10.82 -24.45
N LEU I 156 10.62 -10.26 -25.33
CA LEU I 156 9.46 -9.50 -24.89
C LEU I 156 8.21 -10.36 -25.03
N GLY I 157 8.40 -11.66 -25.24
CA GLY I 157 7.28 -12.57 -25.40
C GLY I 157 6.58 -12.38 -26.75
N GLU I 158 5.33 -12.79 -26.82
CA GLU I 158 4.58 -12.80 -28.05
C GLU I 158 3.98 -11.43 -28.33
N ILE I 159 3.81 -11.12 -29.62
CA ILE I 159 3.12 -9.92 -30.03
C ILE I 159 1.63 -10.06 -29.74
N ARG I 160 1.01 -8.97 -29.29
CA ARG I 160 -0.43 -8.90 -29.14
C ARG I 160 -1.05 -7.90 -30.11
N ARG I 161 -0.32 -6.85 -30.49
CA ARG I 161 -0.89 -5.84 -31.37
C ARG I 161 0.22 -5.10 -32.11
N SER I 162 -0.07 -4.68 -33.34
CA SER I 162 0.78 -3.73 -34.05
C SER I 162 -0.12 -2.67 -34.65
N ASN I 163 0.40 -1.44 -34.71
CA ASN I 163 -0.33 -0.35 -35.32
C ASN I 163 0.71 0.55 -35.97
N TRP I 164 0.55 0.81 -37.27
CA TRP I 164 1.44 1.72 -37.96
C TRP I 164 0.62 2.74 -38.73
N ILE I 165 0.73 4.01 -38.32
CA ILE I 165 0.19 5.13 -39.06
C ILE I 165 1.36 5.78 -39.79
N ILE I 166 1.29 5.84 -41.12
CA ILE I 166 2.39 6.41 -41.88
C ILE I 166 1.81 7.23 -43.04
N ASN I 167 1.64 8.53 -42.74
CA ASN I 167 0.93 9.47 -43.58
C ASN I 167 1.85 10.57 -44.09
N ASN I 168 3.15 10.47 -43.85
CA ASN I 168 4.04 11.61 -44.05
C ASN I 168 4.60 11.68 -45.46
N TRP I 169 4.16 10.84 -46.39
CA TRP I 169 4.61 11.02 -47.75
C TRP I 169 3.54 11.71 -48.59
N TYR I 170 3.48 13.04 -48.42
CA TYR I 170 2.56 13.90 -49.15
C TYR I 170 2.94 13.93 -50.62
N ARG I 171 1.96 13.68 -51.49
CA ARG I 171 2.19 13.71 -52.93
C ARG I 171 0.99 14.37 -53.60
N PRO I 172 1.15 15.59 -54.14
CA PRO I 172 0.06 16.29 -54.81
C PRO I 172 -0.17 15.83 -56.24
N ASP I 173 -1.28 16.29 -56.81
CA ASP I 173 -1.67 15.94 -58.18
C ASP I 173 -0.51 16.17 -59.15
N SER I 174 0.26 17.23 -58.95
CA SER I 174 1.41 17.54 -59.79
C SER I 174 2.40 16.38 -59.85
N TYR I 175 2.68 15.74 -58.72
CA TYR I 175 3.57 14.59 -58.68
C TYR I 175 2.97 13.43 -59.47
N TYR I 176 1.66 13.23 -59.30
CA TYR I 176 0.99 12.10 -59.95
C TYR I 176 1.09 12.26 -61.47
N ARG I 177 1.04 13.50 -61.97
CA ARG I 177 1.08 13.74 -63.41
C ARG I 177 2.47 13.48 -64.01
N LEU I 178 3.51 13.38 -63.17
CA LEU I 178 4.88 13.23 -63.66
C LEU I 178 5.11 11.94 -64.44
N SER I 179 4.56 10.79 -64.00
CA SER I 179 4.82 9.52 -64.65
C SER I 179 3.54 8.90 -65.20
N ASP I 180 3.55 8.50 -66.47
CA ASP I 180 2.42 7.81 -67.10
C ASP I 180 2.14 6.45 -66.44
N TRP I 181 3.18 5.65 -66.21
CA TRP I 181 3.00 4.30 -65.66
C TRP I 181 2.52 4.33 -64.20
N ARG I 182 3.02 5.27 -63.39
CA ARG I 182 2.66 5.30 -61.97
C ARG I 182 1.20 5.70 -61.77
N ALA I 183 0.54 5.14 -60.74
CA ALA I 183 -0.83 5.46 -60.35
C ALA I 183 -1.84 5.05 -61.42
N THR I 184 -1.52 4.03 -62.22
CA THR I 184 -2.45 3.51 -63.22
C THR I 184 -2.56 2.01 -62.98
N TRP I 185 -3.78 1.45 -63.01
CA TRP I 185 -3.90 0.04 -62.72
C TRP I 185 -3.09 -0.76 -63.73
N GLY I 186 -3.19 -0.39 -65.00
CA GLY I 186 -2.43 -1.02 -66.07
C GLY I 186 -0.93 -0.75 -65.96
N GLY I 187 -0.53 0.49 -65.65
CA GLY I 187 0.88 0.82 -65.44
C GLY I 187 1.53 0.29 -64.16
N GLU I 188 0.84 0.41 -63.00
CA GLU I 188 1.43 0.07 -61.71
C GLU I 188 0.73 -1.08 -60.98
N GLY I 189 -0.55 -1.30 -61.29
CA GLY I 189 -1.33 -2.29 -60.57
C GLY I 189 -1.89 -1.75 -59.25
N GLY I 190 -1.68 -0.46 -58.99
CA GLY I 190 -2.18 0.17 -57.78
C GLY I 190 -1.60 1.57 -57.63
N GLY I 191 -1.82 2.23 -56.48
CA GLY I 191 -1.18 3.51 -56.22
C GLY I 191 -0.26 3.46 -55.01
N VAL I 192 -0.78 3.81 -53.83
CA VAL I 192 0.04 3.91 -52.62
C VAL I 192 0.61 2.53 -52.27
N LEU I 193 -0.21 1.47 -52.41
CA LEU I 193 0.19 0.13 -52.01
C LEU I 193 1.37 -0.39 -52.83
N VAL I 194 1.40 -0.07 -54.13
CA VAL I 194 2.47 -0.53 -55.02
C VAL I 194 3.65 0.46 -55.04
N ASN I 195 3.50 1.67 -54.48
CA ASN I 195 4.56 2.67 -54.57
C ASN I 195 5.24 2.96 -53.22
N GLN I 196 4.65 3.85 -52.42
CA GLN I 196 5.17 4.19 -51.09
C GLN I 196 5.12 3.03 -50.08
N ALA I 197 4.02 2.25 -50.10
CA ALA I 197 3.73 1.25 -49.06
C ALA I 197 4.64 0.01 -49.03
N PRO I 198 5.18 -0.55 -50.15
CA PRO I 198 5.84 -1.86 -50.13
C PRO I 198 6.98 -2.08 -49.16
N HIS I 199 7.92 -1.14 -49.06
CA HIS I 199 9.01 -1.34 -48.11
C HIS I 199 8.41 -1.52 -46.71
N GLN I 200 7.44 -0.65 -46.36
CA GLN I 200 6.81 -0.67 -45.06
C GLN I 200 6.03 -1.98 -44.86
N LEU I 201 5.31 -2.41 -45.91
CA LEU I 201 4.50 -3.62 -45.81
C LEU I 201 5.39 -4.83 -45.51
N ASP I 202 6.55 -4.91 -46.21
CA ASP I 202 7.51 -5.94 -45.92
C ASP I 202 8.02 -5.82 -44.49
N LEU I 203 8.36 -4.59 -44.05
CA LEU I 203 8.93 -4.39 -42.73
C LEU I 203 7.95 -4.88 -41.68
N TRP I 204 6.67 -4.52 -41.86
CA TRP I 204 5.64 -4.88 -40.90
C TRP I 204 5.57 -6.40 -40.78
N GLN I 205 5.56 -7.07 -41.93
CA GLN I 205 5.55 -8.52 -41.96
C GLN I 205 6.85 -9.09 -41.38
N TRP I 206 7.98 -8.50 -41.74
CA TRP I 206 9.27 -9.01 -41.32
C TRP I 206 9.39 -8.98 -39.78
N ILE I 207 9.03 -7.84 -39.16
CA ILE I 207 9.03 -7.72 -37.70
C ILE I 207 7.86 -8.47 -37.05
N CYS I 208 6.63 -8.37 -37.60
CA CYS I 208 5.45 -8.86 -36.90
C CYS I 208 4.83 -10.15 -37.48
N GLY I 209 5.46 -10.79 -38.47
CA GLY I 209 4.90 -11.98 -39.09
C GLY I 209 3.90 -11.62 -40.19
N ILE I 210 3.30 -12.64 -40.84
CA ILE I 210 2.41 -12.44 -41.97
C ILE I 210 0.96 -12.59 -41.52
N PRO I 211 0.07 -11.63 -41.84
CA PRO I 211 -1.31 -11.68 -41.36
C PRO I 211 -2.09 -12.88 -41.91
N THR I 212 -2.84 -13.56 -41.04
CA THR I 212 -3.74 -14.62 -41.48
C THR I 212 -4.90 -14.03 -42.28
N THR I 213 -5.45 -12.88 -41.83
CA THR I 213 -6.63 -12.30 -42.48
C THR I 213 -6.39 -10.80 -42.66
N VAL I 214 -6.95 -10.22 -43.73
CA VAL I 214 -6.82 -8.79 -44.02
C VAL I 214 -8.19 -8.18 -44.27
N TYR I 215 -8.52 -7.07 -43.59
CA TYR I 215 -9.71 -6.28 -43.91
C TYR I 215 -9.22 -4.86 -44.23
N ALA I 216 -9.64 -4.27 -45.35
CA ALA I 216 -9.09 -2.97 -45.72
C ALA I 216 -10.18 -2.02 -46.23
N ASN I 217 -9.99 -0.71 -46.01
CA ASN I 217 -10.82 0.31 -46.61
C ASN I 217 -9.92 1.15 -47.51
N CYS I 218 -10.05 0.98 -48.82
CA CYS I 218 -9.16 1.63 -49.77
C CYS I 218 -9.97 2.64 -50.57
N ILE I 219 -9.57 3.91 -50.53
CA ILE I 219 -10.26 4.95 -51.26
C ILE I 219 -9.46 5.27 -52.52
N ASN I 220 -10.10 5.16 -53.68
CA ASN I 220 -9.45 5.55 -54.92
C ASN I 220 -9.61 7.06 -55.12
N GLY I 221 -8.53 7.71 -55.58
CA GLY I 221 -8.57 9.13 -55.90
C GLY I 221 -9.04 9.97 -54.72
N SER I 222 -8.45 9.73 -53.55
CA SER I 222 -8.74 10.50 -52.36
C SER I 222 -8.07 11.86 -52.48
N HIS I 223 -8.88 12.90 -52.68
CA HIS I 223 -8.37 14.26 -52.86
C HIS I 223 -7.37 14.32 -54.02
N ARG I 224 -7.45 13.36 -54.94
CA ARG I 224 -6.50 13.28 -56.04
C ARG I 224 -7.22 12.75 -57.29
N ASP I 225 -6.70 13.17 -58.44
CA ASP I 225 -7.29 12.87 -59.72
C ASP I 225 -6.61 11.63 -60.31
N ILE I 226 -6.81 10.49 -59.64
CA ILE I 226 -6.27 9.21 -60.07
C ILE I 226 -7.34 8.15 -59.81
N ALA I 227 -7.17 6.98 -60.42
CA ALA I 227 -8.17 5.92 -60.31
C ALA I 227 -7.74 4.89 -59.28
N VAL I 228 -6.56 5.05 -58.68
CA VAL I 228 -6.00 4.01 -57.82
C VAL I 228 -6.11 4.48 -56.36
N GLU I 229 -5.78 3.57 -55.44
CA GLU I 229 -5.98 3.86 -54.02
C GLU I 229 -4.85 4.77 -53.52
N ASN I 230 -5.19 5.75 -52.68
CA ASN I 230 -4.18 6.54 -52.01
C ASN I 230 -4.60 6.94 -50.60
N ASP I 231 -5.60 6.25 -50.02
CA ASP I 231 -5.94 6.37 -48.61
C ASP I 231 -6.41 4.99 -48.17
N VAL I 232 -5.62 4.35 -47.30
CA VAL I 232 -5.80 2.94 -46.99
C VAL I 232 -5.79 2.75 -45.49
N THR I 233 -6.78 2.01 -44.99
CA THR I 233 -6.81 1.61 -43.60
C THR I 233 -6.97 0.10 -43.56
N VAL I 234 -6.10 -0.60 -42.82
CA VAL I 234 -6.08 -2.04 -42.86
C VAL I 234 -6.22 -2.60 -41.45
N LEU I 235 -7.02 -3.67 -41.26
CA LEU I 235 -6.95 -4.49 -40.05
C LEU I 235 -6.47 -5.89 -40.41
N THR I 236 -5.57 -6.40 -39.58
CA THR I 236 -5.01 -7.72 -39.78
C THR I 236 -5.22 -8.56 -38.52
N GLU I 237 -5.20 -9.89 -38.71
CA GLU I 237 -5.11 -10.87 -37.64
C GLU I 237 -3.92 -11.78 -37.94
N TYR I 238 -3.48 -12.53 -36.93
CA TYR I 238 -2.24 -13.27 -36.99
C TYR I 238 -2.47 -14.66 -36.38
N GLU I 239 -1.66 -15.63 -36.78
CA GLU I 239 -1.82 -17.00 -36.30
C GLU I 239 -2.01 -17.04 -34.79
N ASN I 240 -1.26 -16.23 -34.06
CA ASN I 240 -1.22 -16.32 -32.60
C ASN I 240 -2.30 -15.48 -31.91
N GLY I 241 -3.24 -14.90 -32.66
CA GLY I 241 -4.36 -14.18 -32.06
C GLY I 241 -4.15 -12.67 -32.00
N ALA I 242 -2.96 -12.20 -32.38
CA ALA I 242 -2.68 -10.77 -32.37
C ALA I 242 -3.50 -10.06 -33.43
N THR I 243 -3.64 -8.74 -33.29
CA THR I 243 -4.27 -7.89 -34.29
C THR I 243 -3.25 -6.88 -34.80
N GLY I 244 -3.58 -6.26 -35.94
CA GLY I 244 -2.75 -5.20 -36.47
C GLY I 244 -3.58 -4.18 -37.23
N SER I 245 -3.01 -2.98 -37.40
CA SER I 245 -3.63 -1.95 -38.22
C SER I 245 -2.51 -1.20 -38.93
N PHE I 246 -2.86 -0.70 -40.13
CA PHE I 246 -1.93 0.04 -40.97
C PHE I 246 -2.74 1.11 -41.68
N ILE I 247 -2.27 2.36 -41.58
CA ILE I 247 -2.96 3.49 -42.18
C ILE I 247 -1.96 4.29 -42.99
N THR I 248 -2.28 4.64 -44.24
CA THR I 248 -1.37 5.44 -45.03
C THR I 248 -2.15 6.22 -46.08
N CYS I 249 -1.63 7.38 -46.49
CA CYS I 249 -2.28 8.18 -47.52
C CYS I 249 -1.29 9.21 -48.05
N THR I 250 -1.63 9.84 -49.17
CA THR I 250 -0.72 10.78 -49.79
C THR I 250 -1.29 12.19 -49.78
N HIS I 251 -2.32 12.45 -48.96
CA HIS I 251 -2.94 13.77 -48.96
C HIS I 251 -2.79 14.49 -47.62
N ASP I 252 -1.92 13.98 -46.74
CA ASP I 252 -1.72 14.55 -45.42
C ASP I 252 -0.49 15.44 -45.44
N LEU I 253 -0.69 16.76 -45.27
CA LEU I 253 0.41 17.72 -45.26
C LEU I 253 1.32 17.54 -44.05
N LEU I 254 0.87 16.85 -43.01
CA LEU I 254 1.64 16.80 -41.78
C LEU I 254 1.41 15.45 -41.12
N GLY I 255 1.82 14.41 -41.85
CA GLY I 255 1.35 13.08 -41.54
C GLY I 255 2.13 12.47 -40.39
N THR I 256 1.39 11.81 -39.49
CA THR I 256 1.99 10.97 -38.48
C THR I 256 2.77 9.83 -39.12
N ASP I 257 3.89 9.45 -38.49
CA ASP I 257 4.61 8.20 -38.77
C ASP I 257 4.93 7.57 -37.42
N ARG I 258 4.04 6.70 -36.94
CA ARG I 258 4.17 6.12 -35.60
C ARG I 258 3.85 4.64 -35.69
N PHE I 259 4.80 3.79 -35.28
CA PHE I 259 4.67 2.36 -35.36
C PHE I 259 4.76 1.79 -33.95
N GLU I 260 3.69 1.14 -33.50
CA GLU I 260 3.61 0.62 -32.15
C GLU I 260 3.51 -0.90 -32.23
N ILE I 261 4.24 -1.59 -31.37
CA ILE I 261 4.10 -3.01 -31.19
C ILE I 261 3.91 -3.25 -29.71
N ASP I 262 2.83 -3.97 -29.38
CA ASP I 262 2.49 -4.30 -28.00
C ASP I 262 2.69 -5.78 -27.81
N LEU I 263 3.40 -6.16 -26.75
CA LEU I 263 3.80 -7.53 -26.54
C LEU I 263 3.46 -7.95 -25.12
N ASP I 264 3.58 -9.25 -24.88
CA ASP I 264 3.28 -9.85 -23.61
C ASP I 264 4.20 -9.23 -22.57
N GLY I 265 5.43 -8.89 -22.97
CA GLY I 265 6.47 -8.51 -22.01
C GLY I 265 7.03 -7.10 -22.22
N GLY I 266 6.46 -6.36 -23.16
CA GLY I 266 6.91 -4.99 -23.32
C GLY I 266 6.19 -4.31 -24.47
N LYS I 267 6.76 -3.17 -24.88
CA LYS I 267 6.12 -2.34 -25.87
C LYS I 267 7.21 -1.64 -26.67
N ILE I 268 6.94 -1.42 -27.96
CA ILE I 268 7.91 -0.73 -28.79
C ILE I 268 7.16 0.38 -29.51
N VAL I 269 7.73 1.57 -29.55
CA VAL I 269 7.14 2.66 -30.29
C VAL I 269 8.24 3.28 -31.13
N VAL I 270 7.98 3.40 -32.43
CA VAL I 270 8.95 3.96 -33.33
C VAL I 270 8.37 5.22 -33.93
N GLU I 271 9.09 6.34 -33.75
CA GLU I 271 8.60 7.64 -34.21
C GLU I 271 9.42 8.09 -35.40
N ASP I 272 8.73 8.50 -36.47
CA ASP I 272 9.31 9.18 -37.62
C ASP I 272 10.34 8.30 -38.31
N SER I 273 10.31 6.98 -38.06
CA SER I 273 11.19 6.04 -38.71
C SER I 273 12.66 6.33 -38.41
N LYS I 274 12.92 7.03 -37.29
CA LYS I 274 14.28 7.32 -36.85
C LYS I 274 14.51 6.82 -35.43
N LYS I 275 13.50 6.87 -34.57
CA LYS I 275 13.75 6.73 -33.14
C LYS I 275 12.78 5.71 -32.54
N ALA I 276 13.32 4.81 -31.71
CA ALA I 276 12.53 3.74 -31.13
C ALA I 276 12.61 3.79 -29.62
N TYR I 277 11.45 3.67 -28.97
CA TYR I 277 11.39 3.57 -27.52
C TYR I 277 11.02 2.12 -27.21
N ILE I 278 11.87 1.43 -26.44
CA ILE I 278 11.63 0.04 -26.10
C ILE I 278 11.31 -0.02 -24.61
N TYR I 279 10.14 -0.54 -24.27
CA TYR I 279 9.72 -0.63 -22.88
C TYR I 279 9.70 -2.10 -22.50
N ARG I 280 10.43 -2.46 -21.45
CA ARG I 280 10.41 -3.83 -20.94
C ARG I 280 9.65 -3.85 -19.63
N PHE I 281 8.57 -4.63 -19.58
CA PHE I 281 7.80 -4.79 -18.35
C PHE I 281 8.64 -5.58 -17.37
N LYS I 282 8.56 -5.22 -16.08
CA LYS I 282 9.25 -5.98 -15.04
C LYS I 282 8.80 -7.42 -15.07
N GLU I 283 7.49 -7.60 -15.22
CA GLU I 283 6.89 -8.91 -15.32
C GLU I 283 5.96 -8.91 -16.52
N THR I 284 5.80 -10.07 -17.15
CA THR I 284 4.89 -10.19 -18.27
C THR I 284 3.47 -9.96 -17.76
N GLU I 285 2.61 -9.47 -18.67
CA GLU I 285 1.23 -9.22 -18.31
C GLU I 285 0.59 -10.54 -17.88
N THR I 286 0.92 -11.64 -18.57
CA THR I 286 0.38 -12.95 -18.23
C THR I 286 0.65 -13.23 -16.76
N ALA I 287 1.88 -12.94 -16.31
CA ALA I 287 2.27 -13.13 -14.92
C ALA I 287 1.43 -12.23 -14.00
N VAL I 288 1.28 -10.96 -14.39
CA VAL I 288 0.55 -10.00 -13.57
C VAL I 288 -0.91 -10.47 -13.44
N ASN I 289 -1.49 -10.92 -14.55
CA ASN I 289 -2.88 -11.33 -14.59
C ASN I 289 -3.07 -12.54 -13.68
N ALA I 290 -2.08 -13.44 -13.67
CA ALA I 290 -2.13 -14.66 -12.88
C ALA I 290 -2.13 -14.37 -11.38
N ARG I 291 -1.55 -13.24 -10.95
CA ARG I 291 -1.32 -12.93 -9.56
C ARG I 291 -2.51 -13.09 -8.60
N ASP I 292 -3.77 -12.85 -9.01
CA ASP I 292 -4.88 -12.88 -8.07
C ASP I 292 -4.72 -11.82 -6.99
N MET I 293 -4.05 -10.69 -7.28
CA MET I 293 -3.75 -9.67 -6.30
C MET I 293 -5.06 -9.00 -5.87
N ASP I 310 6.75 4.21 -13.15
CA ASP I 310 8.06 4.04 -13.85
C ASP I 310 8.83 2.85 -13.26
N LYS I 311 8.54 2.44 -12.02
CA LYS I 311 9.17 1.27 -11.42
C LYS I 311 8.82 -0.01 -12.20
N MET I 312 7.60 -0.03 -12.77
CA MET I 312 7.07 -1.23 -13.42
C MET I 312 7.72 -1.51 -14.77
N PHE I 313 8.26 -0.49 -15.44
CA PHE I 313 8.86 -0.69 -16.75
C PHE I 313 10.22 0.00 -16.82
N GLU I 314 11.07 -0.50 -17.71
CA GLU I 314 12.36 0.12 -18.01
C GLU I 314 12.37 0.51 -19.47
N VAL I 315 12.96 1.67 -19.80
CA VAL I 315 12.88 2.19 -21.16
C VAL I 315 14.28 2.24 -21.76
N GLU I 316 14.43 1.69 -22.97
CA GLU I 316 15.66 1.76 -23.76
C GLU I 316 15.36 2.56 -25.03
N GLU I 317 16.31 3.38 -25.47
CA GLU I 317 16.12 4.23 -26.64
C GLU I 317 17.12 3.84 -27.72
N PHE I 318 16.66 3.83 -28.98
CA PHE I 318 17.52 3.56 -30.12
C PHE I 318 17.19 4.61 -31.18
N GLU I 319 18.21 5.19 -31.81
CA GLU I 319 18.00 6.10 -32.92
C GLU I 319 19.01 5.77 -34.02
N ASN I 320 18.54 5.69 -35.28
CA ASN I 320 19.41 5.60 -36.43
C ASN I 320 18.79 6.37 -37.60
N THR I 321 19.62 7.13 -38.31
CA THR I 321 19.19 7.73 -39.56
C THR I 321 20.21 7.31 -40.61
N ASP I 322 19.72 6.88 -41.78
CA ASP I 322 20.59 6.42 -42.84
C ASP I 322 20.66 7.49 -43.92
N GLY I 323 21.89 7.84 -44.34
CA GLY I 323 22.09 8.89 -45.32
C GLY I 323 21.71 8.44 -46.72
N TRP I 324 21.61 9.40 -47.64
CA TRP I 324 21.22 9.10 -49.01
C TRP I 324 22.20 8.09 -49.60
N GLY I 325 21.64 7.02 -50.17
CA GLY I 325 22.43 6.02 -50.87
C GLY I 325 22.87 4.87 -49.97
N TYR I 326 22.84 5.06 -48.64
CA TYR I 326 23.41 4.07 -47.75
C TYR I 326 22.69 2.74 -47.94
N GLN I 327 21.37 2.77 -47.88
CA GLN I 327 20.58 1.56 -47.83
C GLN I 327 20.74 0.79 -49.13
N HIS I 328 20.61 1.49 -50.26
CA HIS I 328 20.64 0.85 -51.56
C HIS I 328 22.03 0.25 -51.84
N THR I 329 23.08 1.04 -51.52
CA THR I 329 24.43 0.56 -51.72
C THR I 329 24.69 -0.64 -50.81
N THR I 330 24.19 -0.59 -49.58
CA THR I 330 24.44 -1.65 -48.62
C THR I 330 23.82 -2.94 -49.13
N VAL I 331 22.64 -2.87 -49.72
CA VAL I 331 22.01 -4.05 -50.32
C VAL I 331 22.89 -4.53 -51.47
N MET I 332 23.27 -3.60 -52.36
CA MET I 332 24.10 -3.94 -53.49
C MET I 332 25.36 -4.68 -53.00
N GLU I 333 25.95 -4.19 -51.92
CA GLU I 333 27.19 -4.73 -51.39
C GLU I 333 26.93 -6.12 -50.78
N ASN I 334 25.83 -6.23 -50.05
CA ASN I 334 25.42 -7.48 -49.42
C ASN I 334 25.22 -8.53 -50.50
N PHE I 335 24.52 -8.14 -51.56
CA PHE I 335 24.20 -9.00 -52.68
C PHE I 335 25.47 -9.47 -53.38
N ALA I 336 26.37 -8.52 -53.65
CA ALA I 336 27.66 -8.85 -54.24
C ALA I 336 28.37 -9.86 -53.37
N GLN I 337 28.34 -9.64 -52.05
CA GLN I 337 29.08 -10.48 -51.12
C GLN I 337 28.52 -11.91 -51.15
N HIS I 338 27.19 -12.06 -51.34
CA HIS I 338 26.61 -13.40 -51.41
C HIS I 338 27.21 -14.14 -52.60
N ILE I 339 27.24 -13.46 -53.75
CA ILE I 339 27.78 -14.02 -54.97
C ILE I 339 29.23 -14.45 -54.73
N ILE I 340 30.01 -13.59 -54.04
CA ILE I 340 31.46 -13.76 -53.96
C ILE I 340 31.82 -14.84 -52.94
N ASP I 341 31.30 -14.76 -51.71
CA ASP I 341 31.80 -15.61 -50.64
C ASP I 341 30.66 -16.27 -49.84
N GLY I 342 29.43 -16.21 -50.35
CA GLY I 342 28.31 -16.88 -49.71
C GLY I 342 27.71 -16.12 -48.51
N THR I 343 28.20 -14.91 -48.20
CA THR I 343 27.56 -14.11 -47.16
C THR I 343 26.04 -14.19 -47.32
N PRO I 344 25.27 -14.49 -46.25
CA PRO I 344 23.81 -14.50 -46.33
C PRO I 344 23.21 -13.17 -46.76
N LEU I 345 22.08 -13.24 -47.49
CA LEU I 345 21.37 -12.06 -47.97
C LEU I 345 20.47 -11.51 -46.87
N LEU I 346 20.51 -10.19 -46.69
CA LEU I 346 19.56 -9.50 -45.83
C LEU I 346 18.17 -9.69 -46.41
N ALA I 347 18.08 -9.61 -47.75
CA ALA I 347 16.82 -9.65 -48.47
C ALA I 347 16.83 -10.75 -49.51
N PRO I 348 16.57 -12.02 -49.11
CA PRO I 348 16.45 -13.14 -50.04
C PRO I 348 15.22 -12.90 -50.89
N GLY I 349 15.30 -13.09 -52.20
CA GLY I 349 14.26 -12.64 -53.14
C GLY I 349 12.92 -13.33 -52.89
N SER I 350 12.97 -14.54 -52.32
CA SER I 350 11.77 -15.30 -52.10
C SER I 350 10.82 -14.52 -51.17
N ASP I 351 11.39 -13.71 -50.27
CA ASP I 351 10.63 -12.94 -49.30
C ASP I 351 9.78 -11.87 -49.97
N GLY I 352 10.08 -11.50 -51.22
CA GLY I 352 9.37 -10.43 -51.91
C GLY I 352 7.87 -10.69 -51.98
N ILE I 353 7.50 -11.97 -51.96
CA ILE I 353 6.11 -12.35 -52.17
C ILE I 353 5.25 -11.99 -50.96
N ASN I 354 5.85 -11.92 -49.76
CA ASN I 354 5.08 -11.63 -48.57
C ASN I 354 4.39 -10.28 -48.75
N GLY I 355 5.17 -9.29 -49.19
CA GLY I 355 4.69 -7.94 -49.35
C GLY I 355 3.68 -7.84 -50.50
N VAL I 356 3.90 -8.63 -51.55
CA VAL I 356 3.00 -8.58 -52.68
C VAL I 356 1.66 -9.20 -52.29
N ARG I 357 1.69 -10.35 -51.64
CA ARG I 357 0.47 -11.00 -51.21
C ARG I 357 -0.34 -10.06 -50.33
N LEU I 358 0.34 -9.35 -49.42
CA LEU I 358 -0.36 -8.50 -48.48
C LEU I 358 -1.03 -7.36 -49.24
N ALA I 359 -0.30 -6.77 -50.19
CA ALA I 359 -0.82 -5.68 -51.00
C ALA I 359 -2.02 -6.15 -51.80
N ASN I 360 -1.92 -7.35 -52.38
CA ASN I 360 -3.02 -7.93 -53.14
C ASN I 360 -4.24 -8.12 -52.22
N ALA I 361 -4.00 -8.65 -51.01
CA ALA I 361 -5.09 -8.97 -50.11
C ALA I 361 -5.78 -7.67 -49.69
N ILE I 362 -4.97 -6.64 -49.41
CA ILE I 362 -5.53 -5.35 -49.03
C ILE I 362 -6.42 -4.85 -50.16
N GLN I 363 -5.92 -4.89 -51.40
CA GLN I 363 -6.67 -4.35 -52.52
C GLN I 363 -7.99 -5.10 -52.71
N LEU I 364 -7.93 -6.43 -52.59
CA LEU I 364 -9.07 -7.28 -52.89
C LEU I 364 -10.14 -7.11 -51.82
N SER I 365 -9.69 -7.02 -50.56
CA SER I 365 -10.59 -6.69 -49.47
C SER I 365 -11.26 -5.35 -49.76
N GLY I 366 -10.42 -4.38 -50.17
CA GLY I 366 -10.85 -3.05 -50.50
C GLY I 366 -11.90 -3.05 -51.61
N TRP I 367 -11.68 -3.87 -52.64
CA TRP I 367 -12.59 -3.91 -53.77
C TRP I 367 -13.92 -4.59 -53.42
N THR I 368 -13.88 -5.61 -52.55
CA THR I 368 -15.06 -6.42 -52.29
C THR I 368 -15.78 -5.97 -51.02
N GLY I 369 -15.17 -5.11 -50.19
CA GLY I 369 -15.77 -4.66 -48.94
C GLY I 369 -15.90 -5.79 -47.91
N GLU I 370 -15.04 -6.80 -48.01
CA GLU I 370 -15.13 -7.96 -47.14
C GLU I 370 -13.74 -8.33 -46.62
N LYS I 371 -13.72 -8.90 -45.43
CA LYS I 371 -12.54 -9.52 -44.88
C LYS I 371 -12.12 -10.68 -45.80
N VAL I 372 -10.82 -10.89 -45.95
CA VAL I 372 -10.30 -11.99 -46.75
C VAL I 372 -9.20 -12.69 -45.97
N ALA I 373 -9.05 -13.98 -46.23
CA ALA I 373 -7.88 -14.70 -45.76
C ALA I 373 -6.67 -14.26 -46.59
N ASN I 374 -5.51 -14.27 -45.94
CA ASN I 374 -4.26 -13.92 -46.59
C ASN I 374 -3.39 -15.17 -46.63
N PRO I 375 -2.90 -15.60 -47.81
CA PRO I 375 -3.09 -14.86 -49.07
C PRO I 375 -4.41 -15.18 -49.75
N VAL I 376 -4.80 -14.29 -50.66
CA VAL I 376 -6.03 -14.43 -51.42
C VAL I 376 -5.76 -15.32 -52.62
N ASP I 377 -6.84 -15.81 -53.26
CA ASP I 377 -6.73 -16.59 -54.48
C ASP I 377 -6.12 -15.73 -55.57
N GLU I 378 -5.04 -16.23 -56.19
CA GLU I 378 -4.30 -15.48 -57.19
C GLU I 378 -5.19 -15.11 -58.37
N ASP I 379 -5.99 -16.08 -58.84
CA ASP I 379 -6.79 -15.89 -60.03
C ASP I 379 -7.88 -14.85 -59.76
N LYS I 380 -8.48 -14.88 -58.55
CA LYS I 380 -9.52 -13.95 -58.21
C LYS I 380 -8.99 -12.52 -58.22
N TYR I 381 -7.80 -12.32 -57.64
CA TYR I 381 -7.16 -11.02 -57.61
C TYR I 381 -6.90 -10.56 -59.04
N LEU I 382 -6.34 -11.45 -59.86
CA LEU I 382 -5.93 -11.08 -61.20
C LEU I 382 -7.14 -10.62 -62.00
N ALA I 383 -8.25 -11.34 -61.84
CA ALA I 383 -9.49 -11.00 -62.54
C ALA I 383 -9.93 -9.58 -62.19
N GLU I 384 -9.94 -9.28 -60.88
CA GLU I 384 -10.40 -7.99 -60.38
C GLU I 384 -9.45 -6.89 -60.85
N LEU I 385 -8.14 -7.17 -60.84
CA LEU I 385 -7.17 -6.22 -61.35
C LEU I 385 -7.42 -5.98 -62.84
N ASN I 386 -7.61 -7.08 -63.59
CA ASN I 386 -7.76 -7.01 -65.04
C ASN I 386 -9.02 -6.22 -65.38
N LYS I 387 -10.08 -6.43 -64.61
CA LYS I 387 -11.33 -5.71 -64.83
C LYS I 387 -11.07 -4.20 -64.77
N ARG I 388 -10.34 -3.79 -63.74
CA ARG I 388 -9.99 -2.38 -63.56
C ARG I 388 -9.09 -1.89 -64.68
N ILE I 389 -8.13 -2.72 -65.11
CA ILE I 389 -7.22 -2.37 -66.19
C ILE I 389 -8.03 -2.11 -67.46
N GLU I 390 -8.97 -3.01 -67.74
CA GLU I 390 -9.80 -2.93 -68.93
C GLU I 390 -10.59 -1.63 -68.94
N ALA I 391 -11.20 -1.29 -67.80
CA ALA I 391 -12.00 -0.07 -67.70
C ALA I 391 -11.12 1.16 -67.90
N GLU I 392 -9.91 1.13 -67.33
CA GLU I 392 -8.98 2.26 -67.42
C GLU I 392 -8.64 2.52 -68.89
N GLY I 393 -8.34 1.44 -69.61
CA GLY I 393 -8.14 1.50 -71.05
C GLY I 393 -6.79 2.09 -71.44
N LYS I 394 -5.89 2.24 -70.48
CA LYS I 394 -4.61 2.87 -70.77
C LYS I 394 -3.59 1.80 -71.18
N PHE I 395 -3.81 0.55 -70.75
CA PHE I 395 -2.80 -0.49 -70.89
C PHE I 395 -3.46 -1.83 -71.18
N PRO I 396 -2.73 -2.78 -71.81
CA PRO I 396 -3.27 -4.12 -72.07
C PRO I 396 -3.51 -4.94 -70.81
N VAL I 397 -4.56 -5.76 -70.84
CA VAL I 397 -4.88 -6.66 -69.75
C VAL I 397 -3.80 -7.74 -69.65
N ARG I 398 -3.64 -8.31 -68.46
CA ARG I 398 -2.58 -9.26 -68.17
C ARG I 398 -3.13 -10.67 -68.24
N GLU I 399 -2.39 -11.59 -68.86
CA GLU I 399 -2.65 -13.01 -68.80
C GLU I 399 -3.06 -13.47 -67.39
N MET J 1 23.82 -28.59 -39.84
CA MET J 1 23.91 -28.86 -38.37
C MET J 1 23.00 -27.84 -37.70
N GLU J 2 21.94 -28.27 -37.00
CA GLU J 2 20.99 -27.30 -36.45
C GLU J 2 21.67 -26.51 -35.33
N LYS J 3 22.43 -27.19 -34.47
CA LYS J 3 23.01 -26.55 -33.30
C LYS J 3 24.49 -26.93 -33.16
N VAL J 4 25.30 -26.00 -32.62
CA VAL J 4 26.70 -26.25 -32.33
C VAL J 4 26.83 -26.35 -30.81
N ARG J 5 27.33 -27.50 -30.32
CA ARG J 5 27.56 -27.63 -28.89
C ARG J 5 28.85 -26.91 -28.51
N TYR J 6 28.81 -26.18 -27.40
CA TYR J 6 29.95 -25.38 -26.99
C TYR J 6 30.48 -25.97 -25.70
N GLY J 7 31.79 -26.09 -25.59
CA GLY J 7 32.38 -26.51 -24.33
C GLY J 7 33.06 -25.31 -23.71
N ILE J 8 32.74 -25.04 -22.44
CA ILE J 8 33.26 -23.87 -21.77
C ILE J 8 34.47 -24.31 -20.96
N ILE J 9 35.61 -23.69 -21.21
CA ILE J 9 36.79 -23.98 -20.44
C ILE J 9 36.91 -22.82 -19.46
N GLY J 10 36.82 -23.09 -18.16
CA GLY J 10 36.81 -22.04 -17.17
C GLY J 10 35.38 -21.60 -16.89
N VAL J 11 34.68 -22.28 -15.99
CA VAL J 11 33.36 -21.82 -15.60
C VAL J 11 33.53 -20.83 -14.45
N GLY J 12 34.22 -19.71 -14.76
CA GLY J 12 34.42 -18.60 -13.85
C GLY J 12 33.32 -17.57 -14.11
N ASN J 13 33.58 -16.30 -13.85
CA ASN J 13 32.51 -15.33 -14.04
C ASN J 13 32.05 -15.32 -15.48
N GLN J 14 32.97 -15.23 -16.44
CA GLN J 14 32.57 -15.19 -17.85
C GLN J 14 31.98 -16.55 -18.25
N GLY J 15 32.63 -17.64 -17.84
CA GLY J 15 32.20 -18.97 -18.23
C GLY J 15 30.80 -19.27 -17.71
N GLY J 16 30.56 -18.89 -16.46
CA GLY J 16 29.27 -19.08 -15.84
C GLY J 16 28.19 -18.34 -16.62
N ALA J 17 28.52 -17.11 -17.01
CA ALA J 17 27.57 -16.28 -17.72
C ALA J 17 27.19 -16.97 -19.04
N TYR J 18 28.22 -17.47 -19.72
CA TYR J 18 28.03 -18.12 -21.01
C TYR J 18 27.13 -19.33 -20.83
N ALA J 19 27.40 -20.08 -19.76
CA ALA J 19 26.66 -21.30 -19.51
C ALA J 19 25.18 -20.96 -19.35
N GLY J 20 24.92 -19.89 -18.58
CA GLY J 20 23.56 -19.45 -18.36
C GLY J 20 22.89 -19.09 -19.68
N PHE J 21 23.62 -18.37 -20.53
CA PHE J 21 23.02 -17.86 -21.75
C PHE J 21 22.58 -19.02 -22.63
N LEU J 22 23.45 -20.02 -22.74
CA LEU J 22 23.17 -21.19 -23.58
C LEU J 22 22.03 -22.02 -22.99
N THR J 23 22.01 -22.15 -21.65
CA THR J 23 20.97 -22.92 -20.98
C THR J 23 19.65 -22.17 -20.96
N GLY J 24 19.67 -20.84 -21.04
CA GLY J 24 18.44 -20.09 -20.85
C GLY J 24 18.17 -19.91 -19.36
N THR J 25 19.14 -20.28 -18.52
CA THR J 25 19.08 -20.09 -17.08
C THR J 25 19.73 -18.77 -16.68
N GLY J 26 20.17 -17.98 -17.65
CA GLY J 26 20.89 -16.74 -17.42
C GLY J 26 20.10 -15.64 -16.70
N ASN J 27 18.81 -15.49 -17.01
CA ASN J 27 18.08 -14.29 -16.59
C ASN J 27 18.00 -14.21 -15.06
N VAL J 28 18.18 -12.98 -14.53
CA VAL J 28 18.02 -12.68 -13.12
C VAL J 28 16.92 -11.63 -13.01
N PRO J 29 15.92 -11.77 -12.12
CA PRO J 29 14.88 -10.75 -12.03
C PRO J 29 15.63 -9.47 -11.71
N GLY J 30 15.28 -8.41 -12.42
CA GLY J 30 16.00 -7.17 -12.33
C GLY J 30 17.13 -7.07 -13.36
N MET J 31 17.30 -8.09 -14.22
CA MET J 31 18.22 -7.96 -15.36
C MET J 31 17.85 -8.96 -16.46
N PRO J 32 17.22 -8.50 -17.56
CA PRO J 32 16.85 -9.41 -18.65
C PRO J 32 18.15 -9.98 -19.22
N ALA J 33 18.08 -11.22 -19.70
CA ALA J 33 19.22 -11.86 -20.36
C ALA J 33 18.79 -12.31 -21.77
N ALA J 34 19.77 -12.35 -22.68
CA ALA J 34 19.50 -12.72 -24.06
C ALA J 34 19.15 -14.21 -24.12
N PRO J 35 18.13 -14.61 -24.92
CA PRO J 35 17.72 -16.01 -24.99
C PRO J 35 18.79 -16.83 -25.70
N CYS J 36 18.73 -18.16 -25.54
CA CYS J 36 19.74 -19.00 -26.19
C CYS J 36 19.69 -18.79 -27.70
N PRO J 37 20.84 -18.56 -28.36
CA PRO J 37 20.84 -18.35 -29.80
C PRO J 37 20.35 -19.63 -30.48
N PRO J 38 19.68 -19.52 -31.64
CA PRO J 38 19.11 -20.69 -32.32
C PRO J 38 20.06 -21.83 -32.63
N HIS J 39 21.27 -21.49 -33.08
CA HIS J 39 22.24 -22.48 -33.54
C HIS J 39 23.25 -22.83 -32.46
N CYS J 40 23.00 -22.43 -31.20
CA CYS J 40 23.97 -22.63 -30.13
C CYS J 40 23.40 -23.48 -29.01
N ALA J 41 24.24 -24.33 -28.42
CA ALA J 41 23.90 -25.09 -27.22
C ALA J 41 25.14 -25.32 -26.36
N LEU J 42 24.93 -25.68 -25.10
CA LEU J 42 26.02 -25.96 -24.17
C LEU J 42 26.30 -27.46 -24.19
N GLY J 43 27.44 -27.85 -24.79
CA GLY J 43 27.83 -29.26 -24.84
C GLY J 43 28.44 -29.76 -23.52
N ALA J 44 29.33 -28.96 -22.91
CA ALA J 44 30.06 -29.43 -21.74
C ALA J 44 30.70 -28.27 -20.97
N LEU J 45 31.09 -28.56 -19.72
CA LEU J 45 31.71 -27.59 -18.83
C LEU J 45 33.04 -28.15 -18.32
N CYS J 46 34.09 -27.32 -18.29
CA CYS J 46 35.39 -27.74 -17.78
C CYS J 46 35.95 -26.72 -16.81
N ASP J 47 36.34 -27.16 -15.60
CA ASP J 47 37.09 -26.31 -14.68
C ASP J 47 38.02 -27.17 -13.82
N ILE J 48 39.17 -26.61 -13.46
CA ILE J 48 40.12 -27.32 -12.60
C ILE J 48 39.72 -27.20 -11.12
N ASP J 49 38.88 -26.20 -10.78
CA ASP J 49 38.55 -25.95 -9.39
C ASP J 49 37.41 -26.86 -8.95
N PRO J 50 37.58 -27.58 -7.82
CA PRO J 50 36.55 -28.51 -7.34
C PRO J 50 35.23 -27.81 -7.01
N GLN J 51 35.31 -26.59 -6.45
CA GLN J 51 34.12 -25.85 -6.08
C GLN J 51 33.29 -25.57 -7.32
N LYS J 52 33.97 -25.21 -8.42
CA LYS J 52 33.30 -24.94 -9.67
C LYS J 52 32.59 -26.20 -10.18
N GLU J 53 33.26 -27.35 -10.03
CA GLU J 53 32.68 -28.63 -10.42
C GLU J 53 31.40 -28.88 -9.63
N GLU J 54 31.45 -28.60 -8.33
CA GLU J 54 30.29 -28.79 -7.46
C GLU J 54 29.16 -27.88 -7.92
N MET J 55 29.48 -26.63 -8.21
CA MET J 55 28.47 -25.70 -8.69
C MET J 55 27.91 -26.23 -10.00
N CYS J 56 28.78 -26.76 -10.86
CA CYS J 56 28.36 -27.28 -12.15
C CYS J 56 27.44 -28.49 -11.98
N LYS J 57 27.73 -29.35 -10.99
CA LYS J 57 26.85 -30.48 -10.68
C LYS J 57 25.49 -29.99 -10.21
N GLU J 58 25.48 -28.86 -9.47
CA GLU J 58 24.24 -28.36 -8.89
C GLU J 58 23.40 -27.67 -9.97
N LYS J 59 24.01 -26.69 -10.67
CA LYS J 59 23.27 -25.85 -11.59
C LYS J 59 23.03 -26.56 -12.93
N TYR J 60 23.94 -27.44 -13.33
CA TYR J 60 23.88 -28.01 -14.67
C TYR J 60 24.08 -29.52 -14.57
N PRO J 61 23.14 -30.23 -13.90
CA PRO J 61 23.38 -31.62 -13.50
C PRO J 61 23.49 -32.58 -14.68
N ASP J 62 22.86 -32.23 -15.81
CA ASP J 62 22.80 -33.13 -16.96
C ASP J 62 23.81 -32.69 -18.02
N VAL J 63 24.73 -31.82 -17.63
CA VAL J 63 25.73 -31.33 -18.57
C VAL J 63 27.08 -31.96 -18.23
N PRO J 64 27.68 -32.69 -19.20
CA PRO J 64 28.97 -33.35 -18.98
C PRO J 64 30.00 -32.38 -18.43
N PHE J 65 30.75 -32.80 -17.41
CA PHE J 65 31.77 -31.98 -16.79
C PHE J 65 33.15 -32.64 -16.94
N TYR J 66 34.20 -31.84 -17.17
CA TYR J 66 35.56 -32.38 -17.31
C TYR J 66 36.56 -31.51 -16.56
N LYS J 67 37.48 -32.12 -15.80
CA LYS J 67 38.54 -31.38 -15.15
C LYS J 67 39.57 -30.92 -16.19
N ASP J 68 39.89 -31.80 -17.14
CA ASP J 68 40.90 -31.54 -18.15
C ASP J 68 40.21 -31.17 -19.46
N TRP J 69 40.53 -29.97 -19.97
CA TRP J 69 39.92 -29.48 -21.20
C TRP J 69 40.32 -30.34 -22.42
N LYS J 70 41.44 -31.07 -22.33
CA LYS J 70 41.86 -31.93 -23.42
C LYS J 70 40.93 -33.13 -23.53
N ASP J 71 40.44 -33.60 -22.37
CA ASP J 71 39.49 -34.70 -22.30
C ASP J 71 38.16 -34.25 -22.91
N MET J 72 37.76 -33.00 -22.64
CA MET J 72 36.49 -32.51 -23.17
C MET J 72 36.57 -32.45 -24.69
N VAL J 73 37.71 -31.98 -25.21
CA VAL J 73 37.91 -31.84 -26.64
C VAL J 73 37.77 -33.20 -27.32
N ALA J 74 38.40 -34.22 -26.72
CA ALA J 74 38.43 -35.57 -27.29
C ALA J 74 37.09 -36.30 -27.10
N SER J 75 36.26 -35.85 -26.15
CA SER J 75 35.03 -36.55 -25.80
C SER J 75 34.05 -36.61 -26.96
N GLY J 76 34.06 -35.60 -27.85
CA GLY J 76 33.06 -35.50 -28.88
C GLY J 76 31.68 -35.14 -28.31
N ASP J 77 31.68 -34.61 -27.08
CA ASP J 77 30.49 -34.00 -26.52
C ASP J 77 30.32 -32.56 -27.02
N VAL J 78 31.40 -32.00 -27.60
CA VAL J 78 31.40 -30.60 -28.01
C VAL J 78 31.92 -30.49 -29.44
N ASP J 79 31.45 -29.45 -30.13
CA ASP J 79 31.82 -29.13 -31.50
C ASP J 79 32.71 -27.90 -31.55
N ALA J 80 32.86 -27.22 -30.40
CA ALA J 80 33.69 -26.03 -30.30
C ALA J 80 33.91 -25.72 -28.82
N VAL J 81 34.96 -24.95 -28.54
CA VAL J 81 35.24 -24.55 -27.17
C VAL J 81 35.47 -23.04 -27.09
N ILE J 82 35.23 -22.49 -25.89
CA ILE J 82 35.44 -21.08 -25.61
C ILE J 82 36.42 -20.98 -24.46
N THR J 83 37.45 -20.13 -24.58
CA THR J 83 38.56 -20.15 -23.64
C THR J 83 38.38 -19.12 -22.52
N THR J 84 37.37 -19.34 -21.68
CA THR J 84 37.11 -18.44 -20.56
C THR J 84 38.02 -18.80 -19.38
N VAL J 85 39.33 -18.73 -19.63
CA VAL J 85 40.37 -19.00 -18.66
C VAL J 85 41.38 -17.86 -18.71
N PRO J 86 42.29 -17.73 -17.71
CA PRO J 86 43.31 -16.69 -17.74
C PRO J 86 44.02 -16.63 -19.09
N HIS J 87 44.51 -15.45 -19.43
CA HIS J 87 44.85 -15.11 -20.80
C HIS J 87 46.04 -15.92 -21.27
N TYR J 88 46.94 -16.26 -20.35
CA TYR J 88 48.17 -16.96 -20.73
C TYR J 88 47.83 -18.31 -21.39
N LEU J 89 46.68 -18.90 -21.04
CA LEU J 89 46.29 -20.20 -21.59
C LEU J 89 45.62 -20.07 -22.96
N HIS J 90 45.28 -18.87 -23.42
CA HIS J 90 44.45 -18.74 -24.60
C HIS J 90 45.14 -19.39 -25.80
N THR J 91 46.38 -18.98 -26.10
CA THR J 91 47.03 -19.45 -27.32
C THR J 91 47.36 -20.94 -27.19
N GLU J 92 47.66 -21.38 -25.97
CA GLU J 92 48.04 -22.77 -25.72
C GLU J 92 46.88 -23.68 -26.13
N ILE J 93 45.67 -23.32 -25.70
CA ILE J 93 44.47 -24.11 -25.94
C ILE J 93 44.12 -24.02 -27.42
N ALA J 94 44.24 -22.81 -27.98
CA ALA J 94 43.86 -22.59 -29.35
C ALA J 94 44.69 -23.47 -30.27
N ILE J 95 46.01 -23.42 -30.07
CA ILE J 95 46.94 -24.14 -30.93
C ILE J 95 46.61 -25.64 -30.84
N TYR J 96 46.40 -26.13 -29.62
CA TYR J 96 46.08 -27.53 -29.42
C TYR J 96 44.82 -27.89 -30.21
N CYS J 97 43.78 -27.04 -30.13
CA CYS J 97 42.49 -27.32 -30.73
C CYS J 97 42.59 -27.32 -32.25
N LEU J 98 43.32 -26.33 -32.80
CA LEU J 98 43.49 -26.23 -34.24
C LEU J 98 44.20 -27.49 -34.76
N GLU J 99 45.17 -27.99 -33.99
CA GLU J 99 45.94 -29.14 -34.40
C GLU J 99 45.11 -30.42 -34.27
N HIS J 100 44.04 -30.39 -33.46
CA HIS J 100 43.20 -31.55 -33.22
C HIS J 100 41.81 -31.36 -33.83
N GLY J 101 41.70 -30.54 -34.89
CA GLY J 101 40.45 -30.35 -35.64
C GLY J 101 39.27 -29.87 -34.79
N MET J 102 39.54 -29.08 -33.74
CA MET J 102 38.51 -28.59 -32.83
C MET J 102 38.33 -27.07 -33.00
N ASN J 103 37.10 -26.66 -33.34
CA ASN J 103 36.79 -25.24 -33.50
C ASN J 103 36.99 -24.51 -32.17
N VAL J 104 37.63 -23.35 -32.23
CA VAL J 104 37.98 -22.63 -31.01
C VAL J 104 37.61 -21.15 -31.12
N LEU J 105 36.83 -20.71 -30.14
CA LEU J 105 36.50 -19.30 -29.96
C LEU J 105 37.32 -18.76 -28.80
N VAL J 106 38.35 -17.97 -29.11
CA VAL J 106 39.31 -17.49 -28.14
C VAL J 106 38.78 -16.21 -27.49
N GLU J 107 38.91 -16.12 -26.17
CA GLU J 107 38.48 -14.93 -25.45
C GLU J 107 39.45 -13.79 -25.67
N LYS J 108 38.98 -12.59 -25.34
CA LYS J 108 39.80 -11.41 -25.30
C LYS J 108 40.58 -11.42 -23.98
N PRO J 109 41.81 -10.86 -23.94
CA PRO J 109 42.56 -10.52 -25.16
C PRO J 109 43.03 -11.82 -25.77
N ALA J 110 43.36 -11.80 -27.07
CA ALA J 110 43.73 -13.04 -27.75
C ALA J 110 44.84 -13.77 -26.99
N GLY J 111 45.80 -12.98 -26.46
CA GLY J 111 46.85 -13.52 -25.61
C GLY J 111 47.56 -12.38 -24.89
N VAL J 112 48.66 -12.72 -24.19
CA VAL J 112 49.37 -11.75 -23.40
C VAL J 112 50.47 -11.13 -24.23
N TYR J 113 51.30 -11.96 -24.88
CA TYR J 113 52.43 -11.47 -25.66
C TYR J 113 52.25 -11.89 -27.11
N ALA J 114 52.62 -10.95 -27.99
CA ALA J 114 52.32 -11.03 -29.42
C ALA J 114 52.91 -12.29 -30.05
N LYS J 115 54.10 -12.71 -29.59
CA LYS J 115 54.75 -13.87 -30.17
C LYS J 115 53.79 -15.06 -30.17
N SER J 116 53.19 -15.35 -29.00
CA SER J 116 52.35 -16.53 -28.85
C SER J 116 51.10 -16.40 -29.71
N VAL J 117 50.62 -15.16 -29.88
CA VAL J 117 49.41 -14.92 -30.65
C VAL J 117 49.73 -15.11 -32.13
N ARG J 118 50.92 -14.67 -32.55
CA ARG J 118 51.33 -14.82 -33.94
C ARG J 118 51.39 -16.32 -34.25
N GLU J 119 51.96 -17.10 -33.32
CA GLU J 119 52.08 -18.54 -33.51
C GLU J 119 50.69 -19.14 -33.68
N MET J 120 49.75 -18.68 -32.85
CA MET J 120 48.39 -19.17 -32.91
C MET J 120 47.80 -18.86 -34.29
N ASN J 121 48.05 -17.66 -34.81
CA ASN J 121 47.49 -17.25 -36.09
C ASN J 121 48.05 -18.14 -37.19
N GLU J 122 49.36 -18.44 -37.12
CA GLU J 122 50.05 -19.21 -38.15
C GLU J 122 49.53 -20.65 -38.13
N CYS J 123 49.32 -21.16 -36.92
CA CYS J 123 48.73 -22.47 -36.71
C CYS J 123 47.35 -22.52 -37.39
N ALA J 124 46.51 -21.50 -37.15
CA ALA J 124 45.17 -21.48 -37.70
C ALA J 124 45.22 -21.44 -39.23
N ALA J 125 46.15 -20.63 -39.76
CA ALA J 125 46.30 -20.48 -41.19
C ALA J 125 46.68 -21.82 -41.83
N ALA J 126 47.33 -22.68 -41.03
CA ALA J 126 47.77 -24.00 -41.45
C ALA J 126 46.69 -25.07 -41.25
N HIS J 127 45.60 -24.74 -40.55
CA HIS J 127 44.47 -25.64 -40.42
C HIS J 127 43.20 -24.85 -40.74
N PRO J 128 43.06 -24.34 -41.98
CA PRO J 128 42.00 -23.39 -42.30
C PRO J 128 40.58 -23.96 -42.21
N GLU J 129 40.45 -25.28 -42.33
CA GLU J 129 39.17 -25.97 -42.21
C GLU J 129 38.60 -25.80 -40.79
N VAL J 130 39.46 -25.53 -39.82
CA VAL J 130 39.00 -25.35 -38.45
C VAL J 130 38.59 -23.88 -38.26
N THR J 131 37.38 -23.67 -37.71
CA THR J 131 36.89 -22.34 -37.41
C THR J 131 37.67 -21.75 -36.23
N PHE J 132 38.17 -20.53 -36.45
CA PHE J 132 39.02 -19.82 -35.51
C PHE J 132 38.51 -18.39 -35.34
N GLY J 133 38.08 -18.06 -34.13
CA GLY J 133 37.44 -16.78 -33.89
C GLY J 133 37.88 -16.16 -32.56
N ILE J 134 37.58 -14.87 -32.42
CA ILE J 134 37.85 -14.22 -31.16
C ILE J 134 36.55 -13.55 -30.70
N MET J 135 36.42 -13.41 -29.38
CA MET J 135 35.25 -12.83 -28.74
C MET J 135 35.44 -11.31 -28.66
N PHE J 136 35.43 -10.65 -29.82
CA PHE J 136 35.39 -9.20 -29.87
C PHE J 136 33.90 -8.81 -29.96
N ASN J 137 33.23 -8.93 -28.82
CA ASN J 137 31.77 -8.93 -28.78
C ASN J 137 31.26 -7.52 -29.05
N GLN J 138 32.10 -6.52 -28.83
CA GLN J 138 31.70 -5.15 -29.09
C GLN J 138 31.55 -4.88 -30.58
N ARG J 139 32.05 -5.76 -31.45
CA ARG J 139 31.86 -5.53 -32.87
C ARG J 139 30.42 -5.85 -33.27
N THR J 140 29.63 -6.43 -32.36
CA THR J 140 28.23 -6.72 -32.62
C THR J 140 27.35 -5.52 -32.27
N ASN J 141 27.97 -4.47 -31.72
CA ASN J 141 27.25 -3.28 -31.28
C ASN J 141 27.03 -2.35 -32.45
N LYS J 142 25.75 -2.10 -32.77
CA LYS J 142 25.41 -1.31 -33.93
C LYS J 142 26.07 0.05 -33.88
N LEU J 143 26.39 0.51 -32.66
CA LEU J 143 27.04 1.80 -32.50
C LEU J 143 28.40 1.80 -33.18
N TYR J 144 29.24 0.82 -32.87
CA TYR J 144 30.59 0.81 -33.41
C TYR J 144 30.53 0.41 -34.89
N GLN J 145 29.51 -0.35 -35.28
CA GLN J 145 29.35 -0.69 -36.69
C GLN J 145 29.05 0.57 -37.48
N LYS J 146 28.18 1.42 -36.95
CA LYS J 146 27.81 2.67 -37.58
C LYS J 146 29.04 3.54 -37.79
N ILE J 147 29.85 3.69 -36.75
CA ILE J 147 31.00 4.57 -36.83
C ILE J 147 32.04 4.00 -37.78
N ARG J 148 32.28 2.68 -37.70
CA ARG J 148 33.20 2.04 -38.61
C ARG J 148 32.75 2.27 -40.06
N GLU J 149 31.47 1.99 -40.35
CA GLU J 149 30.96 2.09 -41.72
C GLU J 149 31.27 3.46 -42.30
N ILE J 150 30.97 4.51 -41.53
CA ILE J 150 31.07 5.88 -42.02
C ILE J 150 32.54 6.21 -42.27
N VAL J 151 33.41 5.88 -41.31
CA VAL J 151 34.82 6.14 -41.47
C VAL J 151 35.35 5.38 -42.69
N ALA J 152 35.12 4.07 -42.72
CA ALA J 152 35.66 3.21 -43.77
C ALA J 152 35.12 3.58 -45.14
N SER J 153 33.91 4.15 -45.21
CA SER J 153 33.32 4.46 -46.52
C SER J 153 34.17 5.52 -47.23
N GLY J 154 34.94 6.30 -46.46
CA GLY J 154 35.63 7.45 -47.01
C GLY J 154 34.69 8.64 -47.21
N GLU J 155 33.44 8.50 -46.79
CA GLU J 155 32.49 9.60 -46.93
C GLU J 155 32.97 10.87 -46.25
N LEU J 156 33.67 10.75 -45.10
CA LEU J 156 34.10 11.92 -44.36
C LEU J 156 35.57 12.18 -44.63
N GLY J 157 36.11 11.54 -45.67
CA GLY J 157 37.50 11.72 -46.03
C GLY J 157 38.42 11.03 -45.01
N GLU J 158 39.66 11.49 -44.96
CA GLU J 158 40.68 10.84 -44.15
C GLU J 158 40.59 11.29 -42.71
N ILE J 159 41.02 10.41 -41.81
CA ILE J 159 41.13 10.75 -40.40
C ILE J 159 42.31 11.69 -40.21
N ARG J 160 42.15 12.70 -39.34
CA ARG J 160 43.25 13.54 -38.91
C ARG J 160 43.59 13.32 -37.43
N ARG J 161 42.61 12.96 -36.60
CA ARG J 161 42.86 12.81 -35.19
C ARG J 161 41.84 11.86 -34.57
N SER J 162 42.26 11.10 -33.56
CA SER J 162 41.34 10.39 -32.69
C SER J 162 41.76 10.66 -31.26
N ASN J 163 40.77 10.71 -30.36
CA ASN J 163 41.04 10.89 -28.95
C ASN J 163 39.98 10.11 -28.21
N TRP J 164 40.39 9.20 -27.33
CA TRP J 164 39.44 8.47 -26.51
C TRP J 164 39.86 8.54 -25.06
N ILE J 165 39.05 9.20 -24.23
CA ILE J 165 39.18 9.21 -22.80
C ILE J 165 38.15 8.23 -22.25
N ILE J 166 38.60 7.19 -21.55
CA ILE J 166 37.66 6.21 -21.03
C ILE J 166 38.11 5.79 -19.64
N ASN J 167 37.52 6.50 -18.66
CA ASN J 167 37.92 6.45 -17.26
C ASN J 167 36.80 5.91 -16.38
N ASN J 168 35.69 5.44 -16.98
CA ASN J 168 34.49 5.20 -16.21
C ASN J 168 34.44 3.79 -15.61
N TRP J 169 35.49 2.99 -15.73
CA TRP J 169 35.45 1.69 -15.08
C TRP J 169 36.26 1.72 -13.79
N TYR J 170 35.62 2.30 -12.76
CA TYR J 170 36.21 2.42 -11.44
C TYR J 170 36.32 1.04 -10.81
N ARG J 171 37.52 0.72 -10.30
CA ARG J 171 37.76 -0.54 -9.65
C ARG J 171 38.65 -0.31 -8.43
N PRO J 172 38.08 -0.46 -7.20
CA PRO J 172 38.85 -0.24 -5.98
C PRO J 172 39.72 -1.45 -5.59
N ASP J 173 40.57 -1.21 -4.60
CA ASP J 173 41.49 -2.23 -4.10
C ASP J 173 40.74 -3.52 -3.79
N SER J 174 39.53 -3.42 -3.25
CA SER J 174 38.72 -4.58 -2.91
C SER J 174 38.48 -5.48 -4.11
N TYR J 175 38.19 -4.90 -5.29
CA TYR J 175 38.01 -5.67 -6.51
C TYR J 175 39.31 -6.37 -6.88
N TYR J 176 40.42 -5.65 -6.75
CA TYR J 176 41.71 -6.18 -7.18
C TYR J 176 42.06 -7.41 -6.33
N ARG J 177 41.67 -7.40 -5.06
CA ARG J 177 42.01 -8.51 -4.16
C ARG J 177 41.19 -9.76 -4.47
N LEU J 178 40.12 -9.66 -5.26
CA LEU J 178 39.24 -10.79 -5.52
C LEU J 178 39.93 -11.94 -6.27
N SER J 179 40.78 -11.65 -7.27
CA SER J 179 41.35 -12.71 -8.11
C SER J 179 42.88 -12.71 -8.02
N ASP J 180 43.47 -13.88 -7.76
CA ASP J 180 44.92 -14.03 -7.74
C ASP J 180 45.56 -13.76 -9.10
N TRP J 181 44.98 -14.33 -10.17
CA TRP J 181 45.56 -14.18 -11.51
C TRP J 181 45.47 -12.74 -12.03
N ARG J 182 44.35 -12.04 -11.75
CA ARG J 182 44.17 -10.70 -12.30
C ARG J 182 45.13 -9.70 -11.66
N ALA J 183 45.59 -8.70 -12.45
CA ALA J 183 46.47 -7.61 -11.99
C ALA J 183 47.83 -8.11 -11.51
N THR J 184 48.29 -9.22 -12.09
CA THR J 184 49.61 -9.75 -11.76
C THR J 184 50.37 -9.90 -13.07
N TRP J 185 51.64 -9.49 -13.13
CA TRP J 185 52.36 -9.63 -14.39
C TRP J 185 52.39 -11.10 -14.79
N GLY J 186 52.69 -11.96 -13.82
CA GLY J 186 52.68 -13.40 -14.06
C GLY J 186 51.30 -13.97 -14.35
N GLY J 187 50.27 -13.53 -13.60
CA GLY J 187 48.89 -13.95 -13.85
C GLY J 187 48.22 -13.39 -15.10
N GLU J 188 48.37 -12.08 -15.35
CA GLU J 188 47.63 -11.41 -16.43
C GLU J 188 48.53 -10.81 -17.50
N GLY J 189 49.78 -10.49 -17.15
CA GLY J 189 50.67 -9.81 -18.08
C GLY J 189 50.45 -8.31 -18.12
N GLY J 190 49.57 -7.81 -17.25
CA GLY J 190 49.29 -6.38 -17.18
C GLY J 190 48.10 -6.13 -16.27
N GLY J 191 47.61 -4.89 -16.22
CA GLY J 191 46.40 -4.60 -15.47
C GLY J 191 45.27 -4.09 -16.36
N VAL J 192 45.17 -2.76 -16.50
CA VAL J 192 44.08 -2.15 -17.25
C VAL J 192 44.16 -2.57 -18.72
N LEU J 193 45.37 -2.60 -19.28
CA LEU J 193 45.56 -2.88 -20.69
C LEU J 193 45.10 -4.30 -21.07
N VAL J 194 45.33 -5.28 -20.19
CA VAL J 194 44.96 -6.66 -20.44
C VAL J 194 43.52 -6.97 -19.97
N ASN J 195 42.89 -6.06 -19.19
CA ASN J 195 41.56 -6.37 -18.65
C ASN J 195 40.46 -5.50 -19.27
N GLN J 196 40.27 -4.29 -18.76
CA GLN J 196 39.26 -3.36 -19.28
C GLN J 196 39.54 -2.87 -20.71
N ALA J 197 40.82 -2.58 -21.02
CA ALA J 197 41.23 -1.91 -22.26
C ALA J 197 41.06 -2.72 -23.57
N PRO J 198 41.23 -4.07 -23.66
CA PRO J 198 41.32 -4.77 -24.93
C PRO J 198 40.17 -4.63 -25.92
N HIS J 199 38.91 -4.69 -25.46
CA HIS J 199 37.82 -4.50 -26.40
C HIS J 199 37.97 -3.13 -27.07
N GLN J 200 38.24 -2.12 -26.24
CA GLN J 200 38.39 -0.75 -26.71
C GLN J 200 39.60 -0.61 -27.63
N LEU J 201 40.71 -1.26 -27.28
CA LEU J 201 41.93 -1.16 -28.08
C LEU J 201 41.68 -1.74 -29.48
N ASP J 202 40.99 -2.87 -29.55
CA ASP J 202 40.61 -3.43 -30.85
C ASP J 202 39.69 -2.45 -31.60
N LEU J 203 38.70 -1.89 -30.88
CA LEU J 203 37.73 -1.02 -31.52
C LEU J 203 38.45 0.19 -32.12
N TRP J 204 39.38 0.76 -31.35
CA TRP J 204 40.09 1.96 -31.79
C TRP J 204 40.82 1.65 -33.08
N GLN J 205 41.53 0.51 -33.09
CA GLN J 205 42.24 0.09 -34.28
C GLN J 205 41.26 -0.22 -35.42
N TRP J 206 40.18 -0.92 -35.09
CA TRP J 206 39.23 -1.33 -36.11
C TRP J 206 38.64 -0.13 -36.84
N ILE J 207 38.17 0.88 -36.09
CA ILE J 207 37.65 2.10 -36.67
C ILE J 207 38.75 3.01 -37.25
N CYS J 208 39.88 3.20 -36.53
CA CYS J 208 40.86 4.22 -36.93
C CYS J 208 42.17 3.68 -37.53
N GLY J 209 42.28 2.37 -37.77
CA GLY J 209 43.51 1.79 -38.30
C GLY J 209 44.49 1.48 -37.18
N ILE J 210 45.66 0.92 -37.54
CA ILE J 210 46.68 0.50 -36.56
C ILE J 210 47.79 1.54 -36.47
N PRO J 211 48.15 2.01 -35.27
CA PRO J 211 49.16 3.07 -35.14
C PRO J 211 50.54 2.64 -35.64
N THR J 212 51.21 3.51 -36.41
CA THR J 212 52.59 3.25 -36.79
C THR J 212 53.51 3.33 -35.57
N THR J 213 53.29 4.32 -34.69
CA THR J 213 54.16 4.54 -33.55
C THR J 213 53.31 4.73 -32.30
N VAL J 214 53.83 4.28 -31.14
CA VAL J 214 53.12 4.41 -29.86
C VAL J 214 54.03 5.08 -28.82
N TYR J 215 53.56 6.12 -28.13
CA TYR J 215 54.25 6.69 -26.99
C TYR J 215 53.30 6.64 -25.81
N ALA J 216 53.70 6.12 -24.66
CA ALA J 216 52.75 5.92 -23.57
C ALA J 216 53.33 6.29 -22.20
N ASN J 217 52.48 6.76 -21.29
CA ASN J 217 52.85 7.00 -19.89
C ASN J 217 52.01 6.07 -19.05
N CYS J 218 52.63 5.02 -18.50
CA CYS J 218 51.87 4.01 -17.77
C CYS J 218 52.29 4.04 -16.31
N ILE J 219 51.33 4.26 -15.40
CA ILE J 219 51.64 4.30 -13.98
C ILE J 219 51.20 3.00 -13.35
N ASN J 220 52.12 2.32 -12.68
CA ASN J 220 51.78 1.10 -11.96
C ASN J 220 51.26 1.47 -10.57
N GLY J 221 50.23 0.76 -10.13
CA GLY J 221 49.67 0.95 -8.80
C GLY J 221 49.28 2.40 -8.54
N SER J 222 48.54 2.99 -9.49
CA SER J 222 48.06 4.35 -9.33
C SER J 222 46.88 4.33 -8.36
N HIS J 223 47.11 4.88 -7.16
CA HIS J 223 46.11 4.88 -6.10
C HIS J 223 45.63 3.47 -5.79
N ARG J 224 46.44 2.46 -6.12
CA ARG J 224 46.06 1.08 -5.92
C ARG J 224 47.28 0.26 -5.51
N ASP J 225 47.01 -0.80 -4.76
CA ASP J 225 48.04 -1.68 -4.24
C ASP J 225 48.20 -2.86 -5.20
N ILE J 226 48.71 -2.56 -6.40
CA ILE J 226 49.00 -3.57 -7.41
C ILE J 226 50.30 -3.18 -8.08
N ALA J 227 50.91 -4.12 -8.82
CA ALA J 227 52.20 -3.86 -9.44
C ALA J 227 52.05 -3.50 -10.91
N VAL J 228 50.82 -3.53 -11.43
CA VAL J 228 50.60 -3.41 -12.86
C VAL J 228 50.01 -2.03 -13.15
N GLU J 229 49.89 -1.70 -14.45
CA GLU J 229 49.47 -0.36 -14.83
C GLU J 229 47.96 -0.23 -14.66
N ASN J 230 47.52 0.92 -14.16
CA ASN J 230 46.09 1.22 -14.12
C ASN J 230 45.83 2.71 -14.32
N ASP J 231 46.79 3.44 -14.88
CA ASP J 231 46.58 4.80 -15.36
C ASP J 231 47.49 4.97 -16.58
N VAL J 232 46.89 5.11 -17.76
CA VAL J 232 47.61 5.02 -19.02
C VAL J 232 47.23 6.20 -19.90
N THR J 233 48.23 6.87 -20.46
CA THR J 233 48.02 7.91 -21.44
C THR J 233 48.86 7.56 -22.66
N VAL J 234 48.26 7.54 -23.85
CA VAL J 234 48.95 7.06 -25.04
C VAL J 234 48.87 8.11 -26.14
N LEU J 235 49.97 8.34 -26.88
CA LEU J 235 49.93 9.04 -28.16
C LEU J 235 50.32 8.10 -29.28
N THR J 236 49.55 8.17 -30.38
CA THR J 236 49.80 7.35 -31.53
C THR J 236 49.97 8.23 -32.76
N GLU J 237 50.67 7.67 -33.76
CA GLU J 237 50.72 8.21 -35.12
C GLU J 237 50.28 7.10 -36.08
N TYR J 238 49.97 7.51 -37.31
CA TYR J 238 49.32 6.63 -38.28
C TYR J 238 49.99 6.86 -39.64
N GLU J 239 49.93 5.86 -40.51
CA GLU J 239 50.57 5.93 -41.82
C GLU J 239 50.25 7.27 -42.49
N ASN J 240 49.01 7.73 -42.40
CA ASN J 240 48.57 8.87 -43.17
C ASN J 240 48.82 10.21 -42.49
N GLY J 241 49.55 10.22 -41.35
CA GLY J 241 49.94 11.48 -40.71
C GLY J 241 49.01 11.89 -39.56
N ALA J 242 47.94 11.12 -39.35
CA ALA J 242 47.01 11.42 -38.26
C ALA J 242 47.68 11.13 -36.93
N THR J 243 47.11 11.71 -35.86
CA THR J 243 47.54 11.44 -34.51
C THR J 243 46.39 10.82 -33.74
N GLY J 244 46.71 10.23 -32.59
CA GLY J 244 45.69 9.68 -31.71
C GLY J 244 46.11 9.78 -30.24
N SER J 245 45.13 9.71 -29.34
CA SER J 245 45.41 9.64 -27.92
C SER J 245 44.37 8.72 -27.29
N PHE J 246 44.79 8.06 -26.21
CA PHE J 246 43.96 7.15 -25.46
C PHE J 246 44.33 7.30 -23.99
N ILE J 247 43.32 7.53 -23.13
CA ILE J 247 43.53 7.73 -21.72
C ILE J 247 42.58 6.81 -20.97
N THR J 248 43.07 6.04 -19.98
CA THR J 248 42.18 5.19 -19.21
C THR J 248 42.77 4.95 -17.82
N CYS J 249 41.91 4.70 -16.83
CA CYS J 249 42.37 4.42 -15.48
C CYS J 249 41.24 3.81 -14.68
N THR J 250 41.56 3.24 -13.52
CA THR J 250 40.57 2.56 -12.71
C THR J 250 40.36 3.28 -11.38
N HIS J 251 40.81 4.53 -11.25
CA HIS J 251 40.70 5.23 -9.98
C HIS J 251 39.81 6.48 -10.08
N ASP J 252 39.06 6.60 -11.18
CA ASP J 252 38.21 7.77 -11.40
C ASP J 252 36.78 7.42 -11.02
N LEU J 253 36.27 8.05 -9.96
CA LEU J 253 34.90 7.80 -9.52
C LEU J 253 33.85 8.29 -10.53
N LEU J 254 34.23 9.16 -11.45
CA LEU J 254 33.24 9.76 -12.32
C LEU J 254 33.88 10.03 -13.67
N GLY J 255 34.27 8.92 -14.30
CA GLY J 255 35.20 9.00 -15.40
C GLY J 255 34.49 9.38 -16.68
N THR J 256 35.11 10.27 -17.44
CA THR J 256 34.72 10.55 -18.81
C THR J 256 34.83 9.29 -19.65
N ASP J 257 33.90 9.12 -20.61
CA ASP J 257 34.00 8.17 -21.70
C ASP J 257 33.62 8.92 -22.98
N ARG J 258 34.61 9.49 -23.66
CA ARG J 258 34.35 10.34 -24.81
C ARG J 258 35.35 9.99 -25.90
N PHE J 259 34.84 9.61 -27.07
CA PHE J 259 35.66 9.18 -28.20
C PHE J 259 35.41 10.12 -29.36
N GLU J 260 36.45 10.83 -29.78
CA GLU J 260 36.33 11.83 -30.83
C GLU J 260 37.18 11.37 -32.01
N ILE J 261 36.63 11.52 -33.21
CA ILE J 261 37.37 11.31 -34.43
C ILE J 261 37.17 12.56 -35.27
N ASP J 262 38.28 13.16 -35.70
CA ASP J 262 38.27 14.37 -36.52
C ASP J 262 38.77 13.99 -37.90
N LEU J 263 38.02 14.42 -38.93
CA LEU J 263 38.28 13.98 -40.29
C LEU J 263 38.30 15.19 -41.21
N ASP J 264 38.74 14.95 -42.43
CA ASP J 264 38.87 15.97 -43.44
C ASP J 264 37.48 16.54 -43.71
N GLY J 265 36.45 15.70 -43.59
CA GLY J 265 35.11 16.06 -44.05
C GLY J 265 34.04 16.01 -42.95
N GLY J 266 34.46 15.76 -41.71
CA GLY J 266 33.49 15.81 -40.64
C GLY J 266 34.12 15.42 -39.31
N LYS J 267 33.26 15.10 -38.35
CA LYS J 267 33.68 14.86 -36.99
C LYS J 267 32.72 13.88 -36.35
N ILE J 268 33.24 13.02 -35.49
CA ILE J 268 32.39 12.07 -34.80
C ILE J 268 32.71 12.16 -33.32
N VAL J 269 31.68 12.21 -32.48
CA VAL J 269 31.89 12.21 -31.05
C VAL J 269 30.96 11.18 -30.46
N VAL J 270 31.52 10.27 -29.67
CA VAL J 270 30.74 9.21 -29.07
C VAL J 270 30.80 9.37 -27.57
N GLU J 271 29.64 9.51 -26.94
CA GLU J 271 29.56 9.73 -25.51
C GLU J 271 29.05 8.49 -24.80
N ASP J 272 29.76 8.08 -23.75
CA ASP J 272 29.34 7.04 -22.82
C ASP J 272 29.12 5.71 -23.51
N SER J 273 29.69 5.55 -24.70
CA SER J 273 29.62 4.29 -25.43
C SER J 273 28.18 3.90 -25.76
N LYS J 274 27.29 4.91 -25.82
CA LYS J 274 25.90 4.68 -26.17
C LYS J 274 25.50 5.60 -27.33
N LYS J 275 26.02 6.81 -27.38
CA LYS J 275 25.43 7.84 -28.24
C LYS J 275 26.50 8.53 -29.08
N ALA J 276 26.22 8.70 -30.38
CA ALA J 276 27.19 9.22 -31.32
C ALA J 276 26.62 10.46 -32.01
N TYR J 277 27.43 11.51 -32.10
CA TYR J 277 27.07 12.69 -32.85
C TYR J 277 27.97 12.70 -34.09
N ILE J 278 27.36 12.70 -35.27
CA ILE J 278 28.09 12.68 -36.51
C ILE J 278 27.92 14.04 -37.18
N TYR J 279 29.03 14.74 -37.43
CA TYR J 279 28.98 16.05 -38.06
C TYR J 279 29.56 15.91 -39.45
N ARG J 280 28.80 16.30 -40.47
CA ARG J 280 29.30 16.32 -41.83
C ARG J 280 29.50 17.77 -42.26
N PHE J 281 30.72 18.11 -42.63
CA PHE J 281 31.03 19.44 -43.13
C PHE J 281 30.39 19.58 -44.50
N LYS J 282 29.85 20.76 -44.82
CA LYS J 282 29.29 21.01 -46.13
C LYS J 282 30.36 20.79 -47.19
N GLU J 283 31.57 21.27 -46.89
CA GLU J 283 32.72 21.12 -47.75
C GLU J 283 33.86 20.62 -46.89
N THR J 284 34.80 19.88 -47.49
CA THR J 284 35.96 19.41 -46.77
C THR J 284 36.81 20.61 -46.38
N GLU J 285 37.55 20.46 -45.28
CA GLU J 285 38.40 21.54 -44.80
C GLU J 285 39.42 21.86 -45.88
N THR J 286 39.93 20.83 -46.57
CA THR J 286 40.91 21.04 -47.63
C THR J 286 40.33 22.03 -48.65
N ALA J 287 39.07 21.81 -49.01
CA ALA J 287 38.38 22.69 -49.95
C ALA J 287 38.26 24.11 -49.38
N VAL J 288 37.88 24.21 -48.11
CA VAL J 288 37.68 25.50 -47.48
C VAL J 288 39.00 26.27 -47.45
N ASN J 289 40.09 25.55 -47.11
CA ASN J 289 41.40 26.16 -46.99
C ASN J 289 41.83 26.69 -48.35
N ALA J 290 41.51 25.94 -49.41
CA ALA J 290 41.88 26.28 -50.77
C ALA J 290 41.21 27.57 -51.23
N ARG J 291 40.03 27.89 -50.69
CA ARG J 291 39.23 29.01 -51.14
C ARG J 291 39.92 30.38 -51.22
N ASP J 292 40.94 30.71 -50.43
CA ASP J 292 41.53 32.05 -50.52
C ASP J 292 40.44 33.11 -50.30
N MET J 293 39.74 32.94 -49.20
CA MET J 293 38.63 33.79 -48.79
C MET J 293 38.97 35.29 -48.79
N ASP J 310 25.05 27.14 -37.60
CA ASP J 310 25.42 25.74 -37.93
C ASP J 310 25.20 25.46 -39.42
N LYS J 311 25.24 26.51 -40.27
CA LYS J 311 25.03 26.37 -41.69
C LYS J 311 26.14 25.52 -42.31
N MET J 312 27.35 25.60 -41.74
CA MET J 312 28.55 24.95 -42.26
C MET J 312 28.51 23.42 -42.13
N PHE J 313 27.80 22.91 -41.13
CA PHE J 313 27.80 21.49 -40.85
C PHE J 313 26.38 20.99 -40.60
N GLU J 314 26.16 19.69 -40.82
CA GLU J 314 24.90 19.02 -40.53
C GLU J 314 25.19 17.94 -39.49
N VAL J 315 24.26 17.72 -38.56
CA VAL J 315 24.50 16.80 -37.46
C VAL J 315 23.50 15.64 -37.53
N GLU J 316 24.01 14.41 -37.44
CA GLU J 316 23.23 13.19 -37.38
C GLU J 316 23.50 12.53 -36.04
N GLU J 317 22.45 11.92 -35.44
CA GLU J 317 22.59 11.30 -34.12
C GLU J 317 22.32 9.80 -34.24
N PHE J 318 23.07 9.00 -33.48
CA PHE J 318 22.88 7.56 -33.41
C PHE J 318 22.96 7.18 -31.93
N GLU J 319 22.06 6.32 -31.46
CA GLU J 319 22.16 5.77 -30.11
C GLU J 319 21.85 4.27 -30.18
N ASN J 320 22.67 3.43 -29.51
CA ASN J 320 22.36 2.04 -29.30
C ASN J 320 22.86 1.60 -27.92
N THR J 321 22.06 0.81 -27.21
CA THR J 321 22.53 0.13 -26.01
C THR J 321 22.20 -1.34 -26.19
N ASP J 322 23.16 -2.22 -25.87
CA ASP J 322 22.96 -3.64 -26.05
C ASP J 322 22.71 -4.27 -24.67
N GLY J 323 21.65 -5.08 -24.57
CA GLY J 323 21.23 -5.64 -23.29
C GLY J 323 22.13 -6.81 -22.90
N TRP J 324 22.01 -7.23 -21.64
CA TRP J 324 22.93 -8.21 -21.09
C TRP J 324 22.86 -9.49 -21.94
N GLY J 325 24.04 -9.96 -22.34
CA GLY J 325 24.15 -11.20 -23.09
C GLY J 325 24.09 -11.02 -24.60
N TYR J 326 23.58 -9.88 -25.08
CA TYR J 326 23.33 -9.73 -26.50
C TYR J 326 24.62 -9.95 -27.30
N GLN J 327 25.67 -9.23 -26.90
CA GLN J 327 26.88 -9.18 -27.68
C GLN J 327 27.53 -10.57 -27.74
N HIS J 328 27.65 -11.20 -26.57
CA HIS J 328 28.34 -12.48 -26.46
C HIS J 328 27.55 -13.57 -27.20
N THR J 329 26.23 -13.58 -27.03
CA THR J 329 25.40 -14.55 -27.71
C THR J 329 25.48 -14.34 -29.22
N THR J 330 25.50 -13.07 -29.66
CA THR J 330 25.51 -12.78 -31.07
C THR J 330 26.80 -13.33 -31.69
N VAL J 331 27.92 -13.20 -30.98
CA VAL J 331 29.18 -13.76 -31.45
C VAL J 331 29.05 -15.28 -31.50
N MET J 332 28.57 -15.87 -30.41
CA MET J 332 28.41 -17.31 -30.34
C MET J 332 27.59 -17.79 -31.53
N GLU J 333 26.52 -17.06 -31.87
CA GLU J 333 25.61 -17.47 -32.94
C GLU J 333 26.32 -17.31 -34.28
N ASN J 334 27.04 -16.20 -34.45
CA ASN J 334 27.77 -15.91 -35.67
C ASN J 334 28.80 -17.02 -35.90
N PHE J 335 29.51 -17.38 -34.84
CA PHE J 335 30.53 -18.39 -34.87
C PHE J 335 29.95 -19.76 -35.24
N ALA J 336 28.84 -20.11 -34.59
CA ALA J 336 28.16 -21.35 -34.91
C ALA J 336 27.78 -21.35 -36.38
N GLN J 337 27.29 -20.20 -36.88
CA GLN J 337 26.81 -20.12 -38.24
C GLN J 337 27.97 -20.33 -39.22
N HIS J 338 29.18 -19.86 -38.88
CA HIS J 338 30.32 -20.05 -39.75
C HIS J 338 30.58 -21.55 -39.91
N ILE J 339 30.59 -22.26 -38.78
CA ILE J 339 30.80 -23.70 -38.75
C ILE J 339 29.76 -24.38 -39.63
N ILE J 340 28.49 -23.95 -39.52
CA ILE J 340 27.38 -24.67 -40.13
C ILE J 340 27.29 -24.40 -41.63
N ASP J 341 27.29 -23.13 -42.05
CA ASP J 341 26.97 -22.80 -43.44
C ASP J 341 27.97 -21.80 -44.04
N GLY J 342 29.10 -21.56 -43.37
CA GLY J 342 30.14 -20.69 -43.92
C GLY J 342 29.87 -19.20 -43.75
N THR J 343 28.79 -18.80 -43.07
CA THR J 343 28.59 -17.38 -42.77
C THR J 343 29.91 -16.76 -42.32
N PRO J 344 30.34 -15.62 -42.91
CA PRO J 344 31.57 -14.95 -42.46
C PRO J 344 31.53 -14.53 -41.00
N LEU J 345 32.71 -14.54 -40.36
CA LEU J 345 32.86 -14.17 -38.95
C LEU J 345 32.97 -12.66 -38.80
N LEU J 346 32.22 -12.10 -37.85
CA LEU J 346 32.40 -10.71 -37.45
C LEU J 346 33.81 -10.52 -36.91
N ALA J 347 34.27 -11.51 -36.14
CA ALA J 347 35.55 -11.44 -35.45
C ALA J 347 36.41 -12.65 -35.81
N PRO J 348 37.10 -12.62 -36.98
CA PRO J 348 38.05 -13.65 -37.37
C PRO J 348 39.20 -13.61 -36.37
N GLY J 349 39.66 -14.77 -35.89
CA GLY J 349 40.55 -14.84 -34.75
C GLY J 349 41.91 -14.15 -35.02
N SER J 350 42.28 -14.11 -36.30
CA SER J 350 43.56 -13.55 -36.70
C SER J 350 43.65 -12.08 -36.25
N ASP J 351 42.50 -11.39 -36.21
CA ASP J 351 42.44 -9.98 -35.85
C ASP J 351 42.87 -9.74 -34.41
N GLY J 352 42.84 -10.78 -33.56
CA GLY J 352 43.12 -10.61 -32.14
C GLY J 352 44.49 -9.99 -31.88
N ILE J 353 45.40 -10.19 -32.83
CA ILE J 353 46.79 -9.78 -32.63
C ILE J 353 46.93 -8.26 -32.67
N ASN J 354 46.02 -7.57 -33.39
CA ASN J 354 46.14 -6.13 -33.51
C ASN J 354 46.11 -5.51 -32.12
N GLY J 355 45.12 -5.96 -31.32
CA GLY J 355 44.92 -5.43 -29.98
C GLY J 355 46.06 -5.82 -29.04
N VAL J 356 46.59 -7.02 -29.24
CA VAL J 356 47.67 -7.47 -28.37
C VAL J 356 48.94 -6.68 -28.69
N ARG J 357 49.25 -6.52 -29.96
CA ARG J 357 50.43 -5.76 -30.35
C ARG J 357 50.36 -4.34 -29.77
N LEU J 358 49.18 -3.73 -29.82
CA LEU J 358 49.05 -2.36 -29.38
C LEU J 358 49.29 -2.30 -27.87
N ALA J 359 48.70 -3.24 -27.15
CA ALA J 359 48.87 -3.31 -25.70
C ALA J 359 50.34 -3.51 -25.35
N ASN J 360 51.02 -4.40 -26.08
CA ASN J 360 52.43 -4.66 -25.87
C ASN J 360 53.23 -3.37 -26.11
N ALA J 361 52.91 -2.66 -27.20
CA ALA J 361 53.65 -1.48 -27.58
C ALA J 361 53.48 -0.39 -26.52
N ILE J 362 52.24 -0.25 -26.04
CA ILE J 362 51.95 0.71 -25.00
C ILE J 362 52.80 0.39 -23.77
N GLN J 363 52.80 -0.88 -23.36
CA GLN J 363 53.51 -1.27 -22.14
C GLN J 363 55.01 -1.00 -22.28
N LEU J 364 55.57 -1.34 -23.45
CA LEU J 364 57.00 -1.28 -23.67
C LEU J 364 57.45 0.18 -23.73
N SER J 365 56.64 1.01 -24.39
CA SER J 365 56.88 2.45 -24.38
C SER J 365 56.90 2.94 -22.94
N GLY J 366 55.87 2.49 -22.20
CA GLY J 366 55.69 2.84 -20.80
C GLY J 366 56.90 2.44 -19.96
N TRP J 367 57.43 1.24 -20.21
CA TRP J 367 58.55 0.75 -19.42
C TRP J 367 59.85 1.48 -19.76
N THR J 368 60.04 1.86 -21.03
CA THR J 368 61.31 2.41 -21.48
C THR J 368 61.29 3.94 -21.51
N GLY J 369 60.12 4.57 -21.38
CA GLY J 369 60.01 6.02 -21.42
C GLY J 369 60.34 6.59 -22.80
N GLU J 370 60.15 5.78 -23.86
CA GLU J 370 60.50 6.19 -25.21
C GLU J 370 59.37 5.84 -26.17
N LYS J 371 59.29 6.64 -27.25
CA LYS J 371 58.44 6.30 -28.36
C LYS J 371 58.93 4.99 -28.98
N VAL J 372 58.01 4.17 -29.47
CA VAL J 372 58.36 2.92 -30.14
C VAL J 372 57.56 2.81 -31.42
N ALA J 373 58.12 2.14 -32.41
CA ALA J 373 57.36 1.72 -33.57
C ALA J 373 56.42 0.59 -33.17
N ASN J 374 55.25 0.55 -33.82
CA ASN J 374 54.26 -0.48 -33.58
C ASN J 374 54.15 -1.32 -34.84
N PRO J 375 54.31 -2.67 -34.77
CA PRO J 375 54.52 -3.38 -33.50
C PRO J 375 55.97 -3.38 -33.05
N VAL J 376 56.16 -3.65 -31.76
CA VAL J 376 57.48 -3.70 -31.15
C VAL J 376 58.05 -5.10 -31.37
N ASP J 377 59.37 -5.23 -31.17
CA ASP J 377 60.06 -6.50 -31.25
C ASP J 377 59.49 -7.45 -30.18
N GLU J 378 59.07 -8.65 -30.62
CA GLU J 378 58.42 -9.60 -29.74
C GLU J 378 59.35 -10.00 -28.58
N ASP J 379 60.63 -10.25 -28.91
CA ASP J 379 61.58 -10.75 -27.92
C ASP J 379 61.85 -9.66 -26.88
N LYS J 380 61.95 -8.41 -27.32
CA LYS J 380 62.23 -7.31 -26.41
C LYS J 380 61.11 -7.18 -25.39
N TYR J 381 59.86 -7.25 -25.87
CA TYR J 381 58.70 -7.15 -25.00
C TYR J 381 58.74 -8.31 -24.00
N LEU J 382 58.99 -9.52 -24.51
CA LEU J 382 58.89 -10.71 -23.68
C LEU J 382 59.92 -10.61 -22.55
N ALA J 383 61.12 -10.14 -22.89
CA ALA J 383 62.18 -10.00 -21.90
C ALA J 383 61.74 -9.07 -20.77
N GLU J 384 61.19 -7.91 -21.15
CA GLU J 384 60.77 -6.90 -20.18
C GLU J 384 59.61 -7.43 -19.34
N LEU J 385 58.68 -8.16 -19.97
CA LEU J 385 57.59 -8.78 -19.24
C LEU J 385 58.15 -9.79 -18.25
N ASN J 386 59.09 -10.64 -18.74
CA ASN J 386 59.62 -11.73 -17.94
C ASN J 386 60.37 -11.16 -16.75
N LYS J 387 61.09 -10.05 -16.96
CA LYS J 387 61.82 -9.41 -15.88
C LYS J 387 60.86 -9.05 -14.75
N ARG J 388 59.74 -8.44 -15.13
CA ARG J 388 58.72 -8.04 -14.17
C ARG J 388 58.10 -9.26 -13.49
N ILE J 389 57.86 -10.34 -14.27
CA ILE J 389 57.29 -11.56 -13.72
C ILE J 389 58.22 -12.12 -12.64
N GLU J 390 59.52 -12.15 -12.97
CA GLU J 390 60.54 -12.68 -12.07
C GLU J 390 60.53 -11.90 -10.76
N ALA J 391 60.51 -10.57 -10.85
CA ALA J 391 60.53 -9.73 -9.66
C ALA J 391 59.27 -9.96 -8.83
N GLU J 392 58.11 -10.12 -9.49
CA GLU J 392 56.86 -10.31 -8.78
C GLU J 392 56.94 -11.60 -7.95
N GLY J 393 57.44 -12.67 -8.58
CA GLY J 393 57.69 -13.93 -7.92
C GLY J 393 56.42 -14.72 -7.64
N LYS J 394 55.28 -14.31 -8.24
CA LYS J 394 54.06 -15.03 -7.97
C LYS J 394 53.89 -16.18 -8.96
N PHE J 395 54.52 -16.07 -10.13
CA PHE J 395 54.23 -17.01 -11.21
C PHE J 395 55.50 -17.33 -12.00
N PRO J 396 55.52 -18.49 -12.71
CA PRO J 396 56.65 -18.83 -13.57
C PRO J 396 56.81 -17.91 -14.78
N VAL J 397 58.07 -17.67 -15.16
CA VAL J 397 58.40 -16.87 -16.33
C VAL J 397 57.92 -17.59 -17.59
N ARG J 398 57.70 -16.82 -18.65
CA ARG J 398 57.28 -17.37 -19.93
C ARG J 398 58.49 -17.50 -20.85
N GLU J 399 58.65 -18.61 -21.54
CA GLU J 399 59.82 -18.83 -22.39
C GLU J 399 59.63 -20.15 -23.13
N MET K 1 -13.51 -68.40 0.75
CA MET K 1 -13.83 -68.88 2.12
C MET K 1 -14.84 -67.92 2.73
N GLU K 2 -15.85 -68.40 3.46
CA GLU K 2 -16.71 -67.51 4.22
C GLU K 2 -15.92 -66.82 5.33
N LYS K 3 -15.06 -67.57 6.02
CA LYS K 3 -14.35 -67.05 7.19
C LYS K 3 -12.89 -67.53 7.14
N VAL K 4 -11.98 -66.71 7.70
CA VAL K 4 -10.58 -67.11 7.86
C VAL K 4 -10.35 -67.38 9.33
N ARG K 5 -9.87 -68.58 9.66
CA ARG K 5 -9.66 -68.97 11.04
C ARG K 5 -8.24 -68.56 11.39
N TYR K 6 -8.09 -67.85 12.52
CA TYR K 6 -6.81 -67.26 12.86
C TYR K 6 -6.23 -67.99 14.06
N GLY K 7 -4.95 -68.29 14.00
CA GLY K 7 -4.27 -68.88 15.13
C GLY K 7 -3.39 -67.83 15.79
N ILE K 8 -3.55 -67.66 17.09
CA ILE K 8 -2.83 -66.61 17.80
C ILE K 8 -1.60 -67.26 18.42
N ILE K 9 -0.41 -66.77 18.08
CA ILE K 9 0.80 -67.25 18.71
C ILE K 9 1.15 -66.21 19.75
N GLY K 10 1.15 -66.60 21.02
CA GLY K 10 1.33 -65.64 22.09
C GLY K 10 -0.02 -65.09 22.53
N VAL K 11 -0.69 -65.80 23.44
CA VAL K 11 -1.92 -65.26 24.01
C VAL K 11 -1.53 -64.39 25.21
N GLY K 12 -0.78 -63.32 24.92
CA GLY K 12 -0.34 -62.33 25.89
C GLY K 12 -1.35 -61.18 25.91
N ASN K 13 -0.94 -59.99 26.29
CA ASN K 13 -1.91 -58.91 26.33
C ASN K 13 -2.50 -58.69 24.94
N GLN K 14 -1.65 -58.58 23.90
CA GLN K 14 -2.19 -58.34 22.57
C GLN K 14 -2.97 -59.57 22.07
N GLY K 15 -2.40 -60.76 22.28
CA GLY K 15 -3.03 -61.99 21.80
C GLY K 15 -4.41 -62.20 22.41
N GLY K 16 -4.49 -61.96 23.72
CA GLY K 16 -5.74 -62.12 24.43
C GLY K 16 -6.78 -61.15 23.89
N ALA K 17 -6.35 -59.93 23.60
CA ALA K 17 -7.27 -58.92 23.10
C ALA K 17 -7.85 -59.40 21.77
N TYR K 18 -6.95 -59.92 20.93
CA TYR K 18 -7.35 -60.39 19.60
C TYR K 18 -8.35 -61.52 19.76
N ALA K 19 -8.05 -62.41 20.71
CA ALA K 19 -8.89 -63.57 20.93
C ALA K 19 -10.28 -63.10 21.30
N GLY K 20 -10.36 -62.11 22.18
CA GLY K 20 -11.64 -61.57 22.59
C GLY K 20 -12.38 -60.98 21.38
N PHE K 21 -11.66 -60.24 20.55
CA PHE K 21 -12.29 -59.56 19.43
C PHE K 21 -12.90 -60.59 18.48
N LEU K 22 -12.15 -61.64 18.20
CA LEU K 22 -12.60 -62.71 17.33
C LEU K 22 -13.78 -63.48 17.95
N THR K 23 -13.73 -63.71 19.27
CA THR K 23 -14.77 -64.46 19.95
C THR K 23 -15.96 -63.59 20.31
N GLY K 24 -15.84 -62.26 20.22
CA GLY K 24 -16.92 -61.39 20.62
C GLY K 24 -16.94 -61.21 22.13
N THR K 25 -15.90 -61.70 22.81
CA THR K 25 -15.82 -61.67 24.26
C THR K 25 -14.93 -60.51 24.65
N ALA K 33 -16.22 -52.74 22.65
CA ALA K 33 -15.22 -53.32 21.72
C ALA K 33 -15.90 -53.66 20.40
N ALA K 34 -15.11 -53.68 19.33
CA ALA K 34 -15.63 -53.95 17.99
C ALA K 34 -16.12 -55.39 17.93
N PRO K 35 -17.27 -55.66 17.27
CA PRO K 35 -17.78 -57.04 17.13
C PRO K 35 -16.88 -57.84 16.20
N CYS K 36 -17.01 -59.16 16.22
CA CYS K 36 -16.17 -59.99 15.38
C CYS K 36 -16.36 -59.62 13.92
N PRO K 37 -15.27 -59.40 13.16
CA PRO K 37 -15.39 -59.06 11.76
C PRO K 37 -16.07 -60.22 11.02
N PRO K 38 -16.85 -59.92 9.95
CA PRO K 38 -17.61 -60.95 9.23
C PRO K 38 -16.79 -62.13 8.69
N HIS K 39 -15.61 -61.84 8.15
CA HIS K 39 -14.80 -62.85 7.48
C HIS K 39 -13.73 -63.44 8.40
N CYS K 40 -13.80 -63.15 9.71
CA CYS K 40 -12.76 -63.54 10.64
C CYS K 40 -13.32 -64.47 11.73
N ALA K 41 -12.50 -65.43 12.17
CA ALA K 41 -12.81 -66.29 13.30
C ALA K 41 -11.53 -66.71 14.02
N LEU K 42 -11.67 -67.19 15.27
CA LEU K 42 -10.52 -67.68 16.03
C LEU K 42 -10.41 -69.19 15.84
N GLY K 43 -9.39 -69.65 15.09
CA GLY K 43 -9.16 -71.06 14.87
C GLY K 43 -8.49 -71.76 16.05
N ALA K 44 -7.46 -71.13 16.64
CA ALA K 44 -6.66 -71.80 17.65
C ALA K 44 -5.81 -70.80 18.45
N LEU K 45 -5.32 -71.27 19.61
CA LEU K 45 -4.51 -70.46 20.51
C LEU K 45 -3.21 -71.20 20.80
N CYS K 46 -2.07 -70.50 20.81
CA CYS K 46 -0.79 -71.10 21.10
C CYS K 46 -0.01 -70.25 22.10
N ASP K 47 0.45 -70.85 23.21
CA ASP K 47 1.36 -70.17 24.12
C ASP K 47 2.27 -71.20 24.79
N ILE K 48 3.52 -70.82 25.06
CA ILE K 48 4.48 -71.69 25.71
C ILE K 48 4.34 -71.60 27.23
N ASP K 49 3.64 -70.58 27.75
CA ASP K 49 3.48 -70.41 29.19
C ASP K 49 2.29 -71.26 29.64
N PRO K 50 2.50 -72.11 30.68
CA PRO K 50 1.42 -72.96 31.21
C PRO K 50 0.25 -72.15 31.77
N GLN K 51 0.52 -71.03 32.41
CA GLN K 51 -0.51 -70.20 32.99
C GLN K 51 -1.47 -69.73 31.89
N LYS K 52 -0.88 -69.33 30.75
CA LYS K 52 -1.66 -68.88 29.62
C LYS K 52 -2.54 -70.01 29.09
N GLU K 53 -1.99 -71.23 29.06
CA GLU K 53 -2.74 -72.40 28.64
C GLU K 53 -3.95 -72.60 29.54
N GLU K 54 -3.73 -72.45 30.86
CA GLU K 54 -4.79 -72.61 31.84
C GLU K 54 -5.88 -71.55 31.59
N MET K 55 -5.45 -70.30 31.36
CA MET K 55 -6.40 -69.24 31.09
C MET K 55 -7.16 -69.59 29.81
N CYS K 56 -6.44 -70.12 28.82
CA CYS K 56 -7.05 -70.47 27.54
C CYS K 56 -8.08 -71.59 27.70
N LYS K 57 -7.78 -72.56 28.58
CA LYS K 57 -8.74 -73.62 28.88
C LYS K 57 -9.98 -73.05 29.54
N GLU K 58 -9.80 -72.00 30.38
CA GLU K 58 -10.91 -71.43 31.11
C GLU K 58 -11.77 -70.58 30.18
N LYS K 59 -11.14 -69.59 29.53
CA LYS K 59 -11.87 -68.58 28.77
C LYS K 59 -12.33 -69.12 27.42
N TYR K 60 -11.56 -70.05 26.82
CA TYR K 60 -11.82 -70.47 25.46
C TYR K 60 -11.79 -72.00 25.41
N PRO K 61 -12.73 -72.66 26.11
CA PRO K 61 -12.63 -74.11 26.36
C PRO K 61 -12.78 -74.95 25.09
N ASP K 62 -13.46 -74.41 24.08
CA ASP K 62 -13.76 -75.16 22.87
C ASP K 62 -12.80 -74.76 21.75
N VAL K 63 -11.73 -74.05 22.11
CA VAL K 63 -10.80 -73.57 21.12
C VAL K 63 -9.51 -74.38 21.22
N PRO K 64 -9.10 -75.05 20.14
CA PRO K 64 -7.88 -75.87 20.15
C PRO K 64 -6.69 -75.07 20.66
N PHE K 65 -5.89 -75.67 21.54
CA PHE K 65 -4.73 -75.02 22.13
C PHE K 65 -3.46 -75.80 21.77
N TYR K 66 -2.34 -75.10 21.49
CA TYR K 66 -1.09 -75.75 21.15
C TYR K 66 0.07 -75.07 21.85
N LYS K 67 0.98 -75.85 22.45
CA LYS K 67 2.19 -75.31 23.06
C LYS K 67 3.14 -74.85 21.95
N ASP K 68 3.27 -75.68 20.89
CA ASP K 68 4.17 -75.43 19.79
C ASP K 68 3.39 -74.86 18.61
N TRP K 69 3.79 -73.66 18.18
CA TRP K 69 3.10 -72.98 17.09
C TRP K 69 3.29 -73.73 15.76
N LYS K 70 4.32 -74.58 15.65
CA LYS K 70 4.53 -75.36 14.43
C LYS K 70 3.46 -76.43 14.31
N ASP K 71 3.04 -76.97 15.47
CA ASP K 71 1.98 -77.97 15.52
C ASP K 71 0.65 -77.31 15.11
N MET K 72 0.42 -76.07 15.54
CA MET K 72 -0.81 -75.38 15.22
C MET K 72 -0.88 -75.16 13.71
N VAL K 73 0.25 -74.76 13.11
CA VAL K 73 0.31 -74.47 11.69
C VAL K 73 -0.06 -75.72 10.89
N ALA K 74 0.51 -76.86 11.30
CA ALA K 74 0.33 -78.12 10.59
C ALA K 74 -1.05 -78.73 10.86
N SER K 75 -1.73 -78.32 11.93
CA SER K 75 -2.99 -78.93 12.35
C SER K 75 -4.09 -78.75 11.31
N GLY K 76 -4.05 -77.66 10.54
CA GLY K 76 -5.16 -77.35 9.64
C GLY K 76 -6.41 -76.92 10.42
N ASP K 77 -6.23 -76.53 11.69
CA ASP K 77 -7.27 -75.87 12.44
C ASP K 77 -7.31 -74.38 12.13
N VAL K 78 -6.24 -73.86 11.49
CA VAL K 78 -6.13 -72.44 11.20
C VAL K 78 -5.76 -72.24 9.74
N ASP K 79 -6.18 -71.09 9.20
CA ASP K 79 -5.91 -70.67 7.83
C ASP K 79 -4.91 -69.52 7.80
N ALA K 80 -4.57 -68.98 8.98
CA ALA K 80 -3.61 -67.91 9.12
C ALA K 80 -3.19 -67.80 10.58
N VAL K 81 -2.03 -67.18 10.82
CA VAL K 81 -1.55 -66.96 12.17
C VAL K 81 -1.17 -65.49 12.37
N ILE K 82 -1.21 -65.04 13.62
CA ILE K 82 -0.83 -63.70 14.02
C ILE K 82 0.30 -63.82 15.05
N THR K 83 1.38 -63.05 14.89
CA THR K 83 2.58 -63.28 15.68
C THR K 83 2.62 -62.37 16.91
N THR K 84 1.69 -62.56 17.84
CA THR K 84 1.64 -61.77 19.06
C THR K 84 2.61 -62.34 20.09
N VAL K 85 3.89 -62.38 19.72
CA VAL K 85 4.98 -62.85 20.56
C VAL K 85 6.11 -61.83 20.51
N PRO K 86 7.10 -61.90 21.42
CA PRO K 86 8.24 -60.97 21.38
C PRO K 86 8.81 -60.87 19.97
N HIS K 87 9.41 -59.71 19.68
CA HIS K 87 9.64 -59.29 18.31
C HIS K 87 10.68 -60.19 17.65
N TYR K 88 11.60 -60.73 18.45
CA TYR K 88 12.69 -61.52 17.91
C TYR K 88 12.14 -62.75 17.18
N LEU K 89 10.95 -63.25 17.57
CA LEU K 89 10.37 -64.42 16.94
C LEU K 89 9.61 -64.10 15.66
N HIS K 90 9.36 -62.81 15.36
CA HIS K 90 8.42 -62.50 14.30
C HIS K 90 8.87 -63.11 12.97
N THR K 91 10.11 -62.81 12.55
CA THR K 91 10.58 -63.21 11.25
C THR K 91 10.76 -64.74 11.19
N GLU K 92 11.12 -65.34 12.32
CA GLU K 92 11.37 -66.78 12.38
C GLU K 92 10.08 -67.52 12.04
N ILE K 93 8.96 -67.06 12.63
CA ILE K 93 7.67 -67.67 12.44
C ILE K 93 7.19 -67.41 11.03
N ALA K 94 7.39 -66.17 10.59
CA ALA K 94 6.89 -65.76 9.28
C ALA K 94 7.53 -66.62 8.21
N ILE K 95 8.86 -66.73 8.25
CA ILE K 95 9.60 -67.46 7.24
C ILE K 95 9.11 -68.91 7.21
N TYR K 96 8.95 -69.51 8.39
CA TYR K 96 8.50 -70.89 8.46
C TYR K 96 7.12 -71.01 7.81
N CYS K 97 6.21 -70.06 8.10
CA CYS K 97 4.85 -70.12 7.60
C CYS K 97 4.80 -69.96 6.08
N LEU K 98 5.59 -69.02 5.56
CA LEU K 98 5.64 -68.78 4.13
C LEU K 98 6.13 -70.02 3.41
N GLU K 99 7.10 -70.72 4.02
CA GLU K 99 7.68 -71.91 3.42
C GLU K 99 6.72 -73.08 3.50
N HIS K 100 5.74 -73.02 4.42
CA HIS K 100 4.78 -74.10 4.63
C HIS K 100 3.37 -73.68 4.19
N GLY K 101 3.27 -72.74 3.24
CA GLY K 101 2.00 -72.33 2.64
C GLY K 101 0.98 -71.80 3.64
N MET K 102 1.44 -71.16 4.72
CA MET K 102 0.55 -70.67 5.77
C MET K 102 0.55 -69.14 5.80
N ASN K 103 -0.64 -68.56 5.62
CA ASN K 103 -0.80 -67.11 5.66
C ASN K 103 -0.37 -66.56 7.02
N VAL K 104 0.39 -65.46 7.00
CA VAL K 104 0.93 -64.92 8.24
C VAL K 104 0.73 -63.42 8.32
N LEU K 105 0.11 -63.00 9.41
CA LEU K 105 -0.03 -61.59 9.77
C LEU K 105 0.96 -61.27 10.88
N VAL K 106 2.03 -60.56 10.52
CA VAL K 106 3.13 -60.28 11.43
C VAL K 106 2.82 -59.03 12.25
N GLU K 107 3.10 -59.09 13.55
CA GLU K 107 2.89 -57.95 14.42
C GLU K 107 3.97 -56.90 14.21
N LYS K 108 3.66 -55.70 14.68
CA LYS K 108 4.61 -54.62 14.74
C LYS K 108 5.51 -54.84 15.95
N PRO K 109 6.79 -54.42 15.91
CA PRO K 109 7.45 -54.06 14.65
C PRO K 109 7.72 -55.36 13.90
N ALA K 110 7.92 -55.27 12.58
CA ALA K 110 8.07 -56.47 11.78
C ALA K 110 9.17 -57.37 12.35
N GLY K 111 10.25 -56.76 12.86
CA GLY K 111 11.29 -57.50 13.55
C GLY K 111 12.22 -56.55 14.30
N VAL K 112 13.31 -57.08 14.83
CA VAL K 112 14.24 -56.30 15.61
C VAL K 112 15.33 -55.73 14.70
N TYR K 113 15.97 -56.60 13.92
CA TYR K 113 17.07 -56.17 13.07
C TYR K 113 16.70 -56.44 11.62
N ALA K 114 17.09 -55.47 10.78
CA ALA K 114 16.65 -55.36 9.39
C ALA K 114 17.04 -56.60 8.60
N LYS K 115 18.21 -57.20 8.91
CA LYS K 115 18.65 -58.36 8.15
C LYS K 115 17.55 -59.43 8.16
N SER K 116 17.03 -59.76 9.35
CA SER K 116 16.07 -60.84 9.47
C SER K 116 14.77 -60.45 8.76
N VAL K 117 14.43 -59.16 8.77
CA VAL K 117 13.20 -58.70 8.16
C VAL K 117 13.33 -58.76 6.65
N ARG K 118 14.53 -58.43 6.14
CA ARG K 118 14.79 -58.50 4.71
C ARG K 118 14.62 -59.93 4.26
N GLU K 119 15.17 -60.87 5.04
CA GLU K 119 15.09 -62.28 4.70
C GLU K 119 13.61 -62.68 4.64
N MET K 120 12.82 -62.21 5.60
CA MET K 120 11.41 -62.52 5.64
C MET K 120 10.73 -62.01 4.37
N ASN K 121 11.09 -60.80 3.94
CA ASN K 121 10.45 -60.21 2.77
C ASN K 121 10.81 -61.04 1.53
N GLU K 122 12.08 -61.46 1.43
CA GLU K 122 12.56 -62.19 0.28
C GLU K 122 11.89 -63.55 0.20
N CYS K 123 11.72 -64.17 1.37
CA CYS K 123 10.99 -65.41 1.51
C CYS K 123 9.56 -65.24 0.99
N ALA K 124 8.88 -64.16 1.41
CA ALA K 124 7.50 -63.93 1.00
C ALA K 124 7.43 -63.73 -0.51
N ALA K 125 8.40 -62.98 -1.05
CA ALA K 125 8.42 -62.69 -2.48
C ALA K 125 8.60 -63.99 -3.28
N ALA K 126 9.20 -65.00 -2.63
CA ALA K 126 9.44 -66.30 -3.23
C ALA K 126 8.27 -67.26 -3.03
N HIS K 127 7.29 -66.88 -2.20
CA HIS K 127 6.07 -67.67 -2.05
C HIS K 127 4.89 -66.71 -2.14
N PRO K 128 4.71 -66.04 -3.31
CA PRO K 128 3.75 -64.94 -3.43
C PRO K 128 2.30 -65.35 -3.25
N GLU K 129 1.98 -66.63 -3.48
CA GLU K 129 0.63 -67.14 -3.31
C GLU K 129 0.21 -67.07 -1.83
N VAL K 130 1.18 -67.01 -0.91
CA VAL K 130 0.87 -66.92 0.50
C VAL K 130 0.66 -65.45 0.87
N THR K 131 -0.46 -65.17 1.56
CA THR K 131 -0.75 -63.82 2.04
C THR K 131 0.20 -63.47 3.19
N PHE K 132 0.82 -62.29 3.05
CA PHE K 132 1.82 -61.79 3.96
C PHE K 132 1.51 -60.35 4.32
N GLY K 133 1.23 -60.10 5.60
CA GLY K 133 0.76 -58.79 6.02
C GLY K 133 1.38 -58.37 7.35
N ILE K 134 1.26 -57.08 7.64
CA ILE K 134 1.73 -56.59 8.92
C ILE K 134 0.58 -55.84 9.59
N MET K 135 0.60 -55.82 10.93
CA MET K 135 -0.44 -55.19 11.73
C MET K 135 -0.10 -53.72 11.95
N PHE K 136 -0.15 -52.95 10.86
CA PHE K 136 0.00 -51.51 10.95
C PHE K 136 -1.42 -50.92 11.06
N ASN K 137 -2.01 -51.10 12.24
CA ASN K 137 -3.44 -50.92 12.44
C ASN K 137 -3.80 -49.43 12.35
N GLN K 138 -2.82 -48.56 12.56
CA GLN K 138 -3.10 -47.14 12.45
C GLN K 138 -3.36 -46.72 11.01
N ARG K 139 -3.06 -47.57 10.02
CA ARG K 139 -3.38 -47.20 8.66
C ARG K 139 -4.87 -47.31 8.39
N THR K 140 -5.63 -47.86 9.34
CA THR K 140 -7.07 -47.97 9.22
C THR K 140 -7.76 -46.72 9.76
N ASN K 141 -6.97 -45.80 10.30
CA ASN K 141 -7.46 -44.59 10.93
C ASN K 141 -7.72 -43.53 9.88
N LYS K 142 -8.99 -43.11 9.76
CA LYS K 142 -9.37 -42.19 8.72
C LYS K 142 -8.54 -40.91 8.79
N LEU K 143 -8.01 -40.61 9.97
CA LEU K 143 -7.18 -39.42 10.14
C LEU K 143 -5.93 -39.52 9.27
N TYR K 144 -5.20 -40.61 9.40
CA TYR K 144 -3.93 -40.75 8.69
C TYR K 144 -4.22 -41.02 7.22
N GLN K 145 -5.37 -41.63 6.92
CA GLN K 145 -5.75 -41.81 5.52
C GLN K 145 -5.98 -40.47 4.85
N LYS K 146 -6.66 -39.57 5.55
CA LYS K 146 -6.93 -38.23 5.05
C LYS K 146 -5.62 -37.52 4.74
N ILE K 147 -4.69 -37.55 5.70
CA ILE K 147 -3.44 -36.82 5.53
C ILE K 147 -2.61 -37.44 4.40
N ARG K 148 -2.55 -38.77 4.37
CA ARG K 148 -1.83 -39.43 3.30
C ARG K 148 -2.42 -39.05 1.94
N GLU K 149 -3.74 -39.14 1.80
CA GLU K 149 -4.40 -38.84 0.53
C GLU K 149 -4.00 -37.47 0.01
N ILE K 150 -4.04 -36.48 0.89
CA ILE K 150 -3.80 -35.10 0.49
C ILE K 150 -2.35 -34.95 0.06
N VAL K 151 -1.42 -35.47 0.86
CA VAL K 151 -0.02 -35.40 0.52
C VAL K 151 0.23 -36.12 -0.81
N ALA K 152 -0.19 -37.37 -0.90
CA ALA K 152 0.05 -38.19 -2.09
C ALA K 152 -0.61 -37.61 -3.34
N SER K 153 -1.72 -36.88 -3.19
CA SER K 153 -2.42 -36.36 -4.36
C SER K 153 -1.52 -35.37 -5.10
N GLY K 154 -0.56 -34.80 -4.40
CA GLY K 154 0.24 -33.71 -4.95
C GLY K 154 -0.51 -32.38 -4.89
N GLU K 155 -1.72 -32.36 -4.34
CA GLU K 155 -2.50 -31.14 -4.30
C GLU K 155 -1.77 -30.03 -3.56
N LEU K 156 -1.00 -30.36 -2.51
CA LEU K 156 -0.33 -29.33 -1.73
C LEU K 156 1.13 -29.24 -2.16
N GLY K 157 1.46 -29.86 -3.29
CA GLY K 157 2.82 -29.82 -3.79
C GLY K 157 3.73 -30.75 -2.97
N GLU K 158 5.01 -30.48 -3.05
CA GLU K 158 6.01 -31.33 -2.41
C GLU K 158 6.17 -30.98 -0.94
N ILE K 159 6.54 -31.98 -0.15
CA ILE K 159 6.88 -31.76 1.24
C ILE K 159 8.21 -31.03 1.34
N ARG K 160 8.29 -30.08 2.28
CA ARG K 160 9.53 -29.42 2.60
C ARG K 160 10.02 -29.77 4.00
N ARG K 161 9.11 -30.08 4.94
CA ARG K 161 9.52 -30.36 6.30
C ARG K 161 8.47 -31.20 6.99
N SER K 162 8.91 -32.08 7.90
CA SER K 162 8.00 -32.74 8.81
C SER K 162 8.60 -32.65 10.21
N ASN K 163 7.74 -32.57 11.21
CA ASN K 163 8.18 -32.51 12.59
C ASN K 163 7.12 -33.21 13.42
N TRP K 164 7.51 -34.23 14.17
CA TRP K 164 6.57 -34.90 15.04
C TRP K 164 7.16 -35.00 16.44
N ILE K 165 6.54 -34.31 17.40
CA ILE K 165 6.84 -34.43 18.81
C ILE K 165 5.75 -35.32 19.41
N ILE K 166 6.13 -36.44 20.00
CA ILE K 166 5.13 -37.34 20.56
C ILE K 166 5.67 -37.91 21.86
N ASN K 167 5.30 -37.22 22.94
CA ASN K 167 5.85 -37.43 24.27
C ASN K 167 4.77 -37.88 25.25
N ASN K 168 3.55 -38.13 24.76
CA ASN K 168 2.41 -38.29 25.66
C ASN K 168 2.23 -39.74 26.13
N TRP K 169 3.15 -40.65 25.82
CA TRP K 169 3.02 -41.97 26.38
C TRP K 169 3.95 -42.15 27.58
N TYR K 170 3.50 -41.60 28.70
CA TYR K 170 4.22 -41.68 29.96
C TYR K 170 4.22 -43.11 30.48
N ARG K 171 5.42 -43.61 30.83
CA ARG K 171 5.55 -44.95 31.34
C ARG K 171 6.57 -44.95 32.46
N PRO K 172 6.13 -45.13 33.72
CA PRO K 172 7.05 -45.14 34.87
C PRO K 172 7.77 -46.46 35.06
N ASP K 173 8.76 -46.44 35.95
CA ASP K 173 9.57 -47.61 36.26
C ASP K 173 8.69 -48.82 36.55
N SER K 174 7.57 -48.62 37.23
CA SER K 174 6.65 -49.69 37.57
C SER K 174 6.16 -50.43 36.32
N TYR K 175 5.84 -49.69 35.24
CA TYR K 175 5.42 -50.31 33.99
C TYR K 175 6.56 -51.13 33.41
N TYR K 176 7.78 -50.59 33.47
CA TYR K 176 8.93 -51.25 32.87
C TYR K 176 9.17 -52.58 33.57
N ARG K 177 8.92 -52.65 34.88
CA ARG K 177 9.17 -53.88 35.63
C ARG K 177 8.14 -54.97 35.31
N LEU K 178 7.02 -54.63 34.66
CA LEU K 178 5.96 -55.60 34.39
C LEU K 178 6.40 -56.74 33.47
N SER K 179 7.19 -56.49 32.42
CA SER K 179 7.55 -57.53 31.46
C SER K 179 9.07 -57.77 31.44
N ASP K 180 9.49 -59.03 31.55
CA ASP K 180 10.88 -59.41 31.46
C ASP K 180 11.49 -59.08 30.08
N TRP K 181 10.79 -59.45 29.01
CA TRP K 181 11.31 -59.27 27.66
C TRP K 181 11.38 -57.80 27.25
N ARG K 182 10.39 -56.99 27.65
CA ARG K 182 10.33 -55.59 27.20
C ARG K 182 11.47 -54.76 27.82
N ALA K 183 11.98 -53.77 27.09
CA ALA K 183 13.00 -52.83 27.53
C ALA K 183 14.33 -53.51 27.82
N THR K 184 14.61 -54.62 27.14
CA THR K 184 15.89 -55.31 27.28
C THR K 184 16.48 -55.46 25.88
N TRP K 185 17.76 -55.20 25.70
CA TRP K 185 18.32 -55.32 24.36
C TRP K 185 18.14 -56.74 23.86
N GLY K 186 18.43 -57.72 24.72
CA GLY K 186 18.23 -59.11 24.39
C GLY K 186 16.77 -59.50 24.22
N GLY K 187 15.88 -59.00 25.09
CA GLY K 187 14.44 -59.24 24.97
C GLY K 187 13.72 -58.50 23.86
N GLU K 188 13.99 -57.20 23.68
CA GLU K 188 13.24 -56.37 22.74
C GLU K 188 14.09 -55.80 21.61
N GLY K 189 15.40 -55.66 21.83
CA GLY K 189 16.28 -55.02 20.86
C GLY K 189 16.22 -53.49 20.95
N GLY K 190 15.53 -52.97 21.95
CA GLY K 190 15.43 -51.54 22.17
C GLY K 190 14.38 -51.23 23.23
N GLY K 191 14.05 -49.93 23.41
CA GLY K 191 12.95 -49.58 24.28
C GLY K 191 11.83 -48.86 23.54
N VAL K 192 11.87 -47.53 23.51
CA VAL K 192 10.79 -46.73 22.93
C VAL K 192 10.68 -47.01 21.43
N LEU K 193 11.82 -47.14 20.74
CA LEU K 193 11.84 -47.33 19.30
C LEU K 193 11.16 -48.64 18.88
N VAL K 194 11.35 -49.71 19.66
CA VAL K 194 10.77 -51.01 19.36
C VAL K 194 9.37 -51.18 19.97
N ASN K 195 8.94 -50.28 20.87
CA ASN K 195 7.64 -50.44 21.54
C ASN K 195 6.61 -49.40 21.10
N GLN K 196 6.63 -48.21 21.72
CA GLN K 196 5.71 -47.13 21.40
C GLN K 196 5.90 -46.56 19.99
N ALA K 197 7.15 -46.39 19.55
CA ALA K 197 7.50 -45.67 18.31
C ALA K 197 7.08 -46.34 17.00
N PRO K 198 7.08 -47.69 16.80
CA PRO K 198 6.92 -48.28 15.48
C PRO K 198 5.71 -47.91 14.64
N HIS K 199 4.51 -47.89 15.23
CA HIS K 199 3.36 -47.49 14.43
C HIS K 199 3.60 -46.09 13.87
N GLN K 200 4.09 -45.18 14.73
CA GLN K 200 4.35 -43.80 14.35
C GLN K 200 5.46 -43.72 13.30
N LEU K 201 6.51 -44.53 13.48
CA LEU K 201 7.63 -44.50 12.54
C LEU K 201 7.16 -44.93 11.14
N ASP K 202 6.33 -45.97 11.08
CA ASP K 202 5.74 -46.36 9.81
C ASP K 202 4.87 -45.24 9.25
N LEU K 203 4.04 -44.62 10.11
CA LEU K 203 3.12 -43.60 9.65
C LEU K 203 3.91 -42.44 9.03
N TRP K 204 4.98 -42.05 9.73
CA TRP K 204 5.78 -40.92 9.27
C TRP K 204 6.32 -41.21 7.89
N GLN K 205 6.88 -42.42 7.72
CA GLN K 205 7.41 -42.84 6.44
C GLN K 205 6.29 -42.96 5.40
N TRP K 206 5.16 -43.54 5.81
CA TRP K 206 4.06 -43.77 4.89
C TRP K 206 3.55 -42.44 4.30
N ILE K 207 3.31 -41.44 5.16
CA ILE K 207 2.88 -40.13 4.72
C ILE K 207 4.02 -39.32 4.07
N CYS K 208 5.23 -39.32 4.67
CA CYS K 208 6.28 -38.40 4.24
C CYS K 208 7.44 -39.04 3.48
N GLY K 209 7.38 -40.33 3.14
CA GLY K 209 8.48 -40.99 2.45
C GLY K 209 9.53 -41.52 3.41
N ILE K 210 10.57 -42.18 2.88
CA ILE K 210 11.61 -42.82 3.68
C ILE K 210 12.86 -41.96 3.71
N PRO K 211 13.43 -41.65 4.89
CA PRO K 211 14.57 -40.75 4.97
C PRO K 211 15.82 -41.29 4.28
N THR K 212 16.51 -40.45 3.52
CA THR K 212 17.80 -40.80 2.96
C THR K 212 18.85 -40.92 4.07
N THR K 213 18.83 -40.01 5.04
CA THR K 213 19.86 -39.96 6.09
C THR K 213 19.19 -39.78 7.45
N VAL K 214 19.77 -40.34 8.51
CA VAL K 214 19.23 -40.23 9.86
C VAL K 214 20.32 -39.77 10.83
N TYR K 215 20.04 -38.73 11.65
CA TYR K 215 20.91 -38.37 12.75
C TYR K 215 20.06 -38.42 14.01
N ALA K 216 20.53 -39.09 15.08
CA ALA K 216 19.69 -39.24 16.26
C ALA K 216 20.47 -39.02 17.55
N ASN K 217 19.79 -38.56 18.60
CA ASN K 217 20.34 -38.51 19.95
C ASN K 217 19.49 -39.41 20.83
N CYS K 218 20.01 -40.58 21.20
CA CYS K 218 19.21 -41.52 21.96
C CYS K 218 19.78 -41.68 23.37
N ILE K 219 18.98 -41.40 24.39
CA ILE K 219 19.44 -41.50 25.76
C ILE K 219 18.89 -42.79 26.36
N ASN K 220 19.79 -43.63 26.88
CA ASN K 220 19.37 -44.85 27.56
C ASN K 220 19.05 -44.54 29.01
N GLY K 221 17.99 -45.16 29.52
CA GLY K 221 17.60 -45.04 30.93
C GLY K 221 17.43 -43.59 31.34
N SER K 222 16.68 -42.84 30.53
CA SER K 222 16.39 -41.46 30.82
C SER K 222 15.34 -41.41 31.92
N HIS K 223 15.76 -40.99 33.12
CA HIS K 223 14.88 -40.93 34.28
C HIS K 223 14.24 -42.30 34.55
N ARG K 224 14.88 -43.37 34.07
CA ARG K 224 14.33 -44.70 34.22
C ARG K 224 15.47 -45.69 34.40
N ASP K 225 15.15 -46.78 35.11
CA ASP K 225 16.10 -47.82 35.45
C ASP K 225 15.99 -48.92 34.41
N ILE K 226 16.41 -48.60 33.17
CA ILE K 226 16.48 -49.54 32.08
C ILE K 226 17.76 -49.23 31.30
N ALA K 227 18.18 -50.16 30.44
CA ALA K 227 19.41 -50.00 29.71
C ALA K 227 19.16 -49.51 28.28
N VAL K 228 17.87 -49.37 27.91
CA VAL K 228 17.52 -49.10 26.53
C VAL K 228 17.10 -47.64 26.37
N GLU K 229 16.88 -47.20 25.13
CA GLU K 229 16.61 -45.80 24.89
C GLU K 229 15.15 -45.50 25.22
N ASN K 230 14.90 -44.35 25.86
CA ASN K 230 13.53 -43.89 26.06
C ASN K 230 13.45 -42.37 25.99
N ASP K 231 14.45 -41.71 25.37
CA ASP K 231 14.37 -40.30 25.02
C ASP K 231 15.15 -40.13 23.73
N VAL K 232 14.45 -39.82 22.64
CA VAL K 232 15.02 -39.90 21.30
C VAL K 232 14.69 -38.63 20.53
N THR K 233 15.70 -38.05 19.89
CA THR K 233 15.50 -36.92 19.02
C THR K 233 16.16 -37.24 17.69
N VAL K 234 15.43 -37.11 16.58
CA VAL K 234 15.93 -37.57 15.29
C VAL K 234 15.86 -36.43 14.28
N LEU K 235 16.88 -36.27 13.42
CA LEU K 235 16.78 -35.47 12.21
C LEU K 235 16.94 -36.35 10.99
N THR K 236 16.09 -36.10 10.00
CA THR K 236 16.10 -36.85 8.76
C THR K 236 16.24 -35.90 7.58
N GLU K 237 16.74 -36.46 6.46
CA GLU K 237 16.71 -35.83 5.14
C GLU K 237 16.05 -36.81 4.18
N TYR K 238 15.64 -36.30 3.01
CA TYR K 238 14.79 -37.02 2.08
C TYR K 238 15.33 -36.77 0.67
N GLU K 239 15.06 -37.72 -0.24
CA GLU K 239 15.52 -37.61 -1.61
C GLU K 239 15.21 -36.22 -2.16
N ASN K 240 14.03 -35.66 -1.86
CA ASN K 240 13.63 -34.43 -2.53
C ASN K 240 14.13 -33.17 -1.83
N GLY K 241 14.99 -33.29 -0.81
CA GLY K 241 15.59 -32.13 -0.17
C GLY K 241 14.88 -31.69 1.12
N ALA K 242 13.76 -32.34 1.43
CA ALA K 242 13.03 -32.02 2.65
C ALA K 242 13.83 -32.48 3.87
N THR K 243 13.49 -31.92 5.04
CA THR K 243 14.04 -32.33 6.32
C THR K 243 12.92 -32.87 7.20
N GLY K 244 13.29 -33.57 8.27
CA GLY K 244 12.31 -34.06 9.22
C GLY K 244 12.89 -34.13 10.63
N SER K 245 12.02 -34.17 11.63
CA SER K 245 12.43 -34.37 13.00
C SER K 245 11.37 -35.21 13.70
N PHE K 246 11.83 -35.99 14.68
CA PHE K 246 10.96 -36.85 15.47
C PHE K 246 11.51 -36.87 16.88
N ILE K 247 10.65 -36.59 17.86
CA ILE K 247 11.04 -36.52 19.26
C ILE K 247 10.07 -37.37 20.05
N THR K 248 10.56 -38.27 20.92
CA THR K 248 9.65 -39.06 21.75
C THR K 248 10.37 -39.46 23.02
N CYS K 249 9.60 -39.68 24.09
CA CYS K 249 10.15 -40.15 25.35
C CYS K 249 9.04 -40.68 26.24
N THR K 250 9.41 -41.38 27.31
CA THR K 250 8.43 -42.00 28.18
C THR K 250 8.45 -41.38 29.57
N HIS K 251 9.09 -40.20 29.73
CA HIS K 251 9.20 -39.62 31.06
C HIS K 251 8.49 -38.27 31.17
N ASP K 252 7.65 -37.95 30.17
CA ASP K 252 6.95 -36.67 30.13
C ASP K 252 5.54 -36.84 30.66
N LEU K 253 5.25 -36.23 31.81
CA LEU K 253 3.93 -36.30 32.42
C LEU K 253 2.88 -35.55 31.61
N LEU K 254 3.29 -34.68 30.68
CA LEU K 254 2.30 -33.89 29.97
C LEU K 254 2.82 -33.62 28.57
N GLY K 255 2.96 -34.72 27.83
CA GLY K 255 3.76 -34.69 26.62
C GLY K 255 2.97 -34.11 25.46
N THR K 256 3.63 -33.26 24.68
CA THR K 256 3.09 -32.82 23.42
C THR K 256 2.94 -34.02 22.46
N ASP K 257 1.88 -33.99 21.64
CA ASP K 257 1.75 -34.86 20.48
C ASP K 257 1.32 -33.97 19.31
N ARG K 258 2.28 -33.47 18.54
CA ARG K 258 2.01 -32.52 17.48
C ARG K 258 2.83 -32.92 16.26
N PHE K 259 2.14 -33.15 15.13
CA PHE K 259 2.76 -33.60 13.89
C PHE K 259 2.50 -32.55 12.83
N GLU K 260 3.57 -31.94 12.32
CA GLU K 260 3.47 -30.85 11.38
C GLU K 260 4.11 -31.31 10.07
N ILE K 261 3.44 -30.98 8.96
CA ILE K 261 4.00 -31.19 7.65
C ILE K 261 3.87 -29.85 6.93
N ASP K 262 5.01 -29.37 6.41
CA ASP K 262 5.07 -28.13 5.67
C ASP K 262 5.33 -28.46 4.21
N LEU K 263 4.53 -27.87 3.32
CA LEU K 263 4.56 -28.21 1.92
C LEU K 263 4.63 -26.94 1.08
N ASP K 264 4.88 -27.15 -0.20
CA ASP K 264 5.03 -26.07 -1.16
C ASP K 264 3.72 -25.29 -1.19
N GLY K 265 2.59 -25.98 -1.00
CA GLY K 265 1.28 -25.41 -1.24
C GLY K 265 0.37 -25.38 -0.02
N GLY K 266 0.88 -25.80 1.14
CA GLY K 266 0.07 -25.71 2.34
C GLY K 266 0.80 -26.29 3.54
N LYS K 267 0.02 -26.55 4.59
CA LYS K 267 0.57 -26.97 5.85
C LYS K 267 -0.44 -27.87 6.53
N ILE K 268 0.05 -28.87 7.25
CA ILE K 268 -0.84 -29.74 7.99
C ILE K 268 -0.33 -29.80 9.41
N VAL K 269 -1.23 -29.69 10.38
CA VAL K 269 -0.86 -29.85 11.77
C VAL K 269 -1.84 -30.80 12.40
N VAL K 270 -1.32 -31.84 13.04
CA VAL K 270 -2.17 -32.86 13.65
C VAL K 270 -1.91 -32.84 15.14
N GLU K 271 -2.96 -32.62 15.93
CA GLU K 271 -2.85 -32.48 17.36
C GLU K 271 -3.44 -33.70 18.05
N ASP K 272 -2.67 -34.28 18.97
CA ASP K 272 -3.11 -35.34 19.86
C ASP K 272 -3.57 -36.57 19.09
N SER K 273 -3.15 -36.68 17.83
CA SER K 273 -3.45 -37.84 17.00
C SER K 273 -4.95 -38.02 16.81
N LYS K 274 -5.73 -36.94 16.96
CA LYS K 274 -7.17 -36.98 16.78
C LYS K 274 -7.60 -35.93 15.76
N LYS K 275 -6.94 -34.77 15.73
CA LYS K 275 -7.48 -33.62 15.03
C LYS K 275 -6.42 -33.01 14.11
N ALA K 276 -6.82 -32.70 12.88
CA ALA K 276 -5.91 -32.20 11.87
C ALA K 276 -6.38 -30.85 11.35
N TYR K 277 -5.45 -29.91 11.25
CA TYR K 277 -5.73 -28.62 10.63
C TYR K 277 -5.00 -28.61 9.30
N ILE K 278 -5.73 -28.43 8.21
CA ILE K 278 -5.16 -28.43 6.87
C ILE K 278 -5.23 -27.00 6.35
N TYR K 279 -4.07 -26.43 6.01
CA TYR K 279 -4.01 -25.06 5.52
C TYR K 279 -3.61 -25.12 4.06
N ARG K 280 -4.42 -24.53 3.18
CA ARG K 280 -4.10 -24.47 1.77
C ARG K 280 -3.74 -23.05 1.42
N PHE K 281 -2.52 -22.85 0.91
CA PHE K 281 -2.08 -21.53 0.49
C PHE K 281 -2.85 -21.17 -0.77
N LYS K 282 -3.24 -19.90 -0.91
CA LYS K 282 -3.95 -19.47 -2.12
C LYS K 282 -3.06 -19.70 -3.31
N GLU K 283 -1.77 -19.39 -3.14
CA GLU K 283 -0.77 -19.68 -4.16
C GLU K 283 0.39 -20.40 -3.53
N THR K 284 1.09 -21.21 -4.31
CA THR K 284 2.25 -21.94 -3.80
C THR K 284 3.34 -20.93 -3.47
N GLU K 285 4.19 -21.31 -2.51
CA GLU K 285 5.28 -20.45 -2.10
C GLU K 285 6.18 -20.19 -3.29
N THR K 286 6.40 -21.21 -4.13
CA THR K 286 7.23 -21.08 -5.31
C THR K 286 6.71 -19.93 -6.16
N ALA K 287 5.38 -19.88 -6.34
CA ALA K 287 4.74 -18.82 -7.09
C ALA K 287 4.97 -17.46 -6.44
N VAL K 288 4.79 -17.41 -5.10
CA VAL K 288 4.93 -16.17 -4.37
C VAL K 288 6.38 -15.67 -4.50
N ASN K 289 7.34 -16.59 -4.38
CA ASN K 289 8.75 -16.24 -4.42
C ASN K 289 9.09 -15.68 -5.80
N ALA K 290 8.46 -16.26 -6.84
CA ALA K 290 8.72 -15.87 -8.21
C ALA K 290 8.25 -14.43 -8.49
N ARG K 291 7.25 -13.95 -7.74
CA ARG K 291 6.61 -12.67 -7.97
C ARG K 291 7.50 -11.46 -8.24
N ASP K 292 8.73 -11.30 -7.72
CA ASP K 292 9.46 -10.04 -7.98
C ASP K 292 8.61 -8.86 -7.46
N MET K 293 8.22 -9.01 -6.21
CA MET K 293 7.33 -8.10 -5.51
C MET K 293 7.88 -6.68 -5.44
N ASP K 294 6.97 -5.69 -5.49
CA ASP K 294 7.27 -4.31 -5.16
C ASP K 294 7.40 -4.21 -3.65
N TRP K 295 7.98 -3.11 -3.13
CA TRP K 295 8.28 -3.02 -1.69
C TRP K 295 7.02 -3.19 -0.84
N MET K 296 5.91 -2.57 -1.25
CA MET K 296 4.67 -2.70 -0.51
C MET K 296 4.25 -4.17 -0.46
N GLN K 297 4.38 -4.85 -1.61
CA GLN K 297 4.08 -6.28 -1.68
C GLN K 297 5.00 -7.06 -0.75
N ILE K 298 6.29 -6.70 -0.75
CA ILE K 298 7.27 -7.36 0.11
C ILE K 298 6.87 -7.12 1.56
N ALA K 299 6.45 -5.88 1.87
CA ALA K 299 6.08 -5.48 3.22
C ALA K 299 4.90 -6.32 3.73
N MET K 300 3.91 -6.55 2.86
CA MET K 300 2.75 -7.35 3.24
C MET K 300 3.23 -8.76 3.57
N LEU K 301 4.14 -9.30 2.75
CA LEU K 301 4.63 -10.66 2.94
C LEU K 301 5.48 -10.71 4.22
N THR K 302 6.28 -9.68 4.47
CA THR K 302 7.16 -9.68 5.64
C THR K 302 6.34 -9.60 6.93
N SER K 303 5.20 -8.89 6.91
CA SER K 303 4.27 -8.89 8.04
C SER K 303 3.63 -10.29 8.23
N LYS K 311 -7.68 -13.50 3.63
CA LYS K 311 -6.39 -14.12 4.08
C LYS K 311 -5.74 -14.87 2.92
N MET K 312 -4.41 -15.07 2.97
CA MET K 312 -3.68 -15.84 1.99
C MET K 312 -3.91 -17.35 2.12
N PHE K 313 -4.50 -17.87 3.21
CA PHE K 313 -4.73 -19.29 3.34
C PHE K 313 -6.18 -19.61 3.70
N GLU K 314 -6.61 -20.84 3.40
CA GLU K 314 -7.90 -21.37 3.81
C GLU K 314 -7.66 -22.58 4.71
N VAL K 315 -8.48 -22.78 5.73
CA VAL K 315 -8.24 -23.84 6.71
C VAL K 315 -9.38 -24.85 6.67
N GLU K 316 -9.04 -26.13 6.59
CA GLU K 316 -9.97 -27.25 6.69
C GLU K 316 -9.63 -28.07 7.93
N GLU K 317 -10.65 -28.59 8.62
CA GLU K 317 -10.46 -29.34 9.84
C GLU K 317 -10.93 -30.78 9.65
N PHE K 318 -10.22 -31.75 10.23
CA PHE K 318 -10.60 -33.14 10.23
C PHE K 318 -10.40 -33.67 11.64
N GLU K 319 -11.34 -34.46 12.17
CA GLU K 319 -11.17 -35.13 13.44
C GLU K 319 -11.67 -36.58 13.32
N ASN K 320 -10.89 -37.55 13.79
CA ASN K 320 -11.35 -38.93 13.94
C ASN K 320 -10.74 -39.56 15.18
N THR K 321 -11.55 -40.30 15.94
CA THR K 321 -11.04 -41.16 17.01
C THR K 321 -11.60 -42.55 16.76
N ASP K 322 -10.74 -43.57 16.88
CA ASP K 322 -11.15 -44.94 16.61
C ASP K 322 -11.30 -45.67 17.93
N GLY K 323 -12.44 -46.37 18.10
CA GLY K 323 -12.75 -47.04 19.34
C GLY K 323 -11.94 -48.32 19.51
N TRP K 324 -11.95 -48.85 20.74
CA TRP K 324 -11.13 -50.00 21.07
C TRP K 324 -11.49 -51.15 20.13
N GLY K 325 -10.46 -51.74 19.53
CA GLY K 325 -10.64 -52.91 18.69
C GLY K 325 -10.87 -52.58 17.22
N TYR K 326 -11.27 -51.35 16.91
CA TYR K 326 -11.65 -51.02 15.55
C TYR K 326 -10.47 -51.28 14.61
N GLN K 327 -9.31 -50.74 14.94
CA GLN K 327 -8.19 -50.73 14.04
C GLN K 327 -7.71 -52.16 13.79
N HIS K 328 -7.56 -52.93 14.88
CA HIS K 328 -7.02 -54.27 14.80
C HIS K 328 -7.99 -55.19 14.04
N THR K 329 -9.28 -55.08 14.35
CA THR K 329 -10.28 -55.88 13.68
C THR K 329 -10.32 -55.53 12.19
N THR K 330 -10.19 -54.23 11.89
CA THR K 330 -10.30 -53.79 10.51
C THR K 330 -9.15 -54.42 9.70
N VAL K 331 -7.95 -54.47 10.29
CA VAL K 331 -6.81 -55.10 9.63
C VAL K 331 -7.12 -56.58 9.46
N MET K 332 -7.55 -57.23 10.54
CA MET K 332 -7.88 -58.66 10.51
C MET K 332 -8.85 -58.94 9.35
N GLU K 333 -9.85 -58.07 9.21
CA GLU K 333 -10.89 -58.27 8.22
C GLU K 333 -10.31 -58.03 6.82
N ASN K 334 -9.49 -57.00 6.68
CA ASN K 334 -8.83 -56.66 5.43
C ASN K 334 -7.97 -57.84 4.98
N PHE K 335 -7.21 -58.38 5.93
CA PHE K 335 -6.30 -59.48 5.69
C PHE K 335 -7.08 -60.72 5.24
N ALA K 336 -8.16 -61.03 5.97
CA ALA K 336 -9.01 -62.15 5.60
C ALA K 336 -9.52 -61.95 4.18
N GLN K 337 -9.92 -60.72 3.86
CA GLN K 337 -10.53 -60.43 2.58
C GLN K 337 -9.51 -60.65 1.46
N HIS K 338 -8.22 -60.35 1.71
CA HIS K 338 -7.20 -60.56 0.70
C HIS K 338 -7.14 -62.06 0.36
N ILE K 339 -7.09 -62.88 1.41
CA ILE K 339 -7.05 -64.33 1.26
C ILE K 339 -8.25 -64.79 0.45
N ILE K 340 -9.44 -64.25 0.74
CA ILE K 340 -10.69 -64.77 0.20
C ILE K 340 -10.90 -64.33 -1.23
N ASP K 341 -10.80 -63.02 -1.53
CA ASP K 341 -11.22 -62.52 -2.83
C ASP K 341 -10.18 -61.58 -3.45
N GLY K 342 -8.97 -61.53 -2.90
CA GLY K 342 -7.90 -60.72 -3.47
C GLY K 342 -7.97 -59.23 -3.13
N THR K 343 -8.92 -58.80 -2.29
CA THR K 343 -8.92 -57.41 -1.83
C THR K 343 -7.50 -56.98 -1.48
N PRO K 344 -7.00 -55.84 -2.00
CA PRO K 344 -5.66 -55.35 -1.62
C PRO K 344 -5.49 -55.11 -0.13
N LEU K 345 -4.26 -55.34 0.36
CA LEU K 345 -3.92 -55.16 1.77
C LEU K 345 -3.62 -53.68 2.05
N LEU K 346 -4.19 -53.14 3.12
CA LEU K 346 -3.82 -51.83 3.61
C LEU K 346 -2.36 -51.87 4.04
N ALA K 347 -1.96 -52.98 4.66
CA ALA K 347 -0.62 -53.12 5.21
C ALA K 347 0.06 -54.38 4.65
N PRO K 348 0.63 -54.30 3.42
CA PRO K 348 1.40 -55.40 2.84
C PRO K 348 2.64 -55.59 3.70
N GLY K 349 2.99 -56.84 4.02
CA GLY K 349 4.01 -57.16 5.03
C GLY K 349 5.38 -56.63 4.66
N SER K 350 5.62 -56.49 3.35
CA SER K 350 6.92 -56.05 2.89
C SER K 350 7.23 -54.66 3.44
N ASP K 351 6.18 -53.86 3.68
CA ASP K 351 6.32 -52.48 4.18
C ASP K 351 6.92 -52.45 5.58
N GLY K 352 6.85 -53.56 6.32
CA GLY K 352 7.28 -53.58 7.70
C GLY K 352 8.74 -53.17 7.86
N ILE K 353 9.52 -53.39 6.81
CA ILE K 353 10.95 -53.17 6.86
C ILE K 353 11.29 -51.68 6.92
N ASN K 354 10.41 -50.83 6.38
CA ASN K 354 10.69 -49.40 6.36
C ASN K 354 10.88 -48.93 7.79
N GLY K 355 9.95 -49.32 8.66
CA GLY K 355 9.96 -48.90 10.06
C GLY K 355 11.14 -49.51 10.81
N VAL K 356 11.49 -50.74 10.46
CA VAL K 356 12.57 -51.41 11.15
C VAL K 356 13.89 -50.76 10.76
N ARG K 357 14.09 -50.53 9.47
CA ARG K 357 15.31 -49.89 9.02
C ARG K 357 15.49 -48.54 9.70
N LEU K 358 14.39 -47.78 9.81
CA LEU K 358 14.50 -46.44 10.36
C LEU K 358 14.89 -46.54 11.84
N ALA K 359 14.26 -47.48 12.55
CA ALA K 359 14.55 -47.68 13.97
C ALA K 359 16.01 -48.09 14.15
N ASN K 360 16.50 -48.98 13.28
CA ASN K 360 17.88 -49.42 13.34
C ASN K 360 18.81 -48.23 13.08
N ALA K 361 18.47 -47.41 12.08
CA ALA K 361 19.32 -46.29 11.72
C ALA K 361 19.38 -45.29 12.86
N ILE K 362 18.22 -45.04 13.48
CA ILE K 362 18.16 -44.14 14.61
C ILE K 362 19.08 -44.66 15.70
N GLN K 363 18.96 -45.95 16.04
CA GLN K 363 19.72 -46.52 17.14
C GLN K 363 21.23 -46.41 16.87
N LEU K 364 21.62 -46.71 15.62
CA LEU K 364 23.03 -46.81 15.27
C LEU K 364 23.64 -45.42 15.25
N SER K 365 22.89 -44.46 14.72
CA SER K 365 23.30 -43.06 14.78
C SER K 365 23.51 -42.68 16.25
N GLY K 366 22.52 -43.05 17.06
CA GLY K 366 22.52 -42.80 18.48
C GLY K 366 23.75 -43.39 19.17
N TRP K 367 24.09 -44.62 18.81
CA TRP K 367 25.21 -45.30 19.45
C TRP K 367 26.55 -44.71 19.01
N THR K 368 26.67 -44.27 17.76
CA THR K 368 27.94 -43.85 17.21
C THR K 368 28.13 -42.33 17.26
N GLY K 369 27.06 -41.56 17.55
CA GLY K 369 27.12 -40.11 17.58
C GLY K 369 27.40 -39.50 16.21
N GLU K 370 26.98 -40.21 15.15
CA GLU K 370 27.25 -39.76 13.79
C GLU K 370 26.00 -39.88 12.93
N LYS K 371 25.90 -39.00 11.95
CA LYS K 371 24.88 -39.12 10.92
C LYS K 371 25.14 -40.40 10.15
N VAL K 372 24.08 -41.07 9.70
CA VAL K 372 24.19 -42.29 8.91
C VAL K 372 23.25 -42.20 7.73
N ALA K 373 23.61 -42.84 6.62
CA ALA K 373 22.69 -43.06 5.53
C ALA K 373 21.67 -44.12 5.97
N ASN K 374 20.46 -43.99 5.44
CA ASN K 374 19.38 -44.92 5.71
C ASN K 374 19.07 -45.66 4.41
N PRO K 375 19.11 -47.01 4.38
CA PRO K 375 19.32 -47.82 5.58
C PRO K 375 20.79 -48.02 5.90
N VAL K 376 21.05 -48.41 7.15
CA VAL K 376 22.40 -48.65 7.62
C VAL K 376 22.80 -50.07 7.24
N ASP K 377 24.11 -50.31 7.30
CA ASP K 377 24.70 -51.61 7.10
C ASP K 377 24.15 -52.58 8.15
N GLU K 378 23.61 -53.72 7.67
CA GLU K 378 22.95 -54.66 8.56
C GLU K 378 23.94 -55.23 9.58
N ASP K 379 25.15 -55.53 9.12
CA ASP K 379 26.14 -56.17 9.99
C ASP K 379 26.59 -55.19 11.06
N LYS K 380 26.76 -53.92 10.71
CA LYS K 380 27.21 -52.92 11.67
C LYS K 380 26.19 -52.80 12.81
N TYR K 381 24.90 -52.72 12.43
CA TYR K 381 23.85 -52.62 13.41
C TYR K 381 23.86 -53.85 14.32
N LEU K 382 23.94 -55.02 13.70
CA LEU K 382 23.79 -56.27 14.43
C LEU K 382 24.92 -56.36 15.45
N ALA K 383 26.13 -55.98 15.05
CA ALA K 383 27.30 -56.05 15.92
C ALA K 383 27.07 -55.19 17.15
N GLU K 384 26.60 -53.96 16.93
CA GLU K 384 26.40 -53.02 18.01
C GLU K 384 25.27 -53.49 18.92
N LEU K 385 24.22 -54.05 18.35
CA LEU K 385 23.14 -54.62 19.14
C LEU K 385 23.68 -55.78 19.97
N ASN K 386 24.44 -56.65 19.32
CA ASN K 386 24.91 -57.87 19.95
C ASN K 386 25.85 -57.52 21.10
N LYS K 387 26.67 -56.48 20.90
CA LYS K 387 27.58 -56.03 21.95
C LYS K 387 26.78 -55.68 23.20
N ARG K 388 25.70 -54.90 22.99
CA ARG K 388 24.85 -54.49 24.08
C ARG K 388 24.16 -55.69 24.72
N ILE K 389 23.72 -56.66 23.90
CA ILE K 389 23.05 -57.86 24.40
C ILE K 389 24.01 -58.62 25.31
N GLU K 390 25.26 -58.76 24.86
CA GLU K 390 26.29 -59.48 25.59
C GLU K 390 26.50 -58.84 26.96
N ALA K 391 26.63 -57.51 26.98
CA ALA K 391 26.86 -56.79 28.22
C ALA K 391 25.68 -56.95 29.16
N GLU K 392 24.46 -56.91 28.61
CA GLU K 392 23.24 -57.01 29.42
C GLU K 392 23.22 -58.35 30.13
N GLY K 393 23.55 -59.43 29.38
CA GLY K 393 23.71 -60.75 29.95
C GLY K 393 22.36 -61.42 30.30
N LYS K 394 21.26 -60.85 29.84
CA LYS K 394 19.96 -61.40 30.19
C LYS K 394 19.55 -62.45 29.15
N PHE K 395 20.07 -62.35 27.93
CA PHE K 395 19.54 -63.13 26.82
C PHE K 395 20.67 -63.54 25.87
N PRO K 396 20.45 -64.61 25.06
CA PRO K 396 21.43 -65.02 24.06
C PRO K 396 21.61 -64.01 22.92
N VAL K 397 22.84 -63.94 22.44
CA VAL K 397 23.21 -63.11 21.31
C VAL K 397 22.54 -63.62 20.04
N ARG K 398 22.37 -62.69 19.09
CA ARG K 398 21.55 -62.97 17.91
C ARG K 398 22.50 -62.98 16.72
N GLU K 399 22.39 -63.93 15.78
CA GLU K 399 23.05 -63.81 14.48
C GLU K 399 22.06 -64.10 13.34
N GLU L 2 -62.70 2.22 22.61
CA GLU L 2 -61.75 1.20 22.12
C GLU L 2 -60.39 1.84 21.89
N LYS L 3 -60.32 3.09 21.42
CA LYS L 3 -59.02 3.70 21.14
C LYS L 3 -58.91 5.10 21.78
N VAL L 4 -57.70 5.45 22.27
CA VAL L 4 -57.50 6.71 22.97
C VAL L 4 -56.73 7.65 22.03
N ARG L 5 -57.25 8.84 21.78
CA ARG L 5 -56.63 9.78 20.88
C ARG L 5 -55.63 10.61 21.68
N TYR L 6 -54.40 10.71 21.16
CA TYR L 6 -53.34 11.34 21.90
C TYR L 6 -52.95 12.61 21.15
N GLY L 7 -52.79 13.70 21.88
CA GLY L 7 -52.31 14.91 21.27
C GLY L 7 -50.86 15.12 21.64
N ILE L 8 -49.98 15.21 20.67
CA ILE L 8 -48.58 15.46 20.95
C ILE L 8 -48.39 16.94 21.16
N ILE L 9 -47.79 17.34 22.28
CA ILE L 9 -47.45 18.74 22.48
C ILE L 9 -45.96 18.75 22.22
N GLY L 10 -45.58 19.51 21.16
CA GLY L 10 -44.22 19.57 20.71
C GLY L 10 -43.89 18.40 19.78
N VAL L 11 -44.00 18.63 18.50
CA VAL L 11 -43.64 17.65 17.49
C VAL L 11 -42.14 17.79 17.24
N GLY L 12 -41.36 17.51 18.29
CA GLY L 12 -39.91 17.49 18.25
C GLY L 12 -39.44 16.09 17.85
N ASN L 13 -38.16 15.81 17.99
CA ASN L 13 -37.69 14.51 17.55
C ASN L 13 -38.41 13.39 18.29
N GLN L 14 -38.54 13.48 19.62
CA GLN L 14 -39.36 12.50 20.34
C GLN L 14 -40.83 12.56 19.93
N GLY L 15 -41.38 13.79 19.83
CA GLY L 15 -42.78 13.93 19.47
C GLY L 15 -43.05 13.40 18.07
N GLY L 16 -42.14 13.69 17.15
CA GLY L 16 -42.27 13.24 15.78
C GLY L 16 -42.28 11.72 15.74
N ALA L 17 -41.40 11.11 16.55
CA ALA L 17 -41.32 9.66 16.55
C ALA L 17 -42.64 9.09 17.03
N TYR L 18 -43.20 9.68 18.08
CA TYR L 18 -44.43 9.17 18.65
C TYR L 18 -45.54 9.27 17.61
N ALA L 19 -45.55 10.42 16.93
CA ALA L 19 -46.59 10.66 15.96
C ALA L 19 -46.52 9.60 14.86
N GLY L 20 -45.29 9.31 14.44
CA GLY L 20 -45.06 8.28 13.45
C GLY L 20 -45.54 6.94 13.95
N PHE L 21 -45.22 6.61 15.22
CA PHE L 21 -45.55 5.30 15.73
C PHE L 21 -47.07 5.12 15.72
N LEU L 22 -47.79 6.16 16.18
CA LEU L 22 -49.23 6.11 16.28
C LEU L 22 -49.88 6.06 14.90
N THR L 23 -49.32 6.81 13.95
CA THR L 23 -49.82 6.77 12.58
C THR L 23 -49.42 5.46 11.90
N GLY L 24 -48.30 4.88 12.28
CA GLY L 24 -47.71 3.79 11.52
C GLY L 24 -46.94 4.36 10.34
N THR L 25 -46.78 5.70 10.30
CA THR L 25 -45.98 6.36 9.28
C THR L 25 -44.53 5.97 9.38
N PRO L 35 -45.48 -0.98 15.29
CA PRO L 35 -46.80 -0.78 14.69
C PRO L 35 -47.73 -0.17 15.71
N CYS L 36 -48.78 0.52 15.23
CA CYS L 36 -49.59 1.32 16.14
C CYS L 36 -50.22 0.41 17.18
N PRO L 37 -50.15 0.76 18.48
CA PRO L 37 -50.76 -0.07 19.51
C PRO L 37 -52.26 -0.12 19.28
N PRO L 38 -52.93 -1.24 19.63
CA PRO L 38 -54.36 -1.42 19.38
C PRO L 38 -55.29 -0.34 19.93
N HIS L 39 -55.01 0.12 21.15
CA HIS L 39 -55.89 1.05 21.85
C HIS L 39 -55.43 2.50 21.70
N CYS L 40 -54.46 2.76 20.79
CA CYS L 40 -53.85 4.08 20.70
C CYS L 40 -54.05 4.67 19.30
N ALA L 41 -54.23 5.99 19.25
CA ALA L 41 -54.33 6.73 17.99
C ALA L 41 -53.75 8.13 18.18
N LEU L 42 -53.41 8.78 17.05
CA LEU L 42 -52.95 10.15 17.08
C LEU L 42 -54.14 11.09 16.85
N GLY L 43 -54.58 11.79 17.90
CA GLY L 43 -55.68 12.73 17.78
C GLY L 43 -55.27 14.07 17.14
N ALA L 44 -54.13 14.63 17.55
CA ALA L 44 -53.74 15.97 17.14
C ALA L 44 -52.25 16.24 17.40
N LEU L 45 -51.75 17.29 16.73
CA LEU L 45 -50.36 17.71 16.83
C LEU L 45 -50.30 19.18 17.24
N CYS L 46 -49.42 19.53 18.19
CA CYS L 46 -49.26 20.91 18.60
C CYS L 46 -47.78 21.30 18.63
N ASP L 47 -47.42 22.40 17.94
CA ASP L 47 -46.08 22.97 18.07
C ASP L 47 -46.14 24.48 17.86
N ILE L 48 -45.27 25.22 18.57
CA ILE L 48 -45.22 26.67 18.42
C ILE L 48 -44.29 27.05 17.29
N ASP L 49 -43.47 26.13 16.80
CA ASP L 49 -42.52 26.43 15.73
C ASP L 49 -43.23 26.30 14.38
N PRO L 50 -43.14 27.33 13.52
CA PRO L 50 -43.79 27.30 12.19
C PRO L 50 -43.28 26.17 11.31
N GLN L 51 -41.97 25.89 11.37
CA GLN L 51 -41.37 24.85 10.54
C GLN L 51 -42.01 23.52 10.87
N LYS L 52 -42.22 23.27 12.16
CA LYS L 52 -42.83 22.03 12.62
C LYS L 52 -44.26 21.92 12.09
N GLU L 53 -44.98 23.05 12.09
CA GLU L 53 -46.34 23.10 11.57
C GLU L 53 -46.33 22.71 10.09
N GLU L 54 -45.37 23.25 9.34
CA GLU L 54 -45.23 22.96 7.92
C GLU L 54 -44.99 21.46 7.72
N MET L 55 -44.08 20.91 8.52
CA MET L 55 -43.78 19.49 8.43
C MET L 55 -45.05 18.71 8.75
N CYS L 56 -45.80 19.18 9.75
CA CYS L 56 -47.02 18.51 10.18
C CYS L 56 -48.08 18.55 9.07
N LYS L 57 -48.18 19.68 8.35
CA LYS L 57 -49.09 19.78 7.23
C LYS L 57 -48.68 18.80 6.12
N GLU L 58 -47.37 18.60 5.94
CA GLU L 58 -46.89 17.75 4.87
C GLU L 58 -47.08 16.27 5.23
N LYS L 59 -46.54 15.87 6.39
CA LYS L 59 -46.51 14.45 6.76
C LYS L 59 -47.85 13.97 7.30
N TYR L 60 -48.63 14.86 7.93
CA TYR L 60 -49.84 14.44 8.63
C TYR L 60 -50.97 15.38 8.24
N PRO L 61 -51.36 15.40 6.95
CA PRO L 61 -52.25 16.43 6.43
C PRO L 61 -53.66 16.36 7.01
N ASP L 62 -54.08 15.19 7.46
CA ASP L 62 -55.44 14.97 7.91
C ASP L 62 -55.49 14.99 9.44
N VAL L 63 -54.40 15.43 10.06
CA VAL L 63 -54.33 15.43 11.51
C VAL L 63 -54.44 16.86 12.01
N PRO L 64 -55.45 17.17 12.85
CA PRO L 64 -55.65 18.52 13.37
C PRO L 64 -54.37 19.05 14.00
N PHE L 65 -54.03 20.31 13.69
CA PHE L 65 -52.82 20.94 14.20
C PHE L 65 -53.19 22.17 15.05
N TYR L 66 -52.48 22.41 16.16
CA TYR L 66 -52.74 23.56 17.00
C TYR L 66 -51.43 24.22 17.43
N LYS L 67 -51.36 25.55 17.36
CA LYS L 67 -50.21 26.29 17.87
C LYS L 67 -50.23 26.26 19.40
N ASP L 68 -51.41 26.45 20.00
CA ASP L 68 -51.57 26.54 21.44
C ASP L 68 -52.11 25.21 21.96
N TRP L 69 -51.35 24.59 22.87
CA TRP L 69 -51.72 23.29 23.42
C TRP L 69 -53.00 23.38 24.26
N LYS L 70 -53.35 24.57 24.75
CA LYS L 70 -54.58 24.75 25.52
C LYS L 70 -55.79 24.61 24.60
N ASP L 71 -55.63 25.08 23.36
CA ASP L 71 -56.67 24.97 22.34
C ASP L 71 -56.88 23.50 21.98
N MET L 72 -55.78 22.74 21.89
CA MET L 72 -55.88 21.34 21.53
C MET L 72 -56.65 20.58 22.63
N VAL L 73 -56.33 20.90 23.89
CA VAL L 73 -56.95 20.24 25.03
C VAL L 73 -58.46 20.47 24.99
N ALA L 74 -58.87 21.71 24.73
CA ALA L 74 -60.27 22.10 24.75
C ALA L 74 -61.01 21.60 23.51
N SER L 75 -60.28 21.28 22.42
CA SER L 75 -60.91 20.93 21.15
C SER L 75 -61.75 19.67 21.24
N GLY L 76 -61.40 18.74 22.14
CA GLY L 76 -62.06 17.45 22.18
C GLY L 76 -61.69 16.59 20.97
N ASP L 77 -60.60 16.96 20.29
CA ASP L 77 -60.00 16.10 19.28
C ASP L 77 -59.10 15.04 19.92
N VAL L 78 -58.76 15.22 21.21
CA VAL L 78 -57.86 14.31 21.91
C VAL L 78 -58.48 13.92 23.24
N ASP L 79 -58.09 12.73 23.71
CA ASP L 79 -58.49 12.17 24.99
C ASP L 79 -57.33 12.17 25.98
N ALA L 80 -56.12 12.51 25.50
CA ALA L 80 -54.94 12.56 26.33
C ALA L 80 -53.84 13.30 25.58
N VAL L 81 -52.86 13.82 26.34
CA VAL L 81 -51.75 14.54 25.72
C VAL L 81 -50.43 13.99 26.26
N ILE L 82 -49.37 14.15 25.46
CA ILE L 82 -48.01 13.72 25.81
C ILE L 82 -47.12 14.95 25.74
N THR L 83 -46.29 15.19 26.75
CA THR L 83 -45.60 16.47 26.87
C THR L 83 -44.19 16.40 26.29
N THR L 84 -44.10 16.22 24.97
CA THR L 84 -42.82 16.15 24.29
C THR L 84 -42.30 17.55 23.99
N VAL L 85 -42.13 18.32 25.07
CA VAL L 85 -41.61 19.68 25.01
C VAL L 85 -40.51 19.81 26.07
N PRO L 86 -39.68 20.89 26.02
CA PRO L 86 -38.63 21.09 27.03
C PRO L 86 -39.20 20.91 28.44
N HIS L 87 -38.33 20.52 29.37
CA HIS L 87 -38.74 19.91 30.62
C HIS L 87 -39.45 20.95 31.49
N TYR L 88 -39.06 22.22 31.35
CA TYR L 88 -39.61 23.26 32.20
C TYR L 88 -41.12 23.35 32.03
N LEU L 89 -41.65 22.96 30.85
CA LEU L 89 -43.09 23.07 30.59
C LEU L 89 -43.87 21.88 31.16
N HIS L 90 -43.19 20.79 31.57
CA HIS L 90 -43.89 19.55 31.84
C HIS L 90 -44.96 19.75 32.92
N THR L 91 -44.58 20.28 34.08
CA THR L 91 -45.49 20.36 35.21
C THR L 91 -46.59 21.39 34.92
N GLU L 92 -46.25 22.43 34.17
CA GLU L 92 -47.19 23.50 33.87
C GLU L 92 -48.37 22.92 33.10
N ILE L 93 -48.06 22.09 32.09
CA ILE L 93 -49.05 21.48 31.22
C ILE L 93 -49.85 20.46 32.02
N ALA L 94 -49.13 19.68 32.82
CA ALA L 94 -49.74 18.60 33.56
C ALA L 94 -50.81 19.17 34.50
N ILE L 95 -50.43 20.18 35.27
CA ILE L 95 -51.31 20.76 36.27
C ILE L 95 -52.56 21.29 35.56
N TYR L 96 -52.35 22.00 34.45
CA TYR L 96 -53.46 22.55 33.70
C TYR L 96 -54.40 21.43 33.27
N CYS L 97 -53.84 20.32 32.76
CA CYS L 97 -54.64 19.24 32.21
C CYS L 97 -55.43 18.53 33.32
N LEU L 98 -54.78 18.29 34.47
CA LEU L 98 -55.44 17.64 35.58
C LEU L 98 -56.62 18.49 36.06
N GLU L 99 -56.44 19.82 36.05
CA GLU L 99 -57.48 20.72 36.52
C GLU L 99 -58.61 20.82 35.49
N HIS L 100 -58.34 20.44 34.23
CA HIS L 100 -59.32 20.52 33.17
C HIS L 100 -59.76 19.12 32.70
N GLY L 101 -59.66 18.12 33.57
CA GLY L 101 -60.14 16.77 33.29
C GLY L 101 -59.49 16.11 32.08
N MET L 102 -58.24 16.45 31.77
CA MET L 102 -57.54 15.94 30.59
C MET L 102 -56.41 15.00 31.02
N ASN L 103 -56.47 13.75 30.54
CA ASN L 103 -55.45 12.76 30.83
C ASN L 103 -54.10 13.22 30.28
N VAL L 104 -53.05 13.08 31.09
CA VAL L 104 -51.75 13.59 30.70
C VAL L 104 -50.66 12.55 30.96
N LEU L 105 -49.90 12.26 29.90
CA LEU L 105 -48.71 11.44 29.97
C LEU L 105 -47.48 12.34 29.90
N VAL L 106 -46.81 12.53 31.04
CA VAL L 106 -45.70 13.46 31.16
C VAL L 106 -44.41 12.80 30.73
N GLU L 107 -43.59 13.50 29.96
CA GLU L 107 -42.30 12.97 29.54
C GLU L 107 -41.29 13.00 30.70
N LYS L 108 -40.23 12.23 30.50
CA LYS L 108 -39.08 12.27 31.37
C LYS L 108 -38.23 13.49 31.01
N PRO L 109 -37.54 14.12 31.97
CA PRO L 109 -37.78 13.89 33.39
C PRO L 109 -39.10 14.58 33.73
N ALA L 110 -39.74 14.17 34.83
CA ALA L 110 -41.04 14.71 35.16
C ALA L 110 -41.02 16.23 35.19
N GLY L 111 -39.92 16.81 35.68
CA GLY L 111 -39.72 18.25 35.67
C GLY L 111 -38.26 18.58 35.96
N VAL L 112 -37.97 19.87 36.10
CA VAL L 112 -36.62 20.32 36.37
C VAL L 112 -36.40 20.40 37.87
N TYR L 113 -37.29 21.09 38.60
CA TYR L 113 -37.12 21.28 40.03
C TYR L 113 -38.29 20.63 40.77
N ALA L 114 -37.93 20.00 41.90
CA ALA L 114 -38.80 19.12 42.65
C ALA L 114 -40.07 19.85 43.12
N LYS L 115 -39.96 21.13 43.46
CA LYS L 115 -41.11 21.87 43.95
C LYS L 115 -42.26 21.74 42.95
N SER L 116 -41.98 22.03 41.67
CA SER L 116 -43.02 22.05 40.66
C SER L 116 -43.59 20.64 40.46
N VAL L 117 -42.74 19.63 40.62
CA VAL L 117 -43.17 18.26 40.41
C VAL L 117 -44.06 17.83 41.58
N ARG L 118 -43.71 18.29 42.78
CA ARG L 118 -44.50 17.97 43.96
C ARG L 118 -45.89 18.56 43.78
N GLU L 119 -45.95 19.81 43.29
CA GLU L 119 -47.23 20.48 43.08
C GLU L 119 -48.05 19.68 42.08
N MET L 120 -47.39 19.19 41.02
CA MET L 120 -48.07 18.42 40.01
C MET L 120 -48.67 17.16 40.65
N ASN L 121 -47.90 16.50 41.52
CA ASN L 121 -48.36 15.26 42.15
C ASN L 121 -49.57 15.55 43.03
N GLU L 122 -49.53 16.66 43.77
CA GLU L 122 -50.59 17.00 44.71
C GLU L 122 -51.87 17.34 43.94
N CYS L 123 -51.69 18.04 42.82
CA CYS L 123 -52.77 18.34 41.90
C CYS L 123 -53.41 17.03 41.42
N ALA L 124 -52.59 16.06 40.99
CA ALA L 124 -53.12 14.81 40.46
C ALA L 124 -53.88 14.07 41.55
N ALA L 125 -53.32 14.07 42.77
CA ALA L 125 -53.94 13.38 43.90
C ALA L 125 -55.31 13.98 44.20
N ALA L 126 -55.48 15.26 43.84
CA ALA L 126 -56.73 15.98 44.04
C ALA L 126 -57.69 15.84 42.86
N HIS L 127 -57.24 15.25 41.74
CA HIS L 127 -58.12 14.94 40.62
C HIS L 127 -57.85 13.49 40.21
N PRO L 128 -58.11 12.52 41.11
CA PRO L 128 -57.70 11.13 40.89
C PRO L 128 -58.37 10.45 39.70
N GLU L 129 -59.55 10.93 39.30
CA GLU L 129 -60.27 10.40 38.16
C GLU L 129 -59.50 10.62 36.87
N VAL L 130 -58.59 11.61 36.86
CA VAL L 130 -57.80 11.89 35.67
C VAL L 130 -56.57 10.98 35.68
N THR L 131 -56.32 10.30 34.54
CA THR L 131 -55.15 9.46 34.40
C THR L 131 -53.90 10.32 34.29
N PHE L 132 -52.91 9.98 35.13
CA PHE L 132 -51.67 10.72 35.27
C PHE L 132 -50.50 9.74 35.23
N GLY L 133 -49.65 9.89 34.22
CA GLY L 133 -48.59 8.91 33.98
C GLY L 133 -47.30 9.56 33.54
N ILE L 134 -46.21 8.80 33.62
CA ILE L 134 -44.94 9.31 33.13
C ILE L 134 -44.38 8.30 32.14
N MET L 135 -43.58 8.80 31.19
CA MET L 135 -43.00 8.00 30.12
C MET L 135 -41.65 7.45 30.59
N PHE L 136 -41.72 6.56 31.58
CA PHE L 136 -40.54 5.83 32.02
C PHE L 136 -40.50 4.53 31.22
N ASN L 137 -40.11 4.65 29.95
CA ASN L 137 -40.38 3.61 28.95
C ASN L 137 -39.48 2.41 29.21
N GLN L 138 -38.38 2.63 29.93
CA GLN L 138 -37.49 1.53 30.25
C GLN L 138 -38.13 0.57 31.24
N ARG L 139 -39.23 0.93 31.89
CA ARG L 139 -39.87 -0.01 32.79
C ARG L 139 -40.62 -1.08 32.00
N THR L 140 -40.71 -0.92 30.67
CA THR L 140 -41.35 -1.92 29.82
C THR L 140 -40.35 -2.97 29.37
N ASN L 141 -39.08 -2.78 29.74
CA ASN L 141 -37.98 -3.64 29.31
C ASN L 141 -37.91 -4.86 30.22
N LYS L 142 -38.10 -6.04 29.62
CA LYS L 142 -38.17 -7.25 30.41
C LYS L 142 -36.92 -7.43 31.26
N LEU L 143 -35.82 -6.81 30.83
CA LEU L 143 -34.56 -6.90 31.56
C LEU L 143 -34.72 -6.28 32.94
N TYR L 144 -35.19 -5.03 32.99
CA TYR L 144 -35.27 -4.33 34.26
C TYR L 144 -36.44 -4.89 35.06
N GLN L 145 -37.46 -5.43 34.39
CA GLN L 145 -38.56 -6.08 35.10
C GLN L 145 -38.06 -7.30 35.83
N LYS L 146 -37.21 -8.09 35.16
CA LYS L 146 -36.63 -9.29 35.73
C LYS L 146 -35.85 -8.93 36.99
N ILE L 147 -34.99 -7.92 36.89
CA ILE L 147 -34.13 -7.56 37.99
C ILE L 147 -34.96 -7.00 39.14
N ARG L 148 -35.93 -6.13 38.82
CA ARG L 148 -36.80 -5.60 39.85
C ARG L 148 -37.53 -6.72 40.57
N GLU L 149 -38.13 -7.65 39.82
CA GLU L 149 -38.91 -8.73 40.40
C GLU L 149 -38.09 -9.50 41.43
N ILE L 150 -36.86 -9.84 41.07
CA ILE L 150 -36.03 -10.68 41.92
C ILE L 150 -35.66 -9.91 43.18
N VAL L 151 -35.23 -8.66 43.02
CA VAL L 151 -34.88 -7.85 44.17
C VAL L 151 -36.10 -7.69 45.08
N ALA L 152 -37.21 -7.23 44.51
CA ALA L 152 -38.42 -6.93 45.29
C ALA L 152 -38.98 -8.18 45.95
N SER L 153 -38.77 -9.38 45.36
CA SER L 153 -39.35 -10.57 45.92
C SER L 153 -38.77 -10.85 47.30
N GLY L 154 -37.58 -10.30 47.58
CA GLY L 154 -36.86 -10.62 48.80
C GLY L 154 -36.17 -11.98 48.69
N GLU L 155 -36.24 -12.63 47.52
CA GLU L 155 -35.62 -13.93 47.39
C GLU L 155 -34.11 -13.83 47.58
N LEU L 156 -33.47 -12.70 47.23
CA LEU L 156 -32.03 -12.59 47.39
C LEU L 156 -31.72 -11.77 48.63
N GLY L 157 -32.71 -11.57 49.50
CA GLY L 157 -32.52 -10.80 50.70
C GLY L 157 -32.39 -9.31 50.41
N GLU L 158 -31.78 -8.60 51.35
CA GLU L 158 -31.68 -7.16 51.29
C GLU L 158 -30.49 -6.75 50.43
N ILE L 159 -30.61 -5.57 49.80
CA ILE L 159 -29.51 -4.98 49.08
C ILE L 159 -28.46 -4.48 50.06
N ARG L 160 -27.18 -4.67 49.71
CA ARG L 160 -26.07 -4.12 50.46
C ARG L 160 -25.33 -3.05 49.66
N ARG L 161 -25.31 -3.15 48.32
CA ARG L 161 -24.56 -2.19 47.52
C ARG L 161 -25.13 -2.15 46.10
N SER L 162 -25.07 -0.98 45.47
CA SER L 162 -25.31 -0.86 44.05
C SER L 162 -24.22 0.01 43.47
N ASN L 163 -23.85 -0.27 42.21
CA ASN L 163 -22.85 0.51 41.52
C ASN L 163 -23.24 0.51 40.05
N TRP L 164 -23.39 1.68 39.46
CA TRP L 164 -23.68 1.77 38.05
C TRP L 164 -22.72 2.75 37.40
N ILE L 165 -21.85 2.24 36.52
CA ILE L 165 -21.00 3.03 35.66
C ILE L 165 -21.65 3.04 34.28
N ILE L 166 -22.00 4.23 33.77
CA ILE L 166 -22.65 4.29 32.49
C ILE L 166 -22.13 5.50 31.73
N ASN L 167 -21.10 5.23 30.92
CA ASN L 167 -20.29 6.23 30.26
C ASN L 167 -20.41 6.12 28.74
N ASN L 168 -21.30 5.27 28.24
CA ASN L 168 -21.27 4.91 26.83
C ASN L 168 -22.10 5.84 25.96
N TRP L 169 -22.63 6.94 26.50
CA TRP L 169 -23.29 7.89 25.63
C TRP L 169 -22.38 9.07 25.34
N TYR L 170 -21.42 8.84 24.42
CA TYR L 170 -20.49 9.86 23.97
C TYR L 170 -21.23 10.94 23.19
N ARG L 171 -21.00 12.20 23.56
CA ARG L 171 -21.62 13.31 22.89
C ARG L 171 -20.61 14.44 22.76
N PRO L 172 -20.13 14.73 21.53
CA PRO L 172 -19.16 15.81 21.32
C PRO L 172 -19.79 17.19 21.26
N ASP L 173 -18.92 18.20 21.26
CA ASP L 173 -19.32 19.60 21.24
C ASP L 173 -20.34 19.84 20.12
N SER L 174 -20.14 19.19 18.96
CA SER L 174 -21.03 19.33 17.82
C SER L 174 -22.47 18.98 18.17
N TYR L 175 -22.68 17.91 18.94
CA TYR L 175 -24.02 17.52 19.38
C TYR L 175 -24.60 18.59 20.28
N TYR L 176 -23.77 19.13 21.18
CA TYR L 176 -24.24 20.10 22.16
C TYR L 176 -24.73 21.35 21.44
N ARG L 177 -24.08 21.72 20.32
CA ARG L 177 -24.46 22.92 19.59
C ARG L 177 -25.79 22.77 18.85
N LEU L 178 -26.28 21.53 18.69
CA LEU L 178 -27.49 21.29 17.90
C LEU L 178 -28.75 21.94 18.50
N SER L 179 -28.94 21.90 19.83
CA SER L 179 -30.17 22.41 20.42
C SER L 179 -29.88 23.55 21.39
N ASP L 180 -30.57 24.69 21.24
CA ASP L 180 -30.43 25.81 22.15
C ASP L 180 -30.90 25.47 23.56
N TRP L 181 -32.08 24.80 23.69
CA TRP L 181 -32.62 24.52 25.02
C TRP L 181 -31.77 23.49 25.79
N ARG L 182 -31.24 22.47 25.09
CA ARG L 182 -30.49 21.41 25.77
C ARG L 182 -29.17 21.94 26.31
N ALA L 183 -28.71 21.42 27.46
CA ALA L 183 -27.42 21.73 28.08
C ALA L 183 -27.32 23.20 28.51
N THR L 184 -28.46 23.81 28.85
CA THR L 184 -28.47 25.18 29.34
C THR L 184 -29.20 25.16 30.68
N TRP L 185 -28.68 25.85 31.70
CA TRP L 185 -29.37 25.82 32.98
C TRP L 185 -30.78 26.38 32.80
N GLY L 186 -30.88 27.50 32.08
CA GLY L 186 -32.17 28.09 31.77
C GLY L 186 -33.05 27.23 30.86
N GLY L 187 -32.46 26.63 29.81
CA GLY L 187 -33.18 25.72 28.92
C GLY L 187 -33.55 24.35 29.52
N GLU L 188 -32.61 23.69 30.20
CA GLU L 188 -32.80 22.31 30.64
C GLU L 188 -32.77 22.14 32.16
N GLY L 189 -32.10 23.06 32.87
CA GLY L 189 -31.89 22.91 34.30
C GLY L 189 -30.73 22.00 34.63
N GLY L 190 -29.99 21.55 33.62
CA GLY L 190 -28.82 20.71 33.81
C GLY L 190 -28.32 20.18 32.47
N GLY L 191 -27.35 19.24 32.48
CA GLY L 191 -26.92 18.61 31.25
C GLY L 191 -27.17 17.11 31.27
N VAL L 192 -26.17 16.33 31.70
CA VAL L 192 -26.24 14.88 31.67
C VAL L 192 -27.38 14.39 32.58
N LEU L 193 -27.51 15.00 33.75
CA LEU L 193 -28.49 14.56 34.74
C LEU L 193 -29.93 14.71 34.25
N VAL L 194 -30.22 15.79 33.51
CA VAL L 194 -31.56 16.06 33.02
C VAL L 194 -31.79 15.42 31.65
N ASN L 195 -30.75 14.91 30.97
CA ASN L 195 -30.94 14.37 29.62
C ASN L 195 -30.76 12.86 29.58
N GLN L 196 -29.49 12.39 29.48
CA GLN L 196 -29.17 10.97 29.41
C GLN L 196 -29.52 10.23 30.71
N ALA L 197 -29.24 10.85 31.88
CA ALA L 197 -29.34 10.20 33.19
C ALA L 197 -30.75 9.80 33.66
N PRO L 198 -31.86 10.55 33.42
CA PRO L 198 -33.13 10.31 34.10
C PRO L 198 -33.75 8.93 34.01
N HIS L 199 -33.78 8.30 32.84
CA HIS L 199 -34.33 6.95 32.78
C HIS L 199 -33.55 6.05 33.74
N GLN L 200 -32.22 6.16 33.68
CA GLN L 200 -31.34 5.35 34.53
C GLN L 200 -31.55 5.69 36.01
N LEU L 201 -31.67 6.99 36.33
CA LEU L 201 -31.84 7.41 37.71
C LEU L 201 -33.13 6.84 38.29
N ASP L 202 -34.22 6.87 37.51
CA ASP L 202 -35.46 6.26 37.93
C ASP L 202 -35.26 4.75 38.10
N LEU L 203 -34.58 4.10 37.14
CA LEU L 203 -34.41 2.65 37.19
C LEU L 203 -33.65 2.28 38.47
N TRP L 204 -32.59 3.03 38.76
CA TRP L 204 -31.77 2.75 39.92
C TRP L 204 -32.62 2.82 41.17
N GLN L 205 -33.42 3.89 41.28
CA GLN L 205 -34.30 4.05 42.41
C GLN L 205 -35.38 2.97 42.41
N TRP L 206 -35.94 2.67 41.25
CA TRP L 206 -37.03 1.70 41.16
C TRP L 206 -36.58 0.33 41.65
N ILE L 207 -35.42 -0.14 41.17
CA ILE L 207 -34.85 -1.41 41.60
C ILE L 207 -34.27 -1.34 43.02
N CYS L 208 -33.53 -0.27 43.35
CA CYS L 208 -32.75 -0.24 44.60
C CYS L 208 -33.30 0.68 45.70
N GLY L 209 -34.47 1.29 45.52
CA GLY L 209 -35.02 2.21 46.50
C GLY L 209 -34.47 3.63 46.33
N ILE L 210 -34.85 4.54 47.23
CA ILE L 210 -34.54 5.96 47.07
C ILE L 210 -33.47 6.32 48.10
N PRO L 211 -32.33 6.95 47.69
CA PRO L 211 -31.24 7.21 48.62
C PRO L 211 -31.61 8.17 49.75
N THR L 212 -31.22 7.84 50.99
CA THR L 212 -31.39 8.75 52.10
C THR L 212 -30.46 9.96 51.95
N THR L 213 -29.21 9.75 51.51
CA THR L 213 -28.23 10.82 51.42
C THR L 213 -27.53 10.76 50.07
N VAL L 214 -27.13 11.91 49.52
CA VAL L 214 -26.42 11.97 48.25
C VAL L 214 -25.14 12.79 48.39
N TYR L 215 -23.98 12.26 47.96
CA TYR L 215 -22.77 13.07 47.81
C TYR L 215 -22.35 12.96 46.35
N ALA L 216 -22.08 14.10 45.68
CA ALA L 216 -21.78 14.05 44.26
C ALA L 216 -20.60 14.93 43.89
N ASN L 217 -19.85 14.54 42.84
CA ASN L 217 -18.82 15.38 42.26
C ASN L 217 -19.22 15.67 40.83
N CYS L 218 -19.69 16.90 40.55
CA CYS L 218 -20.23 17.21 39.24
C CYS L 218 -19.32 18.22 38.55
N ILE L 219 -18.81 17.88 37.39
CA ILE L 219 -17.91 18.77 36.67
C ILE L 219 -18.69 19.41 35.54
N ASN L 220 -18.71 20.75 35.50
CA ASN L 220 -19.35 21.44 34.41
C ASN L 220 -18.35 21.58 33.26
N GLY L 221 -18.84 21.39 32.04
CA GLY L 221 -18.02 21.56 30.85
C GLY L 221 -16.76 20.72 30.90
N SER L 222 -16.94 19.43 31.21
CA SER L 222 -15.84 18.49 31.22
C SER L 222 -15.49 18.14 29.78
N HIS L 223 -14.31 18.63 29.33
CA HIS L 223 -13.87 18.43 27.95
C HIS L 223 -14.92 18.93 26.96
N ARG L 224 -15.78 19.85 27.40
CA ARG L 224 -16.86 20.35 26.55
C ARG L 224 -17.07 21.83 26.86
N ASP L 225 -17.55 22.54 25.84
CA ASP L 225 -17.81 23.96 25.91
C ASP L 225 -19.27 24.20 26.28
N ILE L 226 -19.64 23.79 27.50
CA ILE L 226 -20.97 23.98 28.03
C ILE L 226 -20.84 24.38 29.50
N ALA L 227 -21.92 24.91 30.07
CA ALA L 227 -21.89 25.41 31.43
C ALA L 227 -22.47 24.38 32.40
N VAL L 228 -22.99 23.26 31.88
CA VAL L 228 -23.72 22.33 32.72
C VAL L 228 -22.85 21.10 32.98
N GLU L 229 -23.34 20.22 33.86
CA GLU L 229 -22.53 19.08 34.26
C GLU L 229 -22.58 18.01 33.17
N ASN L 230 -21.43 17.38 32.91
CA ASN L 230 -21.40 16.22 32.02
C ASN L 230 -20.36 15.21 32.45
N ASP L 231 -19.92 15.25 33.72
CA ASP L 231 -19.13 14.21 34.34
C ASP L 231 -19.52 14.18 35.81
N VAL L 232 -20.17 13.10 36.23
CA VAL L 232 -20.84 13.04 37.51
C VAL L 232 -20.46 11.74 38.22
N THR L 233 -20.08 11.86 39.49
CA THR L 233 -19.81 10.70 40.32
C THR L 233 -20.63 10.86 41.59
N VAL L 234 -21.42 9.86 41.96
CA VAL L 234 -22.36 10.01 43.05
C VAL L 234 -22.15 8.88 44.05
N LEU L 235 -22.20 9.20 45.37
CA LEU L 235 -22.30 8.21 46.44
C LEU L 235 -23.66 8.39 47.13
N THR L 236 -24.36 7.28 47.36
CA THR L 236 -25.63 7.30 48.03
C THR L 236 -25.59 6.37 49.23
N GLU L 237 -26.49 6.65 50.19
CA GLU L 237 -26.82 5.76 51.29
C GLU L 237 -28.33 5.53 51.28
N TYR L 238 -28.77 4.50 52.01
CA TYR L 238 -30.14 4.00 51.93
C TYR L 238 -30.60 3.69 53.36
N GLU L 239 -31.92 3.74 53.57
CA GLU L 239 -32.48 3.53 54.90
C GLU L 239 -31.86 2.30 55.56
N ASN L 240 -31.67 1.22 54.80
CA ASN L 240 -31.29 -0.06 55.36
C ASN L 240 -29.77 -0.22 55.51
N GLY L 241 -28.98 0.83 55.28
CA GLY L 241 -27.55 0.80 55.52
C GLY L 241 -26.73 0.50 54.25
N ALA L 242 -27.42 0.22 53.13
CA ALA L 242 -26.74 -0.04 51.88
C ALA L 242 -26.07 1.24 51.37
N THR L 243 -25.10 1.05 50.46
CA THR L 243 -24.45 2.17 49.78
C THR L 243 -24.70 2.03 48.29
N GLY L 244 -24.46 3.13 47.55
CA GLY L 244 -24.58 3.10 46.10
C GLY L 244 -23.61 4.07 45.45
N SER L 245 -23.33 3.85 44.17
CA SER L 245 -22.53 4.76 43.40
C SER L 245 -23.08 4.79 41.98
N PHE L 246 -22.93 5.96 41.34
CA PHE L 246 -23.38 6.17 39.97
C PHE L 246 -22.37 7.09 39.30
N ILE L 247 -21.87 6.68 38.14
CA ILE L 247 -20.87 7.43 37.42
C ILE L 247 -21.33 7.57 35.98
N THR L 248 -21.31 8.77 35.42
CA THR L 248 -21.70 8.94 34.02
C THR L 248 -21.00 10.16 33.45
N CYS L 249 -20.78 10.16 32.13
CA CYS L 249 -20.17 11.29 31.47
C CYS L 249 -20.40 11.18 29.96
N THR L 250 -20.14 12.27 29.24
CA THR L 250 -20.40 12.28 27.80
C THR L 250 -19.10 12.46 27.03
N HIS L 251 -17.95 12.22 27.67
CA HIS L 251 -16.68 12.42 26.98
C HIS L 251 -15.87 11.12 26.85
N ASP L 252 -16.52 9.98 27.10
CA ASP L 252 -15.84 8.69 27.06
C ASP L 252 -16.13 8.03 25.71
N LEU L 253 -15.09 7.88 24.89
CA LEU L 253 -15.22 7.24 23.58
C LEU L 253 -15.53 5.76 23.68
N LEU L 254 -15.33 5.14 24.84
CA LEU L 254 -15.49 3.70 24.93
C LEU L 254 -15.99 3.35 26.33
N GLY L 255 -17.18 3.85 26.63
CA GLY L 255 -17.62 3.94 28.00
C GLY L 255 -18.15 2.62 28.50
N THR L 256 -17.77 2.27 29.73
CA THR L 256 -18.37 1.15 30.43
C THR L 256 -19.87 1.42 30.65
N ASP L 257 -20.68 0.35 30.60
CA ASP L 257 -22.05 0.36 31.10
C ASP L 257 -22.22 -0.92 31.91
N ARG L 258 -21.99 -0.83 33.23
CA ARG L 258 -22.01 -2.00 34.09
C ARG L 258 -22.76 -1.62 35.37
N PHE L 259 -23.81 -2.38 35.68
CA PHE L 259 -24.67 -2.12 36.83
C PHE L 259 -24.61 -3.34 37.73
N GLU L 260 -24.13 -3.15 38.95
CA GLU L 260 -23.95 -4.23 39.90
C GLU L 260 -24.87 -3.97 41.09
N ILE L 261 -25.52 -5.04 41.57
CA ILE L 261 -26.26 -5.01 42.80
C ILE L 261 -25.78 -6.18 43.63
N ASP L 262 -25.36 -5.90 44.86
CA ASP L 262 -24.87 -6.90 45.80
C ASP L 262 -25.90 -7.04 46.91
N LEU L 263 -26.28 -8.27 47.20
CA LEU L 263 -27.37 -8.55 48.13
C LEU L 263 -26.91 -9.60 49.13
N ASP L 264 -27.73 -9.75 50.17
CA ASP L 264 -27.45 -10.66 51.26
C ASP L 264 -27.37 -12.07 50.67
N GLY L 265 -28.15 -12.34 49.62
CA GLY L 265 -28.35 -13.71 49.14
C GLY L 265 -27.95 -13.92 47.68
N GLY L 266 -27.39 -12.88 47.05
CA GLY L 266 -26.91 -13.06 45.70
C GLY L 266 -26.35 -11.76 45.13
N LYS L 267 -26.10 -11.77 43.83
CA LYS L 267 -25.45 -10.66 43.17
C LYS L 267 -26.00 -10.56 41.75
N ILE L 268 -26.12 -9.34 41.26
CA ILE L 268 -26.62 -9.14 39.92
C ILE L 268 -25.67 -8.22 39.20
N VAL L 269 -25.30 -8.58 37.98
CA VAL L 269 -24.46 -7.72 37.18
C VAL L 269 -25.10 -7.60 35.82
N VAL L 270 -25.31 -6.37 35.37
CA VAL L 270 -25.95 -6.12 34.10
C VAL L 270 -24.96 -5.41 33.21
N GLU L 271 -24.69 -6.02 32.04
CA GLU L 271 -23.70 -5.48 31.12
C GLU L 271 -24.38 -4.90 29.90
N ASP L 272 -24.02 -3.66 29.55
CA ASP L 272 -24.42 -2.99 28.33
C ASP L 272 -25.93 -2.84 28.25
N SER L 273 -26.62 -2.94 29.39
CA SER L 273 -28.05 -2.74 29.45
C SER L 273 -28.81 -3.74 28.59
N LYS L 274 -28.19 -4.89 28.30
CA LYS L 274 -28.82 -5.94 27.51
C LYS L 274 -28.79 -7.26 28.27
N LYS L 275 -27.73 -7.53 29.05
CA LYS L 275 -27.51 -8.86 29.55
C LYS L 275 -27.23 -8.84 31.04
N ALA L 276 -27.87 -9.76 31.78
CA ALA L 276 -27.79 -9.78 33.23
C ALA L 276 -27.27 -11.13 33.69
N TYR L 277 -26.33 -11.11 34.62
CA TYR L 277 -25.86 -12.32 35.26
C TYR L 277 -26.40 -12.29 36.68
N ILE L 278 -27.17 -13.32 37.06
CA ILE L 278 -27.76 -13.40 38.37
C ILE L 278 -27.06 -14.51 39.12
N TYR L 279 -26.46 -14.19 40.26
CA TYR L 279 -25.76 -15.17 41.07
C TYR L 279 -26.56 -15.37 42.34
N ARG L 280 -26.92 -16.62 42.62
CA ARG L 280 -27.76 -16.91 43.79
C ARG L 280 -26.89 -17.73 44.73
N PHE L 281 -26.64 -17.18 45.92
CA PHE L 281 -25.77 -17.86 46.86
C PHE L 281 -26.55 -19.07 47.40
N LYS L 282 -25.86 -20.18 47.63
CA LYS L 282 -26.50 -21.37 48.18
C LYS L 282 -27.06 -21.02 49.55
N GLU L 283 -26.28 -20.26 50.32
CA GLU L 283 -26.71 -19.74 51.61
C GLU L 283 -26.48 -18.24 51.62
N THR L 284 -27.28 -17.50 52.39
CA THR L 284 -27.08 -16.07 52.55
C THR L 284 -25.76 -15.84 53.28
N GLU L 285 -25.13 -14.70 53.04
CA GLU L 285 -23.87 -14.36 53.70
C GLU L 285 -24.09 -14.36 55.21
N THR L 286 -25.25 -13.85 55.66
CA THR L 286 -25.55 -13.82 57.08
C THR L 286 -25.44 -15.23 57.64
N ALA L 287 -26.00 -16.20 56.92
CA ALA L 287 -25.92 -17.61 57.30
C ALA L 287 -24.47 -18.09 57.32
N VAL L 288 -23.70 -17.74 56.29
CA VAL L 288 -22.32 -18.18 56.17
C VAL L 288 -21.52 -17.62 57.34
N ASN L 289 -21.76 -16.34 57.67
CA ASN L 289 -21.03 -15.68 58.74
C ASN L 289 -21.34 -16.38 60.06
N ALA L 290 -22.61 -16.79 60.24
CA ALA L 290 -23.06 -17.44 61.45
C ALA L 290 -22.38 -18.81 61.65
N ARG L 291 -22.00 -19.47 60.57
CA ARG L 291 -21.40 -20.81 60.64
C ARG L 291 -19.98 -20.64 61.21
N LYS L 311 -19.71 -23.48 43.05
CA LYS L 311 -20.35 -24.51 43.92
C LYS L 311 -21.05 -23.83 45.11
N MET L 312 -20.48 -22.73 45.61
CA MET L 312 -21.15 -21.86 46.59
C MET L 312 -22.33 -21.08 45.99
N PHE L 313 -22.31 -20.82 44.70
CA PHE L 313 -23.31 -19.99 44.03
C PHE L 313 -23.72 -20.68 42.73
N GLU L 314 -24.91 -20.33 42.22
CA GLU L 314 -25.39 -20.78 40.94
C GLU L 314 -25.66 -19.53 40.09
N VAL L 315 -25.42 -19.61 38.77
CA VAL L 315 -25.54 -18.44 37.92
C VAL L 315 -26.67 -18.64 36.91
N GLU L 316 -27.55 -17.63 36.81
CA GLU L 316 -28.63 -17.58 35.83
C GLU L 316 -28.38 -16.38 34.91
N GLU L 317 -28.68 -16.53 33.63
CA GLU L 317 -28.45 -15.48 32.65
C GLU L 317 -29.78 -15.01 32.07
N PHE L 318 -29.90 -13.70 31.86
CA PHE L 318 -31.07 -13.12 31.22
C PHE L 318 -30.56 -12.12 30.18
N GLU L 319 -31.13 -12.14 28.98
CA GLU L 319 -30.81 -11.12 27.97
C GLU L 319 -32.11 -10.65 27.33
N ASN L 320 -32.27 -9.33 27.19
CA ASN L 320 -33.34 -8.76 26.41
C ASN L 320 -32.90 -7.50 25.68
N THR L 321 -33.29 -7.36 24.42
CA THR L 321 -33.13 -6.13 23.68
C THR L 321 -34.50 -5.74 23.16
N ASP L 322 -34.87 -4.47 23.28
CA ASP L 322 -36.17 -4.00 22.83
C ASP L 322 -36.01 -3.25 21.53
N GLY L 323 -36.84 -3.58 20.54
CA GLY L 323 -36.74 -3.01 19.21
C GLY L 323 -37.28 -1.57 19.17
N TRP L 324 -36.97 -0.86 18.09
CA TRP L 324 -37.22 0.57 18.09
C TRP L 324 -38.70 0.84 18.24
N GLY L 325 -39.09 1.69 19.19
CA GLY L 325 -40.49 2.06 19.38
C GLY L 325 -41.25 1.15 20.34
N TYR L 326 -40.68 -0.01 20.67
CA TYR L 326 -41.40 -0.96 21.51
C TYR L 326 -41.74 -0.32 22.84
N GLN L 327 -40.74 0.28 23.49
CA GLN L 327 -40.90 0.75 24.85
C GLN L 327 -41.96 1.85 24.91
N HIS L 328 -41.83 2.83 24.01
CA HIS L 328 -42.68 4.00 24.02
C HIS L 328 -44.13 3.61 23.69
N THR L 329 -44.30 2.75 22.67
CA THR L 329 -45.62 2.29 22.29
C THR L 329 -46.23 1.50 23.43
N THR L 330 -45.42 0.68 24.11
CA THR L 330 -45.94 -0.17 25.16
C THR L 330 -46.50 0.70 26.29
N VAL L 331 -45.78 1.80 26.62
CA VAL L 331 -46.26 2.74 27.62
C VAL L 331 -47.57 3.36 27.14
N MET L 332 -47.56 3.84 25.89
CA MET L 332 -48.73 4.48 25.31
C MET L 332 -49.93 3.54 25.44
N GLU L 333 -49.71 2.26 25.15
CA GLU L 333 -50.78 1.27 25.14
C GLU L 333 -51.25 1.02 26.58
N ASN L 334 -50.28 0.91 27.50
CA ASN L 334 -50.56 0.68 28.91
C ASN L 334 -51.43 1.83 29.44
N PHE L 335 -51.01 3.05 29.09
CA PHE L 335 -51.67 4.27 29.51
C PHE L 335 -53.10 4.32 28.99
N ALA L 336 -53.25 4.04 27.69
CA ALA L 336 -54.57 4.00 27.08
C ALA L 336 -55.44 3.00 27.84
N GLN L 337 -54.85 1.84 28.16
CA GLN L 337 -55.61 0.77 28.79
C GLN L 337 -56.09 1.20 30.18
N HIS L 338 -55.30 2.00 30.90
CA HIS L 338 -55.71 2.48 32.21
C HIS L 338 -56.98 3.31 32.05
N ILE L 339 -56.95 4.24 31.08
CA ILE L 339 -58.09 5.10 30.82
C ILE L 339 -59.31 4.25 30.50
N ILE L 340 -59.14 3.19 29.69
CA ILE L 340 -60.26 2.45 29.14
C ILE L 340 -60.86 1.50 30.18
N ASP L 341 -60.04 0.66 30.83
CA ASP L 341 -60.58 -0.41 31.64
C ASP L 341 -59.90 -0.51 33.01
N GLY L 342 -59.12 0.52 33.39
CA GLY L 342 -58.52 0.56 34.71
C GLY L 342 -57.24 -0.29 34.85
N THR L 343 -56.75 -0.91 33.77
CA THR L 343 -55.47 -1.60 33.84
C THR L 343 -54.47 -0.74 34.61
N PRO L 344 -53.77 -1.29 35.62
CA PRO L 344 -52.74 -0.51 36.35
C PRO L 344 -51.62 0.01 35.46
N LEU L 345 -51.08 1.18 35.81
CA LEU L 345 -50.01 1.82 35.08
C LEU L 345 -48.66 1.23 35.50
N LEU L 346 -47.82 0.90 34.51
CA LEU L 346 -46.45 0.53 34.83
C LEU L 346 -45.73 1.74 35.41
N ALA L 347 -46.05 2.94 34.90
CA ALA L 347 -45.39 4.17 35.30
C ALA L 347 -46.41 5.20 35.78
N PRO L 348 -46.87 5.09 37.06
CA PRO L 348 -47.77 6.08 37.65
C PRO L 348 -46.99 7.38 37.77
N GLY L 349 -47.60 8.51 37.41
CA GLY L 349 -46.89 9.78 37.22
C GLY L 349 -46.26 10.28 38.52
N SER L 350 -46.85 9.88 39.65
CA SER L 350 -46.36 10.33 40.94
C SER L 350 -44.90 9.90 41.13
N ASP L 351 -44.51 8.77 40.53
CA ASP L 351 -43.17 8.23 40.65
C ASP L 351 -42.12 9.15 40.01
N GLY L 352 -42.54 10.04 39.12
CA GLY L 352 -41.60 10.89 38.41
C GLY L 352 -40.70 11.71 39.33
N ILE L 353 -41.22 11.99 40.53
CA ILE L 353 -40.55 12.88 41.46
C ILE L 353 -39.29 12.22 42.04
N ASN L 354 -39.27 10.89 42.11
CA ASN L 354 -38.13 10.20 42.70
C ASN L 354 -36.87 10.60 41.94
N GLY L 355 -36.96 10.52 40.60
CA GLY L 355 -35.83 10.79 39.73
C GLY L 355 -35.45 12.26 39.76
N VAL L 356 -36.45 13.12 39.89
CA VAL L 356 -36.17 14.55 39.89
C VAL L 356 -35.48 14.92 41.19
N ARG L 357 -36.00 14.44 42.32
CA ARG L 357 -35.38 14.73 43.59
C ARG L 357 -33.92 14.29 43.60
N LEU L 358 -33.65 13.11 43.03
CA LEU L 358 -32.30 12.58 43.08
C LEU L 358 -31.39 13.47 42.25
N ALA L 359 -31.87 13.87 41.06
CA ALA L 359 -31.09 14.72 40.18
C ALA L 359 -30.80 16.06 40.87
N ASN L 360 -31.81 16.62 41.54
CA ASN L 360 -31.66 17.86 42.26
C ASN L 360 -30.61 17.70 43.36
N ALA L 361 -30.70 16.58 44.10
CA ALA L 361 -29.81 16.37 45.24
C ALA L 361 -28.37 16.23 44.74
N ILE L 362 -28.21 15.51 43.63
CA ILE L 362 -26.89 15.34 43.05
C ILE L 362 -26.33 16.70 42.70
N GLN L 363 -27.14 17.54 42.01
CA GLN L 363 -26.66 18.84 41.55
C GLN L 363 -26.24 19.71 42.73
N LEU L 364 -27.07 19.70 43.79
CA LEU L 364 -26.90 20.61 44.91
C LEU L 364 -25.68 20.19 45.71
N SER L 365 -25.50 18.88 45.88
CA SER L 365 -24.30 18.36 46.50
C SER L 365 -23.09 18.83 45.69
N GLY L 366 -23.22 18.67 44.37
CA GLY L 366 -22.20 19.05 43.43
C GLY L 366 -21.84 20.52 43.54
N TRP L 367 -22.86 21.38 43.67
CA TRP L 367 -22.63 22.81 43.74
C TRP L 367 -22.01 23.23 45.07
N THR L 368 -22.37 22.56 46.17
CA THR L 368 -21.96 23.00 47.49
C THR L 368 -20.74 22.23 47.99
N GLY L 369 -20.35 21.14 47.33
CA GLY L 369 -19.20 20.33 47.75
C GLY L 369 -19.46 19.61 49.08
N GLU L 370 -20.73 19.35 49.40
CA GLU L 370 -21.08 18.73 50.67
C GLU L 370 -22.11 17.63 50.44
N LYS L 371 -22.06 16.63 51.33
CA LYS L 371 -23.10 15.63 51.40
C LYS L 371 -24.42 16.31 51.74
N VAL L 372 -25.53 15.81 51.19
CA VAL L 372 -26.85 16.32 51.47
C VAL L 372 -27.80 15.18 51.77
N ALA L 373 -28.81 15.43 52.60
CA ALA L 373 -29.91 14.49 52.72
C ALA L 373 -30.77 14.58 51.46
N ASN L 374 -31.39 13.46 51.11
CA ASN L 374 -32.27 13.38 49.97
C ASN L 374 -33.68 13.09 50.48
N PRO L 375 -34.69 13.92 50.13
CA PRO L 375 -34.51 15.04 49.19
C PRO L 375 -34.01 16.30 49.89
N VAL L 376 -33.49 17.22 49.08
CA VAL L 376 -32.94 18.48 49.55
C VAL L 376 -34.09 19.48 49.67
N ASP L 377 -33.84 20.60 50.36
CA ASP L 377 -34.80 21.69 50.42
C ASP L 377 -35.05 22.22 49.02
N GLU L 378 -36.34 22.28 48.63
CA GLU L 378 -36.75 22.75 47.33
C GLU L 378 -36.28 24.19 47.10
N ASP L 379 -36.42 25.04 48.13
CA ASP L 379 -36.08 26.44 48.01
C ASP L 379 -34.59 26.63 47.73
N LYS L 380 -33.78 25.86 48.46
CA LYS L 380 -32.33 25.96 48.36
C LYS L 380 -31.89 25.59 46.96
N TYR L 381 -32.45 24.49 46.44
CA TYR L 381 -32.12 24.03 45.10
C TYR L 381 -32.49 25.12 44.10
N LEU L 382 -33.72 25.64 44.24
CA LEU L 382 -34.24 26.57 43.25
C LEU L 382 -33.35 27.81 43.19
N ALA L 383 -32.93 28.28 44.37
CA ALA L 383 -32.09 29.46 44.46
C ALA L 383 -30.79 29.24 43.70
N GLU L 384 -30.16 28.09 43.94
CA GLU L 384 -28.87 27.77 43.33
C GLU L 384 -29.04 27.62 41.82
N LEU L 385 -30.14 26.99 41.39
CA LEU L 385 -30.43 26.86 39.97
C LEU L 385 -30.62 28.25 39.37
N ASN L 386 -31.41 29.08 40.06
CA ASN L 386 -31.76 30.40 39.54
C ASN L 386 -30.50 31.26 39.42
N LYS L 387 -29.60 31.13 40.39
CA LYS L 387 -28.35 31.87 40.36
C LYS L 387 -27.61 31.56 39.06
N ARG L 388 -27.51 30.27 38.76
CA ARG L 388 -26.84 29.80 37.56
C ARG L 388 -27.56 30.29 36.30
N ILE L 389 -28.91 30.26 36.32
CA ILE L 389 -29.71 30.71 35.19
C ILE L 389 -29.40 32.18 34.91
N GLU L 390 -29.38 32.98 35.99
CA GLU L 390 -29.13 34.41 35.91
C GLU L 390 -27.78 34.67 35.27
N ALA L 391 -26.75 33.96 35.73
CA ALA L 391 -25.41 34.14 35.20
C ALA L 391 -25.35 33.76 33.72
N GLU L 392 -26.05 32.68 33.35
CA GLU L 392 -26.03 32.19 31.98
C GLU L 392 -26.61 33.26 31.07
N GLY L 393 -27.73 33.86 31.49
CA GLY L 393 -28.34 34.99 30.79
C GLY L 393 -29.04 34.59 29.50
N LYS L 394 -29.26 33.29 29.29
CA LYS L 394 -29.90 32.87 28.06
C LYS L 394 -31.41 32.83 28.25
N PHE L 395 -31.88 32.67 29.50
CA PHE L 395 -33.28 32.38 29.73
C PHE L 395 -33.76 33.09 31.00
N PRO L 396 -35.10 33.31 31.14
CA PRO L 396 -35.66 33.85 32.38
C PRO L 396 -35.54 32.90 33.57
N VAL L 397 -35.36 33.49 34.74
CA VAL L 397 -35.27 32.75 35.99
C VAL L 397 -36.63 32.11 36.29
N ARG L 398 -36.60 31.04 37.07
CA ARG L 398 -37.80 30.34 37.50
C ARG L 398 -38.37 30.94 38.78
N GLU L 399 -39.70 30.89 38.86
CA GLU L 399 -40.47 31.23 40.03
C GLU L 399 -41.36 30.03 40.41
#